data_8T4D
#
_entry.id   8T4D
#
_cell.length_a   1.00
_cell.length_b   1.00
_cell.length_c   1.00
_cell.angle_alpha   90.00
_cell.angle_beta   90.00
_cell.angle_gamma   90.00
#
_symmetry.space_group_name_H-M   'P 1'
#
loop_
_entity.id
_entity.type
_entity.pdbx_description
1 polymer 'MD65 N332-GT5 SOSIP gp120'
2 polymer 'RM20A3 heavy chain Fv'
3 polymer 'RM20A3 light chain Fv'
4 polymer 'MD65 N332-GT5 SOSIP gp41'
5 polymer 'RM_N332_08 heavy chain Fv'
6 polymer 'RM_N332_08 light chain Fv'
7 branched 2-acetamido-2-deoxy-beta-D-glucopyranose-(1-4)-2-acetamido-2-deoxy-beta-D-glucopyranose
8 branched beta-D-mannopyranose-(1-4)-2-acetamido-2-deoxy-beta-D-glucopyranose-(1-4)-2-acetamido-2-deoxy-beta-D-glucopyranose
9 non-polymer 2-acetamido-2-deoxy-beta-D-glucopyranose
#
loop_
_entity_poly.entity_id
_entity_poly.type
_entity_poly.pdbx_seq_one_letter_code
_entity_poly.pdbx_strand_id
1 'polypeptide(L)'
;AENLWVTVYYGVPVWKDAETTLFCASDAKAYETEKHNVWATHACVPTDPNPQEIHLENVTEEFNMWKNNMVEQMHEDIIS
LWDQSLKPCVKLTPLCVTLQCTNYAPKLRSMMRGEIKNCSFNMTTELRDKKQKVYSLFYRLDVVQINENQGNRSNNSNKE
YRLINCNTSAITQACPKVSFEPIPIHYCAPAGFAILKCKDKKFNGTGPCQNVSTVQCTHGIKPVVSTQLLLNGSLAEEEV
IIRSENITNNAKNILVQLNTSVQINCTRPSNNTVKSIRIGPGQAFYYFGDVLGHVRMAHCNISKATWNETLGKVVKQLRK
HFGNNTIIRFAQSSGGDLEVTTHSFNCGGEFFYCNTSGLFNSTWISNTSVQGSNSTGSNDSLILPCWIKQIINMWQRIGQ
AMYAPPIQGVIRCVSNITGLILTRDGGSTNSTTETFRPGGGDMRDNWRSELYKYKVVKIEPLGVAPTRCKRRTVGRRRRR
R
;
A,E,F
2 'polypeptide(L)'
;EVQLVETGGGLVQPGGSLKLSCRASGYTFSSFAMSWVRQAPGKGLEWVSLINDRGGLTFYVDSVKGRFTISRDNSKNTLS
LQMHSLRDGDTAVYYCATGGMSSALQSSKYYFDFWGQGALVTVSS
;
C,J,K
3 'polypeptide(L)'
;ALTQPPSVSGSPGQSVTISCTGTSSDIGSYNYVSWYQQHPGKAPKLMIYDVTQRPSGVSDRFSGSKSGNTASLTISGLQA
DDEADYYCSAYAGRQTFYIFGGGTRLTVLGQPKASPTVTLFPPSSEEL
;
D,M,N
4 'polypeptide(L)'
;AAGIGASSDGFLGAAGSTMGAASMTLTVQARNLLSGIVQQQSNLLRAPEPQQHLLKDTHWGIKQLQARVLAVEHYLRDQQ
LLGIWGCSGKLICCTNVPWNSSWSNRNLSEIWDNMTWLQWDKEISNYTQIIYGLLEESQNQQEKNEQDLLALD
;
B,G,I
5 'polypeptide(L)'
;QVQLVQSGAEVKKPGSSVKVSCKASGYTFTDHYIHWVRQAPRQGLEWMGWINPYNGNTNYAQKFQGRVTLTRDTSTTTVY
MELISLRSEDTAVYYCARGGEYCTGFGCFAGKGDNSLDVWGRGVLVSVSS
;
H,O,P
6 'polypeptide(L)'
;DIVMIQTPLSLPVTPGEPASISCRSSQSLFDIEDETTYLEWFLQKPGQSPQPLIYEVSNRASGVPDRFSGSGSDTAFTLK
ISRVEAEDVGIYYCMQGIEYPFTFGPGTKVEIK
;
L,Q,R
#
loop_
_chem_comp.id
_chem_comp.type
_chem_comp.name
_chem_comp.formula
BMA D-saccharide, beta linking beta-D-mannopyranose 'C6 H12 O6'
NAG D-saccharide, beta linking 2-acetamido-2-deoxy-beta-D-glucopyranose 'C8 H15 N O6'
#
# COMPACT_ATOMS: atom_id res chain seq x y z
N ASN A 3 -36.42 31.31 20.49
CA ASN A 3 -35.36 32.13 19.92
C ASN A 3 -34.01 31.47 20.16
N LEU A 4 -33.85 30.26 19.65
CA LEU A 4 -32.64 29.47 19.79
C LEU A 4 -31.91 29.42 18.45
N TRP A 5 -30.59 29.23 18.52
CA TRP A 5 -29.72 29.23 17.35
C TRP A 5 -28.95 27.92 17.29
N VAL A 6 -28.56 27.54 16.07
CA VAL A 6 -27.80 26.31 15.87
C VAL A 6 -26.36 26.51 16.34
N THR A 7 -25.90 25.65 17.24
CA THR A 7 -24.52 25.65 17.70
C THR A 7 -23.90 24.33 17.30
N VAL A 8 -22.71 24.40 16.69
CA VAL A 8 -21.98 23.26 16.17
C VAL A 8 -20.98 22.80 17.21
N TYR A 9 -21.02 21.51 17.55
CA TYR A 9 -20.13 20.90 18.52
C TYR A 9 -19.32 19.81 17.82
N TYR A 10 -18.00 19.84 18.01
CA TYR A 10 -17.10 18.85 17.44
C TYR A 10 -16.44 18.11 18.58
N GLY A 11 -16.53 16.80 18.55
CA GLY A 11 -16.00 15.93 19.59
C GLY A 11 -17.07 15.37 20.50
N VAL A 12 -18.31 15.30 20.04
CA VAL A 12 -19.41 14.78 20.86
C VAL A 12 -19.32 13.27 20.96
N PRO A 13 -19.64 12.64 22.11
CA PRO A 13 -19.53 11.18 22.24
C PRO A 13 -20.69 10.44 21.55
N VAL A 14 -20.71 10.51 20.22
CA VAL A 14 -21.75 9.91 19.40
C VAL A 14 -21.07 8.95 18.43
N TRP A 15 -21.69 7.78 18.24
CA TRP A 15 -21.11 6.74 17.42
C TRP A 15 -22.20 5.94 16.71
N LYS A 16 -21.87 5.51 15.50
CA LYS A 16 -22.74 4.68 14.66
C LYS A 16 -22.05 3.36 14.36
N ASP A 17 -22.84 2.30 14.22
CA ASP A 17 -22.26 0.99 13.93
C ASP A 17 -21.51 1.04 12.60
N ALA A 18 -20.30 0.48 12.56
CA ALA A 18 -19.50 0.52 11.36
C ALA A 18 -18.62 -0.71 11.26
N GLU A 19 -18.20 -1.00 10.03
CA GLU A 19 -17.32 -2.12 9.70
C GLU A 19 -16.01 -1.56 9.15
N THR A 20 -14.91 -1.75 9.90
CA THR A 20 -13.60 -1.25 9.48
C THR A 20 -12.56 -2.34 9.70
N THR A 21 -11.31 -2.00 9.34
CA THR A 21 -10.17 -2.89 9.53
C THR A 21 -9.50 -2.59 10.86
N LEU A 22 -9.38 -3.60 11.71
CA LEU A 22 -8.77 -3.47 13.01
C LEU A 22 -7.30 -3.86 12.94
N PHE A 23 -6.50 -3.25 13.82
CA PHE A 23 -5.08 -3.55 13.90
C PHE A 23 -4.82 -4.77 14.77
N CYS A 24 -3.79 -5.51 14.38
CA CYS A 24 -3.30 -6.66 15.15
C CYS A 24 -2.22 -6.24 16.14
N ALA A 25 -2.36 -6.68 17.38
CA ALA A 25 -1.36 -6.44 18.41
C ALA A 25 -1.10 -7.74 19.16
N SER A 26 0.12 -7.87 19.69
CA SER A 26 0.48 -9.04 20.48
C SER A 26 1.56 -8.65 21.48
N ASP A 27 1.69 -9.45 22.53
CA ASP A 27 2.70 -9.23 23.55
C ASP A 27 4.09 -9.44 22.97
N HIS A 36 10.22 -19.73 16.51
CA HIS A 36 9.22 -19.20 15.59
C HIS A 36 7.84 -19.75 15.92
N ASN A 37 6.80 -19.03 15.50
CA ASN A 37 5.42 -19.39 15.78
C ASN A 37 4.56 -19.02 14.57
N VAL A 38 3.62 -19.90 14.25
CA VAL A 38 2.75 -19.70 13.08
C VAL A 38 1.90 -18.45 13.25
N TRP A 39 1.54 -18.10 14.49
CA TRP A 39 0.68 -16.95 14.72
C TRP A 39 1.46 -15.69 15.00
N ALA A 40 2.66 -15.79 15.59
CA ALA A 40 3.44 -14.60 15.88
C ALA A 40 3.76 -13.91 14.55
N THR A 41 3.48 -12.61 14.48
CA THR A 41 3.66 -11.87 13.24
C THR A 41 4.39 -10.57 13.53
N HIS A 42 5.37 -10.25 12.69
CA HIS A 42 6.18 -9.04 12.86
C HIS A 42 5.41 -7.76 12.56
N ALA A 43 4.27 -7.87 11.89
CA ALA A 43 3.42 -6.74 11.54
C ALA A 43 2.40 -6.38 12.62
N CYS A 44 2.35 -7.12 13.73
CA CYS A 44 1.42 -6.81 14.81
C CYS A 44 2.15 -5.90 15.79
N VAL A 45 1.50 -4.79 16.15
CA VAL A 45 2.08 -3.76 17.02
C VAL A 45 2.17 -4.27 18.45
N PRO A 46 3.24 -3.97 19.20
CA PRO A 46 3.26 -4.37 20.61
C PRO A 46 2.06 -3.81 21.36
N THR A 47 1.54 -4.60 22.29
CA THR A 47 0.38 -4.19 23.07
C THR A 47 0.74 -3.15 24.12
N ASP A 48 -0.31 -2.52 24.64
CA ASP A 48 -0.20 -1.53 25.69
C ASP A 48 0.08 -2.24 27.02
N PRO A 49 1.20 -1.97 27.69
CA PRO A 49 1.48 -2.66 28.97
C PRO A 49 0.40 -2.49 30.02
N ASN A 50 -0.45 -1.47 29.92
CA ASN A 50 -1.51 -1.23 30.91
C ASN A 50 -2.69 -0.58 30.21
N PRO A 51 -3.47 -1.37 29.46
CA PRO A 51 -4.50 -0.78 28.61
C PRO A 51 -5.60 -0.15 29.45
N GLN A 52 -6.20 0.91 28.90
CA GLN A 52 -7.27 1.62 29.59
C GLN A 52 -8.63 1.08 29.15
N GLU A 53 -9.50 0.87 30.13
CA GLU A 53 -10.89 0.48 29.93
C GLU A 53 -11.74 1.52 30.63
N ILE A 54 -12.68 2.12 29.91
CA ILE A 54 -13.52 3.19 30.43
C ILE A 54 -14.96 2.73 30.51
N HIS A 55 -15.49 2.58 31.72
CA HIS A 55 -16.87 2.17 31.88
C HIS A 55 -17.77 3.29 31.36
N LEU A 56 -18.77 2.95 30.55
CA LEU A 56 -19.71 3.94 30.03
C LEU A 56 -20.99 3.87 30.85
N GLU A 57 -21.08 4.72 31.87
CA GLU A 57 -22.21 4.66 32.78
C GLU A 57 -23.48 5.14 32.07
N ASN A 58 -24.59 4.46 32.32
CA ASN A 58 -25.90 4.79 31.76
C ASN A 58 -25.93 4.71 30.23
N VAL A 59 -25.08 3.88 29.62
CA VAL A 59 -25.10 3.67 28.17
C VAL A 59 -25.58 2.25 27.89
N THR A 60 -26.66 2.15 27.12
CA THR A 60 -27.20 0.87 26.67
C THR A 60 -26.93 0.76 25.18
N GLU A 61 -26.33 -0.34 24.75
CA GLU A 61 -25.96 -0.53 23.34
C GLU A 61 -26.49 -1.89 22.91
N GLU A 62 -27.12 -1.95 21.74
CA GLU A 62 -27.64 -3.22 21.25
C GLU A 62 -26.55 -3.95 20.49
N PHE A 63 -26.28 -5.19 20.91
CA PHE A 63 -25.24 -6.03 20.34
C PHE A 63 -25.88 -7.16 19.55
N ASN A 64 -25.13 -7.68 18.57
CA ASN A 64 -25.56 -8.86 17.82
C ASN A 64 -24.30 -9.59 17.38
N MET A 65 -23.95 -10.66 18.08
CA MET A 65 -22.69 -11.35 17.80
C MET A 65 -22.69 -12.02 16.42
N TRP A 66 -23.85 -12.25 15.81
CA TRP A 66 -23.92 -12.94 14.53
C TRP A 66 -23.87 -11.98 13.35
N LYS A 67 -23.80 -10.68 13.62
CA LYS A 67 -23.69 -9.63 12.62
C LYS A 67 -22.44 -8.80 12.90
N ASN A 68 -21.54 -9.36 13.71
CA ASN A 68 -20.32 -8.72 14.18
C ASN A 68 -19.22 -8.93 13.15
N ASN A 69 -18.81 -7.87 12.48
CA ASN A 69 -17.86 -8.02 11.38
C ASN A 69 -16.45 -8.26 11.88
N MET A 70 -16.23 -8.29 13.20
CA MET A 70 -14.92 -8.61 13.74
C MET A 70 -14.60 -10.08 13.53
N VAL A 71 -15.65 -10.90 13.39
CA VAL A 71 -15.49 -12.33 13.21
C VAL A 71 -14.95 -12.60 11.81
N GLU A 72 -15.48 -11.87 10.82
CA GLU A 72 -15.04 -12.09 9.45
C GLU A 72 -13.61 -11.62 9.28
N GLN A 73 -13.24 -10.50 9.93
CA GLN A 73 -11.86 -10.06 9.84
C GLN A 73 -10.95 -11.06 10.53
N MET A 74 -11.33 -11.56 11.71
CA MET A 74 -10.46 -12.52 12.38
C MET A 74 -10.29 -13.76 11.51
N HIS A 75 -11.37 -14.22 10.88
CA HIS A 75 -11.29 -15.40 10.03
C HIS A 75 -10.31 -15.16 8.88
N GLU A 76 -10.45 -14.00 8.22
CA GLU A 76 -9.57 -13.67 7.11
C GLU A 76 -8.12 -13.52 7.57
N ASP A 77 -7.90 -12.93 8.74
CA ASP A 77 -6.53 -12.71 9.21
C ASP A 77 -5.90 -14.03 9.61
N ILE A 78 -6.66 -14.93 10.23
CA ILE A 78 -6.13 -16.23 10.62
C ILE A 78 -5.77 -17.05 9.39
N ILE A 79 -6.63 -17.04 8.36
CA ILE A 79 -6.30 -17.77 7.15
C ILE A 79 -5.08 -17.14 6.47
N SER A 80 -5.05 -15.81 6.37
CA SER A 80 -3.91 -15.16 5.73
C SER A 80 -2.60 -15.47 6.44
N LEU A 81 -2.59 -15.42 7.77
CA LEU A 81 -1.37 -15.72 8.50
C LEU A 81 -0.95 -17.16 8.30
N TRP A 82 -1.92 -18.07 8.29
CA TRP A 82 -1.64 -19.49 8.09
C TRP A 82 -0.96 -19.70 6.74
N ASP A 83 -1.55 -19.10 5.69
CA ASP A 83 -1.00 -19.28 4.35
C ASP A 83 0.35 -18.61 4.22
N GLN A 84 0.54 -17.44 4.85
CA GLN A 84 1.84 -16.78 4.75
C GLN A 84 2.90 -17.63 5.42
N SER A 85 2.56 -18.26 6.54
CA SER A 85 3.51 -19.13 7.22
C SER A 85 3.89 -20.32 6.34
N LEU A 86 2.90 -20.90 5.63
CA LEU A 86 3.20 -22.07 4.81
C LEU A 86 3.91 -21.75 3.50
N LYS A 87 3.75 -20.55 2.94
CA LYS A 87 4.41 -20.22 1.67
C LYS A 87 5.91 -20.48 1.66
N PRO A 88 6.72 -19.93 2.59
CA PRO A 88 8.17 -20.21 2.56
C PRO A 88 8.54 -21.53 3.19
N CYS A 89 7.99 -22.63 2.67
CA CYS A 89 8.23 -23.96 3.20
C CYS A 89 8.29 -24.93 2.02
N VAL A 90 8.76 -26.15 2.31
CA VAL A 90 8.95 -27.14 1.26
C VAL A 90 7.61 -27.59 0.70
N LYS A 91 7.48 -27.53 -0.63
CA LYS A 91 6.28 -28.00 -1.32
C LYS A 91 6.55 -29.43 -1.76
N LEU A 92 5.78 -30.38 -1.22
CA LEU A 92 6.08 -31.80 -1.47
C LEU A 92 5.39 -32.33 -2.73
N THR A 93 5.66 -31.65 -3.85
CA THR A 93 5.16 -32.13 -5.13
C THR A 93 5.73 -33.53 -5.43
N PRO A 94 7.03 -33.80 -5.25
CA PRO A 94 7.57 -35.13 -5.55
C PRO A 94 6.95 -36.28 -4.76
N LEU A 95 6.19 -36.00 -3.70
CA LEU A 95 5.63 -37.07 -2.88
C LEU A 95 4.40 -37.74 -3.48
N CYS A 96 3.73 -37.14 -4.47
CA CYS A 96 2.58 -37.79 -5.11
C CYS A 96 3.09 -38.80 -6.13
N VAL A 97 3.49 -39.95 -5.58
CA VAL A 97 4.04 -41.08 -6.31
C VAL A 97 3.23 -42.29 -5.86
N THR A 98 3.39 -43.40 -6.58
CA THR A 98 2.71 -44.61 -6.16
C THR A 98 3.48 -45.18 -4.97
N LEU A 99 2.75 -45.47 -3.90
CA LEU A 99 3.32 -46.04 -2.69
C LEU A 99 3.02 -47.52 -2.69
N GLN A 100 3.95 -48.32 -2.20
CA GLN A 100 3.74 -49.76 -2.00
C GLN A 100 3.76 -50.01 -0.51
N CYS A 101 2.60 -50.24 0.08
CA CYS A 101 2.45 -50.25 1.52
C CYS A 101 2.12 -51.64 2.03
N THR A 102 2.61 -51.90 3.24
CA THR A 102 2.26 -53.08 4.02
C THR A 102 1.88 -52.57 5.40
N ASN A 103 1.25 -53.41 6.21
CA ASN A 103 0.94 -52.97 7.55
C ASN A 103 2.23 -52.85 8.37
N TYR A 104 2.24 -51.86 9.28
CA TYR A 104 3.40 -51.64 10.12
C TYR A 104 3.81 -52.92 10.84
N ALA A 105 2.83 -53.64 11.39
CA ALA A 105 3.04 -54.95 12.01
C ALA A 105 4.12 -54.96 13.08
N PRO A 106 3.90 -54.33 14.23
CA PRO A 106 4.91 -54.34 15.28
C PRO A 106 5.04 -55.74 15.87
N LYS A 107 6.10 -55.92 16.67
CA LYS A 107 6.38 -57.21 17.26
C LYS A 107 5.21 -57.74 18.10
N LEU A 108 4.51 -56.86 18.81
CA LEU A 108 3.42 -57.26 19.70
C LEU A 108 2.06 -57.05 19.06
N ARG A 109 1.15 -58.00 19.32
CA ARG A 109 -0.22 -57.95 18.81
C ARG A 109 -0.97 -56.82 19.50
N SER A 110 -1.72 -55.99 18.74
CA SER A 110 -2.32 -54.78 19.39
C SER A 110 -3.66 -54.27 18.85
N MET A 111 -4.50 -55.07 18.17
CA MET A 111 -5.83 -54.61 17.75
C MET A 111 -5.81 -53.26 17.01
N MET A 112 -4.63 -52.78 16.60
CA MET A 112 -4.47 -51.56 15.84
C MET A 112 -3.73 -51.81 14.55
N ARG A 113 -3.78 -53.05 14.12
CA ARG A 113 -3.03 -53.44 12.94
C ARG A 113 -3.66 -52.67 11.79
N GLY A 114 -2.83 -52.10 10.92
CA GLY A 114 -3.36 -51.42 9.77
C GLY A 114 -3.58 -49.94 9.99
N GLU A 115 -3.47 -49.45 11.22
CA GLU A 115 -3.65 -48.02 11.46
C GLU A 115 -2.42 -47.25 10.97
N ILE A 116 -1.25 -47.88 11.04
CA ILE A 116 0.02 -47.31 10.57
C ILE A 116 0.51 -48.26 9.49
N LYS A 117 0.81 -47.71 8.31
CA LYS A 117 1.31 -48.47 7.18
C LYS A 117 2.76 -48.09 6.87
N ASN A 118 3.52 -49.09 6.46
CA ASN A 118 4.94 -48.96 6.09
C ASN A 118 4.99 -48.95 4.57
N CYS A 119 5.18 -47.75 4.01
CA CYS A 119 5.07 -47.49 2.58
C CYS A 119 6.42 -47.22 1.94
N SER A 120 6.72 -47.97 0.89
CA SER A 120 7.93 -47.84 0.09
C SER A 120 7.62 -46.97 -1.13
N PHE A 121 8.51 -46.02 -1.43
CA PHE A 121 8.32 -45.21 -2.63
C PHE A 121 9.66 -44.67 -3.12
N ASN A 122 9.67 -44.26 -4.40
CA ASN A 122 10.83 -43.65 -5.03
C ASN A 122 10.73 -42.14 -5.00
N MET A 123 11.46 -41.51 -4.08
CA MET A 123 11.42 -40.08 -3.85
C MET A 123 12.57 -39.43 -4.63
N THR A 124 12.41 -38.16 -4.96
CA THR A 124 13.48 -37.44 -5.63
C THR A 124 14.60 -37.12 -4.65
N THR A 125 15.74 -36.67 -5.17
CA THR A 125 16.89 -36.29 -4.35
C THR A 125 17.49 -35.01 -4.91
N GLU A 126 18.68 -34.64 -4.43
CA GLU A 126 19.29 -33.38 -4.81
C GLU A 126 19.53 -33.31 -6.32
N LEU A 127 19.88 -34.42 -6.95
CA LEU A 127 20.15 -34.46 -8.37
C LEU A 127 18.97 -35.08 -9.11
N ARG A 128 18.66 -34.53 -10.28
CA ARG A 128 17.50 -34.97 -11.05
C ARG A 128 17.70 -36.31 -11.77
N ASP A 129 18.93 -36.84 -11.82
CA ASP A 129 19.18 -38.10 -12.49
C ASP A 129 19.10 -39.31 -11.57
N LYS A 130 18.87 -39.12 -10.28
CA LYS A 130 18.84 -40.21 -9.31
C LYS A 130 17.56 -40.15 -8.50
N LYS A 131 17.13 -41.30 -8.02
CA LYS A 131 15.99 -41.43 -7.13
C LYS A 131 16.40 -42.25 -5.92
N GLN A 132 15.74 -41.98 -4.80
CA GLN A 132 16.03 -42.59 -3.52
C GLN A 132 14.85 -43.44 -3.07
N LYS A 133 15.11 -44.70 -2.70
CA LYS A 133 14.03 -45.53 -2.19
C LYS A 133 13.87 -45.16 -0.73
N VAL A 134 12.64 -44.85 -0.35
CA VAL A 134 12.28 -44.38 0.97
C VAL A 134 11.23 -45.30 1.55
N TYR A 135 11.40 -45.66 2.82
CA TYR A 135 10.39 -46.40 3.59
C TYR A 135 9.93 -45.43 4.65
N SER A 136 8.65 -45.07 4.60
CA SER A 136 8.07 -44.11 5.53
C SER A 136 6.83 -44.72 6.16
N LEU A 137 6.52 -44.29 7.39
CA LEU A 137 5.27 -44.71 8.01
C LEU A 137 4.23 -43.62 7.78
N PHE A 138 3.02 -44.05 7.44
CA PHE A 138 1.89 -43.17 7.24
C PHE A 138 0.72 -43.67 8.05
N TYR A 139 -0.15 -42.76 8.48
CA TYR A 139 -1.36 -43.19 9.15
C TYR A 139 -2.35 -43.68 8.09
N ARG A 140 -3.19 -44.63 8.49
CA ARG A 140 -4.20 -45.15 7.56
C ARG A 140 -5.05 -44.04 6.97
N LEU A 141 -5.39 -43.03 7.76
CA LEU A 141 -6.26 -41.96 7.31
C LEU A 141 -5.62 -41.04 6.28
N ASP A 142 -4.30 -41.12 6.08
CA ASP A 142 -3.61 -40.26 5.12
C ASP A 142 -3.40 -40.89 3.75
N VAL A 143 -3.75 -42.17 3.56
CA VAL A 143 -3.54 -42.86 2.29
C VAL A 143 -4.82 -43.57 1.87
N VAL A 144 -4.96 -43.77 0.56
CA VAL A 144 -6.06 -44.55 -0.01
C VAL A 144 -5.49 -45.56 -0.97
N GLN A 145 -6.17 -46.69 -1.10
CA GLN A 145 -5.73 -47.76 -1.98
C GLN A 145 -6.03 -47.42 -3.44
N ILE A 146 -5.09 -47.74 -4.32
CA ILE A 146 -5.26 -47.47 -5.75
C ILE A 146 -5.96 -48.63 -6.45
N ASN A 147 -5.51 -49.86 -6.18
CA ASN A 147 -6.01 -51.08 -6.83
C ASN A 147 -5.62 -51.06 -8.30
N ASN A 158 2.40 -56.34 -0.29
CA ASN A 158 2.41 -54.97 -0.77
C ASN A 158 1.18 -54.65 -1.61
N LYS A 159 0.52 -53.55 -1.26
CA LYS A 159 -0.63 -53.02 -1.99
C LYS A 159 -0.30 -51.60 -2.41
N GLU A 160 -0.86 -51.15 -3.53
CA GLU A 160 -0.56 -49.79 -3.99
C GLU A 160 -1.51 -48.76 -3.39
N TYR A 161 -0.91 -47.71 -2.83
CA TYR A 161 -1.60 -46.60 -2.18
C TYR A 161 -1.12 -45.27 -2.74
N ARG A 162 -1.95 -44.26 -2.56
CA ARG A 162 -1.60 -42.87 -2.88
C ARG A 162 -1.98 -42.03 -1.67
N LEU A 163 -1.44 -40.81 -1.59
CA LEU A 163 -1.85 -39.95 -0.50
C LEU A 163 -3.27 -39.49 -0.77
N ILE A 164 -4.02 -39.27 0.31
CA ILE A 164 -5.41 -38.84 0.18
C ILE A 164 -5.58 -37.60 -0.67
N ASN A 165 -4.57 -36.72 -0.72
CA ASN A 165 -4.74 -35.44 -1.41
C ASN A 165 -4.26 -35.42 -2.86
N CYS A 166 -3.65 -36.50 -3.38
CA CYS A 166 -3.07 -36.39 -4.72
C CYS A 166 -4.16 -36.30 -5.78
N ASN A 167 -5.39 -36.63 -5.40
CA ASN A 167 -6.57 -36.57 -6.23
C ASN A 167 -7.17 -35.16 -6.24
N THR A 168 -6.92 -34.38 -5.17
CA THR A 168 -7.52 -33.07 -4.96
C THR A 168 -6.52 -31.91 -4.88
N SER A 169 -5.36 -32.07 -4.24
CA SER A 169 -4.49 -30.93 -4.01
C SER A 169 -3.04 -31.34 -3.83
N ALA A 170 -2.14 -30.38 -4.00
CA ALA A 170 -0.71 -30.56 -3.73
C ALA A 170 -0.41 -30.30 -2.26
N ILE A 171 0.59 -31.02 -1.73
CA ILE A 171 1.04 -30.86 -0.35
C ILE A 171 2.09 -29.78 -0.21
N THR A 172 1.85 -28.87 0.72
CA THR A 172 2.86 -27.91 1.15
C THR A 172 3.26 -28.42 2.53
N GLN A 173 4.55 -28.62 2.76
CA GLN A 173 5.01 -29.09 4.06
C GLN A 173 5.10 -27.91 5.03
N ALA A 174 4.54 -28.08 6.22
CA ALA A 174 4.68 -27.01 7.19
C ALA A 174 6.14 -26.97 7.62
N CYS A 175 6.68 -25.79 7.86
CA CYS A 175 8.05 -25.71 8.33
C CYS A 175 8.18 -26.31 9.73
N PRO A 176 9.11 -27.25 9.97
CA PRO A 176 9.20 -27.87 11.30
C PRO A 176 9.64 -26.91 12.39
N LYS A 177 10.19 -25.75 12.03
CA LYS A 177 10.69 -24.76 12.96
C LYS A 177 9.60 -23.80 13.46
N VAL A 178 8.40 -23.85 12.90
CA VAL A 178 7.34 -22.91 13.24
C VAL A 178 6.30 -23.65 14.07
N SER A 179 6.14 -23.21 15.31
CA SER A 179 5.19 -23.78 16.25
C SER A 179 3.76 -23.43 15.88
N PHE A 180 2.84 -24.34 16.18
CA PHE A 180 1.42 -24.13 15.98
C PHE A 180 0.69 -23.69 17.24
N GLU A 181 1.41 -23.51 18.35
CA GLU A 181 0.78 -23.19 19.62
C GLU A 181 0.01 -21.86 19.57
N PRO A 182 -1.29 -21.83 19.87
CA PRO A 182 -2.02 -20.55 19.88
C PRO A 182 -1.41 -19.55 20.86
N ILE A 183 -1.36 -18.28 20.45
CA ILE A 183 -0.87 -17.21 21.31
C ILE A 183 -1.98 -16.16 21.37
N PRO A 184 -2.08 -15.34 22.42
CA PRO A 184 -3.11 -14.29 22.40
C PRO A 184 -2.87 -13.26 21.31
N ILE A 185 -3.95 -12.88 20.62
CA ILE A 185 -3.93 -11.81 19.64
C ILE A 185 -4.97 -10.78 20.06
N HIS A 186 -4.56 -9.52 20.09
CA HIS A 186 -5.43 -8.41 20.49
C HIS A 186 -5.82 -7.60 19.26
N TYR A 187 -7.10 -7.33 19.10
CA TYR A 187 -7.59 -6.49 18.00
C TYR A 187 -7.87 -5.09 18.52
N CYS A 188 -7.23 -4.11 17.91
CA CYS A 188 -7.25 -2.72 18.36
C CYS A 188 -7.95 -1.87 17.32
N ALA A 189 -8.75 -0.92 17.78
CA ALA A 189 -9.46 -0.04 16.86
C ALA A 189 -8.49 0.93 16.17
N PRO A 190 -8.71 1.26 14.90
CA PRO A 190 -7.96 2.36 14.30
C PRO A 190 -8.50 3.67 14.84
N ALA A 191 -7.68 4.72 14.76
CA ALA A 191 -8.17 6.02 15.24
C ALA A 191 -9.42 6.40 14.46
N GLY A 192 -10.39 6.96 15.18
CA GLY A 192 -11.66 7.36 14.64
C GLY A 192 -12.76 6.35 14.95
N PHE A 193 -12.39 5.17 15.44
CA PHE A 193 -13.27 4.06 15.79
C PHE A 193 -13.03 3.66 17.24
N ALA A 194 -13.99 2.95 17.82
CA ALA A 194 -13.86 2.44 19.18
C ALA A 194 -14.48 1.05 19.27
N ILE A 195 -13.97 0.26 20.20
CA ILE A 195 -14.52 -1.07 20.51
C ILE A 195 -15.27 -1.00 21.83
N LEU A 196 -16.53 -1.42 21.78
CA LEU A 196 -17.40 -1.46 22.95
C LEU A 196 -17.47 -2.89 23.47
N LYS A 197 -17.11 -3.08 24.73
CA LYS A 197 -17.12 -4.38 25.41
C LYS A 197 -18.38 -4.47 26.27
N CYS A 198 -19.17 -5.52 26.07
CA CYS A 198 -20.45 -5.64 26.75
C CYS A 198 -20.36 -5.71 28.28
N LYS A 199 -19.73 -6.75 28.82
CA LYS A 199 -19.57 -6.97 30.26
C LYS A 199 -20.89 -7.18 31.01
N ASP A 200 -21.99 -7.45 30.31
CA ASP A 200 -23.27 -7.70 30.97
C ASP A 200 -23.35 -9.21 31.27
N LYS A 201 -23.27 -9.56 32.55
CA LYS A 201 -23.24 -10.97 32.94
C LYS A 201 -24.50 -11.68 32.44
N LYS A 202 -24.32 -12.88 31.90
CA LYS A 202 -25.38 -13.70 31.32
C LYS A 202 -25.88 -13.13 30.00
N PHE A 203 -25.10 -12.26 29.36
CA PHE A 203 -25.45 -11.78 28.03
C PHE A 203 -25.43 -12.94 27.05
N ASN A 204 -26.50 -13.08 26.27
CA ASN A 204 -26.69 -14.22 25.39
C ASN A 204 -26.31 -13.94 23.95
N GLY A 205 -25.47 -12.94 23.71
CA GLY A 205 -25.00 -12.66 22.37
C GLY A 205 -25.84 -11.73 21.53
N THR A 206 -26.98 -11.26 22.03
CA THR A 206 -27.83 -10.38 21.25
C THR A 206 -28.68 -9.53 22.19
N GLY A 207 -29.06 -8.35 21.71
CA GLY A 207 -29.94 -7.48 22.44
C GLY A 207 -29.20 -6.41 23.23
N PRO A 208 -29.95 -5.61 23.98
CA PRO A 208 -29.34 -4.50 24.70
C PRO A 208 -28.39 -4.96 25.79
N CYS A 209 -27.24 -4.30 25.86
CA CYS A 209 -26.21 -4.54 26.86
C CYS A 209 -26.12 -3.26 27.68
N GLN A 210 -26.27 -3.40 29.00
CA GLN A 210 -26.31 -2.27 29.94
C GLN A 210 -25.00 -1.99 30.68
N ASN A 211 -23.95 -2.80 30.48
CA ASN A 211 -22.68 -2.65 31.20
C ASN A 211 -21.55 -2.28 30.23
N VAL A 212 -21.92 -1.64 29.13
CA VAL A 212 -20.99 -1.35 28.03
C VAL A 212 -19.84 -0.47 28.49
N SER A 213 -18.62 -0.84 28.11
CA SER A 213 -17.41 -0.09 28.39
C SER A 213 -16.64 0.07 27.08
N THR A 214 -15.81 1.11 27.00
CA THR A 214 -14.98 1.36 25.82
C THR A 214 -13.56 0.87 26.10
N VAL A 215 -13.01 0.10 25.14
CA VAL A 215 -11.65 -0.41 25.26
C VAL A 215 -10.89 -0.03 23.99
N GLN A 216 -9.58 0.17 24.14
CA GLN A 216 -8.74 0.40 22.96
C GLN A 216 -8.56 -0.88 22.17
N CYS A 217 -8.43 -2.02 22.86
CA CYS A 217 -8.18 -3.31 22.25
C CYS A 217 -9.02 -4.36 22.94
N THR A 218 -9.22 -5.47 22.24
CA THR A 218 -9.91 -6.62 22.82
C THR A 218 -8.97 -7.34 23.78
N HIS A 219 -9.53 -8.30 24.53
CA HIS A 219 -8.69 -9.12 25.38
C HIS A 219 -7.85 -10.02 24.49
N GLY A 220 -6.93 -10.76 25.08
CA GLY A 220 -6.13 -11.60 24.22
C GLY A 220 -6.93 -12.83 23.87
N ILE A 221 -7.14 -13.03 22.57
CA ILE A 221 -7.92 -14.14 22.03
C ILE A 221 -6.94 -15.13 21.42
N LYS A 222 -6.97 -16.36 21.90
CA LYS A 222 -6.07 -17.37 21.38
C LYS A 222 -6.69 -17.97 20.11
N PRO A 223 -5.95 -18.01 18.97
CA PRO A 223 -6.57 -18.62 17.78
C PRO A 223 -6.57 -20.14 17.86
N VAL A 224 -7.37 -20.66 18.78
CA VAL A 224 -7.46 -22.10 18.97
C VAL A 224 -8.38 -22.63 17.89
N VAL A 225 -7.92 -23.63 17.14
CA VAL A 225 -8.67 -24.21 16.04
C VAL A 225 -9.14 -25.58 16.50
N SER A 226 -10.45 -25.73 16.65
CA SER A 226 -11.03 -27.00 17.10
C SER A 226 -12.46 -27.08 16.61
N THR A 227 -13.01 -28.30 16.67
CA THR A 227 -14.41 -28.53 16.36
C THR A 227 -15.10 -29.19 17.55
N GLN A 228 -16.42 -29.07 17.59
CA GLN A 228 -17.29 -29.70 18.59
C GLN A 228 -17.10 -29.16 20.01
N LEU A 229 -15.86 -29.17 20.51
CA LEU A 229 -15.51 -28.65 21.82
C LEU A 229 -14.60 -27.43 21.66
N LEU A 230 -14.89 -26.37 22.41
CA LEU A 230 -14.09 -25.16 22.38
C LEU A 230 -13.06 -25.23 23.51
N LEU A 231 -11.77 -25.17 23.15
CA LEU A 231 -10.70 -25.29 24.12
C LEU A 231 -10.06 -23.93 24.41
N ASN A 232 -9.55 -23.79 25.64
CA ASN A 232 -8.73 -22.65 26.07
C ASN A 232 -9.38 -21.30 25.76
N GLY A 233 -10.70 -21.22 25.94
CA GLY A 233 -11.44 -19.98 25.73
C GLY A 233 -11.82 -19.29 27.02
N SER A 234 -12.74 -18.35 26.90
CA SER A 234 -13.24 -17.61 28.05
C SER A 234 -14.37 -18.40 28.69
N LEU A 235 -14.62 -18.14 29.97
CA LEU A 235 -15.69 -18.80 30.70
C LEU A 235 -16.75 -17.82 31.16
N ALA A 236 -17.97 -18.33 31.31
CA ALA A 236 -19.09 -17.53 31.75
C ALA A 236 -18.87 -17.05 33.18
N GLU A 237 -19.36 -15.84 33.47
CA GLU A 237 -19.13 -15.27 34.80
C GLU A 237 -19.94 -15.97 35.87
N GLU A 238 -21.24 -16.25 35.63
CA GLU A 238 -22.11 -16.80 36.66
C GLU A 238 -22.77 -18.12 36.30
N GLU A 239 -23.22 -18.31 35.06
CA GLU A 239 -23.98 -19.48 34.66
C GLU A 239 -23.60 -19.87 33.25
N VAL A 240 -23.91 -21.11 32.87
CA VAL A 240 -23.69 -21.52 31.49
C VAL A 240 -24.62 -20.70 30.60
N ILE A 241 -24.07 -20.15 29.52
CA ILE A 241 -24.81 -19.28 28.61
C ILE A 241 -24.94 -19.98 27.27
N ILE A 242 -26.18 -20.10 26.79
CA ILE A 242 -26.48 -20.74 25.51
C ILE A 242 -26.86 -19.65 24.51
N ARG A 243 -26.07 -19.53 23.43
CA ARG A 243 -26.23 -18.47 22.44
C ARG A 243 -26.52 -19.07 21.07
N SER A 244 -27.56 -18.58 20.40
CA SER A 244 -27.84 -19.03 19.04
C SER A 244 -28.50 -17.91 18.26
N GLU A 245 -28.24 -17.88 16.95
CA GLU A 245 -28.83 -16.85 16.10
C GLU A 245 -30.35 -16.97 16.09
N ASN A 246 -30.86 -18.19 16.04
CA ASN A 246 -32.29 -18.48 16.05
C ASN A 246 -32.43 -19.84 16.71
N ILE A 247 -32.80 -19.86 17.99
CA ILE A 247 -32.79 -21.10 18.76
C ILE A 247 -33.74 -22.14 18.19
N THR A 248 -34.81 -21.69 17.53
CA THR A 248 -35.79 -22.61 16.96
C THR A 248 -35.40 -23.11 15.56
N ASN A 249 -34.40 -22.51 14.93
CA ASN A 249 -34.00 -22.88 13.58
C ASN A 249 -32.94 -23.99 13.65
N ASN A 250 -33.29 -25.18 13.19
CA ASN A 250 -32.39 -26.33 13.29
C ASN A 250 -31.10 -26.15 12.49
N ALA A 251 -31.09 -25.23 11.53
CA ALA A 251 -29.91 -25.02 10.69
C ALA A 251 -28.85 -24.14 11.33
N LYS A 252 -29.12 -23.55 12.49
CA LYS A 252 -28.20 -22.68 13.19
C LYS A 252 -27.47 -23.46 14.26
N ASN A 253 -26.23 -23.08 14.54
CA ASN A 253 -25.47 -23.71 15.60
C ASN A 253 -25.77 -23.04 16.93
N ILE A 254 -25.63 -23.82 18.00
CA ILE A 254 -25.80 -23.37 19.38
C ILE A 254 -24.43 -23.36 20.03
N LEU A 255 -24.01 -22.20 20.54
CA LEU A 255 -22.73 -22.06 21.21
C LEU A 255 -22.98 -22.01 22.70
N VAL A 256 -22.42 -22.98 23.44
CA VAL A 256 -22.63 -23.08 24.88
C VAL A 256 -21.35 -22.67 25.56
N GLN A 257 -21.40 -21.59 26.35
CA GLN A 257 -20.24 -21.10 27.08
C GLN A 257 -20.37 -21.56 28.53
N LEU A 258 -19.38 -22.30 29.00
CA LEU A 258 -19.43 -22.87 30.33
C LEU A 258 -18.92 -21.87 31.36
N ASN A 259 -19.41 -21.98 32.60
CA ASN A 259 -18.91 -21.16 33.69
C ASN A 259 -17.71 -21.81 34.38
N THR A 260 -17.57 -23.12 34.28
CA THR A 260 -16.45 -23.87 34.83
C THR A 260 -15.85 -24.65 33.67
N SER A 261 -14.53 -24.82 33.68
CA SER A 261 -13.89 -25.58 32.63
C SER A 261 -13.93 -27.06 32.96
N VAL A 262 -13.77 -27.88 31.93
CA VAL A 262 -13.59 -29.32 32.08
C VAL A 262 -12.18 -29.61 31.60
N GLN A 263 -11.34 -30.19 32.46
CA GLN A 263 -9.96 -30.41 32.06
C GLN A 263 -9.92 -31.65 31.17
N ILE A 264 -9.23 -31.53 30.05
CA ILE A 264 -9.05 -32.64 29.11
C ILE A 264 -7.55 -32.85 28.93
N ASN A 265 -7.10 -34.08 29.17
CA ASN A 265 -5.70 -34.46 29.06
C ASN A 265 -5.54 -35.33 27.82
N CYS A 266 -4.90 -34.82 26.77
CA CYS A 266 -4.77 -35.52 25.49
C CYS A 266 -3.32 -35.87 25.26
N THR A 267 -3.08 -37.09 24.76
CA THR A 267 -1.73 -37.51 24.47
C THR A 267 -1.63 -38.36 23.21
N ARG A 268 -0.37 -38.43 22.76
CA ARG A 268 0.11 -39.23 21.64
C ARG A 268 1.20 -40.08 22.31
N PRO A 269 0.80 -41.20 22.93
CA PRO A 269 1.71 -41.97 23.79
C PRO A 269 2.82 -42.70 23.05
N SER A 270 2.67 -42.92 21.74
CA SER A 270 3.72 -43.62 20.99
C SER A 270 4.96 -42.76 20.85
N ASN A 271 6.12 -43.37 21.10
CA ASN A 271 7.41 -42.69 21.01
C ASN A 271 7.87 -42.74 19.55
N ASN A 272 7.26 -41.89 18.73
CA ASN A 272 7.55 -41.86 17.31
C ASN A 272 8.92 -41.26 17.04
N THR A 273 9.70 -41.92 16.19
CA THR A 273 11.03 -41.48 15.80
C THR A 273 10.89 -40.85 14.42
N VAL A 274 11.38 -39.62 14.30
CA VAL A 274 11.30 -38.81 13.08
C VAL A 274 12.61 -38.87 12.31
N LYS A 275 12.52 -39.16 11.02
CA LYS A 275 13.64 -39.23 10.11
C LYS A 275 13.49 -38.13 9.07
N SER A 276 14.59 -37.75 8.42
CA SER A 276 14.57 -36.69 7.42
C SER A 276 15.48 -37.03 6.26
N ILE A 277 14.98 -36.80 5.04
CA ILE A 277 15.73 -37.01 3.81
C ILE A 277 15.66 -35.77 2.93
N ARG A 278 16.72 -35.54 2.17
CA ARG A 278 16.75 -34.44 1.22
C ARG A 278 16.04 -34.85 -0.07
N ILE A 279 15.13 -34.00 -0.54
CA ILE A 279 14.35 -34.27 -1.75
C ILE A 279 14.68 -33.33 -2.90
N GLY A 280 15.47 -32.28 -2.66
CA GLY A 280 15.88 -31.38 -3.70
C GLY A 280 16.86 -30.36 -3.12
N PRO A 281 17.42 -29.50 -3.95
CA PRO A 281 18.36 -28.48 -3.43
C PRO A 281 17.69 -27.59 -2.41
N GLY A 282 18.19 -27.61 -1.18
CA GLY A 282 17.66 -26.77 -0.13
C GLY A 282 16.36 -27.25 0.48
N GLN A 283 15.86 -28.42 0.05
CA GLN A 283 14.58 -28.95 0.49
C GLN A 283 14.79 -30.29 1.16
N ALA A 284 14.11 -30.49 2.29
CA ALA A 284 14.16 -31.75 3.02
C ALA A 284 12.76 -32.17 3.39
N PHE A 285 12.51 -33.47 3.31
CA PHE A 285 11.23 -34.07 3.64
C PHE A 285 11.33 -34.75 5.01
N TYR A 286 10.45 -34.37 5.92
CA TYR A 286 10.41 -34.91 7.26
C TYR A 286 9.27 -35.91 7.29
N TYR A 287 9.54 -37.10 7.84
CA TYR A 287 8.55 -38.16 7.84
C TYR A 287 8.65 -39.00 9.09
N PHE A 288 7.56 -39.73 9.34
CA PHE A 288 7.43 -40.61 10.48
C PHE A 288 8.27 -41.84 10.18
N GLY A 289 9.36 -41.99 10.92
CA GLY A 289 10.32 -43.04 10.66
C GLY A 289 10.03 -44.36 11.32
N ASP A 290 9.86 -44.36 12.64
CA ASP A 290 9.62 -45.62 13.35
C ASP A 290 8.88 -45.33 14.65
N VAL A 291 8.55 -46.39 15.37
CA VAL A 291 7.94 -46.31 16.70
C VAL A 291 8.83 -47.06 17.66
N LEU A 292 9.27 -46.39 18.73
CA LEU A 292 10.07 -47.06 19.75
C LEU A 292 9.11 -47.55 20.82
N GLY A 293 9.44 -48.69 21.42
CA GLY A 293 8.55 -49.22 22.43
C GLY A 293 7.33 -49.79 21.75
N HIS A 294 6.20 -49.80 22.45
CA HIS A 294 4.99 -50.40 21.93
C HIS A 294 4.16 -49.31 21.25
N VAL A 295 3.32 -49.73 20.31
CA VAL A 295 2.37 -48.81 19.69
C VAL A 295 1.23 -48.60 20.68
N ARG A 296 0.90 -47.34 20.96
CA ARG A 296 -0.20 -46.99 21.85
C ARG A 296 -1.06 -45.94 21.18
N MET A 297 -2.37 -46.06 21.36
CA MET A 297 -3.33 -45.17 20.70
C MET A 297 -3.37 -43.80 21.35
N ALA A 298 -3.50 -42.76 20.52
CA ALA A 298 -3.70 -41.42 21.03
C ALA A 298 -5.05 -41.36 21.73
N HIS A 299 -5.15 -40.59 22.80
CA HIS A 299 -6.43 -40.57 23.51
C HIS A 299 -6.52 -39.31 24.35
N CYS A 300 -7.76 -38.99 24.78
CA CYS A 300 -8.00 -37.89 25.70
C CYS A 300 -8.77 -38.37 26.93
N ASN A 301 -8.35 -37.89 28.11
CA ASN A 301 -8.97 -38.21 29.38
C ASN A 301 -9.81 -37.03 29.86
N ILE A 302 -11.10 -37.25 30.06
CA ILE A 302 -12.03 -36.27 30.60
C ILE A 302 -12.62 -36.85 31.89
N SER A 303 -12.59 -36.07 32.97
CA SER A 303 -13.14 -36.60 34.22
C SER A 303 -14.62 -36.88 34.03
N LYS A 304 -15.07 -38.06 34.49
CA LYS A 304 -16.45 -38.45 34.24
C LYS A 304 -17.44 -37.65 35.06
N ALA A 305 -17.14 -37.43 36.35
CA ALA A 305 -18.06 -36.68 37.20
C ALA A 305 -18.16 -35.23 36.76
N THR A 306 -17.04 -34.65 36.34
CA THR A 306 -17.05 -33.24 35.94
C THR A 306 -17.89 -33.08 34.69
N TRP A 307 -17.71 -33.97 33.71
CA TRP A 307 -18.50 -33.90 32.49
C TRP A 307 -19.98 -34.11 32.79
N ASN A 308 -20.30 -35.06 33.67
CA ASN A 308 -21.71 -35.30 34.01
C ASN A 308 -22.34 -34.06 34.62
N GLU A 309 -21.60 -33.35 35.47
CA GLU A 309 -22.10 -32.10 36.04
C GLU A 309 -22.24 -31.04 34.96
N THR A 310 -21.28 -30.99 34.04
CA THR A 310 -21.31 -30.02 32.96
C THR A 310 -22.54 -30.23 32.09
N LEU A 311 -22.83 -31.49 31.74
CA LEU A 311 -24.01 -31.73 30.94
C LEU A 311 -25.26 -31.42 31.73
N GLY A 312 -25.29 -31.70 33.03
CA GLY A 312 -26.49 -31.37 33.79
C GLY A 312 -26.78 -29.88 33.74
N LYS A 313 -25.72 -29.07 33.82
CA LYS A 313 -25.87 -27.62 33.73
C LYS A 313 -26.36 -27.19 32.34
N VAL A 314 -25.81 -27.83 31.31
CA VAL A 314 -26.21 -27.50 29.94
C VAL A 314 -27.67 -27.86 29.73
N VAL A 315 -28.09 -29.01 30.24
CA VAL A 315 -29.48 -29.43 30.09
C VAL A 315 -30.40 -28.46 30.80
N LYS A 316 -30.06 -28.04 32.02
CA LYS A 316 -30.90 -27.06 32.72
C LYS A 316 -31.08 -25.80 31.89
N GLN A 317 -29.98 -25.30 31.31
CA GLN A 317 -30.07 -24.08 30.52
C GLN A 317 -30.85 -24.32 29.23
N LEU A 318 -30.71 -25.50 28.62
CA LEU A 318 -31.49 -25.79 27.42
C LEU A 318 -32.97 -25.90 27.75
N ARG A 319 -33.30 -26.49 28.91
CA ARG A 319 -34.69 -26.61 29.31
C ARG A 319 -35.33 -25.25 29.46
N LYS A 320 -34.54 -24.24 29.85
CA LYS A 320 -35.11 -22.90 29.93
C LYS A 320 -35.72 -22.45 28.60
N HIS A 321 -35.15 -22.89 27.48
CA HIS A 321 -35.65 -22.52 26.15
C HIS A 321 -36.58 -23.54 25.53
N PHE A 322 -36.41 -24.84 25.84
CA PHE A 322 -37.15 -25.91 25.19
C PHE A 322 -38.26 -26.51 26.03
N GLY A 323 -38.39 -26.13 27.30
CA GLY A 323 -39.47 -26.62 28.18
C GLY A 323 -38.99 -27.43 29.37
N ASN A 324 -39.57 -27.09 30.52
CA ASN A 324 -39.20 -27.71 31.80
C ASN A 324 -39.48 -29.20 31.85
N ASN A 325 -40.49 -29.68 31.11
CA ASN A 325 -40.87 -31.09 31.12
C ASN A 325 -40.45 -31.87 29.89
N THR A 326 -39.53 -31.35 29.07
CA THR A 326 -39.13 -32.05 27.86
C THR A 326 -37.89 -32.90 28.16
N ILE A 327 -37.54 -33.76 27.22
CA ILE A 327 -36.42 -34.69 27.34
C ILE A 327 -35.32 -34.20 26.40
N ILE A 328 -34.12 -34.04 26.93
CA ILE A 328 -32.96 -33.60 26.16
C ILE A 328 -32.01 -34.79 26.02
N ARG A 329 -31.78 -35.22 24.80
CA ARG A 329 -30.94 -36.36 24.49
C ARG A 329 -29.70 -35.88 23.75
N PHE A 330 -28.52 -36.30 24.21
CA PHE A 330 -27.28 -35.99 23.52
C PHE A 330 -26.88 -37.24 22.74
N ALA A 331 -26.38 -37.03 21.53
CA ALA A 331 -25.98 -38.12 20.66
C ALA A 331 -24.77 -37.71 19.83
N GLN A 332 -24.07 -38.73 19.32
CA GLN A 332 -22.90 -38.53 18.48
C GLN A 332 -23.28 -37.90 17.15
N SER A 333 -22.31 -37.23 16.53
CA SER A 333 -22.54 -36.61 15.23
C SER A 333 -22.95 -37.67 14.22
N SER A 334 -23.94 -37.32 13.39
CA SER A 334 -24.52 -38.29 12.46
C SER A 334 -23.69 -38.57 11.22
N GLY A 335 -22.78 -37.69 10.81
CA GLY A 335 -22.04 -37.96 9.60
C GLY A 335 -21.32 -36.76 9.07
N GLY A 336 -20.55 -37.01 8.02
CA GLY A 336 -19.72 -36.02 7.35
C GLY A 336 -18.25 -36.35 7.49
N ASP A 337 -17.42 -35.37 7.11
CA ASP A 337 -15.98 -35.56 7.14
C ASP A 337 -15.51 -35.74 8.59
N LEU A 338 -14.35 -36.38 8.74
CA LEU A 338 -13.81 -36.61 10.08
C LEU A 338 -13.63 -35.31 10.84
N GLU A 339 -13.36 -34.22 10.12
CA GLU A 339 -13.23 -32.90 10.74
C GLU A 339 -14.46 -32.51 11.55
N VAL A 340 -15.65 -32.96 11.14
CA VAL A 340 -16.90 -32.59 11.81
C VAL A 340 -17.57 -33.73 12.55
N THR A 341 -17.17 -34.99 12.32
CA THR A 341 -17.73 -36.09 13.08
C THR A 341 -16.95 -36.35 14.36
N THR A 342 -15.71 -35.88 14.44
CA THR A 342 -14.84 -35.98 15.59
C THR A 342 -14.46 -34.59 16.09
N HIS A 343 -13.85 -34.59 17.26
CA HIS A 343 -13.29 -33.38 17.88
C HIS A 343 -11.89 -33.21 17.32
N SER A 344 -11.76 -32.26 16.41
CA SER A 344 -10.49 -31.97 15.76
C SER A 344 -9.77 -30.94 16.62
N PHE A 345 -8.48 -31.13 16.82
CA PHE A 345 -7.69 -30.12 17.50
C PHE A 345 -6.23 -30.36 17.20
N ASN A 346 -5.40 -29.39 17.56
CA ASN A 346 -3.95 -29.49 17.40
C ASN A 346 -3.25 -29.14 18.69
N CYS A 347 -2.46 -30.08 19.21
CA CYS A 347 -1.65 -29.78 20.39
C CYS A 347 -0.37 -30.58 20.26
N GLY A 348 0.73 -29.97 20.70
CA GLY A 348 1.99 -30.67 20.66
C GLY A 348 2.58 -30.70 19.27
N GLY A 349 1.92 -30.05 18.31
CA GLY A 349 2.28 -30.05 16.92
C GLY A 349 1.57 -31.13 16.13
N GLU A 350 0.74 -31.96 16.78
CA GLU A 350 0.01 -33.03 16.12
C GLU A 350 -1.48 -32.71 16.03
N PHE A 351 -2.11 -33.20 14.96
CA PHE A 351 -3.53 -33.01 14.69
C PHE A 351 -4.31 -34.25 15.10
N PHE A 352 -5.13 -34.09 16.14
CA PHE A 352 -5.91 -35.16 16.78
C PHE A 352 -7.36 -35.08 16.33
N TYR A 353 -7.98 -36.24 16.13
CA TYR A 353 -9.39 -36.41 15.81
C TYR A 353 -10.03 -37.38 16.79
N CYS A 354 -10.66 -36.89 17.85
CA CYS A 354 -11.17 -37.71 18.94
C CYS A 354 -12.66 -37.99 18.76
N ASN A 355 -13.07 -39.25 18.98
CA ASN A 355 -14.44 -39.66 18.66
C ASN A 355 -15.50 -38.82 19.37
N THR A 356 -15.41 -38.68 20.69
CA THR A 356 -16.39 -37.98 21.54
C THR A 356 -17.72 -38.70 21.67
N SER A 357 -17.91 -39.87 21.07
CA SER A 357 -19.20 -40.56 21.18
C SER A 357 -19.49 -40.98 22.62
N GLY A 358 -18.48 -41.01 23.48
CA GLY A 358 -18.65 -41.33 24.89
C GLY A 358 -19.09 -40.16 25.73
N LEU A 359 -19.08 -38.94 25.18
CA LEU A 359 -19.48 -37.74 25.90
C LEU A 359 -20.89 -37.30 25.57
N PHE A 360 -21.40 -37.63 24.39
CA PHE A 360 -22.72 -37.24 23.95
C PHE A 360 -23.50 -38.49 23.60
N ASN A 361 -23.98 -39.17 24.64
CA ASN A 361 -24.74 -40.40 24.51
C ASN A 361 -25.56 -40.56 25.77
N SER A 362 -26.58 -39.74 25.95
CA SER A 362 -27.36 -39.80 27.19
C SER A 362 -28.73 -39.19 26.97
N THR A 363 -29.69 -39.61 27.78
CA THR A 363 -31.04 -39.05 27.73
C THR A 363 -31.36 -38.47 29.10
N TRP A 364 -31.70 -37.19 29.14
CA TRP A 364 -32.01 -36.43 30.34
C TRP A 364 -33.51 -36.18 30.39
N ILE A 365 -34.18 -36.78 31.37
CA ILE A 365 -35.64 -36.74 31.50
C ILE A 365 -35.95 -35.95 32.77
N SER A 366 -36.78 -34.92 32.62
CA SER A 366 -37.26 -34.00 33.67
C SER A 366 -36.46 -33.96 34.98
N ASP A 380 -14.26 -43.67 36.89
CA ASP A 380 -13.74 -42.43 37.45
C ASP A 380 -13.43 -41.42 36.36
N SER A 381 -12.95 -41.92 35.22
CA SER A 381 -12.58 -41.08 34.09
C SER A 381 -13.10 -41.71 32.80
N LEU A 382 -13.33 -40.86 31.81
CA LEU A 382 -13.78 -41.26 30.48
C LEU A 382 -12.61 -41.03 29.52
N ILE A 383 -12.31 -42.04 28.71
CA ILE A 383 -11.20 -41.98 27.76
C ILE A 383 -11.80 -41.99 26.36
N LEU A 384 -11.40 -41.01 25.55
CA LEU A 384 -11.83 -40.85 24.18
C LEU A 384 -10.76 -41.38 23.25
N PRO A 385 -11.05 -42.32 22.35
CA PRO A 385 -10.03 -42.72 21.38
C PRO A 385 -9.82 -41.59 20.39
N CYS A 386 -8.58 -41.43 19.95
CA CYS A 386 -8.26 -40.40 18.97
C CYS A 386 -7.38 -40.98 17.87
N TRP A 387 -7.57 -40.43 16.67
CA TRP A 387 -6.76 -40.75 15.51
C TRP A 387 -5.94 -39.51 15.19
N ILE A 388 -4.76 -39.70 14.61
CA ILE A 388 -3.90 -38.57 14.25
C ILE A 388 -3.70 -38.57 12.74
N LYS A 389 -3.79 -37.37 12.15
CA LYS A 389 -3.59 -37.21 10.72
C LYS A 389 -2.45 -36.26 10.46
N GLN A 390 -1.71 -36.52 9.37
CA GLN A 390 -0.66 -35.62 8.93
C GLN A 390 -1.06 -34.71 7.78
N ILE A 391 -2.04 -35.10 6.94
CA ILE A 391 -2.48 -34.28 5.81
C ILE A 391 -3.79 -33.63 6.24
N ILE A 392 -3.76 -32.31 6.44
CA ILE A 392 -4.87 -31.57 7.02
C ILE A 392 -5.41 -30.59 5.98
N ASN A 393 -6.73 -30.60 5.77
CA ASN A 393 -7.40 -29.66 4.89
C ASN A 393 -8.19 -28.72 5.80
N MET A 394 -7.64 -27.54 6.10
CA MET A 394 -8.22 -26.65 7.09
C MET A 394 -9.10 -25.60 6.45
N TRP A 395 -9.85 -24.88 7.30
CA TRP A 395 -10.72 -23.78 6.88
C TRP A 395 -11.70 -24.20 5.79
N GLN A 396 -12.16 -25.45 5.87
CA GLN A 396 -13.08 -26.06 4.91
C GLN A 396 -12.78 -25.73 3.45
N ARG A 397 -11.50 -25.55 3.12
CA ARG A 397 -11.09 -25.28 1.75
C ARG A 397 -10.77 -26.58 1.04
N ILE A 398 -10.98 -26.59 -0.27
CA ILE A 398 -10.65 -27.70 -1.14
C ILE A 398 -9.61 -27.20 -2.13
N GLY A 399 -8.48 -27.90 -2.23
CA GLY A 399 -7.41 -27.55 -3.15
C GLY A 399 -6.13 -27.09 -2.49
N GLN A 400 -6.12 -26.84 -1.18
CA GLN A 400 -4.90 -26.42 -0.45
C GLN A 400 -4.65 -27.28 0.78
N ALA A 401 -3.90 -28.37 0.61
CA ALA A 401 -3.64 -29.32 1.67
C ALA A 401 -2.26 -29.05 2.26
N MET A 402 -2.11 -29.33 3.55
CA MET A 402 -0.85 -29.16 4.27
C MET A 402 -0.46 -30.48 4.93
N TYR A 403 0.84 -30.77 4.94
CA TYR A 403 1.40 -31.94 5.60
C TYR A 403 2.07 -31.52 6.90
N ALA A 404 1.60 -32.05 8.01
CA ALA A 404 2.14 -31.71 9.31
C ALA A 404 3.33 -32.62 9.61
N PRO A 405 4.55 -32.10 9.78
CA PRO A 405 5.66 -32.99 10.10
C PRO A 405 5.41 -33.71 11.40
N PRO A 406 5.89 -34.95 11.54
CA PRO A 406 5.73 -35.64 12.82
C PRO A 406 6.65 -35.05 13.87
N ILE A 407 6.18 -35.07 15.11
CA ILE A 407 6.89 -34.52 16.26
C ILE A 407 7.63 -35.66 16.96
N GLN A 408 8.93 -35.46 17.16
CA GLN A 408 9.77 -36.48 17.79
C GLN A 408 9.34 -36.71 19.24
N GLY A 409 9.20 -37.98 19.60
CA GLY A 409 8.88 -38.35 20.97
C GLY A 409 7.40 -38.41 21.28
N VAL A 410 7.14 -38.60 22.56
CA VAL A 410 5.79 -38.74 23.10
C VAL A 410 5.30 -37.35 23.45
N ILE A 411 4.06 -37.01 23.05
CA ILE A 411 3.53 -35.67 23.34
C ILE A 411 2.27 -35.77 24.20
N ARG A 412 2.11 -34.79 25.08
CA ARG A 412 0.96 -34.68 25.95
C ARG A 412 0.61 -33.21 26.12
N CYS A 413 -0.68 -32.91 26.13
CA CYS A 413 -1.18 -31.56 26.35
C CYS A 413 -2.36 -31.64 27.32
N VAL A 414 -2.48 -30.62 28.16
CA VAL A 414 -3.60 -30.47 29.08
C VAL A 414 -4.29 -29.16 28.73
N SER A 415 -5.59 -29.21 28.44
CA SER A 415 -6.32 -28.02 28.03
C SER A 415 -7.65 -27.96 28.75
N ASN A 416 -8.26 -26.77 28.71
CA ASN A 416 -9.54 -26.50 29.35
C ASN A 416 -10.63 -26.51 28.28
N ILE A 417 -11.68 -27.30 28.51
CA ILE A 417 -12.88 -27.24 27.68
C ILE A 417 -13.72 -26.14 28.29
N THR A 418 -13.91 -25.06 27.54
CA THR A 418 -14.59 -23.87 28.00
C THR A 418 -15.93 -23.65 27.31
N GLY A 419 -16.21 -24.37 26.23
CA GLY A 419 -17.50 -24.25 25.58
C GLY A 419 -17.72 -25.39 24.62
N LEU A 420 -18.99 -25.55 24.25
CA LEU A 420 -19.44 -26.59 23.34
C LEU A 420 -20.11 -25.98 22.12
N ILE A 421 -20.08 -26.70 21.01
CA ILE A 421 -20.89 -26.40 19.84
C ILE A 421 -21.90 -27.53 19.75
N LEU A 422 -23.18 -27.18 19.65
CA LEU A 422 -24.25 -28.16 19.50
C LEU A 422 -25.15 -27.80 18.34
N THR A 423 -25.75 -28.81 17.72
CA THR A 423 -26.79 -28.63 16.72
C THR A 423 -28.00 -29.41 17.20
N ARG A 424 -29.17 -29.10 16.65
CA ARG A 424 -30.41 -29.77 17.05
C ARG A 424 -31.09 -30.36 15.83
N ASP A 425 -31.74 -31.51 16.02
CA ASP A 425 -32.48 -32.18 14.97
C ASP A 425 -33.91 -31.64 14.90
N SER A 431 -42.89 -33.24 19.21
CA SER A 431 -41.94 -34.19 19.76
C SER A 431 -41.53 -33.78 21.17
N THR A 432 -41.72 -34.70 22.12
CA THR A 432 -41.34 -34.44 23.50
C THR A 432 -39.82 -34.40 23.66
N THR A 433 -39.10 -35.25 22.92
CA THR A 433 -37.65 -35.38 23.05
C THR A 433 -36.94 -34.61 21.95
N GLU A 434 -35.98 -33.77 22.35
CA GLU A 434 -35.09 -33.04 21.46
C GLU A 434 -33.74 -33.73 21.49
N THR A 435 -33.07 -33.82 20.34
CA THR A 435 -31.76 -34.44 20.24
C THR A 435 -30.71 -33.43 19.78
N PHE A 436 -29.61 -33.37 20.53
CA PHE A 436 -28.48 -32.49 20.29
C PHE A 436 -27.24 -33.29 19.92
N ARG A 437 -26.47 -32.78 18.94
CA ARG A 437 -25.27 -33.44 18.45
C ARG A 437 -24.13 -32.43 18.40
N PRO A 438 -22.86 -32.89 18.53
CA PRO A 438 -21.72 -31.96 18.49
C PRO A 438 -21.63 -30.98 17.32
N GLY A 439 -22.00 -31.36 16.10
CA GLY A 439 -21.93 -30.42 14.99
C GLY A 439 -20.54 -29.82 14.83
N GLY A 440 -20.49 -28.51 14.65
CA GLY A 440 -19.22 -27.81 14.51
C GLY A 440 -18.66 -27.84 13.11
N GLY A 441 -17.39 -27.41 13.00
CA GLY A 441 -16.66 -27.37 11.76
C GLY A 441 -16.48 -26.01 11.12
N ASP A 442 -17.31 -25.01 11.44
CA ASP A 442 -17.16 -23.68 10.89
C ASP A 442 -16.41 -22.83 11.91
N MET A 443 -15.16 -22.49 11.57
CA MET A 443 -14.27 -21.81 12.52
C MET A 443 -14.78 -20.44 12.93
N ARG A 444 -15.66 -19.82 12.14
CA ARG A 444 -16.18 -18.51 12.51
C ARG A 444 -16.88 -18.56 13.86
N ASP A 445 -17.51 -19.70 14.16
CA ASP A 445 -18.22 -19.80 15.42
C ASP A 445 -17.25 -19.87 16.58
N ASN A 446 -16.02 -20.32 16.34
CA ASN A 446 -15.09 -20.39 17.45
C ASN A 446 -14.70 -18.97 17.82
N TRP A 447 -14.52 -18.13 16.80
CA TRP A 447 -14.19 -16.75 17.08
C TRP A 447 -15.37 -16.09 17.77
N ARG A 448 -16.58 -16.41 17.32
CA ARG A 448 -17.76 -15.80 17.93
C ARG A 448 -17.78 -16.05 19.43
N SER A 449 -17.30 -17.22 19.87
CA SER A 449 -17.36 -17.54 21.30
C SER A 449 -16.49 -16.62 22.14
N GLU A 450 -15.57 -15.89 21.51
CA GLU A 450 -14.74 -14.91 22.16
C GLU A 450 -15.11 -13.49 21.80
N LEU A 451 -15.57 -13.27 20.57
CA LEU A 451 -15.89 -11.92 20.08
C LEU A 451 -17.31 -11.47 20.38
N TYR A 452 -18.15 -12.33 20.95
CA TYR A 452 -19.52 -11.94 21.25
C TYR A 452 -19.62 -10.69 22.13
N LYS A 453 -18.59 -10.38 22.92
CA LYS A 453 -18.65 -9.22 23.81
C LYS A 453 -18.25 -7.91 23.15
N TYR A 454 -17.76 -7.92 21.92
CA TYR A 454 -17.22 -6.71 21.30
C TYR A 454 -18.01 -6.26 20.08
N LYS A 455 -18.12 -4.93 19.97
CA LYS A 455 -18.75 -4.25 18.85
C LYS A 455 -17.83 -3.14 18.40
N VAL A 456 -17.73 -2.90 17.09
CA VAL A 456 -16.92 -1.82 16.55
C VAL A 456 -17.86 -0.70 16.12
N VAL A 457 -17.60 0.51 16.61
CA VAL A 457 -18.41 1.67 16.26
C VAL A 457 -17.52 2.78 15.73
N LYS A 458 -18.06 3.54 14.80
CA LYS A 458 -17.40 4.70 14.22
C LYS A 458 -17.83 5.92 15.02
N ILE A 459 -16.88 6.78 15.33
CA ILE A 459 -17.16 7.98 16.11
C ILE A 459 -17.57 9.09 15.15
N GLU A 460 -18.68 9.78 15.49
CA GLU A 460 -19.26 10.84 14.68
C GLU A 460 -19.12 12.11 15.51
N PRO A 461 -17.96 12.77 15.44
CA PRO A 461 -17.69 13.87 16.37
C PRO A 461 -18.49 15.13 16.15
N LEU A 462 -19.14 15.30 15.00
CA LEU A 462 -19.94 16.48 14.76
C LEU A 462 -21.37 16.30 15.22
N GLY A 463 -21.93 17.38 15.72
CA GLY A 463 -23.34 17.43 16.05
C GLY A 463 -23.75 18.88 16.19
N VAL A 464 -25.06 19.10 16.16
CA VAL A 464 -25.63 20.43 16.25
C VAL A 464 -26.69 20.40 17.33
N ALA A 465 -26.87 21.53 18.01
CA ALA A 465 -27.92 21.58 19.01
C ALA A 465 -28.33 23.03 19.22
N PRO A 466 -29.57 23.28 19.67
CA PRO A 466 -30.01 24.67 19.84
C PRO A 466 -29.51 25.25 21.16
N THR A 467 -28.83 26.39 21.06
CA THR A 467 -28.33 27.10 22.23
C THR A 467 -28.77 28.55 22.07
N ARG A 468 -28.76 29.29 23.17
CA ARG A 468 -29.03 30.72 23.10
C ARG A 468 -27.71 31.44 22.83
N CYS A 469 -27.17 31.23 21.63
CA CYS A 469 -25.84 31.74 21.34
C CYS A 469 -25.79 32.11 19.86
N LYS A 470 -25.70 33.39 19.57
CA LYS A 470 -25.70 33.90 18.21
C LYS A 470 -24.31 34.41 17.86
N ARG A 471 -23.85 34.10 16.66
CA ARG A 471 -22.58 34.61 16.18
C ARG A 471 -22.68 36.11 15.99
N ARG A 472 -21.60 36.83 16.35
CA ARG A 472 -21.52 38.29 16.22
C ARG A 472 -22.16 38.88 14.96
N GLU B 1 -36.32 25.60 51.86
CA GLU B 1 -36.40 26.80 50.97
C GLU B 1 -35.01 27.27 50.57
N VAL B 2 -34.96 28.33 49.77
CA VAL B 2 -33.72 28.94 49.33
C VAL B 2 -33.43 30.14 50.22
N GLN B 3 -32.23 30.19 50.78
CA GLN B 3 -31.82 31.28 51.65
C GLN B 3 -30.43 31.80 51.28
N LEU B 4 -30.29 33.12 51.32
CA LEU B 4 -29.04 33.83 51.10
C LEU B 4 -28.79 34.69 52.34
N VAL B 5 -27.64 34.51 52.99
CA VAL B 5 -27.33 35.22 54.23
C VAL B 5 -26.01 36.00 54.08
N GLU B 6 -26.12 37.32 54.17
CA GLU B 6 -24.98 38.23 54.09
C GLU B 6 -24.19 38.36 55.39
N THR B 7 -22.88 38.40 55.25
CA THR B 7 -21.93 38.72 56.31
C THR B 7 -21.11 39.89 55.78
N GLY B 8 -20.83 40.86 56.63
CA GLY B 8 -20.05 41.99 56.15
C GLY B 8 -19.71 42.96 57.25
N GLY B 9 -19.08 44.06 56.84
CA GLY B 9 -18.62 45.09 57.73
C GLY B 9 -19.68 46.13 58.01
N GLY B 10 -19.25 47.22 58.66
CA GLY B 10 -20.12 48.31 59.03
C GLY B 10 -19.60 49.65 58.55
N LEU B 11 -19.23 50.53 59.49
CA LEU B 11 -18.76 51.85 59.12
C LEU B 11 -17.27 51.79 58.78
N VAL B 12 -16.92 52.25 57.58
CA VAL B 12 -15.55 52.30 57.09
C VAL B 12 -15.30 53.73 56.63
N GLN B 13 -14.16 54.28 57.00
CA GLN B 13 -13.81 55.65 56.63
C GLN B 13 -13.78 55.81 55.10
N PRO B 14 -14.01 57.02 54.59
CA PRO B 14 -13.94 57.23 53.14
C PRO B 14 -12.60 56.82 52.56
N GLY B 15 -12.65 56.14 51.41
CA GLY B 15 -11.45 55.73 50.72
C GLY B 15 -10.86 54.40 51.16
N GLY B 16 -11.50 53.70 52.09
CA GLY B 16 -10.98 52.43 52.59
C GLY B 16 -11.45 51.25 51.76
N SER B 17 -11.54 50.08 52.41
CA SER B 17 -11.94 48.86 51.74
C SER B 17 -12.85 48.04 52.64
N LEU B 18 -13.74 47.27 52.01
CA LEU B 18 -14.68 46.43 52.73
C LEU B 18 -15.02 45.23 51.85
N LYS B 19 -15.14 44.05 52.46
CA LYS B 19 -15.54 42.84 51.75
C LYS B 19 -16.77 42.22 52.38
N LEU B 20 -17.71 41.85 51.52
CA LEU B 20 -18.94 41.14 51.84
C LEU B 20 -18.80 39.68 51.46
N SER B 21 -19.44 38.80 52.21
CA SER B 21 -19.45 37.37 51.92
C SER B 21 -20.87 36.89 52.14
N CYS B 22 -21.44 36.27 51.12
CA CYS B 22 -22.82 35.84 51.10
C CYS B 22 -22.88 34.32 50.99
N ARG B 23 -23.49 33.69 51.98
CA ARG B 23 -23.65 32.24 51.99
C ARG B 23 -25.02 31.93 51.40
N ALA B 24 -25.12 30.80 50.70
CA ALA B 24 -26.39 30.41 50.08
C ALA B 24 -26.65 28.93 50.27
N SER B 25 -27.95 28.60 50.35
CA SER B 25 -28.36 27.21 50.47
C SER B 25 -29.77 27.06 49.92
N GLY B 26 -30.15 25.80 49.71
CA GLY B 26 -31.46 25.43 49.23
C GLY B 26 -31.53 25.17 47.74
N TYR B 27 -30.43 25.34 47.02
CA TYR B 27 -30.36 25.14 45.57
C TYR B 27 -28.91 24.83 45.25
N THR B 28 -28.66 24.37 44.03
CA THR B 28 -27.28 24.13 43.62
C THR B 28 -26.68 25.49 43.28
N PHE B 29 -25.66 25.90 44.05
CA PHE B 29 -25.06 27.21 43.88
C PHE B 29 -24.45 27.38 42.50
N SER B 30 -23.69 26.37 42.06
CA SER B 30 -23.00 26.41 40.77
C SER B 30 -23.92 26.42 39.56
N SER B 31 -25.23 26.23 39.72
CA SER B 31 -26.15 26.24 38.59
C SER B 31 -26.73 27.61 38.26
N PHE B 32 -26.54 28.62 39.10
CA PHE B 32 -27.13 29.94 38.90
C PHE B 32 -26.06 31.03 38.87
N ALA B 33 -26.32 32.05 38.05
CA ALA B 33 -25.52 33.26 38.08
C ALA B 33 -25.92 34.06 39.30
N MET B 34 -24.99 34.89 39.80
CA MET B 34 -25.26 35.71 40.98
C MET B 34 -25.00 37.17 40.69
N SER B 35 -25.76 38.03 41.36
CA SER B 35 -25.63 39.48 41.23
C SER B 35 -25.61 40.14 42.59
N TRP B 36 -25.07 41.35 42.64
CA TRP B 36 -25.22 42.24 43.80
C TRP B 36 -26.01 43.44 43.32
N VAL B 37 -27.03 43.81 44.11
CA VAL B 37 -27.92 44.93 43.85
C VAL B 37 -27.89 45.87 45.05
N ARG B 38 -27.76 47.17 44.80
CA ARG B 38 -27.58 48.16 45.85
C ARG B 38 -28.79 49.06 45.99
N GLN B 39 -29.17 49.36 47.23
CA GLN B 39 -30.27 50.26 47.57
C GLN B 39 -29.86 51.29 48.61
N ALA B 40 -29.78 52.57 48.21
CA ALA B 40 -29.43 53.60 49.17
C ALA B 40 -30.58 53.72 50.18
N PRO B 41 -30.30 54.16 51.43
CA PRO B 41 -31.38 54.23 52.43
C PRO B 41 -32.66 54.96 52.01
N GLY B 42 -32.57 56.01 51.19
CA GLY B 42 -33.74 56.75 50.74
C GLY B 42 -34.11 56.59 49.29
N LYS B 43 -33.52 55.65 48.56
CA LYS B 43 -33.69 55.47 47.13
C LYS B 43 -34.25 54.09 46.84
N GLY B 44 -34.39 53.79 45.56
CA GLY B 44 -34.83 52.49 45.10
C GLY B 44 -33.58 51.66 44.91
N LEU B 45 -33.67 50.65 44.04
CA LEU B 45 -32.55 49.73 43.89
C LEU B 45 -31.90 49.92 42.53
N GLU B 46 -30.61 49.62 42.48
CA GLU B 46 -29.86 49.60 41.23
C GLU B 46 -28.96 48.39 41.21
N TRP B 47 -28.72 47.86 40.02
CA TRP B 47 -27.80 46.75 39.87
C TRP B 47 -26.38 47.26 40.01
N VAL B 48 -25.53 46.50 40.69
CA VAL B 48 -24.12 46.83 40.86
C VAL B 48 -23.21 45.87 40.09
N SER B 49 -23.40 44.56 40.26
CA SER B 49 -22.48 43.64 39.60
C SER B 49 -23.14 42.31 39.33
N LEU B 50 -22.55 41.60 38.36
CA LEU B 50 -23.03 40.29 37.94
C LEU B 50 -21.85 39.34 37.72
N ILE B 51 -21.98 38.11 38.22
CA ILE B 51 -20.99 37.06 38.03
C ILE B 51 -21.72 35.86 37.44
N ASN B 52 -21.02 35.13 36.57
CA ASN B 52 -21.57 33.97 35.90
C ASN B 52 -21.70 32.80 36.88
N ASP B 53 -22.22 31.68 36.39
CA ASP B 53 -22.40 30.51 37.24
C ASP B 53 -21.06 29.87 37.57
N ARG B 54 -20.12 29.90 36.64
CA ARG B 54 -18.79 29.34 36.83
C ARG B 54 -17.83 30.30 37.50
N GLY B 55 -18.11 31.61 37.45
CA GLY B 55 -17.24 32.62 38.02
C GLY B 55 -16.24 33.22 37.06
N GLY B 56 -16.11 32.67 35.85
CA GLY B 56 -15.14 33.17 34.90
C GLY B 56 -15.42 34.58 34.40
N LEU B 57 -16.69 34.96 34.28
CA LEU B 57 -17.08 36.26 33.75
C LEU B 57 -17.68 37.14 34.84
N THR B 58 -17.26 38.40 34.86
CA THR B 58 -17.77 39.39 35.78
C THR B 58 -18.14 40.64 34.99
N PHE B 59 -19.20 41.31 35.42
CA PHE B 59 -19.66 42.55 34.79
C PHE B 59 -19.95 43.55 35.91
N TYR B 60 -19.69 44.83 35.62
CA TYR B 60 -19.87 45.89 36.59
C TYR B 60 -20.50 47.13 35.95
N VAL B 61 -21.13 47.95 36.79
CA VAL B 61 -21.62 49.25 36.35
C VAL B 61 -20.41 50.16 36.18
N ASP B 62 -20.42 50.98 35.11
CA ASP B 62 -19.26 51.82 34.78
C ASP B 62 -18.74 52.59 35.98
N SER B 63 -19.64 53.10 36.83
CA SER B 63 -19.24 53.88 37.99
C SER B 63 -18.46 53.08 39.04
N VAL B 64 -18.52 51.73 38.99
CA VAL B 64 -17.84 50.88 39.95
C VAL B 64 -16.79 49.97 39.32
N LYS B 65 -16.51 50.11 38.02
CA LYS B 65 -15.58 49.17 37.38
C LYS B 65 -14.20 49.17 38.02
N GLY B 66 -13.73 50.31 38.50
CA GLY B 66 -12.42 50.38 39.11
C GLY B 66 -12.38 50.20 40.61
N ARG B 67 -13.53 49.93 41.26
CA ARG B 67 -13.60 49.82 42.71
C ARG B 67 -14.07 48.46 43.22
N PHE B 68 -14.95 47.77 42.51
CA PHE B 68 -15.55 46.53 42.99
C PHE B 68 -15.06 45.32 42.21
N THR B 69 -14.82 44.23 42.94
CA THR B 69 -14.45 42.93 42.40
C THR B 69 -15.46 41.92 42.93
N ILE B 70 -16.05 41.13 42.04
CA ILE B 70 -17.04 40.11 42.42
C ILE B 70 -16.41 38.75 42.15
N SER B 71 -16.57 37.83 43.10
CA SER B 71 -16.00 36.49 42.95
C SER B 71 -16.90 35.50 43.65
N ARG B 72 -16.75 34.22 43.28
CA ARG B 72 -17.60 33.16 43.77
C ARG B 72 -16.78 31.89 43.91
N ASP B 73 -17.01 31.16 45.00
CA ASP B 73 -16.37 29.89 45.26
C ASP B 73 -17.49 28.87 45.29
N ASN B 74 -17.55 28.03 44.26
CA ASN B 74 -18.64 27.09 44.09
C ASN B 74 -18.50 25.86 44.96
N SER B 75 -17.34 25.66 45.60
CA SER B 75 -17.16 24.52 46.48
C SER B 75 -17.62 24.86 47.89
N LYS B 76 -17.53 26.14 48.24
CA LYS B 76 -17.92 26.66 49.53
C LYS B 76 -19.32 27.26 49.52
N ASN B 77 -19.99 27.23 48.36
CA ASN B 77 -21.31 27.85 48.20
C ASN B 77 -21.28 29.30 48.69
N THR B 78 -20.22 30.02 48.31
CA THR B 78 -20.03 31.38 48.80
C THR B 78 -19.83 32.36 47.64
N LEU B 79 -20.55 33.48 47.72
CA LEU B 79 -20.43 34.59 46.78
C LEU B 79 -19.86 35.78 47.56
N SER B 80 -18.72 36.31 47.16
CA SER B 80 -18.20 37.48 47.86
C SER B 80 -17.97 38.64 46.90
N LEU B 81 -17.97 39.83 47.51
CA LEU B 81 -17.74 41.09 46.83
C LEU B 81 -16.71 41.87 47.63
N GLN B 82 -15.76 42.51 46.95
CA GLN B 82 -14.74 43.31 47.63
C GLN B 82 -14.77 44.67 46.97
N MET B 83 -14.82 45.72 47.77
CA MET B 83 -14.84 47.08 47.26
C MET B 83 -13.76 47.92 47.91
N HIS B 84 -13.13 48.76 47.09
CA HIS B 84 -12.05 49.65 47.48
C HIS B 84 -12.40 51.10 47.14
N SER B 85 -11.79 52.03 47.88
CA SER B 85 -12.02 53.46 47.68
C SER B 85 -13.46 53.91 47.94
N LEU B 86 -14.16 53.23 48.87
CA LEU B 86 -15.51 53.56 49.30
C LEU B 86 -15.86 55.04 49.31
N ARG B 87 -16.68 55.47 48.36
CA ARG B 87 -17.01 56.88 48.21
C ARG B 87 -18.29 57.14 49.02
N ASP B 88 -18.62 58.42 49.21
CA ASP B 88 -19.80 58.73 50.02
C ASP B 88 -21.08 58.29 49.33
N GLY B 89 -21.07 58.27 47.99
CA GLY B 89 -22.21 57.84 47.20
C GLY B 89 -22.45 56.34 47.20
N ASP B 90 -21.55 55.56 47.81
CA ASP B 90 -21.68 54.11 47.86
C ASP B 90 -22.31 53.58 49.14
N THR B 91 -22.77 54.44 50.05
CA THR B 91 -23.38 53.94 51.28
C THR B 91 -24.76 53.42 50.91
N ALA B 92 -25.05 52.18 51.30
CA ALA B 92 -26.31 51.53 50.91
C ALA B 92 -26.41 50.14 51.52
N VAL B 93 -27.60 49.55 51.37
CA VAL B 93 -27.80 48.13 51.63
C VAL B 93 -27.45 47.37 50.35
N TYR B 94 -26.60 46.35 50.47
CA TYR B 94 -26.16 45.51 49.36
C TYR B 94 -26.82 44.14 49.47
N TYR B 95 -27.67 43.80 48.50
CA TYR B 95 -28.42 42.56 48.48
C TYR B 95 -27.79 41.55 47.53
N CYS B 96 -27.70 40.30 47.98
CA CYS B 96 -27.32 39.20 47.11
C CYS B 96 -28.54 38.86 46.29
N ALA B 97 -28.33 38.51 45.03
CA ALA B 97 -29.44 38.02 44.25
C ALA B 97 -29.00 36.86 43.39
N THR B 98 -29.89 35.88 43.28
CA THR B 98 -29.66 34.71 42.44
C THR B 98 -30.47 34.94 41.19
N GLY B 99 -29.80 34.86 40.05
CA GLY B 99 -30.35 35.10 38.73
C GLY B 99 -29.66 36.28 38.08
N GLY B 100 -30.20 36.70 36.94
CA GLY B 100 -29.62 37.73 36.12
C GLY B 100 -28.84 37.25 34.90
N MET B 101 -28.54 35.96 34.81
CA MET B 101 -27.81 35.48 33.65
C MET B 101 -27.91 33.96 33.62
N SER B 102 -27.64 33.39 32.45
CA SER B 102 -27.54 31.95 32.31
C SER B 102 -26.49 31.66 31.24
N SER B 103 -25.90 30.45 31.32
CA SER B 103 -24.77 30.09 30.48
C SER B 103 -25.16 29.38 29.17
N ALA B 104 -25.94 30.07 28.35
CA ALA B 104 -26.24 29.65 26.97
C ALA B 104 -27.03 28.36 26.80
N LEU B 105 -26.77 27.32 27.60
CA LEU B 105 -27.43 26.03 27.47
C LEU B 105 -28.65 25.92 28.37
N GLN B 106 -28.97 26.98 29.09
CA GLN B 106 -30.07 27.12 30.03
C GLN B 106 -31.05 28.15 29.49
N SER B 107 -32.28 28.11 29.98
CA SER B 107 -33.26 29.12 29.56
C SER B 107 -32.79 30.49 30.02
N SER B 108 -33.25 31.52 29.31
CA SER B 108 -32.87 32.89 29.64
C SER B 108 -33.38 33.28 31.02
N LYS B 109 -32.57 34.07 31.73
CA LYS B 109 -32.98 34.66 32.98
C LYS B 109 -33.16 36.14 32.75
N TYR B 110 -32.13 36.96 32.94
CA TYR B 110 -32.20 38.42 32.81
C TYR B 110 -33.15 39.00 33.85
N TYR B 111 -33.29 38.30 34.97
CA TYR B 111 -34.06 38.71 36.12
C TYR B 111 -33.45 38.01 37.32
N PHE B 112 -33.82 38.46 38.52
CA PHE B 112 -33.30 37.90 39.76
C PHE B 112 -34.35 36.99 40.39
N ASP B 113 -33.96 35.72 40.66
CA ASP B 113 -34.88 34.75 41.22
C ASP B 113 -34.99 34.80 42.74
N PHE B 114 -33.87 34.98 43.43
CA PHE B 114 -33.85 34.92 44.89
C PHE B 114 -33.11 36.11 45.45
N TRP B 115 -33.52 36.57 46.64
CA TRP B 115 -32.88 37.68 47.31
C TRP B 115 -32.49 37.32 48.75
N GLY B 116 -31.41 37.95 49.20
CA GLY B 116 -30.95 37.85 50.57
C GLY B 116 -31.62 38.94 51.37
N GLN B 117 -31.08 39.21 52.56
CA GLN B 117 -31.67 40.21 53.44
C GLN B 117 -30.96 41.55 53.36
N GLY B 118 -29.67 41.54 52.99
CA GLY B 118 -28.88 42.74 52.75
C GLY B 118 -27.91 43.17 53.82
N ALA B 119 -26.67 43.45 53.43
CA ALA B 119 -25.66 43.96 54.35
C ALA B 119 -25.71 45.47 54.25
N LEU B 120 -25.53 46.18 55.36
CA LEU B 120 -25.51 47.64 55.31
C LEU B 120 -24.07 48.15 55.34
N VAL B 121 -23.66 48.81 54.26
CA VAL B 121 -22.32 49.39 54.11
C VAL B 121 -22.49 50.89 54.24
N THR B 122 -21.84 51.49 55.22
CA THR B 122 -21.94 52.93 55.45
C THR B 122 -20.55 53.54 55.54
N VAL B 123 -20.51 54.87 55.51
CA VAL B 123 -19.27 55.63 55.48
C VAL B 123 -19.50 56.91 56.28
N ALA C 1 -32.11 55.61 34.26
CA ALA C 1 -33.16 55.02 35.09
C ALA C 1 -34.51 55.09 34.40
N LEU C 2 -35.43 54.23 34.81
CA LEU C 2 -36.79 54.21 34.29
C LEU C 2 -37.66 55.10 35.16
N THR C 3 -38.66 55.74 34.54
CA THR C 3 -39.54 56.68 35.22
C THR C 3 -40.96 56.11 35.35
N GLN C 4 -41.46 56.08 36.58
CA GLN C 4 -42.80 55.66 36.94
C GLN C 4 -43.33 56.70 37.93
N PRO C 5 -44.65 56.85 38.05
CA PRO C 5 -45.19 57.79 39.06
C PRO C 5 -44.71 57.44 40.45
N PRO C 6 -44.40 58.44 41.30
CA PRO C 6 -43.92 58.12 42.66
C PRO C 6 -44.97 57.52 43.58
N SER C 7 -46.25 57.63 43.26
CA SER C 7 -47.28 57.11 44.17
C SER C 7 -48.49 56.61 43.40
N VAL C 8 -48.98 55.44 43.82
CA VAL C 8 -50.13 54.76 43.26
C VAL C 8 -51.03 54.38 44.44
N SER C 9 -52.34 54.47 44.23
CA SER C 9 -53.27 54.12 45.31
C SER C 9 -54.61 53.69 44.72
N GLY C 10 -55.46 53.17 45.59
CA GLY C 10 -56.80 52.78 45.21
C GLY C 10 -57.50 52.10 46.36
N SER C 11 -58.80 51.93 46.20
CA SER C 11 -59.60 51.28 47.23
C SER C 11 -59.32 49.78 47.26
N PRO C 12 -59.33 49.13 48.44
CA PRO C 12 -59.21 47.67 48.47
C PRO C 12 -60.28 47.00 47.63
N GLY C 13 -59.86 45.96 46.90
CA GLY C 13 -60.75 45.21 46.03
C GLY C 13 -60.78 45.69 44.60
N GLN C 14 -60.23 46.87 44.32
CA GLN C 14 -60.20 47.45 42.99
C GLN C 14 -58.83 47.18 42.37
N SER C 15 -58.76 47.30 41.05
CA SER C 15 -57.47 47.14 40.39
C SER C 15 -56.73 48.46 40.33
N VAL C 16 -55.40 48.37 40.24
CA VAL C 16 -54.52 49.51 40.01
C VAL C 16 -53.56 49.18 38.89
N THR C 17 -53.05 50.23 38.25
CA THR C 17 -52.04 50.09 37.19
C THR C 17 -50.78 50.85 37.61
N ILE C 18 -49.65 50.16 37.54
CA ILE C 18 -48.32 50.70 37.80
C ILE C 18 -47.55 50.59 36.49
N SER C 19 -46.92 51.66 36.03
CA SER C 19 -46.18 51.54 34.79
C SER C 19 -44.93 52.41 34.81
N CYS C 20 -43.94 51.98 34.02
CA CYS C 20 -42.68 52.71 33.87
C CYS C 20 -42.35 52.79 32.39
N THR C 21 -41.83 53.94 31.97
CA THR C 21 -41.45 54.19 30.59
C THR C 21 -39.95 54.36 30.48
N GLY C 22 -39.36 53.65 29.52
CA GLY C 22 -37.93 53.71 29.25
C GLY C 22 -37.71 54.14 27.81
N THR C 23 -36.56 53.82 27.24
CA THR C 23 -36.24 54.16 25.85
C THR C 23 -36.22 52.89 25.00
N SER C 24 -35.92 53.08 23.71
CA SER C 24 -35.93 51.97 22.77
C SER C 24 -34.85 50.95 23.05
N SER C 25 -33.75 51.36 23.68
CA SER C 25 -32.66 50.45 24.01
C SER C 25 -32.84 49.71 25.33
N ASP C 26 -33.89 50.02 26.10
CA ASP C 26 -34.09 49.42 27.41
C ASP C 26 -35.29 48.49 27.45
N ILE C 27 -36.48 49.01 27.17
CA ILE C 27 -37.71 48.25 27.25
C ILE C 27 -38.21 47.83 25.87
N GLY C 28 -38.09 48.72 24.89
CA GLY C 28 -38.57 48.46 23.55
C GLY C 28 -37.98 47.25 22.84
N SER C 29 -36.65 47.25 22.68
CA SER C 29 -35.96 46.18 21.97
C SER C 29 -35.84 44.87 22.74
N TYR C 30 -35.89 44.87 24.08
CA TYR C 30 -35.74 43.65 24.87
C TYR C 30 -37.01 43.34 25.64
N ASN C 31 -37.53 42.12 25.46
CA ASN C 31 -38.72 41.66 26.17
C ASN C 31 -38.33 41.03 27.51
N TYR C 32 -37.60 41.79 28.34
CA TYR C 32 -37.17 41.32 29.67
C TYR C 32 -37.39 42.40 30.72
N VAL C 33 -38.63 42.73 31.04
CA VAL C 33 -38.92 43.75 32.05
C VAL C 33 -39.61 43.09 33.23
N SER C 34 -38.85 42.81 34.28
CA SER C 34 -39.35 42.15 35.47
C SER C 34 -39.91 43.19 36.43
N TRP C 35 -40.71 42.72 37.40
CA TRP C 35 -41.24 43.59 38.46
C TRP C 35 -40.98 42.96 39.83
N TYR C 36 -40.64 43.82 40.80
CA TYR C 36 -40.36 43.43 42.18
C TYR C 36 -41.21 44.21 43.17
N GLN C 37 -41.59 43.51 44.25
CA GLN C 37 -42.39 44.06 45.35
C GLN C 37 -41.54 44.05 46.61
N GLN C 38 -41.29 45.23 47.18
CA GLN C 38 -40.44 45.39 48.36
C GLN C 38 -41.25 45.96 49.52
N HIS C 39 -41.37 45.19 50.59
CA HIS C 39 -42.04 45.68 51.78
C HIS C 39 -41.02 46.48 52.60
N PRO C 40 -41.43 47.56 53.28
CA PRO C 40 -40.43 48.31 54.08
C PRO C 40 -39.74 47.39 55.08
N GLY C 41 -38.42 47.49 55.12
CA GLY C 41 -37.62 46.70 56.02
C GLY C 41 -37.30 45.31 55.50
N LYS C 42 -37.82 44.93 54.34
CA LYS C 42 -37.62 43.62 53.75
C LYS C 42 -36.96 43.73 52.39
N ALA C 43 -36.32 42.64 51.99
CA ALA C 43 -35.72 42.56 50.66
C ALA C 43 -36.81 42.44 49.59
N PRO C 44 -36.57 42.94 48.37
CA PRO C 44 -37.57 42.77 47.31
C PRO C 44 -37.79 41.31 46.98
N LYS C 45 -39.02 40.99 46.62
CA LYS C 45 -39.39 39.66 46.13
C LYS C 45 -39.69 39.76 44.64
N LEU C 46 -39.43 38.68 43.91
CA LEU C 46 -39.77 38.66 42.50
C LEU C 46 -41.27 38.47 42.34
N MET C 47 -41.90 39.35 41.58
CA MET C 47 -43.32 39.29 41.29
C MET C 47 -43.61 38.92 39.85
N ILE C 48 -42.86 39.49 38.91
CA ILE C 48 -43.04 39.22 37.49
C ILE C 48 -41.66 39.06 36.87
N TYR C 49 -41.50 38.08 35.98
CA TYR C 49 -40.26 37.91 35.23
C TYR C 49 -40.68 37.82 33.78
N ASP C 50 -39.78 38.22 32.88
CA ASP C 50 -40.10 38.33 31.45
C ASP C 50 -41.18 39.42 31.35
N VAL C 51 -41.73 39.68 30.17
CA VAL C 51 -42.74 40.73 30.13
C VAL C 51 -44.02 40.29 30.82
N THR C 52 -44.50 39.06 30.55
CA THR C 52 -45.79 38.61 31.03
C THR C 52 -45.77 37.43 32.01
N GLN C 53 -44.62 36.86 32.35
CA GLN C 53 -44.63 35.64 33.14
C GLN C 53 -44.51 35.92 34.64
N ARG C 54 -45.15 35.05 35.43
CA ARG C 54 -45.18 35.10 36.89
C ARG C 54 -44.38 33.96 37.50
N PRO C 55 -43.64 34.18 38.59
CA PRO C 55 -42.96 33.05 39.25
C PRO C 55 -43.92 32.24 40.10
N SER C 56 -43.51 31.01 40.41
CA SER C 56 -44.29 30.17 41.31
C SER C 56 -44.37 30.83 42.68
N GLY C 57 -45.54 30.73 43.32
CA GLY C 57 -45.75 31.27 44.65
C GLY C 57 -46.44 32.62 44.66
N VAL C 58 -46.52 33.29 43.51
CA VAL C 58 -47.17 34.59 43.37
C VAL C 58 -48.57 34.35 42.80
N SER C 59 -49.55 35.01 43.40
CA SER C 59 -50.94 34.88 42.99
C SER C 59 -51.16 35.53 41.63
N ASP C 60 -52.28 35.18 41.00
CA ASP C 60 -52.58 35.62 39.65
C ASP C 60 -53.21 37.01 39.59
N ARG C 61 -53.22 37.73 40.71
CA ARG C 61 -53.69 39.11 40.73
C ARG C 61 -52.66 40.07 40.12
N PHE C 62 -51.41 39.64 40.01
CA PHE C 62 -50.31 40.43 39.46
C PHE C 62 -50.09 40.00 38.03
N SER C 63 -50.28 40.92 37.08
CA SER C 63 -50.17 40.60 35.66
C SER C 63 -49.42 41.68 34.91
N GLY C 64 -48.38 41.29 34.16
CA GLY C 64 -47.57 42.24 33.43
C GLY C 64 -48.02 42.42 31.99
N SER C 65 -47.59 43.53 31.39
CA SER C 65 -47.82 43.79 29.98
C SER C 65 -46.80 44.82 29.50
N LYS C 66 -46.67 44.92 28.18
CA LYS C 66 -45.78 45.92 27.58
C LYS C 66 -46.39 46.45 26.29
N SER C 67 -46.23 47.74 26.06
CA SER C 67 -46.64 48.36 24.81
C SER C 67 -45.64 49.47 24.48
N GLY C 68 -45.10 49.42 23.26
CA GLY C 68 -44.12 50.41 22.87
C GLY C 68 -42.92 50.29 23.80
N ASN C 69 -42.55 51.41 24.42
CA ASN C 69 -41.43 51.47 25.33
C ASN C 69 -41.90 51.59 26.79
N THR C 70 -43.19 51.30 27.05
CA THR C 70 -43.75 51.39 28.39
C THR C 70 -44.18 50.02 28.87
N ALA C 71 -43.73 49.67 30.07
CA ALA C 71 -44.07 48.40 30.71
C ALA C 71 -45.09 48.70 31.81
N SER C 72 -46.06 47.80 32.00
CA SER C 72 -47.07 47.97 33.02
C SER C 72 -47.26 46.70 33.83
N LEU C 73 -47.71 46.90 35.07
CA LEU C 73 -48.11 45.87 36.00
C LEU C 73 -49.52 46.21 36.48
N THR C 74 -50.46 45.29 36.29
CA THR C 74 -51.83 45.48 36.74
C THR C 74 -51.98 44.61 37.98
N ILE C 75 -52.46 45.21 39.06
CA ILE C 75 -52.71 44.51 40.31
C ILE C 75 -54.21 44.56 40.57
N SER C 76 -54.89 43.43 40.37
CA SER C 76 -56.33 43.37 40.57
C SER C 76 -56.58 42.95 42.02
N GLY C 77 -57.79 43.20 42.50
CA GLY C 77 -58.17 42.67 43.81
C GLY C 77 -57.30 43.21 44.92
N LEU C 78 -56.95 44.49 44.87
CA LEU C 78 -56.01 45.11 45.80
C LEU C 78 -56.31 44.76 47.26
N GLN C 79 -55.29 44.30 47.95
CA GLN C 79 -55.34 43.92 49.36
C GLN C 79 -54.53 44.89 50.20
N ALA C 80 -54.83 44.93 51.50
CA ALA C 80 -54.03 45.72 52.42
C ALA C 80 -52.58 45.23 52.46
N ASP C 81 -52.35 43.94 52.20
CA ASP C 81 -51.01 43.35 52.22
C ASP C 81 -50.19 43.69 50.99
N ASP C 82 -50.76 44.40 50.01
CA ASP C 82 -50.07 44.79 48.80
C ASP C 82 -49.44 46.17 48.88
N GLU C 83 -49.55 46.86 50.01
CA GLU C 83 -49.01 48.22 50.13
C GLU C 83 -47.51 48.11 50.34
N ALA C 84 -46.79 48.10 49.22
CA ALA C 84 -45.35 47.88 49.17
C ALA C 84 -44.79 48.73 48.04
N ASP C 85 -43.47 48.92 48.07
CA ASP C 85 -42.80 49.68 47.01
C ASP C 85 -42.51 48.77 45.83
N TYR C 86 -43.02 49.15 44.65
CA TYR C 86 -42.85 48.35 43.44
C TYR C 86 -41.80 48.96 42.52
N TYR C 87 -40.98 48.10 41.92
CA TYR C 87 -39.93 48.51 41.00
C TYR C 87 -40.01 47.67 39.73
N CYS C 88 -39.66 48.30 38.60
CA CYS C 88 -39.48 47.58 37.35
C CYS C 88 -37.98 47.49 37.08
N SER C 89 -37.57 46.42 36.41
CA SER C 89 -36.16 46.25 36.03
C SER C 89 -36.08 45.73 34.61
N ALA C 90 -35.43 46.50 33.74
CA ALA C 90 -35.32 46.14 32.34
C ALA C 90 -33.87 45.78 31.98
N TYR C 91 -33.72 44.73 31.17
CA TYR C 91 -32.43 44.40 30.60
C TYR C 91 -32.13 45.41 29.50
N ALA C 92 -30.92 45.99 29.51
CA ALA C 92 -30.58 47.05 28.56
C ALA C 92 -29.31 46.76 27.76
N GLY C 93 -29.03 45.49 27.47
CA GLY C 93 -27.88 45.14 26.65
C GLY C 93 -26.67 44.70 27.43
N ARG C 94 -25.55 44.59 26.69
CA ARG C 94 -24.33 44.05 27.26
C ARG C 94 -23.52 45.11 28.01
N GLN C 95 -23.61 46.38 27.62
CA GLN C 95 -22.83 47.41 28.30
C GLN C 95 -23.51 47.86 29.59
N THR C 96 -24.83 47.96 29.54
CA THR C 96 -25.67 48.35 30.68
C THR C 96 -26.59 47.16 30.89
N PHE C 97 -26.29 46.31 31.87
CA PHE C 97 -27.04 45.07 32.01
C PHE C 97 -28.46 45.31 32.50
N TYR C 98 -28.64 45.99 33.64
CA TYR C 98 -29.98 46.22 34.16
C TYR C 98 -30.17 47.67 34.52
N ILE C 99 -31.37 48.18 34.23
CA ILE C 99 -31.79 49.51 34.61
C ILE C 99 -33.03 49.35 35.47
N PHE C 100 -33.00 49.88 36.68
CA PHE C 100 -34.14 49.87 37.57
C PHE C 100 -34.81 51.24 37.53
N GLY C 101 -36.12 51.24 37.73
CA GLY C 101 -36.86 52.48 37.87
C GLY C 101 -36.87 52.95 39.31
N GLY C 102 -37.47 54.13 39.51
CA GLY C 102 -37.65 54.62 40.85
C GLY C 102 -38.79 53.83 41.45
N GLY C 103 -39.02 53.97 42.76
CA GLY C 103 -40.11 53.21 43.34
C GLY C 103 -41.41 53.98 43.37
N THR C 104 -42.51 53.21 43.44
CA THR C 104 -43.86 53.72 43.62
C THR C 104 -44.40 53.10 44.89
N ARG C 105 -44.98 53.91 45.77
CA ARG C 105 -45.52 53.41 47.03
C ARG C 105 -47.01 53.15 46.87
N LEU C 106 -47.41 51.90 47.09
CA LEU C 106 -48.82 51.49 47.00
C LEU C 106 -49.40 51.32 48.40
N GLY D 10 -12.43 10.43 30.53
CA GLY D 10 -11.91 9.46 29.59
C GLY D 10 -12.68 9.43 28.28
N PHE D 11 -12.07 8.83 27.26
CA PHE D 11 -12.67 8.77 25.93
C PHE D 11 -14.05 8.12 25.97
N LEU D 12 -15.03 8.87 25.48
CA LEU D 12 -16.45 8.51 25.45
C LEU D 12 -17.06 8.31 26.83
N GLY D 13 -16.37 8.72 27.91
CA GLY D 13 -16.94 8.49 29.23
C GLY D 13 -18.20 9.29 29.48
N ALA D 14 -18.39 10.36 28.73
CA ALA D 14 -19.57 11.23 28.83
C ALA D 14 -20.71 10.76 27.95
N ALA D 15 -20.54 9.64 27.23
CA ALA D 15 -21.57 9.19 26.28
C ALA D 15 -22.91 8.98 26.96
N GLY D 16 -22.93 8.54 28.21
CA GLY D 16 -24.19 8.35 28.91
C GLY D 16 -24.60 9.55 29.74
N SER D 17 -23.80 10.61 29.73
CA SER D 17 -24.06 11.80 30.52
C SER D 17 -24.95 12.74 29.72
N THR D 18 -25.39 13.81 30.37
CA THR D 18 -26.28 14.73 29.70
C THR D 18 -25.47 15.52 28.66
N MET D 19 -26.18 16.14 27.72
CA MET D 19 -25.48 16.92 26.70
C MET D 19 -24.65 18.04 27.33
N GLY D 20 -25.19 18.67 28.37
CA GLY D 20 -24.44 19.73 29.03
C GLY D 20 -23.14 19.21 29.62
N ALA D 21 -23.23 18.14 30.42
CA ALA D 21 -22.04 17.57 31.05
C ALA D 21 -21.05 17.07 30.01
N ALA D 22 -21.56 16.49 28.93
CA ALA D 22 -20.69 15.96 27.88
C ALA D 22 -20.03 17.04 27.05
N SER D 23 -20.61 18.24 27.00
CA SER D 23 -20.02 19.32 26.22
C SER D 23 -18.71 19.82 26.81
N MET D 24 -18.39 19.45 28.05
CA MET D 24 -17.16 19.88 28.70
C MET D 24 -15.98 18.94 28.46
N THR D 25 -16.17 17.85 27.73
CA THR D 25 -15.13 16.85 27.47
C THR D 25 -14.81 16.73 25.98
N LEU D 26 -15.12 17.75 25.18
CA LEU D 26 -14.98 17.66 23.74
C LEU D 26 -13.53 17.41 23.32
N THR D 27 -12.55 17.90 24.08
CA THR D 27 -11.17 17.71 23.66
C THR D 27 -10.70 16.28 23.83
N VAL D 28 -11.36 15.50 24.68
CA VAL D 28 -10.92 14.13 24.89
C VAL D 28 -11.20 13.31 23.64
N GLN D 29 -12.40 13.49 23.08
CA GLN D 29 -12.73 12.76 21.88
C GLN D 29 -12.01 13.38 20.70
N ALA D 30 -11.89 14.71 20.66
CA ALA D 30 -11.20 15.32 19.53
C ALA D 30 -9.77 14.79 19.42
N ARG D 31 -9.09 14.64 20.56
CA ARG D 31 -7.72 14.11 20.55
C ARG D 31 -7.71 12.64 20.14
N ASN D 32 -8.68 11.87 20.61
CA ASN D 32 -8.74 10.43 20.30
C ASN D 32 -9.17 10.13 18.87
N LEU D 33 -9.82 11.06 18.17
CA LEU D 33 -10.22 10.78 16.79
C LEU D 33 -9.04 10.57 15.87
N LEU D 34 -7.95 11.28 16.09
CA LEU D 34 -6.79 11.21 15.19
C LEU D 34 -5.69 10.29 15.70
N SER D 35 -5.44 10.31 17.02
CA SER D 35 -4.41 9.53 17.76
C SER D 35 -3.59 8.50 16.98
N GLY D 61 -1.25 -4.89 5.49
CA GLY D 61 -0.57 -3.91 4.68
C GLY D 61 -1.51 -2.98 3.96
N ILE D 62 -2.09 -3.46 2.86
CA ILE D 62 -2.98 -2.63 2.07
C ILE D 62 -4.24 -2.30 2.86
N LYS D 63 -4.80 -3.29 3.57
CA LYS D 63 -6.04 -3.05 4.31
C LYS D 63 -5.84 -2.01 5.41
N GLN D 64 -4.70 -2.05 6.09
CA GLN D 64 -4.46 -1.08 7.15
C GLN D 64 -4.14 0.29 6.58
N LEU D 65 -3.44 0.35 5.45
CA LEU D 65 -3.19 1.66 4.85
C LEU D 65 -4.50 2.26 4.35
N GLN D 66 -5.41 1.43 3.82
CA GLN D 66 -6.70 1.96 3.39
C GLN D 66 -7.47 2.48 4.58
N ALA D 67 -7.41 1.76 5.71
CA ALA D 67 -8.12 2.22 6.91
C ALA D 67 -7.54 3.53 7.42
N ARG D 68 -6.22 3.69 7.36
CA ARG D 68 -5.60 4.91 7.88
C ARG D 68 -5.86 6.09 6.94
N VAL D 69 -5.80 5.86 5.63
CA VAL D 69 -6.06 6.93 4.68
C VAL D 69 -7.52 7.35 4.78
N LEU D 70 -8.43 6.39 4.89
CA LEU D 70 -9.84 6.72 5.02
C LEU D 70 -10.11 7.48 6.31
N ALA D 71 -9.48 7.07 7.42
CA ALA D 71 -9.66 7.78 8.68
C ALA D 71 -9.18 9.22 8.55
N VAL D 72 -8.07 9.44 7.86
CA VAL D 72 -7.57 10.79 7.64
C VAL D 72 -8.54 11.57 6.75
N GLU D 73 -9.04 10.95 5.68
CA GLU D 73 -9.98 11.64 4.81
C GLU D 73 -11.25 12.02 5.56
N HIS D 74 -11.73 11.15 6.45
CA HIS D 74 -12.92 11.48 7.23
C HIS D 74 -12.64 12.66 8.16
N TYR D 75 -11.51 12.61 8.86
CA TYR D 75 -11.14 13.69 9.76
C TYR D 75 -11.10 15.01 8.99
N LEU D 76 -10.43 15.00 7.83
CA LEU D 76 -10.31 16.21 7.04
C LEU D 76 -11.66 16.67 6.52
N ARG D 77 -12.56 15.74 6.16
CA ARG D 77 -13.88 16.16 5.73
C ARG D 77 -14.61 16.89 6.85
N ASP D 78 -14.48 16.40 8.08
CA ASP D 78 -15.13 17.08 9.19
C ASP D 78 -14.49 18.44 9.46
N GLN D 79 -13.17 18.54 9.30
CA GLN D 79 -12.52 19.83 9.52
C GLN D 79 -12.85 20.80 8.40
N GLN D 80 -12.96 20.29 7.17
CA GLN D 80 -13.33 21.13 6.04
C GLN D 80 -14.74 21.64 6.23
N LEU D 81 -15.62 20.77 6.70
CA LEU D 81 -17.01 21.15 6.88
C LEU D 81 -17.11 22.23 7.94
N LEU D 82 -16.35 22.10 9.03
CA LEU D 82 -16.33 23.16 10.04
C LEU D 82 -15.79 24.45 9.44
N GLY D 83 -14.75 24.35 8.60
CA GLY D 83 -14.19 25.54 7.97
C GLY D 83 -15.19 26.26 7.07
N ILE D 84 -15.98 25.48 6.33
CA ILE D 84 -17.00 26.04 5.45
C ILE D 84 -18.01 26.84 6.26
N TRP D 85 -18.30 26.38 7.47
CA TRP D 85 -19.21 27.05 8.38
C TRP D 85 -18.56 28.18 9.16
N GLY D 86 -17.26 28.40 9.00
CA GLY D 86 -16.54 29.40 9.77
C GLY D 86 -16.17 28.96 11.16
N CYS D 87 -16.06 27.65 11.39
CA CYS D 87 -15.79 27.06 12.69
C CYS D 87 -14.46 26.30 12.69
N SER D 88 -13.52 26.70 11.83
CA SER D 88 -12.30 25.92 11.62
C SER D 88 -11.46 25.74 12.88
N GLY D 89 -11.46 26.70 13.79
CA GLY D 89 -10.65 26.60 15.00
C GLY D 89 -11.38 26.39 16.31
N LYS D 90 -12.65 26.03 16.29
CA LYS D 90 -13.47 25.96 17.49
C LYS D 90 -14.04 24.56 17.66
N LEU D 91 -14.21 24.17 18.93
CA LEU D 91 -14.94 22.95 19.27
C LEU D 91 -16.39 23.25 19.58
N ILE D 92 -16.67 24.44 20.11
CA ILE D 92 -18.01 24.93 20.38
C ILE D 92 -18.12 26.19 19.53
N CYS D 93 -18.92 26.14 18.47
CA CYS D 93 -19.01 27.23 17.50
C CYS D 93 -20.44 27.70 17.37
N CYS D 94 -20.69 28.95 17.75
CA CYS D 94 -22.02 29.54 17.65
C CYS D 94 -22.20 30.10 16.24
N THR D 95 -23.42 30.01 15.72
CA THR D 95 -23.70 30.44 14.36
C THR D 95 -24.88 31.40 14.32
N ASN D 96 -25.20 31.85 13.11
CA ASN D 96 -26.31 32.75 12.81
C ASN D 96 -27.52 32.04 12.22
N VAL D 97 -27.60 30.72 12.30
CA VAL D 97 -28.74 29.99 11.76
C VAL D 97 -29.75 29.76 12.89
N PRO D 98 -30.98 30.26 12.78
CA PRO D 98 -31.96 30.05 13.85
C PRO D 98 -32.46 28.62 13.89
N TRP D 99 -32.91 28.19 15.06
CA TRP D 99 -33.52 26.87 15.17
C TRP D 99 -34.96 27.00 14.69
N ASN D 100 -35.35 26.12 13.77
CA ASN D 100 -36.67 26.18 13.16
C ASN D 100 -37.78 25.79 14.12
N SER D 101 -37.48 24.90 15.08
CA SER D 101 -38.40 24.32 16.05
C SER D 101 -39.18 23.15 15.43
N SER D 102 -39.17 23.02 14.10
CA SER D 102 -39.77 21.85 13.48
C SER D 102 -38.83 20.67 13.59
N TRP D 103 -37.52 20.97 13.67
CA TRP D 103 -36.50 19.95 13.80
C TRP D 103 -36.63 19.28 15.16
N SER D 104 -36.89 20.09 16.19
CA SER D 104 -37.12 19.62 17.54
C SER D 104 -37.75 20.78 18.30
N ASN D 105 -38.88 20.52 18.97
CA ASN D 105 -39.59 21.54 19.73
C ASN D 105 -39.38 21.36 21.23
N ARG D 106 -38.30 20.72 21.63
CA ARG D 106 -37.97 20.49 23.02
C ARG D 106 -37.41 21.75 23.66
N ASN D 107 -37.55 21.81 24.98
CA ASN D 107 -37.02 22.91 25.77
C ASN D 107 -35.52 22.72 25.96
N LEU D 108 -34.83 23.82 26.30
CA LEU D 108 -33.40 23.70 26.52
C LEU D 108 -33.08 22.77 27.69
N SER D 109 -33.94 22.73 28.71
CA SER D 109 -33.64 21.83 29.81
C SER D 109 -33.84 20.38 29.40
N GLU D 110 -34.81 20.13 28.52
CA GLU D 110 -35.04 18.78 28.01
C GLU D 110 -33.89 18.28 27.17
N ILE D 111 -33.23 19.16 26.43
CA ILE D 111 -32.12 18.78 25.58
C ILE D 111 -30.80 18.73 26.34
N TRP D 112 -30.50 19.76 27.13
CA TRP D 112 -29.19 19.83 27.75
C TRP D 112 -29.11 19.15 29.11
N ASP D 113 -30.19 19.10 29.88
CA ASP D 113 -30.16 18.46 31.19
C ASP D 113 -30.77 17.07 31.22
N ASN D 114 -31.81 16.78 30.44
CA ASN D 114 -32.50 15.50 30.46
C ASN D 114 -32.24 14.63 29.23
N MET D 115 -31.21 14.91 28.44
CA MET D 115 -30.94 14.14 27.24
C MET D 115 -29.45 13.96 27.01
N THR D 116 -29.08 12.84 26.40
CA THR D 116 -27.70 12.53 26.02
C THR D 116 -27.47 12.88 24.55
N TRP D 117 -26.19 12.89 24.15
CA TRP D 117 -25.91 13.20 22.75
C TRP D 117 -26.34 12.08 21.81
N LEU D 118 -26.35 10.82 22.25
CA LEU D 118 -26.80 9.75 21.38
C LEU D 118 -28.29 9.86 21.09
N GLN D 119 -29.08 10.23 22.11
CA GLN D 119 -30.51 10.38 21.91
C GLN D 119 -30.80 11.59 21.04
N TRP D 120 -30.06 12.68 21.27
CA TRP D 120 -30.26 13.87 20.45
C TRP D 120 -29.91 13.58 19.00
N ASP D 121 -28.77 12.92 18.77
CA ASP D 121 -28.37 12.61 17.40
C ASP D 121 -29.42 11.76 16.71
N LYS D 122 -30.00 10.79 17.44
CA LYS D 122 -31.04 9.98 16.83
C LYS D 122 -32.28 10.80 16.50
N GLU D 123 -32.70 11.70 17.39
CA GLU D 123 -33.92 12.47 17.16
C GLU D 123 -33.83 13.38 15.94
N ILE D 124 -32.67 13.98 15.66
CA ILE D 124 -32.52 14.88 14.52
C ILE D 124 -31.69 14.26 13.39
N SER D 125 -31.59 12.94 13.33
CA SER D 125 -30.78 12.35 12.26
C SER D 125 -31.34 12.63 10.87
N ASN D 126 -32.64 12.96 10.77
CA ASN D 126 -33.29 13.26 9.50
C ASN D 126 -33.18 14.72 9.09
N TYR D 127 -32.59 15.58 9.93
CA TYR D 127 -32.50 17.02 9.67
C TYR D 127 -31.09 17.55 9.56
N THR D 128 -30.06 16.71 9.65
CA THR D 128 -28.71 17.26 9.67
C THR D 128 -28.29 17.82 8.32
N GLN D 129 -28.86 17.33 7.21
CA GLN D 129 -28.47 17.87 5.91
C GLN D 129 -29.08 19.25 5.69
N ILE D 130 -30.25 19.49 6.25
CA ILE D 130 -30.90 20.80 6.12
C ILE D 130 -30.09 21.81 6.92
N ILE D 131 -29.71 21.43 8.14
CA ILE D 131 -28.95 22.31 9.00
C ILE D 131 -27.60 22.59 8.37
N TYR D 132 -26.93 21.56 7.83
CA TYR D 132 -25.63 21.79 7.23
C TYR D 132 -25.74 22.72 6.04
N GLY D 133 -26.78 22.57 5.23
CA GLY D 133 -26.96 23.46 4.09
C GLY D 133 -27.18 24.89 4.53
N LEU D 134 -27.98 25.09 5.59
CA LEU D 134 -28.22 26.43 6.08
C LEU D 134 -26.96 27.05 6.64
N LEU D 135 -26.14 26.23 7.33
CA LEU D 135 -24.90 26.74 7.89
C LEU D 135 -23.94 27.17 6.80
N GLU D 136 -23.86 26.40 5.71
CA GLU D 136 -23.00 26.77 4.61
C GLU D 136 -23.48 28.06 3.94
N GLU D 137 -24.79 28.18 3.71
CA GLU D 137 -25.30 29.40 3.08
C GLU D 137 -25.06 30.61 3.98
N SER D 138 -25.29 30.45 5.28
CA SER D 138 -25.11 31.55 6.21
C SER D 138 -23.66 32.00 6.25
N GLN D 139 -22.71 31.07 6.27
CA GLN D 139 -21.32 31.49 6.26
C GLN D 139 -20.96 32.15 4.93
N ASN D 140 -21.51 31.68 3.81
CA ASN D 140 -21.19 32.33 2.55
C ASN D 140 -21.67 33.78 2.57
N GLN D 141 -22.84 34.01 3.16
CA GLN D 141 -23.36 35.38 3.26
C GLN D 141 -22.49 36.20 4.19
N GLN D 142 -22.04 35.59 5.29
CA GLN D 142 -21.16 36.28 6.23
C GLN D 142 -19.85 36.67 5.58
N GLU D 143 -19.27 35.77 4.78
CA GLU D 143 -18.00 36.09 4.12
C GLU D 143 -18.17 37.23 3.13
N LYS D 144 -19.28 37.24 2.40
CA LYS D 144 -19.49 38.36 1.47
C LYS D 144 -19.71 39.66 2.25
N ASN D 145 -20.42 39.60 3.36
CA ASN D 145 -20.64 40.81 4.14
C ASN D 145 -19.35 41.33 4.74
N GLU D 146 -18.47 40.42 5.20
CA GLU D 146 -17.19 40.85 5.76
C GLU D 146 -16.33 41.49 4.69
N GLN D 147 -16.35 40.90 3.48
CA GLN D 147 -15.57 41.46 2.38
C GLN D 147 -16.07 42.86 2.05
N ASP D 148 -17.39 43.05 2.05
CA ASP D 148 -17.92 44.38 1.71
C ASP D 148 -17.67 45.39 2.83
N LEU D 149 -17.70 44.96 4.09
CA LEU D 149 -17.40 45.87 5.19
C LEU D 149 -15.94 46.30 5.17
N LEU D 150 -15.05 45.37 4.82
CA LEU D 150 -13.63 45.69 4.73
C LEU D 150 -13.33 46.62 3.57
N ALA D 151 -14.20 46.65 2.57
CA ALA D 151 -14.05 47.51 1.41
C ALA D 151 -14.45 48.96 1.65
N LEU D 152 -14.96 49.29 2.84
CA LEU D 152 -15.31 50.69 3.13
C LEU D 152 -14.03 51.40 3.59
N ASP D 153 -13.64 52.42 2.84
CA ASP D 153 -12.41 53.15 3.11
C ASP D 153 -12.44 53.81 4.49
N GLN E 1 5.50 -62.18 36.24
CA GLN E 1 5.08 -62.47 34.83
C GLN E 1 3.55 -62.40 34.72
N VAL E 2 3.04 -62.62 33.51
CA VAL E 2 1.62 -62.54 33.25
C VAL E 2 0.96 -63.84 33.69
N GLN E 3 -0.06 -63.75 34.55
CA GLN E 3 -0.75 -64.91 35.05
C GLN E 3 -2.27 -64.70 35.09
N LEU E 4 -2.98 -65.82 34.94
CA LEU E 4 -4.40 -65.95 35.23
C LEU E 4 -4.50 -67.07 36.24
N VAL E 5 -5.09 -66.79 37.39
CA VAL E 5 -5.13 -67.74 38.51
C VAL E 5 -6.56 -68.18 38.77
N GLN E 6 -6.75 -69.50 38.73
CA GLN E 6 -8.01 -70.17 38.98
C GLN E 6 -7.68 -71.30 39.95
N SER E 7 -8.63 -71.71 40.78
CA SER E 7 -8.35 -72.82 41.67
C SER E 7 -9.64 -73.50 42.11
N GLY E 8 -9.48 -74.69 42.67
CA GLY E 8 -10.59 -75.42 43.25
C GLY E 8 -11.40 -76.22 42.23
N ALA E 9 -12.53 -76.69 42.72
CA ALA E 9 -13.47 -77.50 41.94
C ALA E 9 -14.82 -77.35 42.60
N GLU E 10 -15.88 -77.63 41.83
CA GLU E 10 -17.23 -77.53 42.35
C GLU E 10 -18.08 -78.68 41.81
N VAL E 11 -19.08 -79.07 42.60
CA VAL E 11 -20.05 -80.10 42.21
C VAL E 11 -21.43 -79.50 42.43
N LYS E 12 -22.26 -79.53 41.39
CA LYS E 12 -23.60 -78.99 41.40
C LYS E 12 -24.63 -80.03 40.98
N LYS E 13 -25.86 -79.81 41.43
CA LYS E 13 -27.03 -80.58 41.02
C LYS E 13 -27.64 -79.92 39.79
N PRO E 14 -28.32 -80.66 38.90
CA PRO E 14 -28.96 -80.01 37.74
C PRO E 14 -29.89 -78.87 38.13
N GLY E 15 -29.79 -77.76 37.39
CA GLY E 15 -30.59 -76.58 37.64
C GLY E 15 -29.92 -75.54 38.51
N SER E 16 -28.80 -75.86 39.13
CA SER E 16 -28.06 -74.98 40.02
C SER E 16 -27.31 -73.91 39.24
N SER E 17 -26.83 -72.90 39.98
CA SER E 17 -26.04 -71.80 39.45
C SER E 17 -24.65 -71.86 40.04
N VAL E 18 -23.62 -71.71 39.19
CA VAL E 18 -22.22 -71.76 39.65
C VAL E 18 -21.45 -70.55 39.13
N LYS E 19 -20.64 -69.96 40.03
CA LYS E 19 -19.75 -68.84 39.73
C LYS E 19 -18.30 -69.34 39.65
N VAL E 20 -17.64 -69.08 38.51
CA VAL E 20 -16.26 -69.48 38.27
C VAL E 20 -15.42 -68.20 38.17
N SER E 21 -14.42 -68.06 39.05
CA SER E 21 -13.57 -66.88 39.08
C SER E 21 -12.35 -67.03 38.17
N CYS E 22 -11.74 -65.89 37.85
CA CYS E 22 -10.49 -65.82 37.09
C CYS E 22 -9.75 -64.56 37.53
N LYS E 23 -8.71 -64.71 38.36
CA LYS E 23 -7.98 -63.55 38.85
C LYS E 23 -6.83 -63.23 37.91
N ALA E 24 -6.71 -61.96 37.51
CA ALA E 24 -5.68 -61.50 36.59
C ALA E 24 -4.51 -60.89 37.34
N SER E 25 -3.29 -61.14 36.86
CA SER E 25 -2.12 -60.52 37.45
C SER E 25 -1.01 -60.38 36.41
N GLY E 26 -0.18 -59.35 36.59
CA GLY E 26 1.00 -59.14 35.78
C GLY E 26 0.81 -58.33 34.51
N TYR E 27 -0.39 -57.81 34.27
CA TYR E 27 -0.67 -57.02 33.08
C TYR E 27 -1.80 -56.06 33.42
N THR E 28 -1.99 -55.05 32.58
CA THR E 28 -3.09 -54.14 32.82
C THR E 28 -4.40 -54.90 32.63
N PHE E 29 -5.20 -54.96 33.68
CA PHE E 29 -6.43 -55.74 33.65
C PHE E 29 -7.36 -55.30 32.51
N THR E 30 -7.48 -53.99 32.30
CA THR E 30 -8.47 -53.44 31.38
C THR E 30 -8.06 -53.35 29.91
N ASP E 31 -6.89 -53.85 29.50
CA ASP E 31 -6.43 -53.66 28.12
C ASP E 31 -6.42 -54.93 27.28
N HIS E 32 -7.05 -56.01 27.76
CA HIS E 32 -7.19 -57.25 26.99
C HIS E 32 -8.55 -57.85 27.27
N TYR E 33 -9.17 -58.46 26.26
CA TYR E 33 -10.45 -59.10 26.49
C TYR E 33 -10.18 -60.40 27.24
N ILE E 34 -11.12 -60.79 28.11
CA ILE E 34 -11.03 -62.06 28.80
C ILE E 34 -12.07 -62.99 28.20
N HIS E 35 -11.61 -64.14 27.72
CA HIS E 35 -12.43 -65.12 27.03
C HIS E 35 -12.65 -66.33 27.93
N TRP E 36 -13.82 -66.94 27.84
CA TRP E 36 -14.10 -68.20 28.52
C TRP E 36 -14.27 -69.28 27.47
N VAL E 37 -13.62 -70.42 27.74
CA VAL E 37 -13.61 -71.61 26.89
C VAL E 37 -13.96 -72.84 27.74
N ARG E 38 -14.89 -73.66 27.24
CA ARG E 38 -15.30 -74.89 27.92
C ARG E 38 -14.61 -76.08 27.30
N GLN E 39 -14.16 -77.03 28.13
CA GLN E 39 -13.60 -78.30 27.65
C GLN E 39 -14.24 -79.50 28.35
N ALA E 40 -15.16 -80.16 27.66
CA ALA E 40 -15.84 -81.32 28.23
C ALA E 40 -14.84 -82.47 28.36
N PRO E 41 -15.04 -83.39 29.32
CA PRO E 41 -14.08 -84.49 29.48
C PRO E 41 -13.86 -85.30 28.21
N ARG E 42 -12.59 -85.55 27.89
CA ARG E 42 -12.15 -86.31 26.72
C ARG E 42 -12.64 -85.72 25.39
N GLN E 43 -12.97 -84.43 25.36
CA GLN E 43 -13.46 -83.75 24.17
C GLN E 43 -12.56 -82.55 23.87
N GLY E 44 -12.87 -81.87 22.78
CA GLY E 44 -12.09 -80.72 22.36
C GLY E 44 -12.52 -79.46 23.08
N LEU E 45 -11.91 -78.34 22.66
CA LEU E 45 -12.16 -77.05 23.28
C LEU E 45 -13.32 -76.37 22.57
N GLU E 46 -14.18 -75.73 23.36
CA GLU E 46 -15.31 -74.97 22.83
C GLU E 46 -15.30 -73.57 23.43
N TRP E 47 -15.33 -72.57 22.56
CA TRP E 47 -15.36 -71.17 23.00
C TRP E 47 -16.73 -70.83 23.58
N MET E 48 -16.75 -70.17 24.74
CA MET E 48 -17.99 -69.76 25.37
C MET E 48 -18.31 -68.29 25.19
N GLY E 49 -17.33 -67.40 25.32
CA GLY E 49 -17.67 -65.98 25.23
C GLY E 49 -16.54 -65.10 25.68
N TRP E 50 -16.75 -63.78 25.51
CA TRP E 50 -15.72 -62.80 25.86
C TRP E 50 -16.32 -61.56 26.51
N ILE E 51 -15.63 -61.11 27.57
CA ILE E 51 -15.96 -59.89 28.31
C ILE E 51 -14.85 -58.87 28.14
N ASN E 52 -15.24 -57.61 27.90
CA ASN E 52 -14.32 -56.48 27.84
C ASN E 52 -14.11 -56.01 29.28
N PRO E 53 -12.93 -56.20 29.89
CA PRO E 53 -12.77 -55.82 31.31
C PRO E 53 -12.84 -54.32 31.57
N TYR E 54 -12.79 -53.47 30.56
CA TYR E 54 -12.85 -52.03 30.75
C TYR E 54 -14.28 -51.49 30.76
N ASN E 55 -15.05 -51.82 29.74
CA ASN E 55 -16.42 -51.33 29.60
C ASN E 55 -17.45 -52.27 30.20
N GLY E 56 -17.17 -53.57 30.19
CA GLY E 56 -18.12 -54.57 30.60
C GLY E 56 -18.99 -55.10 29.48
N ASN E 57 -18.66 -54.79 28.24
CA ASN E 57 -19.42 -55.30 27.11
C ASN E 57 -19.07 -56.77 26.97
N THR E 58 -20.07 -57.58 26.60
CA THR E 58 -19.83 -59.01 26.39
C THR E 58 -20.42 -59.50 25.09
N ASN E 59 -19.95 -60.69 24.70
CA ASN E 59 -20.40 -61.40 23.51
C ASN E 59 -20.38 -62.88 23.81
N TYR E 60 -21.47 -63.59 23.51
CA TYR E 60 -21.58 -65.00 23.82
C TYR E 60 -21.88 -65.82 22.57
N ALA E 61 -21.38 -67.05 22.55
CA ALA E 61 -21.74 -67.96 21.48
C ALA E 61 -23.23 -68.21 21.56
N GLN E 62 -23.85 -68.43 20.39
CA GLN E 62 -25.32 -68.49 20.34
C GLN E 62 -25.89 -69.52 21.30
N LYS E 63 -25.23 -70.67 21.46
CA LYS E 63 -25.80 -71.69 22.35
C LYS E 63 -25.76 -71.27 23.82
N PHE E 64 -24.96 -70.27 24.18
CA PHE E 64 -24.82 -69.80 25.56
C PHE E 64 -25.54 -68.51 25.86
N GLN E 65 -26.29 -67.94 24.91
CA GLN E 65 -26.99 -66.69 25.19
C GLN E 65 -28.19 -66.99 26.09
N GLY E 66 -28.28 -66.24 27.19
CA GLY E 66 -29.34 -66.45 28.15
C GLY E 66 -28.98 -67.38 29.30
N ARG E 67 -27.86 -68.11 29.19
CA ARG E 67 -27.40 -69.04 30.21
C ARG E 67 -26.11 -68.62 30.89
N VAL E 68 -25.25 -67.86 30.23
CA VAL E 68 -23.94 -67.47 30.77
C VAL E 68 -23.93 -65.96 30.93
N THR E 69 -23.56 -65.50 32.13
CA THR E 69 -23.42 -64.08 32.42
C THR E 69 -22.00 -63.84 32.89
N LEU E 70 -21.32 -62.86 32.28
CA LEU E 70 -19.97 -62.50 32.68
C LEU E 70 -19.99 -61.15 33.40
N THR E 71 -19.17 -61.04 34.44
CA THR E 71 -19.00 -59.79 35.17
C THR E 71 -17.50 -59.57 35.43
N ARG E 72 -17.20 -58.41 36.01
CA ARG E 72 -15.84 -57.99 36.27
C ARG E 72 -15.75 -57.20 37.56
N ASP E 73 -14.56 -57.19 38.14
CA ASP E 73 -14.22 -56.34 39.28
C ASP E 73 -12.86 -55.74 38.99
N THR E 74 -12.83 -54.44 38.67
CA THR E 74 -11.60 -53.77 38.26
C THR E 74 -10.71 -53.36 39.43
N SER E 75 -11.22 -53.42 40.66
CA SER E 75 -10.43 -53.08 41.83
C SER E 75 -9.70 -54.32 42.32
N THR E 76 -10.32 -55.48 42.09
CA THR E 76 -9.82 -56.80 42.44
C THR E 76 -9.21 -57.46 41.19
N THR E 77 -9.41 -56.86 40.01
CA THR E 77 -8.93 -57.35 38.72
C THR E 77 -9.25 -58.82 38.54
N THR E 78 -10.54 -59.14 38.70
CA THR E 78 -11.02 -60.51 38.58
C THR E 78 -12.26 -60.53 37.69
N VAL E 79 -12.34 -61.53 36.83
CA VAL E 79 -13.50 -61.78 35.98
C VAL E 79 -14.25 -62.99 36.53
N TYR E 80 -15.58 -62.91 36.55
CA TYR E 80 -16.39 -64.01 37.04
C TYR E 80 -17.40 -64.40 35.97
N MET E 81 -17.64 -65.70 35.85
CA MET E 81 -18.65 -66.24 34.94
C MET E 81 -19.69 -66.96 35.77
N GLU E 82 -20.96 -66.68 35.50
CA GLU E 82 -22.07 -67.33 36.19
C GLU E 82 -22.84 -68.17 35.18
N LEU E 83 -22.95 -69.45 35.49
CA LEU E 83 -23.65 -70.43 34.66
C LEU E 83 -24.93 -70.81 35.39
N ILE E 84 -26.05 -70.83 34.67
CA ILE E 84 -27.34 -71.22 35.23
C ILE E 84 -27.91 -72.39 34.43
N SER E 85 -28.89 -73.05 35.05
CA SER E 85 -29.57 -74.21 34.45
C SER E 85 -28.57 -75.30 34.05
N LEU E 86 -27.68 -75.64 34.99
CA LEU E 86 -26.66 -76.65 34.70
C LEU E 86 -27.32 -77.99 34.35
N ARG E 87 -26.77 -78.65 33.35
CA ARG E 87 -27.24 -79.95 32.89
C ARG E 87 -26.06 -80.93 32.90
N SER E 88 -26.39 -82.23 32.79
CA SER E 88 -25.34 -83.26 32.83
C SER E 88 -24.33 -83.05 31.71
N GLU E 89 -24.78 -82.56 30.54
CA GLU E 89 -23.88 -82.34 29.41
C GLU E 89 -22.94 -81.17 29.63
N ASP E 90 -23.12 -80.39 30.71
CA ASP E 90 -22.27 -79.24 30.99
C ASP E 90 -21.08 -79.58 31.88
N THR E 91 -20.86 -80.85 32.22
CA THR E 91 -19.67 -81.19 33.00
C THR E 91 -18.46 -80.87 32.14
N ALA E 92 -17.55 -80.05 32.66
CA ALA E 92 -16.40 -79.65 31.87
C ALA E 92 -15.42 -78.89 32.74
N VAL E 93 -14.20 -78.75 32.23
CA VAL E 93 -13.26 -77.82 32.81
C VAL E 93 -13.49 -76.48 32.12
N TYR E 94 -13.73 -75.45 32.91
CA TYR E 94 -13.96 -74.09 32.42
C TYR E 94 -12.70 -73.28 32.55
N TYR E 95 -12.15 -72.84 31.42
CA TYR E 95 -10.90 -72.10 31.40
C TYR E 95 -11.19 -70.65 31.06
N CYS E 96 -10.45 -69.74 31.67
CA CYS E 96 -10.41 -68.35 31.27
C CYS E 96 -9.12 -68.15 30.50
N ALA E 97 -9.13 -67.23 29.54
CA ALA E 97 -7.91 -66.92 28.81
C ALA E 97 -7.81 -65.44 28.46
N ARG E 98 -6.57 -64.97 28.45
CA ARG E 98 -6.25 -63.59 28.11
C ARG E 98 -5.95 -63.53 26.63
N GLY E 99 -6.60 -62.57 25.98
CA GLY E 99 -6.40 -62.36 24.56
C GLY E 99 -4.98 -61.95 24.24
N GLY E 100 -4.51 -62.38 23.06
CA GLY E 100 -3.15 -62.04 22.68
C GLY E 100 -3.00 -60.61 22.23
N GLU E 101 -4.06 -60.01 21.70
CA GLU E 101 -3.97 -58.65 21.22
C GLU E 101 -4.33 -57.74 22.38
N TYR E 102 -3.60 -56.64 22.55
CA TYR E 102 -4.02 -55.64 23.54
C TYR E 102 -4.93 -54.66 22.83
N CYS E 103 -5.87 -54.08 23.57
CA CYS E 103 -6.81 -53.17 22.92
C CYS E 103 -6.11 -51.85 22.63
N THR E 104 -5.51 -51.28 23.66
CA THR E 104 -4.78 -50.02 23.64
C THR E 104 -3.94 -50.10 24.91
N GLY E 105 -2.78 -49.46 24.93
CA GLY E 105 -1.96 -49.57 26.13
C GLY E 105 -2.59 -49.01 27.39
N PHE E 106 -3.69 -48.25 27.27
CA PHE E 106 -4.39 -47.63 28.39
C PHE E 106 -5.77 -48.21 28.68
N GLY E 107 -6.17 -49.30 28.02
CA GLY E 107 -7.46 -49.93 28.24
C GLY E 107 -8.33 -50.14 27.00
N CYS E 108 -9.32 -51.02 27.13
CA CYS E 108 -10.21 -51.39 26.03
C CYS E 108 -11.38 -50.41 25.86
N PHE E 109 -11.03 -49.20 25.43
CA PHE E 109 -12.04 -48.17 25.13
C PHE E 109 -12.28 -48.05 23.63
N ALA E 110 -11.52 -48.79 22.82
CA ALA E 110 -11.63 -48.76 21.37
C ALA E 110 -11.03 -50.05 20.82
N GLY E 111 -11.43 -50.38 19.60
CA GLY E 111 -10.86 -51.50 18.86
C GLY E 111 -11.88 -52.39 18.19
N LYS E 112 -11.45 -53.06 17.12
CA LYS E 112 -12.33 -53.92 16.35
C LYS E 112 -12.70 -55.18 17.12
N GLY E 113 -11.72 -55.87 17.66
CA GLY E 113 -11.98 -57.11 18.38
C GLY E 113 -10.74 -57.95 18.49
N ASP E 114 -10.86 -59.02 19.26
CA ASP E 114 -9.73 -59.91 19.51
C ASP E 114 -9.66 -60.98 18.43
N ASN E 115 -8.46 -61.56 18.27
CA ASN E 115 -8.25 -62.68 17.35
C ASN E 115 -7.47 -63.87 17.89
N SER E 116 -7.07 -63.88 19.16
CA SER E 116 -6.30 -65.00 19.67
C SER E 116 -6.39 -65.05 21.19
N LEU E 117 -5.99 -66.19 21.75
CA LEU E 117 -5.92 -66.43 23.20
C LEU E 117 -4.50 -66.73 23.60
N ASP E 118 -3.87 -65.81 24.32
CA ASP E 118 -2.45 -65.91 24.66
C ASP E 118 -2.16 -66.63 25.97
N VAL E 119 -2.88 -66.31 27.05
CA VAL E 119 -2.57 -66.89 28.36
C VAL E 119 -3.77 -67.66 28.86
N TRP E 120 -3.57 -68.90 29.26
CA TRP E 120 -4.62 -69.75 29.80
C TRP E 120 -4.41 -69.97 31.29
N GLY E 121 -5.51 -70.02 32.04
CA GLY E 121 -5.45 -70.39 33.44
C GLY E 121 -5.47 -71.89 33.56
N ARG E 122 -5.38 -72.38 34.80
CA ARG E 122 -5.42 -73.83 34.99
C ARG E 122 -6.81 -74.40 34.78
N GLY E 123 -7.85 -73.58 34.95
CA GLY E 123 -9.22 -74.02 34.75
C GLY E 123 -9.85 -74.54 36.04
N VAL E 124 -11.18 -74.53 36.05
CA VAL E 124 -11.95 -75.03 37.19
C VAL E 124 -12.85 -76.14 36.67
N LEU E 125 -12.77 -77.31 37.29
CA LEU E 125 -13.63 -78.42 36.90
C LEU E 125 -15.01 -78.25 37.55
N VAL E 126 -16.06 -78.25 36.74
CA VAL E 126 -17.43 -78.17 37.22
C VAL E 126 -18.14 -79.43 36.76
N SER E 127 -18.69 -80.17 37.73
CA SER E 127 -19.40 -81.42 37.48
C SER E 127 -20.87 -81.24 37.82
N VAL E 128 -21.72 -81.93 37.06
CA VAL E 128 -23.16 -81.94 37.28
C VAL E 128 -23.58 -83.39 37.48
N SER E 129 -24.25 -83.65 38.60
CA SER E 129 -24.67 -85.02 38.93
C SER E 129 -25.63 -85.00 40.12
N ILE F 2 -21.25 -70.76 11.97
CA ILE F 2 -19.99 -71.06 12.64
C ILE F 2 -19.12 -71.82 11.64
N VAL F 3 -17.82 -71.56 11.71
CA VAL F 3 -16.84 -72.19 10.82
C VAL F 3 -16.33 -73.47 11.49
N MET F 4 -16.40 -74.58 10.76
CA MET F 4 -15.99 -75.87 11.26
C MET F 4 -14.52 -76.08 10.93
N ILE F 5 -13.76 -76.59 11.90
CA ILE F 5 -12.34 -76.83 11.75
C ILE F 5 -12.04 -78.32 11.88
N GLN F 6 -11.33 -78.85 10.90
CA GLN F 6 -10.86 -80.23 10.87
C GLN F 6 -9.37 -80.24 11.21
N THR F 7 -8.91 -81.35 11.80
CA THR F 7 -7.49 -81.51 12.14
C THR F 7 -7.02 -82.90 11.73
N PRO F 8 -6.73 -83.09 10.44
CA PRO F 8 -6.26 -84.40 9.97
C PRO F 8 -4.88 -84.78 10.48
N LEU F 9 -4.57 -86.07 10.34
CA LEU F 9 -3.28 -86.67 10.71
C LEU F 9 -3.00 -86.74 12.21
N SER F 10 -3.93 -87.34 12.95
CA SER F 10 -3.70 -87.64 14.37
C SER F 10 -3.04 -89.01 14.39
N LEU F 11 -1.71 -89.04 14.52
CA LEU F 11 -0.91 -90.25 14.37
C LEU F 11 0.09 -90.41 15.51
N PRO F 12 0.39 -91.65 15.92
CA PRO F 12 1.49 -91.83 16.89
C PRO F 12 2.84 -91.57 16.25
N VAL F 13 3.77 -91.04 17.05
CA VAL F 13 5.14 -90.81 16.62
C VAL F 13 6.09 -91.30 17.70
N THR F 14 7.35 -91.53 17.31
CA THR F 14 8.42 -91.90 18.22
C THR F 14 9.32 -90.69 18.51
N PRO F 15 10.12 -90.75 19.57
CA PRO F 15 11.09 -89.67 19.81
C PRO F 15 12.08 -89.53 18.66
N GLY F 16 12.39 -88.29 18.30
CA GLY F 16 13.34 -88.01 17.26
C GLY F 16 12.80 -88.01 15.85
N GLU F 17 11.52 -88.32 15.68
CA GLU F 17 10.91 -88.35 14.34
C GLU F 17 10.31 -86.99 14.00
N PRO F 18 10.40 -86.48 12.76
CA PRO F 18 9.68 -85.26 12.42
C PRO F 18 8.20 -85.53 12.35
N ALA F 19 7.39 -84.48 12.49
CA ALA F 19 5.95 -84.67 12.41
C ALA F 19 5.26 -83.50 11.69
N SER F 20 4.09 -83.79 11.15
CA SER F 20 3.25 -82.84 10.44
C SER F 20 1.80 -83.02 10.86
N ILE F 21 1.18 -81.93 11.30
CA ILE F 21 -0.21 -81.89 11.74
C ILE F 21 -0.97 -80.94 10.82
N SER F 22 -2.08 -81.40 10.26
CA SER F 22 -2.82 -80.60 9.29
C SER F 22 -4.01 -79.91 9.97
N CYS F 23 -4.44 -78.81 9.35
CA CYS F 23 -5.66 -78.10 9.75
C CYS F 23 -6.35 -77.61 8.48
N ARG F 24 -7.67 -77.79 8.42
CA ARG F 24 -8.47 -77.37 7.27
C ARG F 24 -9.70 -76.64 7.76
N SER F 25 -9.98 -75.48 7.17
CA SER F 25 -11.13 -74.66 7.48
C SER F 25 -12.16 -74.66 6.35
N SER F 26 -13.43 -74.58 6.73
CA SER F 26 -14.51 -74.44 5.76
C SER F 26 -14.58 -73.04 5.14
N GLN F 27 -13.88 -72.06 5.72
CA GLN F 27 -13.91 -70.67 5.28
C GLN F 27 -12.51 -70.09 5.45
N SER F 28 -12.10 -69.27 4.48
CA SER F 28 -10.77 -68.65 4.53
C SER F 28 -10.61 -67.79 5.78
N LEU F 29 -9.40 -67.84 6.34
CA LEU F 29 -9.02 -67.13 7.56
C LEU F 29 -8.28 -65.82 7.28
N PHE F 30 -8.12 -65.44 6.01
CA PHE F 30 -7.33 -64.27 5.64
C PHE F 30 -8.17 -63.00 5.70
N ASP F 31 -7.70 -62.03 6.50
CA ASP F 31 -8.35 -60.73 6.65
C ASP F 31 -7.62 -59.75 5.74
N ILE F 32 -8.33 -59.28 4.71
CA ILE F 32 -7.73 -58.43 3.68
C ILE F 32 -7.20 -57.14 4.28
N GLU F 33 -7.93 -56.54 5.22
CA GLU F 33 -7.47 -55.27 5.77
C GLU F 33 -6.28 -55.45 6.69
N ASP F 34 -6.25 -56.54 7.45
CA ASP F 34 -5.16 -56.77 8.39
C ASP F 34 -3.95 -57.39 7.72
N GLU F 35 -4.14 -58.05 6.57
CA GLU F 35 -3.06 -58.70 5.82
C GLU F 35 -2.39 -59.79 6.64
N THR F 36 -3.19 -60.59 7.33
CA THR F 36 -2.66 -61.70 8.11
C THR F 36 -3.75 -62.73 8.28
N THR F 37 -3.34 -63.98 8.52
CA THR F 37 -4.26 -65.09 8.71
C THR F 37 -4.30 -65.43 10.20
N TYR F 38 -5.49 -65.39 10.78
CA TYR F 38 -5.67 -65.55 12.23
C TYR F 38 -5.86 -67.02 12.64
N LEU F 39 -4.78 -67.79 12.55
CA LEU F 39 -4.78 -69.18 12.99
C LEU F 39 -3.71 -69.34 14.05
N GLU F 40 -4.14 -69.58 15.29
CA GLU F 40 -3.23 -69.79 16.41
C GLU F 40 -3.16 -71.28 16.73
N TRP F 41 -1.94 -71.82 16.79
CA TRP F 41 -1.69 -73.20 17.14
C TRP F 41 -1.38 -73.30 18.63
N PHE F 42 -1.96 -74.34 19.26
CA PHE F 42 -1.80 -74.64 20.69
C PHE F 42 -1.35 -76.08 20.91
N LEU F 43 -0.66 -76.28 22.05
CA LEU F 43 -0.32 -77.60 22.58
C LEU F 43 -0.84 -77.71 24.01
N GLN F 44 -1.67 -78.72 24.25
CA GLN F 44 -2.22 -79.01 25.57
C GLN F 44 -1.51 -80.25 26.12
N LYS F 45 -0.63 -80.04 27.09
CA LYS F 45 0.09 -81.16 27.67
C LYS F 45 -0.85 -81.87 28.64
N PRO F 46 -0.71 -83.18 28.84
CA PRO F 46 -1.57 -83.86 29.82
C PRO F 46 -1.49 -83.20 31.20
N GLY F 47 -2.65 -82.94 31.79
CA GLY F 47 -2.72 -82.33 33.10
C GLY F 47 -2.55 -80.82 33.12
N GLN F 48 -2.36 -80.19 31.96
CA GLN F 48 -2.14 -78.75 31.87
C GLN F 48 -3.13 -78.12 30.89
N SER F 49 -3.31 -76.81 31.07
CA SER F 49 -4.13 -76.04 30.15
C SER F 49 -3.42 -75.86 28.80
N PRO F 50 -4.17 -75.69 27.71
CA PRO F 50 -3.53 -75.43 26.42
C PRO F 50 -2.65 -74.19 26.47
N GLN F 51 -1.46 -74.28 25.85
CA GLN F 51 -0.54 -73.17 25.75
C GLN F 51 -0.38 -72.76 24.30
N PRO F 52 -0.14 -71.47 23.99
CA PRO F 52 0.07 -71.10 22.60
C PRO F 52 1.39 -71.62 22.05
N LEU F 53 1.37 -71.96 20.76
CA LEU F 53 2.55 -72.37 20.03
C LEU F 53 2.90 -71.37 18.94
N ILE F 54 1.93 -71.07 18.08
CA ILE F 54 2.12 -70.18 16.94
C ILE F 54 0.96 -69.20 16.96
N TYR F 55 1.24 -67.90 16.87
CA TYR F 55 0.13 -66.96 16.92
C TYR F 55 -0.55 -66.72 15.58
N GLU F 56 0.22 -66.64 14.47
CA GLU F 56 -0.39 -66.37 13.15
C GLU F 56 0.22 -67.27 12.07
N VAL F 57 -0.28 -68.50 11.98
CA VAL F 57 0.14 -69.49 10.99
C VAL F 57 1.63 -69.84 11.05
N SER F 58 2.49 -68.84 10.82
CA SER F 58 3.94 -69.00 10.85
C SER F 58 4.67 -68.23 11.94
N ASN F 59 4.03 -67.28 12.60
CA ASN F 59 4.72 -66.43 13.58
C ASN F 59 4.78 -67.16 14.92
N ARG F 60 5.98 -67.69 15.23
CA ARG F 60 6.17 -68.52 16.40
C ARG F 60 6.04 -67.70 17.67
N ALA F 61 5.39 -68.29 18.68
CA ALA F 61 5.23 -67.62 19.97
C ALA F 61 6.52 -67.65 20.78
N SER F 62 6.69 -66.62 21.60
CA SER F 62 7.87 -66.53 22.46
C SER F 62 7.91 -67.68 23.44
N GLY F 63 9.11 -68.23 23.66
CA GLY F 63 9.30 -69.29 24.61
C GLY F 63 9.08 -70.67 24.04
N VAL F 64 8.63 -70.77 22.78
CA VAL F 64 8.33 -72.03 22.12
C VAL F 64 9.61 -72.52 21.45
N PRO F 65 10.01 -73.78 21.60
CA PRO F 65 11.22 -74.27 20.92
C PRO F 65 11.18 -74.02 19.42
N ASP F 66 12.37 -73.78 18.85
CA ASP F 66 12.49 -73.48 17.42
C ASP F 66 12.16 -74.68 16.54
N ARG F 67 11.98 -75.86 17.14
CA ARG F 67 11.59 -77.04 16.38
C ARG F 67 10.19 -76.91 15.80
N PHE F 68 9.33 -76.08 16.40
CA PHE F 68 7.98 -75.87 15.93
C PHE F 68 7.96 -74.78 14.87
N SER F 69 7.23 -75.04 13.79
CA SER F 69 7.07 -74.06 12.71
C SER F 69 5.78 -74.42 11.99
N GLY F 70 5.50 -73.73 10.89
CA GLY F 70 4.29 -74.01 10.16
C GLY F 70 4.11 -73.05 9.01
N SER F 71 3.14 -73.38 8.17
CA SER F 71 2.84 -72.56 7.00
C SER F 71 1.43 -72.92 6.52
N GLY F 72 1.03 -72.28 5.43
CA GLY F 72 -0.26 -72.51 4.80
C GLY F 72 -0.94 -71.22 4.44
N SER F 73 -2.18 -71.38 3.93
CA SER F 73 -3.05 -70.30 3.49
C SER F 73 -4.27 -70.91 2.81
N ASP F 74 -5.29 -70.09 2.56
CA ASP F 74 -6.47 -70.52 1.82
C ASP F 74 -7.14 -71.72 2.47
N THR F 75 -7.19 -71.70 3.81
CA THR F 75 -7.85 -72.70 4.65
C THR F 75 -6.94 -73.88 4.95
N ALA F 76 -5.94 -74.17 4.12
CA ALA F 76 -5.09 -75.34 4.33
C ALA F 76 -3.81 -74.92 5.03
N PHE F 77 -3.59 -75.47 6.24
CA PHE F 77 -2.44 -75.12 7.06
C PHE F 77 -1.75 -76.37 7.56
N THR F 78 -0.44 -76.26 7.77
CA THR F 78 0.36 -77.35 8.32
C THR F 78 1.23 -76.83 9.46
N LEU F 79 1.24 -77.58 10.57
CA LEU F 79 2.12 -77.40 11.71
C LEU F 79 3.22 -78.45 11.56
N LYS F 80 4.47 -78.04 11.64
CA LYS F 80 5.59 -78.96 11.49
C LYS F 80 6.44 -78.95 12.75
N ILE F 81 6.98 -80.14 13.06
CA ILE F 81 7.92 -80.32 14.17
C ILE F 81 9.16 -80.96 13.58
N SER F 82 10.30 -80.29 13.74
CA SER F 82 11.56 -80.81 13.22
C SER F 82 11.91 -82.15 13.86
N ARG F 83 11.86 -82.21 15.18
CA ARG F 83 12.09 -83.45 15.92
C ARG F 83 11.15 -83.49 17.11
N VAL F 84 10.45 -84.60 17.29
CA VAL F 84 9.55 -84.76 18.43
C VAL F 84 10.36 -85.23 19.64
N GLU F 85 10.20 -84.53 20.75
CA GLU F 85 10.82 -84.84 22.03
C GLU F 85 9.75 -85.17 23.07
N ALA F 86 10.20 -85.49 24.28
CA ALA F 86 9.28 -85.81 25.36
C ALA F 86 8.36 -84.65 25.69
N GLU F 87 8.82 -83.41 25.49
CA GLU F 87 8.03 -82.23 25.83
C GLU F 87 6.99 -81.89 24.78
N ASP F 88 6.91 -82.65 23.67
CA ASP F 88 5.95 -82.39 22.61
C ASP F 88 4.71 -83.28 22.72
N VAL F 89 4.61 -84.07 23.78
CA VAL F 89 3.46 -84.96 23.99
C VAL F 89 2.25 -84.14 24.43
N GLY F 90 1.11 -84.42 23.84
CA GLY F 90 -0.12 -83.73 24.16
C GLY F 90 -1.01 -83.58 22.94
N ILE F 91 -2.04 -82.74 23.08
CA ILE F 91 -3.04 -82.53 22.03
C ILE F 91 -2.83 -81.18 21.37
N TYR F 92 -2.78 -81.17 20.05
CA TYR F 92 -2.57 -79.96 19.26
C TYR F 92 -3.91 -79.46 18.70
N TYR F 93 -4.08 -78.13 18.75
CA TYR F 93 -5.30 -77.46 18.27
C TYR F 93 -4.97 -76.28 17.37
N CYS F 94 -5.90 -75.96 16.46
CA CYS F 94 -5.78 -74.80 15.57
C CYS F 94 -7.03 -73.92 15.66
N MET F 95 -6.83 -72.68 16.08
CA MET F 95 -7.92 -71.73 16.31
C MET F 95 -8.46 -71.12 15.02
N GLN F 96 -9.72 -70.71 15.07
CA GLN F 96 -10.41 -69.94 14.02
C GLN F 96 -10.65 -68.54 14.54
N GLY F 97 -9.62 -67.70 14.50
CA GLY F 97 -9.71 -66.41 15.14
C GLY F 97 -10.34 -65.31 14.31
N ILE F 98 -10.49 -65.53 13.01
CA ILE F 98 -10.97 -64.48 12.11
C ILE F 98 -12.39 -64.03 12.46
N GLU F 99 -13.21 -64.92 13.00
CA GLU F 99 -14.60 -64.62 13.33
C GLU F 99 -14.97 -65.17 14.69
N TYR F 100 -15.98 -64.55 15.30
CA TYR F 100 -16.56 -65.04 16.54
C TYR F 100 -17.77 -65.91 16.21
N PRO F 101 -18.05 -67.02 16.93
CA PRO F 101 -17.29 -67.63 18.02
C PRO F 101 -16.02 -68.31 17.51
N PHE F 102 -14.99 -68.42 18.36
CA PHE F 102 -13.76 -69.09 17.98
C PHE F 102 -13.96 -70.60 18.06
N THR F 103 -13.36 -71.32 17.11
CA THR F 103 -13.39 -72.77 17.10
C THR F 103 -11.96 -73.30 17.05
N PHE F 104 -11.76 -74.51 17.58
CA PHE F 104 -10.45 -75.11 17.70
C PHE F 104 -10.24 -76.37 16.87
N GLY F 105 -11.31 -77.03 16.43
CA GLY F 105 -11.21 -78.28 15.73
C GLY F 105 -11.06 -79.44 16.69
N PRO F 106 -11.33 -80.67 16.24
CA PRO F 106 -11.13 -81.84 17.12
C PRO F 106 -9.72 -81.95 17.71
N GLY F 107 -8.70 -81.59 16.95
CA GLY F 107 -7.33 -81.65 17.42
C GLY F 107 -6.69 -82.99 17.09
N THR F 108 -5.36 -83.03 17.26
CA THR F 108 -4.58 -84.24 17.00
C THR F 108 -3.76 -84.57 18.23
N LYS F 109 -3.38 -85.84 18.38
CA LYS F 109 -2.59 -86.29 19.52
C LYS F 109 -1.18 -86.64 19.11
N VAL F 110 -0.22 -86.28 19.97
CA VAL F 110 1.16 -86.70 19.86
C VAL F 110 1.52 -87.43 21.16
N ASN G 3 6.14 37.80 35.50
CA ASN G 3 4.82 37.92 34.91
C ASN G 3 4.87 37.58 33.42
N LEU G 4 5.32 36.37 33.11
CA LEU G 4 5.45 35.88 31.76
C LEU G 4 4.36 34.85 31.47
N TRP G 5 4.01 34.73 30.19
CA TRP G 5 2.94 33.86 29.73
C TRP G 5 3.47 32.87 28.70
N VAL G 6 2.81 31.71 28.62
CA VAL G 6 3.22 30.69 27.65
C VAL G 6 2.81 31.11 26.25
N THR G 7 3.77 31.15 25.33
CA THR G 7 3.52 31.43 23.92
C THR G 7 3.90 30.20 23.13
N VAL G 8 3.00 29.76 22.24
CA VAL G 8 3.16 28.57 21.43
C VAL G 8 3.72 28.97 20.07
N TYR G 9 4.82 28.32 19.68
CA TYR G 9 5.49 28.56 18.41
C TYR G 9 5.46 27.27 17.59
N TYR G 10 5.04 27.39 16.33
CA TYR G 10 4.98 26.25 15.42
C TYR G 10 5.95 26.54 14.28
N GLY G 11 6.84 25.61 14.02
CA GLY G 11 7.87 25.74 13.01
C GLY G 11 9.24 26.05 13.57
N VAL G 12 9.49 25.71 14.84
CA VAL G 12 10.79 25.99 15.46
C VAL G 12 11.83 25.01 14.95
N PRO G 13 13.09 25.41 14.74
CA PRO G 13 14.13 24.49 14.22
C PRO G 13 14.64 23.52 15.30
N VAL G 14 13.77 22.62 15.73
CA VAL G 14 14.06 21.65 16.77
C VAL G 14 13.84 20.26 16.20
N TRP G 15 14.75 19.34 16.51
CA TRP G 15 14.71 18.00 15.95
C TRP G 15 15.22 16.98 16.94
N LYS G 16 14.63 15.79 16.90
CA LYS G 16 15.02 14.65 17.73
C LYS G 16 15.43 13.49 16.85
N ASP G 17 16.37 12.68 17.33
CA ASP G 17 16.85 11.55 16.54
C ASP G 17 15.69 10.60 16.27
N ALA G 18 15.56 10.14 15.03
CA ALA G 18 14.45 9.27 14.65
C ALA G 18 14.88 8.31 13.55
N GLU G 19 14.14 7.21 13.46
CA GLU G 19 14.34 6.17 12.45
C GLU G 19 13.10 6.11 11.56
N THR G 20 13.25 6.47 10.28
CA THR G 20 12.14 6.47 9.34
C THR G 20 12.60 5.83 8.03
N THR G 21 11.67 5.77 7.08
CA THR G 21 11.92 5.23 5.75
C THR G 21 12.28 6.38 4.82
N LEU G 22 13.45 6.28 4.20
CA LEU G 22 13.94 7.29 3.26
C LEU G 22 13.57 6.92 1.84
N PHE G 23 13.41 7.94 1.00
CA PHE G 23 13.10 7.74 -0.40
C PHE G 23 14.36 7.51 -1.22
N CYS G 24 14.22 6.68 -2.25
CA CYS G 24 15.27 6.42 -3.22
C CYS G 24 15.18 7.38 -4.40
N ALA G 25 16.31 7.98 -4.77
CA ALA G 25 16.40 8.86 -5.92
C ALA G 25 17.64 8.48 -6.73
N SER G 26 17.58 8.73 -8.03
CA SER G 26 18.72 8.47 -8.91
C SER G 26 18.65 9.42 -10.09
N ASP G 27 19.80 9.61 -10.73
CA ASP G 27 19.88 10.47 -11.91
C ASP G 27 19.12 9.86 -13.08
N HIS G 36 19.58 -2.15 -19.45
CA HIS G 36 19.04 -2.41 -18.11
C HIS G 36 20.16 -2.50 -17.09
N ASN G 37 19.82 -2.27 -15.83
CA ASN G 37 20.78 -2.27 -14.73
C ASN G 37 20.12 -2.85 -13.50
N VAL G 38 20.87 -3.66 -12.76
CA VAL G 38 20.35 -4.32 -11.57
C VAL G 38 19.96 -3.31 -10.51
N TRP G 39 20.63 -2.16 -10.46
CA TRP G 39 20.35 -1.16 -9.43
C TRP G 39 19.36 -0.12 -9.91
N ALA G 40 19.33 0.19 -11.21
CA ALA G 40 18.40 1.20 -11.70
C ALA G 40 16.99 0.71 -11.42
N THR G 41 16.17 1.57 -10.81
CA THR G 41 14.83 1.18 -10.40
C THR G 41 13.86 2.27 -10.83
N HIS G 42 12.72 1.85 -11.40
CA HIS G 42 11.70 2.77 -11.87
C HIS G 42 10.95 3.47 -10.74
N ALA G 43 11.05 2.96 -9.52
CA ALA G 43 10.41 3.51 -8.33
C ALA G 43 11.25 4.59 -7.64
N CYS G 44 12.46 4.87 -8.11
CA CYS G 44 13.30 5.90 -7.50
C CYS G 44 13.01 7.21 -8.22
N VAL G 45 12.74 8.26 -7.44
CA VAL G 45 12.36 9.57 -7.97
C VAL G 45 13.57 10.25 -8.61
N PRO G 46 13.41 10.96 -9.74
CA PRO G 46 14.55 11.70 -10.28
C PRO G 46 15.12 12.67 -9.26
N THR G 47 16.44 12.81 -9.26
CA THR G 47 17.12 13.70 -8.32
C THR G 47 16.93 15.17 -8.70
N ASP G 48 17.25 16.02 -7.73
CA ASP G 48 17.19 17.46 -7.88
C ASP G 48 18.39 17.90 -8.71
N PRO G 49 18.19 18.54 -9.88
CA PRO G 49 19.34 18.97 -10.69
C PRO G 49 20.32 19.89 -9.98
N ASN G 50 19.91 20.55 -8.90
CA ASN G 50 20.78 21.47 -8.16
C ASN G 50 20.38 21.46 -6.69
N PRO G 51 20.74 20.40 -5.96
CA PRO G 51 20.23 20.24 -4.60
C PRO G 51 20.76 21.32 -3.68
N GLN G 52 19.94 21.68 -2.69
CA GLN G 52 20.30 22.70 -1.72
C GLN G 52 20.93 22.06 -0.48
N GLU G 53 22.04 22.65 -0.03
CA GLU G 53 22.72 22.30 1.20
C GLU G 53 22.80 23.55 2.04
N ILE G 54 22.31 23.48 3.28
CA ILE G 54 22.25 24.64 4.16
C ILE G 54 23.17 24.42 5.35
N HIS G 55 24.24 25.21 5.43
CA HIS G 55 25.16 25.09 6.56
C HIS G 55 24.44 25.53 7.81
N LEU G 56 24.56 24.74 8.89
CA LEU G 56 23.94 25.09 10.17
C LEU G 56 25.00 25.68 11.08
N GLU G 57 25.10 27.01 11.09
CA GLU G 57 26.16 27.66 11.84
C GLU G 57 25.90 27.53 13.33
N ASN G 58 26.95 27.28 14.11
CA ASN G 58 26.89 27.16 15.56
C ASN G 58 26.00 26.00 16.02
N VAL G 59 25.84 24.95 15.21
CA VAL G 59 25.08 23.77 15.60
C VAL G 59 26.03 22.60 15.76
N THR G 60 26.05 22.01 16.95
CA THR G 60 26.85 20.83 17.24
C THR G 60 25.88 19.66 17.42
N GLU G 61 26.11 18.57 16.70
CA GLU G 61 25.22 17.41 16.74
C GLU G 61 26.07 16.17 17.00
N GLU G 62 25.63 15.31 17.90
CA GLU G 62 26.38 14.10 18.20
C GLU G 62 25.96 13.01 17.24
N PHE G 63 26.95 12.44 16.54
CA PHE G 63 26.76 11.41 15.54
C PHE G 63 27.27 10.07 16.07
N ASN G 64 26.71 8.98 15.54
CA ASN G 64 27.20 7.65 15.85
C ASN G 64 26.92 6.77 14.63
N MET G 65 27.94 6.53 13.81
CA MET G 65 27.73 5.80 12.57
C MET G 65 27.32 4.35 12.79
N TRP G 66 27.55 3.79 13.99
CA TRP G 66 27.24 2.39 14.25
C TRP G 66 25.83 2.20 14.81
N LYS G 67 25.09 3.29 15.01
CA LYS G 67 23.72 3.29 15.48
C LYS G 67 22.84 4.03 14.46
N ASN G 68 23.38 4.19 13.25
CA ASN G 68 22.77 4.93 12.15
C ASN G 68 21.83 4.00 11.40
N ASN G 69 20.52 4.23 11.50
CA ASN G 69 19.56 3.31 10.91
C ASN G 69 19.49 3.45 9.40
N MET G 70 20.25 4.37 8.81
CA MET G 70 20.28 4.49 7.36
C MET G 70 21.01 3.30 6.75
N VAL G 71 21.90 2.68 7.53
CA VAL G 71 22.67 1.54 7.06
C VAL G 71 21.76 0.33 6.92
N GLU G 72 20.87 0.14 7.88
CA GLU G 72 19.98 -1.01 7.84
C GLU G 72 18.98 -0.86 6.69
N GLN G 73 18.50 0.37 6.46
CA GLN G 73 17.60 0.56 5.32
C GLN G 73 18.34 0.33 4.02
N MET G 74 19.58 0.85 3.90
CA MET G 74 20.29 0.63 2.65
C MET G 74 20.52 -0.86 2.43
N HIS G 75 20.86 -1.59 3.49
CA HIS G 75 21.10 -3.02 3.36
C HIS G 75 19.83 -3.72 2.87
N GLU G 76 18.68 -3.39 3.49
CA GLU G 76 17.42 -3.99 3.09
C GLU G 76 17.04 -3.61 1.67
N ASP G 77 17.29 -2.36 1.27
CA ASP G 77 16.89 -1.93 -0.07
C ASP G 77 17.78 -2.58 -1.11
N ILE G 78 19.07 -2.73 -0.83
CA ILE G 78 19.98 -3.36 -1.77
C ILE G 78 19.61 -4.83 -1.95
N ILE G 79 19.31 -5.53 -0.86
CA ILE G 79 18.91 -6.93 -0.99
C ILE G 79 17.58 -7.03 -1.74
N SER G 80 16.62 -6.18 -1.39
CA SER G 80 15.32 -6.23 -2.07
C SER G 80 15.46 -5.99 -3.56
N LEU G 81 16.27 -4.99 -3.96
CA LEU G 81 16.42 -4.71 -5.39
C LEU G 81 17.11 -5.88 -6.08
N TRP G 82 18.11 -6.48 -5.42
CA TRP G 82 18.81 -7.61 -5.99
C TRP G 82 17.84 -8.76 -6.27
N ASP G 83 17.01 -9.08 -5.26
CA ASP G 83 16.09 -10.19 -5.41
C ASP G 83 15.01 -9.86 -6.44
N GLN G 84 14.54 -8.61 -6.49
CA GLN G 84 13.53 -8.27 -7.49
C GLN G 84 14.10 -8.42 -8.89
N SER G 85 15.36 -8.04 -9.07
CA SER G 85 16.00 -8.19 -10.37
C SER G 85 16.09 -9.66 -10.76
N LEU G 86 16.44 -10.52 -9.80
CA LEU G 86 16.59 -11.94 -10.13
C LEU G 86 15.27 -12.69 -10.31
N LYS G 87 14.18 -12.25 -9.67
CA LYS G 87 12.91 -12.96 -9.82
C LYS G 87 12.48 -13.20 -11.26
N PRO G 88 12.38 -12.19 -12.14
CA PRO G 88 11.96 -12.46 -13.54
C PRO G 88 13.12 -12.93 -14.41
N CYS G 89 13.73 -14.05 -14.03
CA CYS G 89 14.86 -14.60 -14.76
C CYS G 89 14.76 -16.12 -14.72
N VAL G 90 15.57 -16.78 -15.55
CA VAL G 90 15.51 -18.23 -15.67
C VAL G 90 15.98 -18.89 -14.40
N LYS G 91 15.17 -19.80 -13.87
CA LYS G 91 15.52 -20.58 -12.68
C LYS G 91 16.10 -21.89 -13.18
N LEU G 92 17.38 -22.14 -12.88
CA LEU G 92 18.06 -23.31 -13.43
C LEU G 92 17.90 -24.56 -12.56
N THR G 93 16.64 -24.90 -12.31
CA THR G 93 16.35 -26.15 -11.60
C THR G 93 16.88 -27.35 -12.39
N PRO G 94 16.66 -27.45 -13.71
CA PRO G 94 17.16 -28.61 -14.46
C PRO G 94 18.67 -28.81 -14.43
N LEU G 95 19.45 -27.83 -13.97
CA LEU G 95 20.90 -27.96 -13.97
C LEU G 95 21.47 -28.81 -12.84
N CYS G 96 20.70 -29.09 -11.77
CA CYS G 96 21.19 -29.95 -10.70
C CYS G 96 21.03 -31.41 -11.13
N VAL G 97 21.98 -31.82 -11.97
CA VAL G 97 22.08 -33.15 -12.54
C VAL G 97 23.49 -33.64 -12.25
N THR G 98 23.73 -34.93 -12.48
CA THR G 98 25.07 -35.44 -12.28
C THR G 98 25.89 -35.01 -13.50
N LEU G 99 27.04 -34.41 -13.23
CA LEU G 99 27.96 -33.95 -14.26
C LEU G 99 29.07 -34.97 -14.37
N GLN G 100 29.56 -35.20 -15.58
CA GLN G 100 30.73 -36.05 -15.81
C GLN G 100 31.82 -35.14 -16.35
N CYS G 101 32.80 -34.84 -15.52
CA CYS G 101 33.78 -33.80 -15.81
C CYS G 101 35.16 -34.39 -16.02
N THR G 102 35.90 -33.72 -16.90
CA THR G 102 37.31 -33.96 -17.13
C THR G 102 37.99 -32.60 -17.05
N ASN G 103 39.30 -32.57 -16.93
CA ASN G 103 39.99 -31.29 -16.93
C ASN G 103 39.90 -30.66 -18.33
N TYR G 104 39.79 -29.33 -18.35
CA TYR G 104 39.72 -28.60 -19.62
C TYR G 104 40.87 -28.99 -20.54
N ALA G 105 42.08 -29.06 -19.99
CA ALA G 105 43.27 -29.53 -20.70
C ALA G 105 43.51 -28.81 -22.02
N PRO G 106 43.91 -27.53 -22.00
CA PRO G 106 44.17 -26.82 -23.24
C PRO G 106 45.43 -27.36 -23.90
N LYS G 107 45.64 -26.95 -25.16
CA LYS G 107 46.77 -27.43 -25.93
C LYS G 107 48.11 -27.16 -25.25
N LEU G 108 48.24 -26.00 -24.58
CA LEU G 108 49.48 -25.61 -23.96
C LEU G 108 49.49 -25.87 -22.45
N ARG G 109 50.64 -26.30 -21.95
CA ARG G 109 50.83 -26.58 -20.53
C ARG G 109 50.80 -25.28 -19.74
N SER G 110 50.06 -25.22 -18.62
CA SER G 110 49.90 -23.89 -17.95
C SER G 110 49.75 -23.88 -16.41
N MET G 111 50.18 -24.89 -15.66
CA MET G 111 50.13 -24.82 -14.19
C MET G 111 48.76 -24.43 -13.63
N MET G 112 47.72 -24.43 -14.47
CA MET G 112 46.35 -24.14 -14.06
C MET G 112 45.42 -25.27 -14.44
N ARG G 113 46.01 -26.44 -14.54
CA ARG G 113 45.24 -27.60 -14.98
C ARG G 113 44.23 -27.86 -13.88
N GLY G 114 42.98 -28.12 -14.26
CA GLY G 114 42.02 -28.46 -13.24
C GLY G 114 41.24 -27.27 -12.72
N GLU G 115 41.64 -26.04 -13.06
CA GLU G 115 40.90 -24.87 -12.60
C GLU G 115 39.60 -24.73 -13.38
N ILE G 116 39.60 -25.17 -14.64
CA ILE G 116 38.43 -25.16 -15.50
C ILE G 116 38.18 -26.61 -15.89
N LYS G 117 36.96 -27.09 -15.68
CA LYS G 117 36.57 -28.45 -15.99
C LYS G 117 35.56 -28.47 -17.12
N ASN G 118 35.65 -29.48 -17.97
CA ASN G 118 34.79 -29.71 -19.12
C ASN G 118 33.81 -30.80 -18.72
N CYS G 119 32.57 -30.39 -18.41
CA CYS G 119 31.55 -31.23 -17.81
C CYS G 119 30.43 -31.55 -18.79
N SER G 120 30.16 -32.84 -18.95
CA SER G 120 29.09 -33.36 -19.79
C SER G 120 27.87 -33.63 -18.92
N PHE G 121 26.69 -33.22 -19.39
CA PHE G 121 25.47 -33.52 -18.65
C PHE G 121 24.27 -33.55 -19.58
N ASN G 122 23.20 -34.18 -19.12
CA ASN G 122 21.92 -34.27 -19.84
C ASN G 122 20.96 -33.19 -19.36
N MET G 123 20.84 -32.12 -20.13
CA MET G 123 20.03 -30.97 -19.79
C MET G 123 18.66 -31.12 -20.44
N THR G 124 17.65 -30.46 -19.88
CA THR G 124 16.33 -30.49 -20.47
C THR G 124 16.29 -29.60 -21.70
N THR G 125 15.21 -29.71 -22.47
CA THR G 125 15.02 -28.90 -23.67
C THR G 125 13.56 -28.44 -23.72
N GLU G 126 13.15 -27.88 -24.87
CA GLU G 126 11.81 -27.31 -24.99
C GLU G 126 10.73 -28.35 -24.74
N LEU G 127 10.95 -29.59 -25.16
CA LEU G 127 9.98 -30.65 -24.99
C LEU G 127 10.40 -31.57 -23.85
N ARG G 128 9.42 -32.02 -23.08
CA ARG G 128 9.69 -32.83 -21.90
C ARG G 128 10.06 -34.28 -22.22
N ASP G 129 9.90 -34.74 -23.46
CA ASP G 129 10.23 -36.10 -23.83
C ASP G 129 11.65 -36.27 -24.35
N LYS G 130 12.43 -35.20 -24.46
CA LYS G 130 13.77 -35.26 -25.02
C LYS G 130 14.74 -34.59 -24.06
N LYS G 131 15.99 -35.03 -24.11
CA LYS G 131 17.07 -34.43 -23.36
C LYS G 131 18.23 -34.14 -24.31
N GLN G 132 19.00 -33.12 -23.96
CA GLN G 132 20.11 -32.63 -24.78
C GLN G 132 21.43 -32.85 -24.06
N LYS G 133 22.39 -33.47 -24.73
CA LYS G 133 23.70 -33.64 -24.11
C LYS G 133 24.44 -32.33 -24.29
N VAL G 134 24.95 -31.80 -23.19
CA VAL G 134 25.60 -30.50 -23.15
C VAL G 134 27.01 -30.68 -22.60
N TYR G 135 27.97 -30.02 -23.22
CA TYR G 135 29.34 -29.94 -22.72
C TYR G 135 29.54 -28.48 -22.36
N SER G 136 29.77 -28.23 -21.07
CA SER G 136 29.94 -26.87 -20.56
C SER G 136 31.24 -26.79 -19.77
N LEU G 137 31.84 -25.60 -19.74
CA LEU G 137 33.00 -25.40 -18.89
C LEU G 137 32.54 -24.77 -17.58
N PHE G 138 33.08 -25.27 -16.48
CA PHE G 138 32.81 -24.76 -15.15
C PHE G 138 34.13 -24.47 -14.45
N TYR G 139 34.11 -23.51 -13.54
CA TYR G 139 35.31 -23.28 -12.74
C TYR G 139 35.36 -24.34 -11.65
N ARG G 140 36.58 -24.68 -11.24
CA ARG G 140 36.76 -25.67 -10.18
C ARG G 140 35.97 -25.30 -8.92
N LEU G 141 35.92 -24.02 -8.59
CA LEU G 141 35.26 -23.57 -7.38
C LEU G 141 33.74 -23.70 -7.42
N ASP G 142 33.15 -23.95 -8.59
CA ASP G 142 31.70 -24.07 -8.72
C ASP G 142 31.19 -25.50 -8.66
N VAL G 143 32.07 -26.51 -8.63
CA VAL G 143 31.65 -27.91 -8.61
C VAL G 143 32.37 -28.65 -7.50
N VAL G 144 31.74 -29.73 -7.04
CA VAL G 144 32.34 -30.63 -6.06
C VAL G 144 32.18 -32.05 -6.56
N GLN G 145 33.14 -32.91 -6.19
CA GLN G 145 33.13 -34.30 -6.61
C GLN G 145 32.12 -35.10 -5.81
N ILE G 146 31.41 -35.99 -6.49
CA ILE G 146 30.39 -36.83 -5.84
C ILE G 146 31.02 -38.11 -5.29
N ASN G 147 31.83 -38.79 -6.10
CA ASN G 147 32.44 -40.08 -5.77
C ASN G 147 31.35 -41.14 -5.69
N ASN G 158 36.75 -39.33 -16.81
CA ASN G 158 35.52 -38.72 -16.32
C ASN G 158 35.27 -39.06 -14.86
N LYS G 159 35.00 -38.02 -14.07
CA LYS G 159 34.66 -38.14 -12.66
C LYS G 159 33.31 -37.47 -12.47
N GLU G 160 32.52 -37.94 -11.50
CA GLU G 160 31.20 -37.34 -11.29
C GLU G 160 31.26 -36.16 -10.33
N TYR G 161 30.66 -35.05 -10.76
CA TYR G 161 30.60 -33.79 -10.04
C TYR G 161 29.17 -33.29 -9.97
N ARG G 162 28.92 -32.43 -8.99
CA ARG G 162 27.66 -31.71 -8.86
C ARG G 162 27.99 -30.24 -8.65
N LEU G 163 27.02 -29.36 -8.85
CA LEU G 163 27.28 -27.96 -8.58
C LEU G 163 27.36 -27.79 -7.07
N ILE G 164 28.18 -26.83 -6.65
CA ILE G 164 28.37 -26.57 -5.22
C ILE G 164 27.06 -26.32 -4.49
N ASN G 165 26.04 -25.79 -5.17
CA ASN G 165 24.82 -25.40 -4.47
C ASN G 165 23.71 -26.44 -4.48
N CYS G 166 23.86 -27.58 -5.17
CA CYS G 166 22.72 -28.49 -5.27
C CYS G 166 22.43 -29.16 -3.93
N ASN G 167 23.37 -29.06 -3.00
CA ASN G 167 23.27 -29.57 -1.65
C ASN G 167 22.56 -28.58 -0.74
N THR G 168 22.61 -27.28 -1.08
CA THR G 168 22.09 -26.20 -0.25
C THR G 168 20.97 -25.38 -0.87
N SER G 169 21.02 -25.07 -2.18
CA SER G 169 20.05 -24.14 -2.75
C SER G 169 19.87 -24.36 -4.25
N ALA G 170 18.76 -23.84 -4.77
CA ALA G 170 18.50 -23.83 -6.20
C ALA G 170 19.13 -22.60 -6.85
N ILE G 171 19.55 -22.76 -8.12
CA ILE G 171 20.12 -21.67 -8.90
C ILE G 171 19.06 -20.86 -9.63
N THR G 172 19.13 -19.54 -9.46
CA THR G 172 18.36 -18.61 -10.25
C THR G 172 19.41 -17.98 -11.16
N GLN G 173 19.18 -18.00 -12.47
CA GLN G 173 20.12 -17.41 -13.40
C GLN G 173 19.91 -15.90 -13.46
N ALA G 174 20.99 -15.14 -13.34
CA ALA G 174 20.82 -13.70 -13.49
C ALA G 174 20.49 -13.42 -14.95
N CYS G 175 19.64 -12.45 -15.21
CA CYS G 175 19.33 -12.11 -16.59
C CYS G 175 20.56 -11.52 -17.26
N PRO G 176 20.96 -12.03 -18.45
CA PRO G 176 22.19 -11.51 -19.09
C PRO G 176 22.05 -10.07 -19.56
N LYS G 177 20.83 -9.56 -19.66
CA LYS G 177 20.54 -8.21 -20.13
C LYS G 177 20.64 -7.15 -19.04
N VAL G 178 20.81 -7.54 -17.78
CA VAL G 178 20.79 -6.61 -16.66
C VAL G 178 22.22 -6.48 -16.15
N SER G 179 22.78 -5.27 -16.26
CA SER G 179 24.12 -4.97 -15.81
C SER G 179 24.22 -4.93 -14.30
N PHE G 180 25.39 -5.31 -13.79
CA PHE G 180 25.67 -5.27 -12.36
C PHE G 180 26.45 -4.02 -11.96
N GLU G 181 26.74 -3.12 -12.90
CA GLU G 181 27.57 -1.96 -12.62
C GLU G 181 26.94 -1.05 -11.55
N PRO G 182 27.63 -0.76 -10.44
CA PRO G 182 27.06 0.16 -9.43
C PRO G 182 26.77 1.54 -10.02
N ILE G 183 25.64 2.12 -9.62
CA ILE G 183 25.26 3.46 -10.05
C ILE G 183 25.02 4.27 -8.77
N PRO G 184 25.17 5.59 -8.78
CA PRO G 184 24.87 6.35 -7.55
C PRO G 184 23.40 6.27 -7.18
N ILE G 185 23.14 6.08 -5.89
CA ILE G 185 21.79 6.11 -5.33
C ILE G 185 21.77 7.16 -4.23
N HIS G 186 20.79 8.05 -4.28
CA HIS G 186 20.62 9.13 -3.32
C HIS G 186 19.47 8.82 -2.39
N TYR G 187 19.68 8.94 -1.08
CA TYR G 187 18.63 8.75 -0.10
C TYR G 187 18.13 10.11 0.37
N CYS G 188 16.83 10.32 0.23
CA CYS G 188 16.19 11.61 0.47
C CYS G 188 15.24 11.47 1.65
N ALA G 189 15.21 12.50 2.49
CA ALA G 189 14.31 12.46 3.64
C ALA G 189 12.86 12.61 3.21
N PRO G 190 11.92 11.94 3.88
CA PRO G 190 10.50 12.23 3.66
C PRO G 190 10.18 13.55 4.34
N ALA G 191 9.10 14.19 3.88
CA ALA G 191 8.72 15.45 4.53
C ALA G 191 8.47 15.20 6.01
N GLY G 192 8.93 16.15 6.82
CA GLY G 192 8.82 16.08 8.26
C GLY G 192 10.13 15.64 8.91
N PHE G 193 11.08 15.16 8.12
CA PHE G 193 12.40 14.68 8.53
C PHE G 193 13.47 15.44 7.77
N ALA G 194 14.70 15.40 8.29
CA ALA G 194 15.84 16.02 7.65
C ALA G 194 17.07 15.14 7.82
N ILE G 195 17.99 15.25 6.87
CA ILE G 195 19.29 14.57 6.93
C ILE G 195 20.36 15.59 7.25
N LEU G 196 21.12 15.32 8.31
CA LEU G 196 22.22 16.17 8.76
C LEU G 196 23.53 15.55 8.29
N LYS G 197 24.31 16.32 7.53
CA LYS G 197 25.61 15.90 7.00
C LYS G 197 26.70 16.50 7.88
N CYS G 198 27.60 15.67 8.38
CA CYS G 198 28.62 16.12 9.33
C CYS G 198 29.58 17.17 8.77
N LYS G 199 30.37 16.81 7.76
CA LYS G 199 31.36 17.69 7.13
C LYS G 199 32.49 18.14 8.06
N ASP G 200 32.68 17.49 9.21
CA ASP G 200 33.76 17.84 10.12
C ASP G 200 34.98 17.01 9.72
N LYS G 201 36.00 17.68 9.17
CA LYS G 201 37.18 16.99 8.66
C LYS G 201 37.83 16.19 9.77
N LYS G 202 38.24 14.96 9.45
CA LYS G 202 38.84 14.01 10.39
C LYS G 202 37.83 13.48 11.40
N PHE G 203 36.53 13.59 11.09
CA PHE G 203 35.51 12.97 11.93
C PHE G 203 35.67 11.46 11.90
N ASN G 204 35.70 10.85 13.08
CA ASN G 204 36.00 9.43 13.23
C ASN G 204 34.75 8.57 13.38
N GLY G 205 33.59 9.06 12.94
CA GLY G 205 32.38 8.27 12.98
C GLY G 205 31.56 8.34 14.25
N THR G 206 32.01 9.07 15.27
CA THR G 206 31.27 9.14 16.51
C THR G 206 31.62 10.44 17.23
N GLY G 207 30.66 10.93 18.03
CA GLY G 207 30.89 12.09 18.85
C GLY G 207 30.38 13.37 18.21
N PRO G 208 30.60 14.49 18.89
CA PRO G 208 30.06 15.77 18.40
C PRO G 208 30.68 16.19 17.08
N CYS G 209 29.83 16.66 16.17
CA CYS G 209 30.21 17.17 14.87
C CYS G 209 29.83 18.65 14.87
N GLN G 210 30.81 19.51 14.58
CA GLN G 210 30.65 20.97 14.63
C GLN G 210 30.41 21.64 13.28
N ASN G 211 30.42 20.90 12.17
CA ASN G 211 30.27 21.48 10.83
C ASN G 211 28.97 21.00 10.18
N VAL G 212 27.99 20.66 11.01
CA VAL G 212 26.75 20.03 10.56
C VAL G 212 25.99 20.93 9.60
N SER G 213 25.52 20.35 8.49
CA SER G 213 24.71 21.03 7.49
C SER G 213 23.47 20.18 7.22
N THR G 214 22.40 20.80 6.76
CA THR G 214 21.18 20.10 6.41
C THR G 214 21.11 19.90 4.91
N VAL G 215 20.82 18.66 4.48
CA VAL G 215 20.69 18.34 3.06
C VAL G 215 19.34 17.67 2.84
N GLN G 216 18.78 17.86 1.63
CA GLN G 216 17.56 17.14 1.28
C GLN G 216 17.86 15.67 1.02
N CYS G 217 19.00 15.38 0.40
CA CYS G 217 19.39 14.03 0.01
C CYS G 217 20.86 13.84 0.30
N THR G 218 21.25 12.57 0.41
CA THR G 218 22.65 12.22 0.57
C THR G 218 23.37 12.38 -0.77
N HIS G 219 24.70 12.27 -0.73
CA HIS G 219 25.45 12.29 -1.97
C HIS G 219 25.17 10.98 -2.71
N GLY G 220 25.68 10.87 -3.93
CA GLY G 220 25.39 9.64 -4.62
C GLY G 220 26.32 8.57 -4.10
N ILE G 221 25.72 7.50 -3.57
CA ILE G 221 26.44 6.37 -2.98
C ILE G 221 26.33 5.21 -3.96
N LYS G 222 27.47 4.70 -4.40
CA LYS G 222 27.46 3.59 -5.33
C LYS G 222 27.31 2.28 -4.55
N PRO G 223 26.34 1.41 -4.89
CA PRO G 223 26.24 0.15 -4.12
C PRO G 223 27.31 -0.85 -4.55
N VAL G 224 28.56 -0.51 -4.23
CA VAL G 224 29.68 -1.37 -4.58
C VAL G 224 29.73 -2.48 -3.54
N VAL G 225 29.75 -3.73 -4.02
CA VAL G 225 29.75 -4.89 -3.15
C VAL G 225 31.14 -5.50 -3.21
N SER G 226 31.85 -5.44 -2.09
CA SER G 226 33.20 -5.97 -2.03
C SER G 226 33.53 -6.33 -0.57
N THR G 227 34.59 -7.11 -0.41
CA THR G 227 35.11 -7.44 0.91
C THR G 227 36.57 -7.01 1.01
N GLN G 228 37.04 -6.86 2.25
CA GLN G 228 38.43 -6.54 2.58
C GLN G 228 38.88 -5.15 2.13
N LEU G 229 38.72 -4.85 0.83
CA LEU G 229 39.05 -3.55 0.26
C LEU G 229 37.77 -2.86 -0.20
N LEU G 230 37.64 -1.57 0.11
CA LEU G 230 36.48 -0.78 -0.30
C LEU G 230 36.83 -0.06 -1.60
N LEU G 231 36.08 -0.33 -2.66
CA LEU G 231 36.33 0.25 -3.97
C LEU G 231 35.34 1.38 -4.28
N ASN G 232 35.82 2.34 -5.07
CA ASN G 232 35.00 3.40 -5.66
C ASN G 232 34.16 4.15 -4.63
N GLY G 233 34.74 4.39 -3.45
CA GLY G 233 34.06 5.12 -2.39
C GLY G 233 34.56 6.54 -2.24
N SER G 234 34.22 7.14 -1.11
CA SER G 234 34.64 8.50 -0.80
C SER G 234 36.01 8.45 -0.16
N LEU G 235 36.74 9.56 -0.25
CA LEU G 235 38.06 9.67 0.35
C LEU G 235 38.10 10.72 1.45
N ALA G 236 39.02 10.52 2.38
CA ALA G 236 39.21 11.43 3.48
C ALA G 236 39.68 12.79 2.98
N GLU G 237 39.26 13.85 3.66
CA GLU G 237 39.61 15.19 3.20
C GLU G 237 41.07 15.52 3.44
N GLU G 238 41.62 15.20 4.63
CA GLU G 238 42.98 15.59 4.99
C GLU G 238 43.90 14.44 5.35
N GLU G 239 43.43 13.44 6.08
CA GLU G 239 44.27 12.36 6.60
C GLU G 239 43.50 11.06 6.57
N VAL G 240 44.21 9.94 6.65
CA VAL G 240 43.54 8.66 6.74
C VAL G 240 42.79 8.62 8.07
N ILE G 241 41.52 8.20 8.04
CA ILE G 241 40.67 8.17 9.22
C ILE G 241 40.35 6.73 9.56
N ILE G 242 40.62 6.34 10.81
CA ILE G 242 40.37 4.99 11.29
C ILE G 242 39.16 5.04 12.22
N ARG G 243 38.10 4.32 11.86
CA ARG G 243 36.83 4.34 12.57
C ARG G 243 36.48 2.95 13.09
N SER G 244 36.13 2.84 14.37
CA SER G 244 35.71 1.57 14.91
C SER G 244 34.72 1.80 16.05
N GLU G 245 33.78 0.87 16.21
CA GLU G 245 32.79 0.99 17.28
C GLU G 245 33.46 0.97 18.64
N ASN G 246 34.45 0.09 18.80
CA ASN G 246 35.22 -0.04 20.04
C ASN G 246 36.60 -0.51 19.62
N ILE G 247 37.56 0.41 19.57
CA ILE G 247 38.88 0.12 19.00
C ILE G 247 39.59 -0.98 19.78
N THR G 248 39.30 -1.11 21.08
CA THR G 248 39.95 -2.11 21.91
C THR G 248 39.26 -3.48 21.83
N ASN G 249 38.06 -3.56 21.25
CA ASN G 249 37.30 -4.81 21.20
C ASN G 249 37.67 -5.56 19.91
N ASN G 250 38.33 -6.70 20.06
CA ASN G 250 38.81 -7.47 18.91
C ASN G 250 37.68 -7.96 18.01
N ALA G 251 36.45 -8.02 18.52
CA ALA G 251 35.31 -8.52 17.75
C ALA G 251 34.71 -7.49 16.81
N LYS G 252 35.15 -6.24 16.87
CA LYS G 252 34.63 -5.16 16.04
C LYS G 252 35.54 -4.96 14.85
N ASN G 253 34.98 -4.53 13.73
CA ASN G 253 35.77 -4.24 12.55
C ASN G 253 36.26 -2.80 12.60
N ILE G 254 37.41 -2.58 11.96
CA ILE G 254 38.03 -1.27 11.82
C ILE G 254 37.89 -0.85 10.36
N LEU G 255 37.26 0.31 10.12
CA LEU G 255 37.09 0.84 8.78
C LEU G 255 38.08 1.96 8.58
N VAL G 256 38.97 1.80 7.60
CA VAL G 256 40.03 2.77 7.35
C VAL G 256 39.67 3.50 6.07
N GLN G 257 39.46 4.81 6.16
CA GLN G 257 39.13 5.64 5.00
C GLN G 257 40.39 6.37 4.57
N LEU G 258 40.80 6.16 3.32
CA LEU G 258 42.04 6.72 2.83
C LEU G 258 41.80 8.14 2.31
N ASN G 259 42.86 8.98 2.37
CA ASN G 259 42.79 10.31 1.78
C ASN G 259 43.18 10.32 0.32
N THR G 260 43.94 9.32 -0.12
CA THR G 260 44.34 9.16 -1.51
C THR G 260 43.91 7.77 -1.92
N SER G 261 43.52 7.61 -3.18
CA SER G 261 43.12 6.30 -3.64
C SER G 261 44.33 5.51 -4.10
N VAL G 262 44.18 4.20 -4.15
CA VAL G 262 45.16 3.30 -4.74
C VAL G 262 44.51 2.70 -5.97
N GLN G 263 45.10 2.89 -7.14
CA GLN G 263 44.46 2.40 -8.35
C GLN G 263 44.72 0.90 -8.44
N ILE G 264 43.66 0.14 -8.71
CA ILE G 264 43.74 -1.30 -8.89
C ILE G 264 43.18 -1.64 -10.26
N ASN G 265 43.99 -2.33 -11.07
CA ASN G 265 43.61 -2.73 -12.42
C ASN G 265 43.36 -4.23 -12.43
N CYS G 266 42.11 -4.66 -12.57
CA CYS G 266 41.73 -6.07 -12.48
C CYS G 266 41.24 -6.54 -13.84
N THR G 267 41.66 -7.75 -14.23
CA THR G 267 41.24 -8.29 -15.50
C THR G 267 40.97 -9.79 -15.44
N ARG G 268 40.24 -10.22 -16.48
CA ARG G 268 39.89 -11.59 -16.79
C ARG G 268 40.45 -11.74 -18.21
N PRO G 269 41.75 -12.05 -18.32
CA PRO G 269 42.44 -12.01 -19.61
C PRO G 269 42.03 -13.08 -20.60
N SER G 270 41.42 -14.17 -20.13
CA SER G 270 41.01 -15.24 -21.05
C SER G 270 39.85 -14.79 -21.92
N ASN G 271 39.96 -15.07 -23.22
CA ASN G 271 38.93 -14.72 -24.20
C ASN G 271 37.87 -15.82 -24.20
N ASN G 272 37.03 -15.79 -23.18
CA ASN G 272 36.00 -16.81 -23.01
C ASN G 272 34.89 -16.64 -24.04
N THR G 273 34.50 -17.74 -24.68
CA THR G 273 33.43 -17.76 -25.66
C THR G 273 32.20 -18.31 -24.96
N VAL G 274 31.10 -17.57 -25.05
CA VAL G 274 29.83 -17.88 -24.40
C VAL G 274 28.87 -18.52 -25.40
N LYS G 275 28.29 -19.65 -24.99
CA LYS G 275 27.33 -20.40 -25.78
C LYS G 275 26.00 -20.38 -25.04
N SER G 276 24.90 -20.63 -25.76
CA SER G 276 23.57 -20.61 -25.16
C SER G 276 22.70 -21.71 -25.75
N ILE G 277 22.00 -22.41 -24.86
CA ILE G 277 21.07 -23.48 -25.23
C ILE G 277 19.71 -23.25 -24.58
N ARG G 278 18.66 -23.68 -25.26
CA ARG G 278 17.31 -23.60 -24.72
C ARG G 278 17.06 -24.79 -23.80
N ILE G 279 16.55 -24.50 -22.59
CA ILE G 279 16.28 -25.53 -21.59
C ILE G 279 14.80 -25.72 -21.31
N GLY G 280 13.94 -24.85 -21.83
CA GLY G 280 12.51 -24.99 -21.67
C GLY G 280 11.82 -23.90 -22.47
N PRO G 281 10.48 -23.93 -22.52
CA PRO G 281 9.77 -22.88 -23.27
C PRO G 281 10.06 -21.50 -22.72
N GLY G 282 10.65 -20.65 -23.55
CA GLY G 282 10.95 -19.30 -23.16
C GLY G 282 12.17 -19.14 -22.27
N GLN G 283 12.88 -20.23 -21.99
CA GLN G 283 14.02 -20.25 -21.08
C GLN G 283 15.27 -20.69 -21.82
N ALA G 284 16.37 -20.00 -21.60
CA ALA G 284 17.65 -20.34 -22.19
C ALA G 284 18.72 -20.32 -21.11
N PHE G 285 19.63 -21.27 -21.20
CA PHE G 285 20.76 -21.40 -20.29
C PHE G 285 22.03 -20.89 -20.96
N TYR G 286 22.68 -19.93 -20.33
CA TYR G 286 23.91 -19.34 -20.83
C TYR G 286 25.06 -19.97 -20.06
N TYR G 287 26.09 -20.41 -20.77
CA TYR G 287 27.20 -21.10 -20.14
C TYR G 287 28.50 -20.79 -20.83
N PHE G 288 29.58 -21.08 -20.09
CA PHE G 288 30.94 -20.86 -20.54
C PHE G 288 31.25 -21.96 -21.54
N GLY G 289 31.38 -21.56 -22.81
CA GLY G 289 31.54 -22.51 -23.89
C GLY G 289 32.96 -22.95 -24.16
N ASP G 290 33.85 -21.99 -24.39
CA ASP G 290 35.23 -22.34 -24.73
C ASP G 290 36.15 -21.18 -24.34
N VAL G 291 37.45 -21.38 -24.53
CA VAL G 291 38.46 -20.35 -24.35
C VAL G 291 39.23 -20.20 -25.65
N LEU G 292 39.26 -18.99 -26.20
CA LEU G 292 40.04 -18.74 -27.41
C LEU G 292 41.42 -18.27 -26.98
N GLY G 293 42.43 -18.65 -27.76
CA GLY G 293 43.77 -18.25 -27.38
C GLY G 293 44.21 -19.10 -26.20
N HIS G 294 45.11 -18.55 -25.39
CA HIS G 294 45.66 -19.29 -24.27
C HIS G 294 44.82 -19.00 -23.01
N VAL G 295 44.85 -19.94 -22.08
CA VAL G 295 44.23 -19.71 -20.78
C VAL G 295 45.14 -18.82 -19.97
N ARG G 296 44.60 -17.74 -19.42
CA ARG G 296 45.35 -16.81 -18.59
C ARG G 296 44.56 -16.53 -17.33
N MET G 297 45.28 -16.43 -16.21
CA MET G 297 44.65 -16.26 -14.91
C MET G 297 44.15 -14.84 -14.70
N ALA G 298 43.00 -14.71 -14.06
CA ALA G 298 42.48 -13.40 -13.68
C ALA G 298 43.41 -12.82 -12.63
N HIS G 299 43.61 -11.50 -12.66
CA HIS G 299 44.53 -10.93 -11.69
C HIS G 299 44.25 -9.44 -11.53
N CYS G 300 44.81 -8.87 -10.44
CA CYS G 300 44.73 -7.43 -10.20
C CYS G 300 46.12 -6.85 -9.99
N ASN G 301 46.37 -5.70 -10.60
CA ASN G 301 47.63 -4.97 -10.49
C ASN G 301 47.46 -3.78 -9.56
N ILE G 302 48.25 -3.74 -8.49
CA ILE G 302 48.30 -2.64 -7.54
C ILE G 302 49.72 -2.09 -7.54
N SER G 303 49.87 -0.77 -7.69
CA SER G 303 51.22 -0.21 -7.69
C SER G 303 51.88 -0.49 -6.34
N LYS G 304 53.13 -0.96 -6.38
CA LYS G 304 53.79 -1.36 -5.14
C LYS G 304 54.16 -0.17 -4.27
N ALA G 305 54.69 0.89 -4.87
CA ALA G 305 55.09 2.05 -4.08
C ALA G 305 53.87 2.74 -3.47
N THR G 306 52.78 2.81 -4.23
CA THR G 306 51.59 3.50 -3.74
C THR G 306 51.02 2.74 -2.55
N TRP G 307 50.94 1.41 -2.65
CA TRP G 307 50.45 0.61 -1.55
C TRP G 307 51.35 0.72 -0.33
N ASN G 308 52.67 0.72 -0.55
CA ASN G 308 53.60 0.85 0.57
C ASN G 308 53.40 2.18 1.30
N GLU G 309 53.16 3.25 0.55
CA GLU G 309 52.88 4.54 1.17
C GLU G 309 51.54 4.51 1.89
N THR G 310 50.55 3.84 1.30
CA THR G 310 49.23 3.74 1.91
C THR G 310 49.31 3.01 3.24
N LEU G 311 50.06 1.90 3.29
CA LEU G 311 50.19 1.20 4.55
C LEU G 311 50.96 2.03 5.54
N GLY G 312 51.99 2.77 5.11
CA GLY G 312 52.71 3.59 6.06
C GLY G 312 51.80 4.60 6.73
N LYS G 313 50.88 5.18 5.94
CA LYS G 313 49.90 6.12 6.49
C LYS G 313 48.94 5.44 7.46
N VAL G 314 48.49 4.23 7.10
CA VAL G 314 47.58 3.49 7.97
C VAL G 314 48.27 3.14 9.28
N VAL G 315 49.53 2.73 9.21
CA VAL G 315 50.27 2.38 10.42
C VAL G 315 50.42 3.60 11.31
N LYS G 316 50.76 4.76 10.73
CA LYS G 316 50.88 5.97 11.55
C LYS G 316 49.58 6.25 12.30
N GLN G 317 48.44 6.14 11.59
CA GLN G 317 47.17 6.41 12.23
C GLN G 317 46.83 5.35 13.26
N LEU G 318 47.18 4.09 13.01
CA LEU G 318 46.94 3.06 14.00
C LEU G 318 47.80 3.27 15.24
N ARG G 319 49.05 3.71 15.04
CA ARG G 319 49.93 3.97 16.17
C ARG G 319 49.36 5.04 17.07
N LYS G 320 48.61 5.99 16.48
CA LYS G 320 47.99 7.00 17.33
C LYS G 320 47.11 6.38 18.41
N HIS G 321 46.46 5.24 18.11
CA HIS G 321 45.59 4.56 19.06
C HIS G 321 46.25 3.44 19.84
N PHE G 322 47.25 2.76 19.24
CA PHE G 322 47.86 1.57 19.84
C PHE G 322 49.23 1.81 20.45
N GLY G 323 49.81 2.99 20.29
CA GLY G 323 51.12 3.32 20.89
C GLY G 323 52.22 3.60 19.88
N ASN G 324 52.95 4.69 20.17
CA ASN G 324 54.01 5.16 19.28
C ASN G 324 55.15 4.18 19.13
N ASN G 325 55.42 3.36 20.15
CA ASN G 325 56.51 2.40 20.13
C ASN G 325 56.10 0.96 19.91
N THR G 326 54.88 0.69 19.45
CA THR G 326 54.44 -0.68 19.25
C THR G 326 54.70 -1.10 17.80
N ILE G 327 54.55 -2.39 17.54
CA ILE G 327 54.81 -2.99 16.23
C ILE G 327 53.47 -3.36 15.63
N ILE G 328 53.21 -2.91 14.41
CA ILE G 328 51.98 -3.21 13.69
C ILE G 328 52.32 -4.16 12.54
N ARG G 329 51.75 -5.36 12.59
CA ARG G 329 51.99 -6.40 11.61
C ARG G 329 50.71 -6.64 10.82
N PHE G 330 50.81 -6.65 9.50
CA PHE G 330 49.70 -6.98 8.64
C PHE G 330 49.89 -8.42 8.19
N ALA G 331 48.78 -9.17 8.14
CA ALA G 331 48.82 -10.56 7.75
C ALA G 331 47.55 -10.92 6.99
N GLN G 332 47.64 -12.02 6.23
CA GLN G 332 46.52 -12.53 5.46
C GLN G 332 45.42 -13.03 6.38
N SER G 333 44.19 -13.05 5.84
CA SER G 333 43.05 -13.54 6.60
C SER G 333 43.28 -15.00 7.00
N SER G 334 42.93 -15.31 8.25
CA SER G 334 43.22 -16.63 8.81
C SER G 334 42.31 -17.76 8.34
N GLY G 335 41.10 -17.47 7.86
CA GLY G 335 40.24 -18.56 7.47
C GLY G 335 38.81 -18.14 7.28
N GLY G 336 38.01 -19.09 6.82
CA GLY G 336 36.60 -18.93 6.52
C GLY G 336 36.32 -19.11 5.04
N ASP G 337 35.12 -18.74 4.65
CA ASP G 337 34.69 -18.90 3.27
C ASP G 337 35.53 -18.00 2.37
N LEU G 338 35.60 -18.37 1.08
CA LEU G 338 36.38 -17.59 0.12
C LEU G 338 35.91 -16.15 0.07
N GLU G 339 34.63 -15.91 0.32
CA GLU G 339 34.07 -14.56 0.36
C GLU G 339 34.80 -13.66 1.35
N VAL G 340 35.32 -14.23 2.45
CA VAL G 340 35.98 -13.44 3.49
C VAL G 340 37.48 -13.67 3.59
N THR G 341 38.02 -14.72 2.96
CA THR G 341 39.46 -14.92 2.96
C THR G 341 40.12 -14.20 1.80
N THR G 342 39.36 -13.88 0.76
CA THR G 342 39.81 -13.14 -0.41
C THR G 342 39.03 -11.83 -0.55
N HIS G 343 39.53 -11.01 -1.46
CA HIS G 343 38.90 -9.75 -1.84
C HIS G 343 37.87 -10.09 -2.91
N SER G 344 36.61 -10.09 -2.51
CA SER G 344 35.51 -10.40 -3.41
C SER G 344 35.07 -9.10 -4.06
N PHE G 345 34.81 -9.14 -5.35
CA PHE G 345 34.25 -7.97 -6.01
C PHE G 345 33.65 -8.41 -7.33
N ASN G 346 32.89 -7.51 -7.95
CA ASN G 346 32.29 -7.75 -9.26
C ASN G 346 32.57 -6.60 -10.20
N CYS G 347 33.23 -6.91 -11.32
CA CYS G 347 33.44 -5.88 -12.34
C CYS G 347 33.40 -6.57 -13.68
N GLY G 348 32.84 -5.87 -14.67
CA GLY G 348 32.77 -6.44 -15.99
C GLY G 348 31.69 -7.48 -16.12
N GLY G 349 30.91 -7.70 -15.06
CA GLY G 349 29.90 -8.72 -14.98
C GLY G 349 30.42 -10.00 -14.37
N GLU G 350 31.71 -10.08 -14.01
CA GLU G 350 32.30 -11.27 -13.43
C GLU G 350 32.62 -11.05 -11.96
N PHE G 351 32.52 -12.15 -11.18
CA PHE G 351 32.79 -12.15 -9.75
C PHE G 351 34.19 -12.69 -9.47
N PHE G 352 35.06 -11.80 -8.99
CA PHE G 352 36.47 -12.05 -8.75
C PHE G 352 36.72 -12.26 -7.26
N TYR G 353 37.63 -13.19 -6.94
CA TYR G 353 38.08 -13.49 -5.58
C TYR G 353 39.62 -13.43 -5.55
N CYS G 354 40.19 -12.30 -5.16
CA CYS G 354 41.63 -12.06 -5.24
C CYS G 354 42.29 -12.33 -3.89
N ASN G 355 43.44 -13.04 -3.90
CA ASN G 355 44.06 -13.50 -2.66
C ASN G 355 44.35 -12.37 -1.67
N THR G 356 45.05 -11.32 -2.11
CA THR G 356 45.49 -10.18 -1.28
C THR G 356 46.58 -10.54 -0.28
N SER G 357 47.06 -11.78 -0.24
CA SER G 357 48.11 -12.13 0.73
C SER G 357 49.41 -11.37 0.46
N GLY G 358 49.57 -10.81 -0.74
CA GLY G 358 50.73 -10.01 -1.08
C GLY G 358 50.65 -8.57 -0.62
N LEU G 359 49.48 -8.13 -0.14
CA LEU G 359 49.28 -6.77 0.32
C LEU G 359 49.34 -6.64 1.82
N PHE G 360 49.03 -7.71 2.56
CA PHE G 360 49.00 -7.70 4.01
C PHE G 360 49.94 -8.79 4.50
N ASN G 361 51.23 -8.49 4.45
CA ASN G 361 52.27 -9.42 4.86
C ASN G 361 53.50 -8.58 5.20
N SER G 362 53.46 -7.85 6.31
CA SER G 362 54.58 -6.97 6.62
C SER G 362 54.58 -6.66 8.11
N THR G 363 55.75 -6.33 8.65
CA THR G 363 55.87 -5.92 10.05
C THR G 363 56.47 -4.52 10.07
N TRP G 364 55.77 -3.60 10.72
CA TRP G 364 56.13 -2.19 10.83
C TRP G 364 56.58 -1.93 12.26
N ILE G 365 57.87 -1.61 12.43
CA ILE G 365 58.49 -1.44 13.74
C ILE G 365 58.88 0.03 13.86
N SER G 366 58.41 0.68 14.92
CA SER G 366 58.65 2.09 15.29
C SER G 366 59.13 3.03 14.18
N ASP G 380 58.09 -3.15 -9.30
CA ASP G 380 57.41 -1.91 -9.63
C ASP G 380 55.92 -2.00 -9.32
N SER G 381 55.35 -3.19 -9.54
CA SER G 381 53.94 -3.44 -9.33
C SER G 381 53.75 -4.78 -8.64
N LEU G 382 52.65 -4.90 -7.91
CA LEU G 382 52.26 -6.11 -7.21
C LEU G 382 51.05 -6.69 -7.93
N ILE G 383 51.11 -7.98 -8.24
CA ILE G 383 50.03 -8.66 -8.95
C ILE G 383 49.40 -9.66 -7.99
N LEU G 384 48.08 -9.58 -7.85
CA LEU G 384 47.27 -10.44 -7.01
C LEU G 384 46.63 -11.52 -7.85
N PRO G 385 46.81 -12.81 -7.56
CA PRO G 385 46.06 -13.83 -8.31
C PRO G 385 44.61 -13.76 -7.91
N CYS G 386 43.74 -14.02 -8.87
CA CYS G 386 42.30 -14.01 -8.62
C CYS G 386 41.66 -15.24 -9.24
N TRP G 387 40.61 -15.71 -8.57
CA TRP G 387 39.78 -16.80 -9.06
C TRP G 387 38.42 -16.21 -9.39
N ILE G 388 37.72 -16.80 -10.34
CA ILE G 388 36.40 -16.31 -10.73
C ILE G 388 35.38 -17.40 -10.45
N LYS G 389 34.23 -16.99 -9.88
CA LYS G 389 33.15 -17.92 -9.60
C LYS G 389 31.89 -17.49 -10.33
N GLN G 390 31.10 -18.49 -10.75
CA GLN G 390 29.80 -18.22 -11.35
C GLN G 390 28.62 -18.41 -10.39
N ILE G 391 28.76 -19.24 -9.36
CA ILE G 391 27.67 -19.46 -8.40
C ILE G 391 28.02 -18.66 -7.16
N ILE G 392 27.24 -17.61 -6.90
CA ILE G 392 27.54 -16.63 -5.86
C ILE G 392 26.44 -16.68 -4.80
N ASN G 393 26.84 -16.79 -3.54
CA ASN G 393 25.92 -16.75 -2.40
C ASN G 393 26.17 -15.41 -1.70
N MET G 394 25.35 -14.40 -1.99
CA MET G 394 25.61 -13.05 -1.53
C MET G 394 24.84 -12.75 -0.25
N TRP G 395 25.18 -11.61 0.38
CA TRP G 395 24.52 -11.12 1.59
C TRP G 395 24.52 -12.16 2.70
N GLN G 396 25.58 -12.95 2.78
CA GLN G 396 25.76 -14.03 3.75
C GLN G 396 24.49 -14.86 3.99
N ARG G 397 23.67 -15.02 2.97
CA ARG G 397 22.46 -15.84 3.07
C ARG G 397 22.77 -17.26 2.63
N ILE G 398 22.04 -18.21 3.22
CA ILE G 398 22.11 -19.61 2.88
C ILE G 398 20.74 -20.02 2.36
N GLY G 399 20.71 -20.62 1.17
CA GLY G 399 19.48 -21.07 0.55
C GLY G 399 19.07 -20.33 -0.70
N GLN G 400 19.72 -19.21 -1.04
CA GLN G 400 19.42 -18.45 -2.25
C GLN G 400 20.67 -18.16 -3.07
N ALA G 401 20.99 -19.06 -4.01
CA ALA G 401 22.19 -18.97 -4.81
C ALA G 401 21.84 -18.41 -6.18
N MET G 402 22.79 -17.68 -6.77
CA MET G 402 22.62 -17.10 -8.10
C MET G 402 23.77 -17.54 -9.00
N TYR G 403 23.45 -17.78 -10.28
CA TYR G 403 24.43 -18.14 -11.28
C TYR G 403 24.70 -16.94 -12.18
N ALA G 404 25.94 -16.49 -12.21
CA ALA G 404 26.31 -15.33 -13.02
C ALA G 404 26.65 -15.80 -14.43
N PRO G 405 25.93 -15.36 -15.47
CA PRO G 405 26.28 -15.79 -16.81
C PRO G 405 27.68 -15.34 -17.16
N PRO G 406 28.41 -16.12 -17.97
CA PRO G 406 29.74 -15.66 -18.38
C PRO G 406 29.63 -14.53 -19.39
N ILE G 407 30.60 -13.64 -19.33
CA ILE G 407 30.68 -12.45 -20.19
C ILE G 407 31.59 -12.78 -21.36
N GLN G 408 31.08 -12.53 -22.57
CA GLN G 408 31.82 -12.82 -23.79
C GLN G 408 33.05 -11.92 -23.89
N GLY G 409 34.19 -12.53 -24.20
CA GLY G 409 35.42 -11.79 -24.41
C GLY G 409 36.23 -11.55 -23.16
N VAL G 410 37.27 -10.75 -23.35
CA VAL G 410 38.23 -10.41 -22.31
C VAL G 410 37.71 -9.18 -21.60
N ILE G 411 37.72 -9.18 -20.26
CA ILE G 411 37.22 -8.03 -19.50
C ILE G 411 38.31 -7.44 -18.63
N ARG G 412 38.27 -6.11 -18.49
CA ARG G 412 39.20 -5.37 -17.67
C ARG G 412 38.45 -4.21 -17.01
N CYS G 413 38.76 -3.96 -15.75
CA CYS G 413 38.19 -2.84 -15.01
C CYS G 413 39.31 -2.15 -14.24
N VAL G 414 39.20 -0.83 -14.11
CA VAL G 414 40.13 -0.02 -13.32
C VAL G 414 39.29 0.65 -12.23
N SER G 415 39.66 0.46 -10.97
CA SER G 415 38.89 1.02 -9.87
C SER G 415 39.83 1.63 -8.84
N ASN G 416 39.24 2.43 -7.96
CA ASN G 416 39.96 3.14 -6.91
C ASN G 416 39.73 2.40 -5.59
N ILE G 417 40.82 2.06 -4.89
CA ILE G 417 40.72 1.54 -3.54
C ILE G 417 40.71 2.77 -2.65
N THR G 418 39.58 2.99 -1.98
CA THR G 418 39.34 4.17 -1.18
C THR G 418 39.29 3.88 0.32
N GLY G 419 39.21 2.62 0.70
CA GLY G 419 39.23 2.28 2.11
C GLY G 419 39.48 0.80 2.31
N LEU G 420 39.86 0.47 3.54
CA LEU G 420 40.17 -0.89 3.96
C LEU G 420 39.26 -1.31 5.09
N ILE G 421 39.03 -2.62 5.21
CA ILE G 421 38.42 -3.23 6.38
C ILE G 421 39.52 -4.03 7.04
N LEU G 422 39.73 -3.82 8.34
CA LEU G 422 40.72 -4.56 9.11
C LEU G 422 40.09 -5.12 10.37
N THR G 423 40.63 -6.24 10.84
CA THR G 423 40.30 -6.80 12.14
C THR G 423 41.60 -6.94 12.91
N ARG G 424 41.51 -7.08 14.22
CA ARG G 424 42.69 -7.21 15.08
C ARG G 424 42.59 -8.48 15.90
N ASP G 425 43.74 -9.11 16.14
CA ASP G 425 43.82 -10.30 16.96
C ASP G 425 43.98 -9.93 18.44
N SER G 431 51.30 -7.60 24.99
CA SER G 431 51.91 -7.89 23.70
C SER G 431 52.36 -6.61 23.00
N THR G 432 53.64 -6.56 22.66
CA THR G 432 54.18 -5.40 21.96
C THR G 432 53.66 -5.31 20.54
N THR G 433 53.48 -6.46 19.87
CA THR G 433 53.08 -6.51 18.47
C THR G 433 51.59 -6.79 18.34
N GLU G 434 50.90 -5.96 17.55
CA GLU G 434 49.50 -6.13 17.20
C GLU G 434 49.45 -6.63 15.77
N THR G 435 48.52 -7.55 15.48
CA THR G 435 48.36 -8.10 14.14
C THR G 435 46.98 -7.77 13.58
N PHE G 436 46.98 -7.23 12.36
CA PHE G 436 45.79 -6.83 11.61
C PHE G 436 45.61 -7.70 10.38
N ARG G 437 44.36 -8.08 10.11
CA ARG G 437 44.01 -8.93 8.98
C ARG G 437 42.85 -8.32 8.20
N PRO G 438 42.74 -8.59 6.89
CA PRO G 438 41.63 -8.02 6.09
C PRO G 438 40.21 -8.18 6.61
N GLY G 439 39.85 -9.31 7.22
CA GLY G 439 38.49 -9.47 7.73
C GLY G 439 37.44 -9.22 6.66
N GLY G 440 36.41 -8.44 7.00
CA GLY G 440 35.37 -8.10 6.07
C GLY G 440 34.29 -9.15 5.96
N GLY G 441 33.43 -8.97 4.94
CA GLY G 441 32.35 -9.87 4.65
C GLY G 441 30.95 -9.39 5.02
N ASP G 442 30.82 -8.44 5.96
CA ASP G 442 29.51 -7.92 6.33
C ASP G 442 29.29 -6.62 5.55
N MET G 443 28.35 -6.68 4.60
CA MET G 443 28.14 -5.57 3.68
C MET G 443 27.67 -4.30 4.39
N ARG G 444 27.10 -4.41 5.59
CA ARG G 444 26.66 -3.21 6.30
C ARG G 444 27.82 -2.25 6.51
N ASP G 445 29.02 -2.80 6.72
CA ASP G 445 30.15 -1.93 6.96
C ASP G 445 30.56 -1.18 5.72
N ASN G 446 30.22 -1.71 4.53
CA ASN G 446 30.59 -0.99 3.33
C ASN G 446 29.72 0.24 3.23
N TRP G 447 28.44 0.08 3.59
CA TRP G 447 27.56 1.23 3.56
C TRP G 447 28.02 2.23 4.61
N ARG G 448 28.42 1.72 5.79
CA ARG G 448 28.86 2.63 6.83
C ARG G 448 29.97 3.54 6.35
N SER G 449 30.85 3.03 5.47
CA SER G 449 31.98 3.83 5.01
C SER G 449 31.54 5.04 4.21
N GLU G 450 30.29 5.06 3.74
CA GLU G 450 29.72 6.19 3.03
C GLU G 450 28.68 6.92 3.85
N LEU G 451 27.94 6.20 4.70
CA LEU G 451 26.86 6.79 5.49
C LEU G 451 27.31 7.37 6.82
N TYR G 452 28.58 7.22 7.20
CA TYR G 452 29.04 7.76 8.47
C TYR G 452 28.79 9.26 8.63
N LYS G 453 28.66 10.01 7.54
CA LYS G 453 28.47 11.45 7.62
C LYS G 453 27.02 11.87 7.79
N TYR G 454 26.05 10.96 7.70
CA TYR G 454 24.65 11.33 7.70
C TYR G 454 23.89 10.80 8.91
N LYS G 455 22.98 11.64 9.40
CA LYS G 455 22.07 11.33 10.49
C LYS G 455 20.67 11.74 10.06
N VAL G 456 19.65 10.96 10.43
CA VAL G 456 18.26 11.29 10.12
C VAL G 456 17.61 11.79 11.40
N VAL G 457 17.01 12.97 11.34
CA VAL G 457 16.33 13.55 12.49
C VAL G 457 14.90 13.91 12.12
N LYS G 458 14.00 13.78 13.09
CA LYS G 458 12.60 14.15 12.96
C LYS G 458 12.46 15.58 13.43
N ILE G 459 11.70 16.36 12.69
CA ILE G 459 11.49 17.77 13.03
C ILE G 459 10.31 17.87 13.98
N GLU G 460 10.50 18.63 15.07
CA GLU G 460 9.50 18.79 16.13
C GLU G 460 9.11 20.26 16.09
N PRO G 461 8.17 20.63 15.22
CA PRO G 461 7.90 22.06 14.97
C PRO G 461 7.23 22.80 16.12
N LEU G 462 6.65 22.11 17.09
CA LEU G 462 6.03 22.80 18.20
C LEU G 462 7.01 23.05 19.33
N GLY G 463 6.81 24.18 19.99
CA GLY G 463 7.54 24.50 21.20
C GLY G 463 6.81 25.62 21.91
N VAL G 464 7.16 25.80 23.17
CA VAL G 464 6.55 26.81 24.01
C VAL G 464 7.66 27.60 24.66
N ALA G 465 7.40 28.88 24.92
CA ALA G 465 8.41 29.68 25.59
C ALA G 465 7.73 30.85 26.29
N PRO G 466 8.33 31.39 27.36
CA PRO G 466 7.68 32.49 28.07
C PRO G 466 7.91 33.83 27.37
N THR G 467 6.82 34.52 27.07
CA THR G 467 6.88 35.84 26.45
C THR G 467 5.98 36.74 27.29
N ARG G 468 6.17 38.05 27.14
CA ARG G 468 5.26 38.99 27.78
C ARG G 468 4.09 39.25 26.84
N CYS G 469 3.28 38.22 26.64
CA CYS G 469 2.21 38.31 25.65
C CYS G 469 1.03 37.50 26.13
N LYS G 470 -0.05 38.18 26.48
CA LYS G 470 -1.26 37.55 27.01
C LYS G 470 -2.36 37.61 25.96
N ARG G 471 -3.09 36.50 25.83
CA ARG G 471 -4.23 36.47 24.93
C ARG G 471 -5.32 37.38 25.47
N ARG G 472 -6.00 38.09 24.57
CA ARG G 472 -7.10 39.01 24.90
C ARG G 472 -8.04 38.53 26.02
N GLU H 1 29.59 56.44 24.55
CA GLU H 1 28.27 56.63 25.21
C GLU H 1 27.15 56.62 24.18
N VAL H 2 25.92 56.76 24.66
CA VAL H 2 24.73 56.83 23.81
C VAL H 2 24.37 58.29 23.58
N GLN H 3 24.22 58.69 22.32
CA GLN H 3 23.87 60.05 21.97
C GLN H 3 22.74 60.09 20.95
N LEU H 4 21.82 61.03 21.16
CA LEU H 4 20.71 61.32 20.26
C LEU H 4 20.82 62.80 19.88
N VAL H 5 20.89 63.10 18.58
CA VAL H 5 21.07 64.48 18.10
C VAL H 5 19.94 64.85 17.15
N GLU H 6 19.14 65.84 17.57
CA GLU H 6 18.03 66.37 16.78
C GLU H 6 18.44 67.36 15.70
N THR H 7 17.80 67.24 14.54
CA THR H 7 17.89 68.19 13.45
C THR H 7 16.45 68.59 13.16
N GLY H 8 16.20 69.87 12.90
CA GLY H 8 14.84 70.27 12.62
C GLY H 8 14.75 71.73 12.23
N GLY H 9 13.50 72.17 12.07
CA GLY H 9 13.19 73.51 11.64
C GLY H 9 13.08 74.47 12.81
N GLY H 10 12.58 75.67 12.50
CA GLY H 10 12.43 76.73 13.48
C GLY H 10 11.03 77.29 13.49
N LEU H 11 10.87 78.56 13.10
CA LEU H 11 9.57 79.20 13.12
C LEU H 11 8.80 78.86 11.84
N VAL H 12 7.61 78.29 11.99
CA VAL H 12 6.72 77.93 10.90
C VAL H 12 5.37 78.58 11.18
N GLN H 13 4.78 79.18 10.15
CA GLN H 13 3.50 79.85 10.31
C GLN H 13 2.42 78.87 10.77
N PRO H 14 1.37 79.34 11.46
CA PRO H 14 0.29 78.44 11.88
C PRO H 14 -0.31 77.68 10.71
N GLY H 15 -0.56 76.39 10.93
CA GLY H 15 -1.19 75.56 9.93
C GLY H 15 -0.25 74.94 8.91
N GLY H 16 1.06 75.14 9.03
CA GLY H 16 2.02 74.61 8.08
C GLY H 16 2.48 73.21 8.45
N SER H 17 3.70 72.87 8.03
CA SER H 17 4.27 71.56 8.28
C SER H 17 5.74 71.67 8.63
N LEU H 18 6.21 70.72 9.43
CA LEU H 18 7.60 70.68 9.88
C LEU H 18 7.99 69.24 10.13
N LYS H 19 9.22 68.86 9.75
CA LYS H 19 9.74 67.53 10.01
C LYS H 19 11.04 67.59 10.79
N LEU H 20 11.11 66.75 11.82
CA LEU H 20 12.28 66.54 12.66
C LEU H 20 12.95 65.25 12.26
N SER H 21 14.28 65.21 12.40
CA SER H 21 15.06 64.01 12.12
C SER H 21 16.09 63.89 13.23
N CYS H 22 16.09 62.74 13.90
CA CYS H 22 16.91 62.48 15.07
C CYS H 22 17.88 61.35 14.75
N ARG H 23 19.17 61.65 14.85
CA ARG H 23 20.22 60.66 14.62
C ARG H 23 20.58 60.07 15.97
N ALA H 24 20.96 58.79 15.98
CA ALA H 24 21.33 58.12 17.22
C ALA H 24 22.54 57.24 17.03
N SER H 25 23.33 57.12 18.10
CA SER H 25 24.51 56.25 18.08
C SER H 25 24.82 55.81 19.51
N GLY H 26 25.69 54.80 19.59
CA GLY H 26 26.15 54.24 20.84
C GLY H 26 25.41 52.98 21.28
N TYR H 27 24.41 52.55 20.52
CA TYR H 27 23.62 51.37 20.84
C TYR H 27 23.05 50.86 19.53
N THR H 28 22.49 49.66 19.54
CA THR H 28 21.86 49.15 18.33
C THR H 28 20.49 49.82 18.24
N PHE H 29 20.30 50.62 17.18
CA PHE H 29 19.08 51.39 17.02
C PHE H 29 17.86 50.49 16.91
N SER H 30 17.95 49.44 16.09
CA SER H 30 16.85 48.52 15.85
C SER H 30 16.45 47.69 17.06
N SER H 31 17.20 47.72 18.17
CA SER H 31 16.84 46.94 19.35
C SER H 31 15.95 47.68 20.34
N PHE H 32 15.71 48.98 20.17
CA PHE H 32 14.93 49.77 21.12
C PHE H 32 13.77 50.46 20.43
N ALA H 33 12.67 50.58 21.18
CA ALA H 33 11.55 51.41 20.76
C ALA H 33 11.94 52.87 20.96
N MET H 34 11.33 53.76 20.18
CA MET H 34 11.63 55.19 20.30
C MET H 34 10.35 55.99 20.51
N SER H 35 10.50 57.09 21.24
CA SER H 35 9.39 58.00 21.53
C SER H 35 9.80 59.43 21.28
N TRP H 36 8.79 60.29 21.09
CA TRP H 36 8.98 61.74 21.11
C TRP H 36 8.19 62.26 22.30
N VAL H 37 8.83 63.12 23.09
CA VAL H 37 8.27 63.74 24.28
C VAL H 37 8.38 65.26 24.15
N ARG H 38 7.29 65.97 24.44
CA ARG H 38 7.21 67.41 24.20
C ARG H 38 7.17 68.18 25.52
N GLN H 39 7.90 69.30 25.57
CA GLN H 39 7.94 70.20 26.72
C GLN H 39 7.73 71.65 26.30
N ALA H 40 6.60 72.24 26.68
CA ALA H 40 6.37 73.64 26.34
C ALA H 40 7.37 74.49 27.12
N PRO H 41 7.75 75.68 26.62
CA PRO H 41 8.75 76.50 27.33
C PRO H 41 8.50 76.74 28.82
N GLY H 42 7.25 76.87 29.25
CA GLY H 42 6.93 77.11 30.65
C GLY H 42 6.27 75.96 31.38
N LYS H 43 6.21 74.77 30.81
CA LYS H 43 5.51 73.62 31.36
C LYS H 43 6.49 72.48 31.58
N GLY H 44 5.94 71.35 32.03
CA GLY H 44 6.69 70.13 32.23
C GLY H 44 6.64 69.38 30.92
N LEU H 45 6.80 68.05 30.99
CA LEU H 45 6.90 67.27 29.77
C LEU H 45 5.66 66.40 29.63
N GLU H 46 5.31 66.10 28.38
CA GLU H 46 4.25 65.16 28.07
C GLU H 46 4.70 64.28 26.92
N TRP H 47 4.21 63.04 26.93
CA TRP H 47 4.51 62.13 25.84
C TRP H 47 3.69 62.54 24.62
N VAL H 48 4.30 62.46 23.44
CA VAL H 48 3.61 62.77 22.17
C VAL H 48 3.42 61.51 21.32
N SER H 49 4.48 60.74 21.10
CA SER H 49 4.33 59.59 20.21
C SER H 49 5.31 58.49 20.55
N LEU H 50 4.95 57.28 20.11
CA LEU H 50 5.75 56.09 20.33
C LEU H 50 5.79 55.24 19.07
N ILE H 51 6.98 54.74 18.73
CA ILE H 51 7.18 53.84 17.61
C ILE H 51 7.91 52.61 18.13
N ASN H 52 7.57 51.46 17.55
CA ASN H 52 8.16 50.19 17.96
C ASN H 52 9.61 50.10 17.48
N ASP H 53 10.26 48.98 17.82
CA ASP H 53 11.65 48.79 17.42
C ASP H 53 11.76 48.54 15.92
N ARG H 54 10.78 47.84 15.35
CA ARG H 54 10.76 47.55 13.92
C ARG H 54 10.15 48.66 13.09
N GLY H 55 9.34 49.54 13.70
CA GLY H 55 8.68 50.62 13.00
C GLY H 55 7.28 50.31 12.53
N GLY H 56 6.84 49.05 12.63
CA GLY H 56 5.53 48.68 12.15
C GLY H 56 4.37 49.30 12.92
N LEU H 57 4.54 49.53 14.22
CA LEU H 57 3.50 50.06 15.08
C LEU H 57 3.83 51.48 15.53
N THR H 58 2.83 52.35 15.47
CA THR H 58 2.93 53.72 15.93
C THR H 58 1.74 54.03 16.82
N PHE H 59 1.98 54.84 17.85
CA PHE H 59 0.94 55.27 18.77
C PHE H 59 1.08 56.77 18.97
N TYR H 60 -0.08 57.44 19.15
CA TYR H 60 -0.10 58.88 19.31
C TYR H 60 -1.08 59.30 20.39
N VAL H 61 -0.87 60.50 20.94
CA VAL H 61 -1.83 61.10 21.86
C VAL H 61 -3.02 61.57 21.03
N ASP H 62 -4.24 61.36 21.57
CA ASP H 62 -5.46 61.66 20.84
C ASP H 62 -5.43 63.04 20.20
N SER H 63 -4.88 64.04 20.90
CA SER H 63 -4.85 65.40 20.39
C SER H 63 -3.96 65.57 19.16
N VAL H 64 -3.06 64.61 18.87
CA VAL H 64 -2.16 64.68 17.74
C VAL H 64 -2.35 63.56 16.72
N LYS H 65 -3.36 62.71 16.89
CA LYS H 65 -3.50 61.56 15.98
C LYS H 65 -3.64 61.97 14.53
N GLY H 66 -4.30 63.09 14.25
CA GLY H 66 -4.48 63.53 12.89
C GLY H 66 -3.44 64.48 12.36
N ARG H 67 -2.40 64.81 13.14
CA ARG H 67 -1.38 65.78 12.74
C ARG H 67 0.03 65.22 12.66
N PHE H 68 0.40 64.26 13.51
CA PHE H 68 1.78 63.77 13.60
C PHE H 68 1.91 62.36 13.06
N THR H 69 3.00 62.12 12.33
CA THR H 69 3.40 60.81 11.82
C THR H 69 4.80 60.53 12.32
N ILE H 70 5.02 59.37 12.94
CA ILE H 70 6.32 58.97 13.46
C ILE H 70 6.82 57.81 12.61
N SER H 71 8.09 57.87 12.22
CA SER H 71 8.67 56.80 11.40
C SER H 71 10.14 56.65 11.77
N ARG H 72 10.70 55.50 11.40
CA ARG H 72 12.06 55.15 11.76
C ARG H 72 12.67 54.34 10.63
N ASP H 73 13.94 54.63 10.32
CA ASP H 73 14.71 53.91 9.33
C ASP H 73 15.86 53.27 10.09
N ASN H 74 15.79 51.94 10.23
CA ASN H 74 16.76 51.22 11.04
C ASN H 74 18.07 50.98 10.32
N SER H 75 18.15 51.26 9.01
CA SER H 75 19.40 51.10 8.30
C SER H 75 20.22 52.37 8.37
N LYS H 76 19.55 53.50 8.54
CA LYS H 76 20.17 54.81 8.63
C LYS H 76 20.30 55.26 10.09
N ASN H 77 19.86 54.44 11.04
CA ASN H 77 19.87 54.80 12.46
C ASN H 77 19.19 56.15 12.66
N THR H 78 18.05 56.34 12.00
CA THR H 78 17.36 57.63 12.02
C THR H 78 15.90 57.47 12.44
N LEU H 79 15.48 58.32 13.37
CA LEU H 79 14.10 58.42 13.83
C LEU H 79 13.57 59.78 13.39
N SER H 80 12.51 59.82 12.60
CA SER H 80 11.95 61.11 12.22
C SER H 80 10.48 61.22 12.59
N LEU H 81 10.06 62.47 12.73
CA LEU H 81 8.70 62.86 13.04
C LEU H 81 8.26 63.93 12.06
N GLN H 82 7.03 63.84 11.56
CA GLN H 82 6.52 64.85 10.63
C GLN H 82 5.21 65.32 11.21
N MET H 83 5.03 66.63 11.30
CA MET H 83 3.80 67.21 11.82
C MET H 83 3.22 68.22 10.84
N HIS H 84 1.89 68.19 10.72
CA HIS H 84 1.11 69.04 9.86
C HIS H 84 0.06 69.81 10.65
N SER H 85 -0.35 70.96 10.12
CA SER H 85 -1.34 71.82 10.76
C SER H 85 -0.91 72.38 12.12
N LEU H 86 0.40 72.60 12.31
CA LEU H 86 0.98 73.18 13.51
C LEU H 86 0.12 74.23 14.22
N ARG H 87 -0.43 73.87 15.37
CA ARG H 87 -1.34 74.75 16.09
C ARG H 87 -0.50 75.57 17.08
N ASP H 88 -1.11 76.61 17.65
CA ASP H 88 -0.35 77.44 18.59
C ASP H 88 0.01 76.69 19.86
N GLY H 89 -0.81 75.72 20.24
CA GLY H 89 -0.56 74.88 21.41
C GLY H 89 0.53 73.86 21.23
N ASP H 90 1.09 73.72 20.02
CA ASP H 90 2.14 72.76 19.74
C ASP H 90 3.55 73.33 19.81
N THR H 91 3.72 74.60 20.18
CA THR H 91 5.07 75.16 20.25
C THR H 91 5.75 74.59 21.49
N ALA H 92 6.92 74.02 21.31
CA ALA H 92 7.61 73.34 22.42
C ALA H 92 8.96 72.82 21.97
N VAL H 93 9.75 72.35 22.94
CA VAL H 93 10.94 71.56 22.69
C VAL H 93 10.52 70.09 22.55
N TYR H 94 10.94 69.44 21.47
CA TYR H 94 10.64 68.05 21.17
C TYR H 94 11.88 67.20 21.38
N TYR H 95 11.84 66.30 22.36
CA TYR H 95 12.96 65.46 22.74
C TYR H 95 12.80 64.05 22.18
N CYS H 96 13.88 63.51 21.64
CA CYS H 96 13.93 62.11 21.26
C CYS H 96 14.12 61.32 22.53
N ALA H 97 13.49 60.16 22.62
CA ALA H 97 13.76 59.30 23.76
C ALA H 97 13.84 57.86 23.31
N THR H 98 14.77 57.13 23.90
CA THR H 98 14.94 55.72 23.62
C THR H 98 14.32 55.00 24.81
N GLY H 99 13.40 54.09 24.52
CA GLY H 99 12.63 53.34 25.48
C GLY H 99 11.16 53.66 25.34
N GLY H 100 10.38 53.15 26.29
CA GLY H 100 8.94 53.25 26.27
C GLY H 100 8.20 52.01 25.79
N MET H 101 8.88 51.04 25.21
CA MET H 101 8.19 49.85 24.75
C MET H 101 9.23 48.78 24.45
N SER H 102 8.78 47.53 24.41
CA SER H 102 9.61 46.42 23.99
C SER H 102 8.74 45.42 23.26
N SER H 103 9.36 44.62 22.39
CA SER H 103 8.64 43.72 21.49
C SER H 103 8.44 42.30 22.07
N ALA H 104 7.76 42.21 23.21
CA ALA H 104 7.31 40.94 23.79
C ALA H 104 8.38 39.95 24.22
N LEU H 105 9.48 39.80 23.47
CA LEU H 105 10.52 38.83 23.79
C LEU H 105 11.64 39.45 24.61
N GLN H 106 11.50 40.72 24.96
CA GLN H 106 12.43 41.53 25.73
C GLN H 106 11.79 41.90 27.06
N SER H 107 12.61 42.26 28.04
CA SER H 107 12.06 42.70 29.31
C SER H 107 11.24 43.96 29.11
N SER H 108 10.28 44.18 30.01
CA SER H 108 9.42 45.35 29.92
C SER H 108 10.22 46.63 30.08
N LYS H 109 9.82 47.66 29.33
CA LYS H 109 10.36 48.99 29.49
C LYS H 109 9.28 49.85 30.11
N TYR H 110 8.45 50.52 29.32
CA TYR H 110 7.41 51.44 29.80
C TYR H 110 8.05 52.63 30.51
N TYR H 111 9.28 52.95 30.12
CA TYR H 111 10.03 54.10 30.59
C TYR H 111 11.00 54.45 29.49
N PHE H 112 11.60 55.64 29.60
CA PHE H 112 12.55 56.13 28.61
C PHE H 112 13.97 55.99 29.14
N ASP H 113 14.83 55.29 28.38
CA ASP H 113 16.21 55.05 28.80
C ASP H 113 17.17 56.19 28.46
N PHE H 114 17.04 56.77 27.27
CA PHE H 114 17.99 57.78 26.81
C PHE H 114 17.25 58.98 26.27
N TRP H 115 17.84 60.17 26.41
CA TRP H 115 17.27 61.40 25.91
C TRP H 115 18.25 62.17 25.03
N GLY H 116 17.69 62.89 24.06
CA GLY H 116 18.44 63.79 23.21
C GLY H 116 18.47 65.15 23.87
N GLN H 117 18.81 66.17 23.08
CA GLN H 117 18.93 67.52 23.62
C GLN H 117 17.69 68.37 23.35
N GLY H 118 16.96 68.04 22.28
CA GLY H 118 15.70 68.67 21.94
C GLY H 118 15.70 69.70 20.84
N ALA H 119 14.77 69.57 19.89
CA ALA H 119 14.61 70.55 18.82
C ALA H 119 13.55 71.53 19.29
N LEU H 120 13.70 72.81 18.98
CA LEU H 120 12.67 73.79 19.35
C LEU H 120 11.78 74.11 18.15
N VAL H 121 10.50 73.77 18.28
CA VAL H 121 9.49 74.01 17.25
C VAL H 121 8.63 75.15 17.76
N THR H 122 8.58 76.26 17.01
CA THR H 122 7.80 77.42 17.42
C THR H 122 6.90 77.86 16.27
N VAL H 123 5.97 78.75 16.59
CA VAL H 123 4.94 79.21 15.66
C VAL H 123 4.68 80.69 15.97
N ALA I 1 -3.26 64.39 33.78
CA ALA I 1 -1.94 64.61 34.34
C ALA I 1 -1.89 64.22 35.80
N LEU I 2 -0.69 63.95 36.30
CA LEU I 2 -0.47 63.62 37.69
C LEU I 2 -0.16 64.89 38.47
N THR I 3 -0.59 64.92 39.73
CA THR I 3 -0.45 66.10 40.58
C THR I 3 0.56 65.85 41.70
N GLN I 4 1.56 66.73 41.79
CA GLN I 4 2.60 66.75 42.80
C GLN I 4 2.73 68.21 43.27
N PRO I 5 3.22 68.44 44.48
CA PRO I 5 3.43 69.84 44.92
C PRO I 5 4.36 70.59 43.96
N PRO I 6 4.09 71.87 43.70
CA PRO I 6 4.95 72.62 42.77
C PRO I 6 6.35 72.90 43.30
N SER I 7 6.60 72.80 44.60
CA SER I 7 7.91 73.13 45.14
C SER I 7 8.24 72.27 46.34
N VAL I 8 9.49 71.79 46.36
CA VAL I 8 10.05 70.95 47.41
C VAL I 8 11.39 71.57 47.79
N SER I 9 11.73 71.53 49.07
CA SER I 9 13.00 72.10 49.52
C SER I 9 13.44 71.43 50.81
N GLY I 10 14.68 71.73 51.19
CA GLY I 10 15.23 71.23 52.45
C GLY I 10 16.69 71.62 52.56
N SER I 11 17.22 71.43 53.76
CA SER I 11 18.62 71.75 54.02
C SER I 11 19.53 70.72 53.36
N PRO I 12 20.71 71.13 52.85
CA PRO I 12 21.66 70.14 52.34
C PRO I 12 22.02 69.10 53.40
N GLY I 13 22.09 67.84 52.97
CA GLY I 13 22.40 66.73 53.85
C GLY I 13 21.19 66.03 54.43
N GLN I 14 20.00 66.63 54.31
CA GLN I 14 18.77 66.07 54.82
C GLN I 14 18.03 65.39 53.69
N SER I 15 17.09 64.51 54.04
CA SER I 15 16.26 63.88 53.03
C SER I 15 15.05 64.73 52.70
N VAL I 16 14.54 64.55 51.48
CA VAL I 16 13.28 65.14 51.05
C VAL I 16 12.42 64.07 50.41
N THR I 17 11.10 64.31 50.40
CA THR I 17 10.14 63.42 49.75
C THR I 17 9.40 64.20 48.67
N ILE I 18 9.37 63.63 47.47
CA ILE I 18 8.63 64.14 46.32
C ILE I 18 7.60 63.09 45.97
N SER I 19 6.34 63.48 45.81
CA SER I 19 5.35 62.47 45.47
C SER I 19 4.29 63.04 44.54
N CYS I 20 3.69 62.15 43.75
CA CYS I 20 2.61 62.49 42.84
C CYS I 20 1.50 61.47 43.00
N THR I 21 0.26 61.94 42.94
CA THR I 21 -0.93 61.11 43.07
C THR I 21 -1.70 61.09 41.77
N GLY I 22 -2.06 59.89 41.32
CA GLY I 22 -2.83 59.68 40.12
C GLY I 22 -4.11 58.94 40.46
N THR I 23 -4.71 58.25 39.49
CA THR I 23 -5.92 57.48 39.69
C THR I 23 -5.62 55.98 39.60
N SER I 24 -6.67 55.18 39.76
CA SER I 24 -6.51 53.73 39.77
C SER I 24 -6.07 53.18 38.42
N SER I 25 -6.38 53.89 37.33
CA SER I 25 -6.01 53.45 35.98
C SER I 25 -4.60 53.89 35.57
N ASP I 26 -3.92 54.71 36.37
CA ASP I 26 -2.61 55.25 36.01
C ASP I 26 -1.50 54.67 36.86
N ILE I 27 -1.54 54.88 38.17
CA ILE I 27 -0.50 54.45 39.09
C ILE I 27 -0.89 53.18 39.85
N GLY I 28 -2.15 53.09 40.26
CA GLY I 28 -2.62 51.96 41.03
C GLY I 28 -2.48 50.59 40.39
N SER I 29 -3.11 50.43 39.22
CA SER I 29 -3.10 49.15 38.52
C SER I 29 -1.79 48.79 37.82
N TYR I 30 -0.93 49.76 37.47
CA TYR I 30 0.32 49.48 36.79
C TYR I 30 1.52 49.86 37.64
N ASN I 31 2.43 48.90 37.85
CA ASN I 31 3.65 49.14 38.61
C ASN I 31 4.76 49.66 37.70
N TYR I 32 4.48 50.76 36.97
CA TYR I 32 5.47 51.37 36.07
C TYR I 32 5.47 52.88 36.23
N VAL I 33 5.96 53.39 37.37
CA VAL I 33 6.01 54.84 37.59
C VAL I 33 7.47 55.25 37.70
N SER I 34 8.01 55.79 36.63
CA SER I 34 9.40 56.21 36.55
C SER I 34 9.53 57.65 37.05
N TRP I 35 10.76 58.05 37.37
CA TRP I 35 11.06 59.43 37.76
C TRP I 35 12.22 59.97 36.95
N TYR I 36 12.12 61.25 36.57
CA TYR I 36 13.14 61.97 35.81
C TYR I 36 13.58 63.25 36.50
N GLN I 37 14.87 63.56 36.35
CA GLN I 37 15.50 64.76 36.89
C GLN I 37 15.96 65.63 35.74
N GLN I 38 15.42 66.84 35.63
CA GLN I 38 15.73 67.77 34.55
C GLN I 38 16.39 69.03 35.10
N HIS I 39 17.62 69.28 34.69
CA HIS I 39 18.30 70.50 35.08
C HIS I 39 17.87 71.60 34.10
N PRO I 40 17.73 72.86 34.55
CA PRO I 40 17.34 73.92 33.60
C PRO I 40 18.30 73.97 32.42
N GLY I 41 17.75 74.03 31.22
CA GLY I 41 18.53 74.09 30.02
C GLY I 41 19.01 72.75 29.51
N LYS I 42 18.74 71.66 30.24
CA LYS I 42 19.19 70.32 29.90
C LYS I 42 17.98 69.40 29.71
N ALA I 43 18.21 68.33 28.96
CA ALA I 43 17.21 67.30 28.79
C ALA I 43 17.05 66.48 30.08
N PRO I 44 15.85 65.95 30.35
CA PRO I 44 15.69 65.10 31.54
C PRO I 44 16.55 63.85 31.46
N LYS I 45 17.03 63.42 32.62
CA LYS I 45 17.76 62.16 32.76
C LYS I 45 16.88 61.17 33.50
N LEU I 46 17.06 59.88 33.20
CA LEU I 46 16.31 58.86 33.92
C LEU I 46 16.94 58.67 35.30
N MET I 47 16.11 58.76 36.34
CA MET I 47 16.53 58.56 37.71
C MET I 47 15.99 57.28 38.31
N ILE I 48 14.72 56.97 38.05
CA ILE I 48 14.08 55.76 38.57
C ILE I 48 13.25 55.16 37.45
N TYR I 49 13.30 53.84 37.31
CA TYR I 49 12.46 53.13 36.35
C TYR I 49 11.77 52.04 37.14
N ASP I 50 10.58 51.63 36.69
CA ASP I 50 9.75 50.70 37.45
C ASP I 50 9.37 51.42 38.74
N VAL I 51 8.68 50.76 39.67
CA VAL I 51 8.35 51.50 40.89
C VAL I 51 9.58 51.74 41.74
N THR I 52 10.42 50.71 41.94
CA THR I 52 11.54 50.79 42.87
C THR I 52 12.93 50.68 42.25
N GLN I 53 13.08 50.50 40.94
CA GLN I 53 14.40 50.21 40.40
C GLN I 53 15.10 51.48 39.91
N ARG I 54 16.44 51.47 40.04
CA ARG I 54 17.32 52.56 39.64
C ARG I 54 18.15 52.18 38.42
N PRO I 55 18.41 53.09 37.48
CA PRO I 55 19.31 52.76 36.36
C PRO I 55 20.76 52.84 36.78
N SER I 56 21.62 52.20 35.99
CA SER I 56 23.05 52.30 36.21
C SER I 56 23.50 53.75 36.05
N GLY I 57 24.43 54.18 36.90
CA GLY I 57 24.98 55.52 36.85
C GLY I 57 24.36 56.49 37.83
N VAL I 58 23.22 56.13 38.42
CA VAL I 58 22.52 56.95 39.40
C VAL I 58 22.87 56.43 40.79
N SER I 59 23.19 57.36 41.69
CA SER I 59 23.56 57.02 43.05
C SER I 59 22.36 56.50 43.83
N ASP I 60 22.64 55.84 44.95
CA ASP I 60 21.62 55.18 45.75
C ASP I 60 20.90 56.13 46.70
N ARG I 61 21.12 57.44 46.57
CA ARG I 61 20.39 58.42 47.36
C ARG I 61 18.97 58.61 46.84
N PHE I 62 18.69 58.19 45.60
CA PHE I 62 17.38 58.30 44.97
C PHE I 62 16.68 56.96 45.09
N SER I 63 15.54 56.92 45.78
CA SER I 63 14.83 55.67 46.02
C SER I 63 13.33 55.86 45.84
N GLY I 64 12.72 55.01 45.00
CA GLY I 64 11.30 55.11 44.73
C GLY I 64 10.46 54.21 45.61
N SER I 65 9.16 54.53 45.69
CA SER I 65 8.19 53.70 46.39
C SER I 65 6.81 54.03 45.86
N LYS I 66 5.85 53.15 46.16
CA LYS I 66 4.46 53.38 45.79
C LYS I 66 3.54 52.83 46.87
N SER I 67 2.45 53.56 47.12
CA SER I 67 1.42 53.10 48.04
C SER I 67 0.08 53.59 47.51
N GLY I 68 -0.87 52.66 47.37
CA GLY I 68 -2.16 53.03 46.84
C GLY I 68 -1.98 53.57 45.44
N ASN I 69 -2.49 54.77 45.21
CA ASN I 69 -2.39 55.44 43.91
C ASN I 69 -1.39 56.58 43.95
N THR I 70 -0.52 56.63 44.97
CA THR I 70 0.48 57.67 45.11
C THR I 70 1.88 57.09 45.01
N ALA I 71 2.69 57.68 44.15
CA ALA I 71 4.08 57.28 43.94
C ALA I 71 4.96 58.32 44.62
N SER I 72 6.07 57.87 45.21
CA SER I 72 7.00 58.76 45.89
C SER I 72 8.43 58.47 45.49
N LEU I 73 9.25 59.52 45.57
CA LEU I 73 10.69 59.49 45.41
C LEU I 73 11.31 60.13 46.65
N THR I 74 12.18 59.39 47.32
CA THR I 74 12.88 59.89 48.49
C THR I 74 14.29 60.19 48.03
N ILE I 75 14.76 61.40 48.31
CA ILE I 75 16.11 61.82 47.99
C ILE I 75 16.83 62.10 49.29
N SER I 76 17.73 61.20 49.69
CA SER I 76 18.47 61.36 50.93
C SER I 76 19.76 62.11 50.63
N GLY I 77 20.37 62.68 51.66
CA GLY I 77 21.69 63.27 51.48
C GLY I 77 21.69 64.42 50.48
N LEU I 78 20.65 65.25 50.51
CA LEU I 78 20.45 66.31 49.53
C LEU I 78 21.71 67.13 49.29
N GLN I 79 22.06 67.28 48.02
CA GLN I 79 23.22 68.03 47.55
C GLN I 79 22.76 69.27 46.81
N ALA I 80 23.68 70.25 46.71
CA ALA I 80 23.40 71.43 45.90
C ALA I 80 23.18 71.06 44.44
N ASP I 81 23.80 69.98 43.96
CA ASP I 81 23.69 69.54 42.58
C ASP I 81 22.36 68.85 42.28
N ASP I 82 21.50 68.66 43.27
CA ASP I 82 20.19 68.03 43.10
C ASP I 82 19.07 69.03 42.86
N GLU I 83 19.36 70.33 42.80
CA GLU I 83 18.31 71.33 42.63
C GLU I 83 17.92 71.35 41.16
N ALA I 84 16.94 70.51 40.83
CA ALA I 84 16.49 70.26 39.47
C ALA I 84 14.99 70.02 39.51
N ASP I 85 14.36 70.13 38.34
CA ASP I 85 12.93 69.86 38.24
C ASP I 85 12.68 68.37 38.09
N TYR I 86 11.89 67.80 39.01
CA TYR I 86 11.60 66.37 39.00
C TYR I 86 10.20 66.09 38.48
N TYR I 87 10.09 65.03 37.67
CA TYR I 87 8.81 64.61 37.09
C TYR I 87 8.61 63.13 37.32
N CYS I 88 7.35 62.73 37.50
CA CYS I 88 6.98 61.32 37.52
C CYS I 88 6.28 61.02 36.21
N SER I 89 6.40 59.77 35.75
CA SER I 89 5.74 59.33 34.52
C SER I 89 5.16 57.95 34.73
N ALA I 90 3.84 57.83 34.60
CA ALA I 90 3.15 56.57 34.82
C ALA I 90 2.61 56.00 33.51
N TYR I 91 2.75 54.69 33.34
CA TYR I 91 2.10 54.00 32.23
C TYR I 91 0.61 53.89 32.55
N ALA I 92 -0.24 54.26 31.59
CA ALA I 92 -1.68 54.30 31.84
C ALA I 92 -2.49 53.48 30.83
N GLY I 93 -1.93 52.38 30.33
CA GLY I 93 -2.67 51.50 29.43
C GLY I 93 -2.36 51.71 27.97
N ARG I 94 -3.18 51.06 27.14
CA ARG I 94 -2.96 51.05 25.70
C ARG I 94 -3.51 52.29 25.01
N GLN I 95 -4.57 52.90 25.54
CA GLN I 95 -5.15 54.07 24.88
C GLN I 95 -4.38 55.33 25.25
N THR I 96 -3.94 55.42 26.50
CA THR I 96 -3.16 56.54 27.03
C THR I 96 -1.86 55.91 27.51
N PHE I 97 -0.81 56.01 26.71
CA PHE I 97 0.41 55.28 27.04
C PHE I 97 1.11 55.85 28.26
N TYR I 98 1.44 57.15 28.26
CA TYR I 98 2.14 57.73 29.39
C TYR I 98 1.47 59.01 29.85
N ILE I 99 1.42 59.19 31.16
CA ILE I 99 0.92 60.41 31.78
C ILE I 99 2.06 60.95 32.63
N PHE I 100 2.44 62.20 32.36
CA PHE I 100 3.46 62.87 33.15
C PHE I 100 2.79 63.82 34.13
N GLY I 101 3.42 64.01 35.28
CA GLY I 101 2.97 65.00 36.24
C GLY I 101 3.55 66.36 35.94
N GLY I 102 3.13 67.34 36.74
CA GLY I 102 3.71 68.66 36.64
C GLY I 102 5.06 68.58 37.30
N GLY I 103 5.88 69.63 37.15
CA GLY I 103 7.18 69.57 37.78
C GLY I 103 7.20 70.16 39.18
N THR I 104 8.19 69.72 39.96
CA THR I 104 8.50 70.26 41.27
C THR I 104 9.93 70.77 41.23
N ARG I 105 10.17 71.97 41.72
CA ARG I 105 11.50 72.57 41.70
C ARG I 105 12.16 72.32 43.05
N LEU I 106 13.30 71.62 43.03
CA LEU I 106 14.07 71.33 44.24
C LEU I 106 15.29 72.24 44.31
N GLY J 10 17.02 29.67 5.03
CA GLY J 10 16.87 28.31 4.57
C GLY J 10 16.38 27.38 5.66
N PHE J 11 15.89 26.20 5.25
CA PHE J 11 15.35 25.23 6.19
C PHE J 11 16.34 24.85 7.27
N LEU J 12 15.93 25.06 8.52
CA LEU J 12 16.71 24.84 9.73
C LEU J 12 17.95 25.72 9.82
N GLY J 13 18.08 26.75 8.99
CA GLY J 13 19.28 27.56 9.05
C GLY J 13 19.40 28.35 10.34
N ALA J 14 18.28 28.55 11.03
CA ALA J 14 18.22 29.27 12.29
C ALA J 14 18.44 28.35 13.48
N ALA J 15 18.67 27.05 13.26
CA ALA J 15 18.79 26.09 14.37
C ALA J 15 19.88 26.49 15.35
N GLY J 16 20.98 27.09 14.87
CA GLY J 16 22.04 27.51 15.76
C GLY J 16 21.91 28.95 16.20
N SER J 17 20.88 29.64 15.76
CA SER J 17 20.67 31.05 16.06
C SER J 17 19.89 31.16 17.36
N THR J 18 19.75 32.38 17.86
CA THR J 18 19.06 32.56 19.12
C THR J 18 17.57 32.34 18.89
N MET J 19 16.83 32.12 19.98
CA MET J 19 15.39 31.89 19.84
C MET J 19 14.71 33.09 19.19
N GLY J 20 15.15 34.30 19.53
CA GLY J 20 14.56 35.49 18.92
C GLY J 20 14.77 35.51 17.42
N ALA J 21 16.02 35.34 16.99
CA ALA J 21 16.32 35.36 15.56
C ALA J 21 15.63 34.22 14.83
N ALA J 22 15.53 33.06 15.47
CA ALA J 22 14.90 31.91 14.85
C ALA J 22 13.39 32.03 14.76
N SER J 23 12.78 32.85 15.64
CA SER J 23 11.34 33.01 15.60
C SER J 23 10.84 33.74 14.36
N MET J 24 11.74 34.36 13.59
CA MET J 24 11.38 35.08 12.38
C MET J 24 11.40 34.21 11.12
N THR J 25 11.74 32.93 11.24
CA THR J 25 11.84 32.02 10.09
C THR J 25 10.86 30.85 10.21
N LEU J 26 9.81 31.00 11.00
CA LEU J 26 8.90 29.88 11.28
C LEU J 26 8.23 29.36 10.01
N THR J 27 8.00 30.21 9.02
CA THR J 27 7.31 29.72 7.82
C THR J 27 8.21 28.84 6.97
N VAL J 28 9.52 28.93 7.12
CA VAL J 28 10.40 28.12 6.28
C VAL J 28 10.27 26.67 6.70
N GLN J 29 10.28 26.44 8.01
CA GLN J 29 10.14 25.07 8.50
C GLN J 29 8.71 24.62 8.34
N ALA J 30 7.74 25.51 8.59
CA ALA J 30 6.35 25.10 8.45
C ALA J 30 6.07 24.60 7.04
N ARG J 31 6.62 25.29 6.03
CA ARG J 31 6.44 24.86 4.65
C ARG J 31 7.15 23.55 4.37
N ASN J 32 8.36 23.39 4.93
CA ASN J 32 9.14 22.17 4.69
C ASN J 32 8.62 20.94 5.44
N LEU J 33 7.82 21.12 6.49
CA LEU J 33 7.30 19.94 7.19
C LEU J 33 6.39 19.08 6.33
N LEU J 34 5.63 19.69 5.44
CA LEU J 34 4.66 18.97 4.63
C LEU J 34 5.16 18.65 3.22
N SER J 35 5.87 19.61 2.61
CA SER J 35 6.45 19.55 1.25
C SER J 35 6.33 18.26 0.45
N GLY J 61 7.23 0.61 -1.76
CA GLY J 61 5.78 0.69 -1.89
C GLY J 61 5.09 0.84 -0.57
N ILE J 62 4.95 -0.26 0.16
CA ILE J 62 4.24 -0.22 1.44
C ILE J 62 5.01 0.63 2.44
N LYS J 63 6.33 0.47 2.49
CA LYS J 63 7.13 1.22 3.46
C LYS J 63 7.04 2.72 3.23
N GLN J 64 7.05 3.14 1.97
CA GLN J 64 6.97 4.57 1.68
C GLN J 64 5.55 5.10 1.91
N LEU J 65 4.53 4.30 1.62
CA LEU J 65 3.19 4.76 1.92
C LEU J 65 2.99 4.87 3.43
N GLN J 66 3.56 3.95 4.20
CA GLN J 66 3.45 4.05 5.64
C GLN J 66 4.15 5.29 6.14
N ALA J 67 5.31 5.61 5.57
CA ALA J 67 6.04 6.81 5.97
C ALA J 67 5.25 8.07 5.64
N ARG J 68 4.58 8.09 4.48
CA ARG J 68 3.84 9.28 4.08
C ARG J 68 2.56 9.44 4.91
N VAL J 69 1.88 8.33 5.17
CA VAL J 69 0.67 8.40 5.97
C VAL J 69 1.01 8.82 7.40
N LEU J 70 2.10 8.26 7.94
CA LEU J 70 2.50 8.64 9.29
C LEU J 70 2.91 10.10 9.35
N ALA J 71 3.63 10.59 8.34
CA ALA J 71 4.01 12.00 8.31
C ALA J 71 2.78 12.89 8.28
N VAL J 72 1.75 12.49 7.53
CA VAL J 72 0.51 13.26 7.49
C VAL J 72 -0.18 13.20 8.85
N GLU J 73 -0.23 12.01 9.46
CA GLU J 73 -0.88 11.90 10.76
C GLU J 73 -0.17 12.75 11.80
N HIS J 74 1.17 12.81 11.76
CA HIS J 74 1.91 13.64 12.71
C HIS J 74 1.58 15.11 12.48
N TYR J 75 1.62 15.54 11.21
CA TYR J 75 1.30 16.93 10.89
C TYR J 75 -0.09 17.28 11.42
N LEU J 76 -1.06 16.42 11.16
CA LEU J 76 -2.42 16.69 11.59
C LEU J 76 -2.53 16.67 13.11
N ARG J 77 -1.77 15.81 13.80
CA ARG J 77 -1.80 15.83 15.26
C ARG J 77 -1.30 17.17 15.78
N ASP J 78 -0.25 17.72 15.16
CA ASP J 78 0.24 19.01 15.61
C ASP J 78 -0.76 20.12 15.30
N GLN J 79 -1.44 20.03 14.15
CA GLN J 79 -2.43 21.06 13.83
C GLN J 79 -3.65 20.93 14.72
N GLN J 80 -4.04 19.70 15.06
CA GLN J 80 -5.17 19.49 15.94
C GLN J 80 -4.84 20.02 17.32
N LEU J 81 -3.61 19.79 17.77
CA LEU J 81 -3.20 20.24 19.08
C LEU J 81 -3.22 21.76 19.14
N LEU J 82 -2.75 22.42 18.08
CA LEU J 82 -2.85 23.87 18.05
C LEU J 82 -4.31 24.32 18.06
N GLY J 83 -5.17 23.61 17.33
CA GLY J 83 -6.59 23.96 17.32
C GLY J 83 -7.23 23.85 18.69
N ILE J 84 -6.86 22.80 19.43
CA ILE J 84 -7.39 22.59 20.77
C ILE J 84 -7.02 23.77 21.66
N TRP J 85 -5.83 24.33 21.45
CA TRP J 85 -5.36 25.49 22.20
C TRP J 85 -5.90 26.81 21.67
N GLY J 86 -6.65 26.80 20.57
CA GLY J 86 -7.12 28.01 19.94
C GLY J 86 -6.10 28.70 19.07
N CYS J 87 -5.13 27.95 18.56
CA CYS J 87 -4.01 28.48 17.77
C CYS J 87 -4.03 27.90 16.36
N SER J 88 -5.21 27.52 15.85
CA SER J 88 -5.29 26.78 14.59
C SER J 88 -4.71 27.53 13.39
N GLY J 89 -4.79 28.86 13.37
CA GLY J 89 -4.29 29.62 12.24
C GLY J 89 -3.05 30.45 12.46
N LYS J 90 -2.32 30.23 13.55
CA LYS J 90 -1.19 31.08 13.92
C LYS J 90 0.09 30.26 14.04
N LEU J 91 1.21 30.90 13.71
CA LEU J 91 2.53 30.33 13.96
C LEU J 91 3.09 30.82 15.29
N ILE J 92 2.73 32.04 15.68
CA ILE J 92 3.10 32.62 16.97
C ILE J 92 1.77 32.88 17.65
N CYS J 93 1.45 32.11 18.68
CA CYS J 93 0.15 32.18 19.34
C CYS J 93 0.32 32.46 20.82
N CYS J 94 -0.19 33.60 21.26
CA CYS J 94 -0.12 33.99 22.67
C CYS J 94 -1.31 33.37 23.39
N THR J 95 -1.09 32.98 24.64
CA THR J 95 -2.12 32.31 25.42
C THR J 95 -2.33 32.99 26.77
N ASN J 96 -3.26 32.44 27.53
CA ASN J 96 -3.62 32.90 28.88
C ASN J 96 -3.03 32.02 29.98
N VAL J 97 -2.06 31.16 29.69
CA VAL J 97 -1.46 30.31 30.70
C VAL J 97 -0.20 31.01 31.23
N PRO J 98 -0.11 31.31 32.53
CA PRO J 98 1.08 31.98 33.06
C PRO J 98 2.25 31.03 33.12
N TRP J 99 3.46 31.60 33.08
CA TRP J 99 4.65 30.79 33.25
C TRP J 99 4.84 30.58 34.76
N ASN J 100 5.01 29.32 35.16
CA ASN J 100 5.10 28.97 36.58
C ASN J 100 6.41 29.44 37.21
N SER J 101 7.48 29.50 36.41
CA SER J 101 8.85 29.83 36.82
C SER J 101 9.56 28.61 37.41
N SER J 102 8.81 27.56 37.76
CA SER J 102 9.44 26.32 38.20
C SER J 102 9.93 25.55 36.99
N TRP J 103 9.26 25.76 35.85
CA TRP J 103 9.62 25.12 34.60
C TRP J 103 10.98 25.63 34.14
N SER J 104 11.18 26.94 34.29
CA SER J 104 12.44 27.60 33.98
C SER J 104 12.39 28.98 34.62
N ASN J 105 13.43 29.32 35.39
CA ASN J 105 13.49 30.60 36.09
C ASN J 105 14.47 31.56 35.40
N ARG J 106 14.72 31.35 34.11
CA ARG J 106 15.62 32.19 33.34
C ARG J 106 14.96 33.50 32.97
N ASN J 107 15.79 34.50 32.72
CA ASN J 107 15.34 35.81 32.28
C ASN J 107 15.00 35.76 30.80
N LEU J 108 14.19 36.73 30.36
CA LEU J 108 13.85 36.76 28.93
C LEU J 108 15.08 36.94 28.07
N SER J 109 16.09 37.69 28.53
CA SER J 109 17.27 37.85 27.69
C SER J 109 18.05 36.55 27.62
N GLU J 110 18.06 35.78 28.71
CA GLU J 110 18.74 34.49 28.72
C GLU J 110 18.10 33.49 27.78
N ILE J 111 16.79 33.55 27.63
CA ILE J 111 16.06 32.62 26.76
C ILE J 111 16.06 33.09 25.32
N TRP J 112 15.74 34.36 25.06
CA TRP J 112 15.56 34.81 23.70
C TRP J 112 16.83 35.31 23.04
N ASP J 113 17.79 35.87 23.79
CA ASP J 113 19.02 36.38 23.20
C ASP J 113 20.22 35.46 23.39
N ASN J 114 20.33 34.73 24.51
CA ASN J 114 21.48 33.89 24.80
C ASN J 114 21.20 32.38 24.70
N MET J 115 20.10 31.97 24.06
CA MET J 115 19.76 30.56 23.98
C MET J 115 19.15 30.22 22.62
N THR J 116 19.37 28.99 22.18
CA THR J 116 18.81 28.45 20.95
C THR J 116 17.56 27.63 21.26
N TRP J 117 16.79 27.30 20.21
CA TRP J 117 15.59 26.49 20.44
C TRP J 117 15.92 25.05 20.83
N LEU J 118 17.06 24.51 20.38
CA LEU J 118 17.41 23.15 20.78
C LEU J 118 17.73 23.07 22.26
N GLN J 119 18.44 24.09 22.77
CA GLN J 119 18.78 24.10 24.19
C GLN J 119 17.53 24.33 25.02
N TRP J 120 16.65 25.22 24.57
CA TRP J 120 15.42 25.46 25.31
C TRP J 120 14.56 24.20 25.34
N ASP J 121 14.42 23.54 24.19
CA ASP J 121 13.61 22.32 24.15
C ASP J 121 14.16 21.27 25.09
N LYS J 122 15.49 21.15 25.16
CA LYS J 122 16.08 20.19 26.09
C LYS J 122 15.80 20.56 27.54
N GLU J 123 15.92 21.85 27.88
CA GLU J 123 15.74 22.25 29.27
C GLU J 123 14.33 22.01 29.80
N ILE J 124 13.30 22.18 28.97
CA ILE J 124 11.91 21.98 29.41
C ILE J 124 11.29 20.70 28.82
N SER J 125 12.10 19.73 28.41
CA SER J 125 11.52 18.53 27.83
C SER J 125 10.68 17.74 28.83
N ASN J 126 10.91 17.95 30.13
CA ASN J 126 10.17 17.26 31.18
C ASN J 126 8.89 17.98 31.59
N TYR J 127 8.60 19.16 31.03
CA TYR J 127 7.44 19.96 31.40
C TYR J 127 6.45 20.20 30.27
N THR J 128 6.66 19.64 29.08
CA THR J 128 5.77 19.99 27.98
C THR J 128 4.38 19.39 28.14
N GLN J 129 4.25 18.27 28.87
CA GLN J 129 2.92 17.70 29.03
C GLN J 129 2.09 18.51 30.03
N ILE J 130 2.75 19.12 31.00
CA ILE J 130 2.04 19.96 31.97
C ILE J 130 1.54 21.21 31.25
N ILE J 131 2.41 21.81 30.45
CA ILE J 131 2.06 23.02 29.71
C ILE J 131 0.94 22.71 28.73
N TYR J 132 1.03 21.58 28.02
CA TYR J 132 -0.01 21.25 27.06
C TYR J 132 -1.34 21.05 27.76
N GLY J 133 -1.34 20.39 28.92
CA GLY J 133 -2.58 20.20 29.66
C GLY J 133 -3.18 21.51 30.10
N LEU J 134 -2.33 22.44 30.58
CA LEU J 134 -2.84 23.73 31.00
C LEU J 134 -3.39 24.52 29.82
N LEU J 135 -2.73 24.42 28.66
CA LEU J 135 -3.21 25.13 27.48
C LEU J 135 -4.57 24.61 27.04
N GLU J 136 -4.76 23.29 27.09
CA GLU J 136 -6.05 22.72 26.73
C GLU J 136 -7.14 23.15 27.70
N GLU J 137 -6.85 23.11 29.00
CA GLU J 137 -7.85 23.52 29.98
C GLU J 137 -8.20 25.00 29.82
N SER J 138 -7.18 25.84 29.59
CA SER J 138 -7.42 27.27 29.43
C SER J 138 -8.28 27.55 28.21
N GLN J 139 -8.01 26.88 27.08
CA GLN J 139 -8.84 27.11 25.92
C GLN J 139 -10.27 26.60 26.15
N ASN J 140 -10.43 25.49 26.88
CA ASN J 140 -11.79 25.02 27.12
C ASN J 140 -12.57 26.05 27.94
N GLN J 141 -11.88 26.68 28.90
CA GLN J 141 -12.53 27.72 29.70
C GLN J 141 -12.84 28.93 28.84
N GLN J 142 -11.92 29.29 27.93
CA GLN J 142 -12.14 30.41 27.03
C GLN J 142 -13.34 30.16 26.13
N GLU J 143 -13.47 28.94 25.59
CA GLU J 143 -14.59 28.63 24.71
C GLU J 143 -15.91 28.72 25.46
N LYS J 144 -15.94 28.24 26.70
CA LYS J 144 -17.18 28.36 27.46
C LYS J 144 -17.49 29.82 27.77
N ASN J 145 -16.46 30.62 28.07
CA ASN J 145 -16.71 32.02 28.36
C ASN J 145 -17.18 32.77 27.13
N GLU J 146 -16.63 32.44 25.96
CA GLU J 146 -17.07 33.08 24.73
C GLU J 146 -18.51 32.72 24.43
N GLN J 147 -18.87 31.45 24.64
CA GLN J 147 -20.24 31.01 24.41
C GLN J 147 -21.19 31.77 25.32
N ASP J 148 -20.81 31.94 26.59
CA ASP J 148 -21.70 32.64 27.52
C ASP J 148 -21.78 34.13 27.21
N LEU J 149 -20.69 34.75 26.75
CA LEU J 149 -20.73 36.16 26.40
C LEU J 149 -21.61 36.38 25.17
N LEU J 150 -21.55 35.46 24.22
CA LEU J 150 -22.38 35.57 23.02
C LEU J 150 -23.85 35.36 23.34
N ALA J 151 -24.15 34.69 24.45
CA ALA J 151 -25.53 34.44 24.87
C ALA J 151 -26.18 35.64 25.54
N LEU J 152 -25.47 36.74 25.75
CA LEU J 152 -26.08 37.93 26.34
C LEU J 152 -26.77 38.71 25.23
N ASP J 153 -28.08 38.87 25.35
CA ASP J 153 -28.89 39.52 24.32
C ASP J 153 -28.45 40.97 24.12
N GLN K 1 62.34 -17.18 -32.08
CA GLN K 1 61.82 -18.37 -31.34
C GLN K 1 62.30 -18.34 -29.90
N VAL K 2 61.90 -19.35 -29.12
CA VAL K 2 62.24 -19.43 -27.71
C VAL K 2 63.65 -20.00 -27.58
N GLN K 3 64.52 -19.27 -26.88
CA GLN K 3 65.90 -19.69 -26.70
C GLN K 3 66.38 -19.46 -25.27
N LEU K 4 67.32 -20.31 -24.86
CA LEU K 4 68.15 -20.14 -23.67
C LEU K 4 69.57 -20.19 -24.18
N VAL K 5 70.34 -19.15 -23.90
CA VAL K 5 71.69 -18.99 -24.45
C VAL K 5 72.72 -19.06 -23.32
N GLN K 6 73.65 -20.00 -23.48
CA GLN K 6 74.76 -20.24 -22.58
C GLN K 6 75.99 -20.33 -23.47
N SER K 7 77.16 -19.98 -22.95
CA SER K 7 78.36 -20.12 -23.76
C SER K 7 79.59 -20.22 -22.88
N GLY K 8 80.69 -20.65 -23.50
CA GLY K 8 81.97 -20.70 -22.85
C GLY K 8 82.19 -21.96 -22.02
N ALA K 9 83.27 -21.89 -21.24
CA ALA K 9 83.69 -22.98 -20.36
C ALA K 9 84.54 -22.35 -19.27
N GLU K 10 84.65 -23.05 -18.15
CA GLU K 10 85.45 -22.57 -17.03
C GLU K 10 86.22 -23.71 -16.39
N VAL K 11 87.37 -23.39 -15.81
CA VAL K 11 88.21 -24.33 -15.09
C VAL K 11 88.49 -23.72 -13.71
N LYS K 12 88.17 -24.46 -12.65
CA LYS K 12 88.36 -24.01 -11.28
C LYS K 12 89.19 -25.00 -10.48
N LYS K 13 89.82 -24.49 -9.43
CA LYS K 13 90.53 -25.26 -8.44
C LYS K 13 89.56 -25.67 -7.33
N PRO K 14 89.77 -26.81 -6.64
CA PRO K 14 88.86 -27.17 -5.54
C PRO K 14 88.71 -26.06 -4.50
N GLY K 15 87.46 -25.83 -4.08
CA GLY K 15 87.13 -24.80 -3.12
C GLY K 15 86.71 -23.48 -3.72
N SER K 16 86.88 -23.29 -5.02
CA SER K 16 86.55 -22.07 -5.73
C SER K 16 85.04 -21.91 -5.92
N SER K 17 84.64 -20.71 -6.31
CA SER K 17 83.25 -20.36 -6.58
C SER K 17 83.11 -20.03 -8.06
N VAL K 18 82.09 -20.57 -8.71
CA VAL K 18 81.84 -20.33 -10.14
C VAL K 18 80.41 -19.88 -10.39
N LYS K 19 80.25 -18.86 -11.24
CA LYS K 19 78.96 -18.34 -11.67
C LYS K 19 78.68 -18.80 -13.11
N VAL K 20 77.53 -19.46 -13.30
CA VAL K 20 77.10 -19.96 -14.61
C VAL K 20 75.85 -19.18 -15.02
N SER K 21 75.92 -18.49 -16.16
CA SER K 21 74.81 -17.68 -16.64
C SER K 21 73.85 -18.48 -17.53
N CYS K 22 72.64 -17.94 -17.70
CA CYS K 22 71.63 -18.49 -18.60
C CYS K 22 70.76 -17.32 -19.09
N LYS K 23 70.96 -16.88 -20.33
CA LYS K 23 70.21 -15.74 -20.84
C LYS K 23 68.94 -16.24 -21.53
N ALA K 24 67.80 -15.66 -21.19
CA ALA K 24 66.51 -16.04 -21.74
C ALA K 24 66.12 -15.12 -22.88
N SER K 25 65.50 -15.68 -23.92
CA SER K 25 64.98 -14.87 -25.01
C SER K 25 63.79 -15.56 -25.68
N GLY K 26 62.90 -14.75 -26.22
CA GLY K 26 61.78 -15.23 -27.01
C GLY K 26 60.52 -15.57 -26.25
N TYR K 27 60.49 -15.35 -24.94
CA TYR K 27 59.32 -15.65 -24.12
C TYR K 27 59.33 -14.69 -22.95
N THR K 28 58.20 -14.60 -22.25
CA THR K 28 58.18 -13.75 -21.07
C THR K 28 59.08 -14.36 -20.01
N PHE K 29 60.10 -13.62 -19.61
CA PHE K 29 61.09 -14.14 -18.67
C PHE K 29 60.46 -14.61 -17.37
N THR K 30 59.49 -13.86 -16.85
CA THR K 30 58.92 -14.10 -15.53
C THR K 30 57.79 -15.11 -15.44
N ASP K 31 57.40 -15.80 -16.52
CA ASP K 31 56.23 -16.67 -16.48
C ASP K 31 56.56 -18.16 -16.58
N HIS K 32 57.83 -18.55 -16.41
CA HIS K 32 58.23 -19.95 -16.39
C HIS K 32 59.35 -20.11 -15.37
N TYR K 33 59.37 -21.24 -14.67
CA TYR K 33 60.45 -21.47 -13.72
C TYR K 33 61.69 -21.84 -14.53
N ILE K 34 62.86 -21.45 -14.04
CA ILE K 34 64.12 -21.84 -14.65
C ILE K 34 64.78 -22.88 -13.76
N HIS K 35 65.07 -24.03 -14.34
CA HIS K 35 65.62 -25.18 -13.63
C HIS K 35 67.08 -25.36 -14.02
N TRP K 36 67.89 -25.81 -13.07
CA TRP K 36 69.28 -26.18 -13.35
C TRP K 36 69.41 -27.68 -13.16
N VAL K 37 70.10 -28.30 -14.13
CA VAL K 37 70.37 -29.73 -14.20
C VAL K 37 71.86 -29.96 -14.45
N ARG K 38 72.47 -30.85 -13.68
CA ARG K 38 73.88 -31.19 -13.82
C ARG K 38 74.01 -32.50 -14.58
N GLN K 39 74.99 -32.57 -15.48
CA GLN K 39 75.33 -33.82 -16.19
C GLN K 39 76.83 -34.12 -16.12
N ALA K 40 77.21 -35.05 -15.23
CA ALA K 40 78.61 -35.40 -15.09
C ALA K 40 79.07 -36.14 -16.35
N PRO K 41 80.36 -36.09 -16.69
CA PRO K 41 80.83 -36.77 -17.90
C PRO K 41 80.49 -38.26 -17.94
N ARG K 42 79.95 -38.70 -19.08
CA ARG K 42 79.56 -40.10 -19.33
C ARG K 42 78.53 -40.62 -18.34
N GLN K 43 77.78 -39.74 -17.68
CA GLN K 43 76.76 -40.10 -16.71
C GLN K 43 75.42 -39.52 -17.12
N GLY K 44 74.39 -39.83 -16.34
CA GLY K 44 73.04 -39.36 -16.62
C GLY K 44 72.81 -37.95 -16.12
N LEU K 45 71.56 -37.50 -16.26
CA LEU K 45 71.18 -36.16 -15.89
C LEU K 45 70.74 -36.15 -14.43
N GLU K 46 71.14 -35.10 -13.70
CA GLU K 46 70.75 -34.92 -12.31
C GLU K 46 70.18 -33.51 -12.13
N TRP K 47 68.97 -33.44 -11.59
CA TRP K 47 68.32 -32.17 -11.33
C TRP K 47 68.98 -31.46 -10.16
N MET K 48 69.28 -30.16 -10.32
CA MET K 48 69.89 -29.38 -9.25
C MET K 48 68.91 -28.48 -8.52
N GLY K 49 68.01 -27.81 -9.22
CA GLY K 49 67.15 -26.88 -8.51
C GLY K 49 66.38 -25.99 -9.46
N TRP K 50 65.48 -25.18 -8.87
CA TRP K 50 64.62 -24.29 -9.66
C TRP K 50 64.44 -22.95 -8.98
N ILE K 51 64.52 -21.90 -9.81
CA ILE K 51 64.30 -20.50 -9.41
C ILE K 51 63.06 -19.96 -10.12
N ASN K 52 62.23 -19.25 -9.35
CA ASN K 52 61.06 -18.54 -9.89
C ASN K 52 61.57 -17.19 -10.39
N PRO K 53 61.61 -16.92 -11.70
CA PRO K 53 62.19 -15.64 -12.17
C PRO K 53 61.37 -14.41 -11.80
N TYR K 54 60.14 -14.55 -11.31
CA TYR K 54 59.31 -13.41 -10.95
C TYR K 54 59.52 -12.98 -9.50
N ASN K 55 59.41 -13.92 -8.56
CA ASN K 55 59.53 -13.62 -7.14
C ASN K 55 60.95 -13.80 -6.63
N GLY K 56 61.70 -14.74 -7.21
CA GLY K 56 63.01 -15.08 -6.72
C GLY K 56 63.01 -16.23 -5.74
N ASN K 57 61.88 -16.92 -5.58
CA ASN K 57 61.82 -18.06 -4.68
C ASN K 57 62.59 -19.20 -5.34
N THR K 58 63.29 -19.98 -4.54
CA THR K 58 64.03 -21.13 -5.06
C THR K 58 63.77 -22.39 -4.25
N ASN K 59 64.15 -23.51 -4.88
CA ASN K 59 64.05 -24.84 -4.29
C ASN K 59 65.23 -25.65 -4.80
N TYR K 60 65.95 -26.32 -3.89
CA TYR K 60 67.14 -27.07 -4.24
C TYR K 60 67.02 -28.52 -3.81
N ALA K 61 67.64 -29.41 -4.58
CA ALA K 61 67.72 -30.80 -4.18
C ALA K 61 68.53 -30.86 -2.90
N GLN K 62 68.20 -31.83 -2.04
CA GLN K 62 68.78 -31.85 -0.69
C GLN K 62 70.30 -31.86 -0.72
N LYS K 63 70.92 -32.56 -1.67
CA LYS K 63 72.37 -32.60 -1.69
C LYS K 63 73.00 -31.26 -2.05
N PHE K 64 72.23 -30.33 -2.62
CA PHE K 64 72.74 -29.02 -3.04
C PHE K 64 72.34 -27.88 -2.12
N GLN K 65 71.66 -28.15 -1.02
CA GLN K 65 71.27 -27.06 -0.13
C GLN K 65 72.50 -26.56 0.62
N GLY K 66 72.73 -25.25 0.58
CA GLY K 66 73.88 -24.66 1.21
C GLY K 66 75.08 -24.49 0.29
N ARG K 67 75.07 -25.12 -0.89
CA ARG K 67 76.15 -25.05 -1.86
C ARG K 67 75.79 -24.31 -3.15
N VAL K 68 74.52 -24.29 -3.54
CA VAL K 68 74.08 -23.69 -4.79
C VAL K 68 73.17 -22.52 -4.46
N THR K 69 73.47 -21.36 -5.03
CA THR K 69 72.63 -20.16 -4.88
C THR K 69 72.20 -19.71 -6.26
N LEU K 70 70.89 -19.50 -6.45
CA LEU K 70 70.37 -19.01 -7.72
C LEU K 70 69.93 -17.56 -7.56
N THR K 71 70.18 -16.76 -8.60
CA THR K 71 69.73 -15.38 -8.64
C THR K 71 69.16 -15.10 -10.03
N ARG K 72 68.61 -13.89 -10.18
CA ARG K 72 67.95 -13.46 -11.40
C ARG K 72 68.21 -11.98 -11.66
N ASP K 73 68.08 -11.60 -12.93
CA ASP K 73 68.10 -10.20 -13.35
C ASP K 73 66.96 -10.05 -14.37
N THR K 74 65.88 -9.38 -13.96
CA THR K 74 64.68 -9.26 -14.78
C THR K 74 64.80 -8.17 -15.84
N SER K 75 65.81 -7.30 -15.76
CA SER K 75 66.01 -6.25 -16.75
C SER K 75 66.86 -6.79 -17.88
N THR K 76 67.74 -7.73 -17.55
CA THR K 76 68.64 -8.41 -18.46
C THR K 76 68.07 -9.79 -18.82
N THR K 77 67.00 -10.21 -18.12
CA THR K 77 66.34 -11.50 -18.31
C THR K 77 67.34 -12.64 -18.35
N THR K 78 68.16 -12.70 -17.29
CA THR K 78 69.20 -13.72 -17.18
C THR K 78 69.15 -14.32 -15.77
N VAL K 79 69.31 -15.64 -15.71
CA VAL K 79 69.40 -16.37 -14.45
C VAL K 79 70.85 -16.79 -14.24
N TYR K 80 71.34 -16.67 -13.01
CA TYR K 80 72.70 -17.05 -12.69
C TYR K 80 72.69 -18.06 -11.55
N MET K 81 73.58 -19.04 -11.63
CA MET K 81 73.78 -20.03 -10.58
C MET K 81 75.19 -19.89 -10.06
N GLU K 82 75.34 -19.83 -8.75
CA GLU K 82 76.64 -19.75 -8.10
C GLU K 82 76.88 -21.03 -7.31
N LEU K 83 77.99 -21.69 -7.63
CA LEU K 83 78.39 -22.94 -6.99
C LEU K 83 79.61 -22.63 -6.14
N ILE K 84 79.61 -23.13 -4.90
CA ILE K 84 80.74 -22.94 -3.99
C ILE K 84 81.26 -24.30 -3.53
N SER K 85 82.47 -24.29 -2.98
CA SER K 85 83.14 -25.49 -2.49
C SER K 85 83.23 -26.57 -3.57
N LEU K 86 83.69 -26.17 -4.75
CA LEU K 86 83.79 -27.11 -5.86
C LEU K 86 84.73 -28.26 -5.51
N ARG K 87 84.33 -29.47 -5.90
CA ARG K 87 85.10 -30.68 -5.66
C ARG K 87 85.30 -31.40 -6.99
N SER K 88 86.24 -32.36 -7.00
CA SER K 88 86.54 -33.08 -8.24
C SER K 88 85.30 -33.79 -8.78
N GLU K 89 84.42 -34.27 -7.90
CA GLU K 89 83.20 -34.96 -8.32
C GLU K 89 82.18 -34.03 -8.95
N ASP K 90 82.40 -32.71 -8.90
CA ASP K 90 81.48 -31.74 -9.47
C ASP K 90 81.80 -31.38 -10.91
N THR K 91 82.78 -32.02 -11.55
CA THR K 91 83.02 -31.74 -12.96
C THR K 91 81.78 -32.18 -13.74
N ALA K 92 81.21 -31.27 -14.51
CA ALA K 92 79.99 -31.61 -15.23
C ALA K 92 79.64 -30.49 -16.18
N VAL K 93 78.74 -30.81 -17.12
CA VAL K 93 78.10 -29.77 -17.92
C VAL K 93 76.86 -29.34 -17.14
N TYR K 94 76.75 -28.05 -16.89
CA TYR K 94 75.63 -27.46 -16.17
C TYR K 94 74.68 -26.84 -17.17
N TYR K 95 73.45 -27.37 -17.22
CA TYR K 95 72.44 -26.93 -18.17
C TYR K 95 71.37 -26.15 -17.41
N CYS K 96 70.85 -25.11 -18.05
CA CYS K 96 69.65 -24.43 -17.60
C CYS K 96 68.52 -24.90 -18.51
N ALA K 97 67.31 -24.95 -17.97
CA ALA K 97 66.16 -25.31 -18.78
C ALA K 97 64.91 -24.55 -18.38
N ARG K 98 64.10 -24.27 -19.40
CA ARG K 98 62.83 -23.57 -19.24
C ARG K 98 61.74 -24.61 -19.05
N GLY K 99 60.95 -24.39 -18.01
CA GLY K 99 59.83 -25.27 -17.71
C GLY K 99 58.80 -25.27 -18.81
N GLY K 100 58.16 -26.43 -19.01
CA GLY K 100 57.16 -26.52 -20.05
C GLY K 100 55.86 -25.86 -19.69
N GLU K 101 55.54 -25.78 -18.41
CA GLU K 101 54.29 -25.20 -17.99
C GLU K 101 54.55 -23.71 -17.76
N TYR K 102 53.62 -22.85 -18.20
CA TYR K 102 53.73 -21.44 -17.85
C TYR K 102 52.99 -21.24 -16.54
N CYS K 103 53.45 -20.27 -15.74
CA CYS K 103 52.79 -20.06 -14.46
C CYS K 103 51.45 -19.39 -14.66
N THR K 104 51.46 -18.28 -15.37
CA THR K 104 50.33 -17.44 -15.71
C THR K 104 50.85 -16.62 -16.87
N GLY K 105 49.97 -16.21 -17.78
CA GLY K 105 50.47 -15.44 -18.93
C GLY K 105 51.13 -14.12 -18.57
N PHE K 106 50.97 -13.65 -17.33
CA PHE K 106 51.54 -12.38 -16.87
C PHE K 106 52.66 -12.52 -15.83
N GLY K 107 53.13 -13.74 -15.55
CA GLY K 107 54.20 -13.97 -14.59
C GLY K 107 53.91 -14.97 -13.49
N CYS K 108 54.98 -15.46 -12.84
CA CYS K 108 54.88 -16.47 -11.79
C CYS K 108 54.58 -15.87 -10.41
N PHE K 109 53.36 -15.35 -10.29
CA PHE K 109 52.88 -14.82 -9.01
C PHE K 109 51.96 -15.81 -8.31
N ALA K 110 51.64 -16.94 -8.96
CA ALA K 110 50.76 -17.95 -8.41
C ALA K 110 51.04 -19.26 -9.13
N GLY K 111 50.66 -20.36 -8.49
CA GLY K 111 50.73 -21.69 -9.09
C GLY K 111 51.31 -22.75 -8.19
N LYS K 112 50.91 -24.00 -8.44
CA LYS K 112 51.36 -25.12 -7.62
C LYS K 112 52.83 -25.42 -7.84
N GLY K 113 53.26 -25.55 -9.08
CA GLY K 113 54.64 -25.88 -9.37
C GLY K 113 54.78 -26.43 -10.78
N ASP K 114 56.04 -26.60 -11.18
CA ASP K 114 56.34 -27.09 -12.51
C ASP K 114 56.35 -28.61 -12.54
N ASN K 115 56.18 -29.16 -13.75
CA ASN K 115 56.26 -30.61 -13.95
C ASN K 115 57.09 -31.08 -15.14
N SER K 116 57.74 -30.19 -15.88
CA SER K 116 58.52 -30.62 -17.04
C SER K 116 59.53 -29.56 -17.43
N LEU K 117 60.49 -29.96 -18.26
CA LEU K 117 61.54 -29.09 -18.80
C LEU K 117 61.43 -29.06 -20.32
N ASP K 118 61.00 -27.93 -20.87
CA ASP K 118 60.73 -27.80 -22.30
C ASP K 118 61.93 -27.37 -23.14
N VAL K 119 62.66 -26.35 -22.72
CA VAL K 119 63.75 -25.82 -23.55
C VAL K 119 65.06 -25.94 -22.79
N TRP K 120 66.07 -26.53 -23.42
CA TRP K 120 67.39 -26.68 -22.83
C TRP K 120 68.39 -25.77 -23.53
N GLY K 121 69.32 -25.22 -22.76
CA GLY K 121 70.42 -24.47 -23.33
C GLY K 121 71.52 -25.42 -23.75
N ARG K 122 72.58 -24.87 -24.32
CA ARG K 122 73.69 -25.74 -24.73
C ARG K 122 74.50 -26.23 -23.53
N GLY K 123 74.46 -25.51 -22.42
CA GLY K 123 75.17 -25.90 -21.21
C GLY K 123 76.57 -25.31 -21.16
N VAL K 124 77.11 -25.24 -19.93
CA VAL K 124 78.45 -24.75 -19.69
C VAL K 124 79.23 -25.85 -19.00
N LEU K 125 80.38 -26.22 -19.56
CA LEU K 125 81.22 -27.24 -18.93
C LEU K 125 82.05 -26.60 -17.84
N VAL K 126 81.96 -27.14 -16.63
CA VAL K 126 82.75 -26.69 -15.49
C VAL K 126 83.60 -27.87 -15.03
N SER K 127 84.91 -27.67 -15.01
CA SER K 127 85.87 -28.68 -14.60
C SER K 127 86.55 -28.26 -13.31
N VAL K 128 86.87 -29.25 -12.49
CA VAL K 128 87.58 -29.04 -11.23
C VAL K 128 88.85 -29.89 -11.28
N SER K 129 89.99 -29.25 -11.07
CA SER K 129 91.28 -29.93 -11.15
C SER K 129 92.39 -29.03 -10.61
N ILE L 2 63.45 -39.60 -2.52
CA ILE L 2 63.58 -39.38 -3.95
C ILE L 2 63.12 -40.65 -4.65
N VAL L 3 62.48 -40.47 -5.79
CA VAL L 3 61.96 -41.59 -6.60
C VAL L 3 63.04 -42.01 -7.60
N MET L 4 63.35 -43.31 -7.60
CA MET L 4 64.38 -43.85 -8.47
C MET L 4 63.73 -44.29 -9.78
N ILE L 5 64.38 -43.98 -10.89
CA ILE L 5 63.88 -44.30 -12.22
C ILE L 5 64.85 -45.25 -12.92
N GLN L 6 64.32 -46.34 -13.42
CA GLN L 6 65.05 -47.34 -14.20
C GLN L 6 64.67 -47.16 -15.67
N THR L 7 65.60 -47.52 -16.56
CA THR L 7 65.37 -47.44 -18.01
C THR L 7 65.86 -48.71 -18.67
N PRO L 8 65.07 -49.78 -18.61
CA PRO L 8 65.46 -51.05 -19.25
C PRO L 8 65.49 -50.99 -20.77
N LEU L 9 66.15 -52.00 -21.35
CA LEU L 9 66.26 -52.20 -22.80
C LEU L 9 67.16 -51.18 -23.52
N SER L 10 68.39 -51.02 -23.04
CA SER L 10 69.38 -50.22 -23.75
C SER L 10 70.06 -51.18 -24.72
N LEU L 11 69.63 -51.15 -25.99
CA LEU L 11 70.05 -52.13 -26.99
C LEU L 11 70.48 -51.46 -28.29
N PRO L 12 71.44 -52.03 -29.02
CA PRO L 12 71.74 -51.50 -30.36
C PRO L 12 70.63 -51.83 -31.34
N VAL L 13 70.41 -50.92 -32.29
CA VAL L 13 69.44 -51.13 -33.36
C VAL L 13 70.08 -50.72 -34.69
N THR L 14 69.49 -51.21 -35.79
CA THR L 14 69.88 -50.85 -37.13
C THR L 14 68.90 -49.84 -37.74
N PRO L 15 69.29 -49.14 -38.81
CA PRO L 15 68.32 -48.26 -39.48
C PRO L 15 67.12 -49.03 -40.00
N GLY L 16 65.94 -48.43 -39.86
CA GLY L 16 64.71 -49.03 -40.36
C GLY L 16 64.05 -50.02 -39.43
N GLU L 17 64.66 -50.31 -38.29
CA GLU L 17 64.09 -51.27 -37.34
C GLU L 17 63.20 -50.56 -36.32
N PRO L 18 62.05 -51.10 -35.93
CA PRO L 18 61.28 -50.47 -34.84
C PRO L 18 62.01 -50.66 -33.53
N ALA L 19 61.70 -49.81 -32.55
CA ALA L 19 62.35 -49.94 -31.25
C ALA L 19 61.39 -49.61 -30.11
N SER L 20 61.71 -50.17 -28.94
CA SER L 20 60.96 -49.99 -27.71
C SER L 20 61.92 -49.75 -26.55
N ILE L 21 61.70 -48.66 -25.82
CA ILE L 21 62.51 -48.25 -24.67
C ILE L 21 61.58 -48.24 -23.45
N SER L 22 61.98 -48.91 -22.39
CA SER L 22 61.13 -49.04 -21.21
C SER L 22 61.56 -48.03 -20.14
N CYS L 23 60.60 -47.69 -19.27
CA CYS L 23 60.85 -46.87 -18.09
C CYS L 23 60.00 -47.41 -16.95
N ARG L 24 60.60 -47.54 -15.76
CA ARG L 24 59.91 -48.04 -14.58
C ARG L 24 60.22 -47.13 -13.40
N SER L 25 59.17 -46.75 -12.66
CA SER L 25 59.28 -45.91 -11.48
C SER L 25 58.97 -46.69 -10.20
N SER L 26 59.66 -46.32 -9.12
CA SER L 26 59.38 -46.88 -7.81
C SER L 26 58.09 -46.35 -7.20
N GLN L 27 57.51 -45.28 -7.76
CA GLN L 27 56.31 -44.63 -7.24
C GLN L 27 55.48 -44.17 -8.42
N SER L 28 54.15 -44.31 -8.30
CA SER L 28 53.24 -43.89 -9.37
C SER L 28 53.39 -42.40 -9.67
N LEU L 29 53.29 -42.08 -10.96
CA LEU L 29 53.43 -40.72 -11.48
C LEU L 29 52.08 -40.04 -11.74
N PHE L 30 50.97 -40.70 -11.41
CA PHE L 30 49.64 -40.18 -11.72
C PHE L 30 49.14 -39.23 -10.64
N ASP L 31 48.81 -38.00 -11.05
CA ASP L 31 48.30 -36.96 -10.16
C ASP L 31 46.78 -36.98 -10.30
N ILE L 32 46.10 -37.37 -9.22
CA ILE L 32 44.64 -37.54 -9.25
C ILE L 32 43.94 -36.24 -9.57
N GLU L 33 44.41 -35.11 -9.02
CA GLU L 33 43.71 -33.85 -9.28
C GLU L 33 43.95 -33.36 -10.70
N ASP L 34 45.16 -33.56 -11.24
CA ASP L 34 45.47 -33.09 -12.57
C ASP L 34 44.98 -34.05 -13.65
N GLU L 35 44.78 -35.33 -13.30
CA GLU L 35 44.32 -36.36 -14.23
C GLU L 35 45.30 -36.54 -15.39
N THR L 36 46.59 -36.58 -15.06
CA THR L 36 47.62 -36.80 -16.07
C THR L 36 48.85 -37.35 -15.39
N THR L 37 49.67 -38.07 -16.17
CA THR L 37 50.90 -38.65 -15.68
C THR L 37 52.08 -37.82 -16.16
N TYR L 38 52.88 -37.33 -15.23
CA TYR L 38 53.98 -36.39 -15.54
C TYR L 38 55.29 -37.10 -15.87
N LEU L 39 55.32 -37.74 -17.04
CA LEU L 39 56.53 -38.39 -17.53
C LEU L 39 56.89 -37.77 -18.88
N GLU L 40 57.99 -37.03 -18.91
CA GLU L 40 58.48 -36.40 -20.13
C GLU L 40 59.65 -37.21 -20.68
N TRP L 41 59.57 -37.58 -21.97
CA TRP L 41 60.62 -38.30 -22.65
C TRP L 41 61.51 -37.31 -23.40
N PHE L 42 62.83 -37.55 -23.34
CA PHE L 42 63.86 -36.74 -24.00
C PHE L 42 64.79 -37.59 -24.85
N LEU L 43 65.36 -36.93 -25.86
CA LEU L 43 66.44 -37.48 -26.68
C LEU L 43 67.62 -36.50 -26.67
N GLN L 44 68.78 -37.00 -26.23
CA GLN L 44 70.01 -36.23 -26.20
C GLN L 44 70.92 -36.72 -27.34
N LYS L 45 71.03 -35.90 -28.39
CA LYS L 45 71.87 -36.29 -29.51
C LYS L 45 73.32 -36.05 -29.12
N PRO L 46 74.28 -36.81 -29.66
CA PRO L 46 75.68 -36.55 -29.33
C PRO L 46 76.07 -35.11 -29.64
N GLY L 47 76.72 -34.46 -28.69
CA GLY L 47 77.16 -33.09 -28.85
C GLY L 47 76.09 -32.04 -28.61
N GLN L 48 74.87 -32.44 -28.27
CA GLN L 48 73.76 -31.52 -28.08
C GLN L 48 73.11 -31.74 -26.72
N SER L 49 72.41 -30.71 -26.26
CA SER L 49 71.64 -30.80 -25.04
C SER L 49 70.40 -31.68 -25.24
N PRO L 50 69.89 -32.32 -24.18
CA PRO L 50 68.66 -33.09 -24.32
C PRO L 50 67.52 -32.22 -24.82
N GLN L 51 66.72 -32.78 -25.74
CA GLN L 51 65.54 -32.11 -26.27
C GLN L 51 64.29 -32.89 -25.87
N PRO L 52 63.14 -32.22 -25.67
CA PRO L 52 61.92 -32.98 -25.35
C PRO L 52 61.42 -33.78 -26.54
N LEU L 53 60.85 -34.94 -26.22
CA LEU L 53 60.20 -35.80 -27.20
C LEU L 53 58.71 -35.90 -26.93
N ILE L 54 58.35 -36.28 -25.71
CA ILE L 54 56.96 -36.49 -25.30
C ILE L 54 56.77 -35.75 -23.99
N TYR L 55 55.72 -34.93 -23.89
CA TYR L 55 55.58 -34.20 -22.64
C TYR L 55 54.84 -34.97 -21.55
N GLU L 56 53.79 -35.75 -21.90
CA GLU L 56 53.01 -36.49 -20.88
C GLU L 56 52.71 -37.91 -21.35
N VAL L 57 53.68 -38.81 -21.18
CA VAL L 57 53.55 -40.23 -21.54
C VAL L 57 53.24 -40.48 -23.01
N SER L 58 52.08 -39.98 -23.47
CA SER L 58 51.64 -40.13 -24.85
C SER L 58 51.51 -38.84 -25.65
N ASN L 59 51.53 -37.68 -25.01
CA ASN L 59 51.32 -36.41 -25.71
C ASN L 59 52.61 -35.96 -26.37
N ARG L 60 52.69 -36.14 -27.68
CA ARG L 60 53.91 -35.88 -28.43
C ARG L 60 54.22 -34.39 -28.48
N ALA L 61 55.48 -34.05 -28.34
CA ALA L 61 55.91 -32.66 -28.40
C ALA L 61 55.93 -32.14 -29.83
N SER L 62 55.70 -30.83 -29.97
CA SER L 62 55.70 -30.20 -31.28
C SER L 62 57.07 -30.30 -31.90
N GLY L 63 57.10 -30.56 -33.21
CA GLY L 63 58.33 -30.62 -33.96
C GLY L 63 58.99 -31.98 -33.94
N VAL L 64 58.45 -32.93 -33.18
CA VAL L 64 59.00 -34.27 -33.04
C VAL L 64 58.40 -35.14 -34.14
N PRO L 65 59.19 -35.93 -34.88
CA PRO L 65 58.61 -36.79 -35.92
C PRO L 65 57.52 -37.70 -35.37
N ASP L 66 56.54 -37.99 -36.22
CA ASP L 66 55.39 -38.82 -35.83
C ASP L 66 55.78 -40.27 -35.57
N ARG L 67 57.01 -40.65 -35.90
CA ARG L 67 57.49 -42.00 -35.63
C ARG L 67 57.59 -42.27 -34.13
N PHE L 68 57.74 -41.23 -33.31
CA PHE L 68 57.85 -41.38 -31.87
C PHE L 68 56.46 -41.39 -31.24
N SER L 69 56.24 -42.32 -30.33
CA SER L 69 54.98 -42.41 -29.60
C SER L 69 55.26 -43.13 -28.29
N GLY L 70 54.23 -43.43 -27.53
CA GLY L 70 54.44 -44.11 -26.27
C GLY L 70 53.14 -44.27 -25.52
N SER L 71 53.21 -45.06 -24.46
CA SER L 71 52.06 -45.33 -23.62
C SER L 71 52.54 -45.87 -22.27
N GLY L 72 51.59 -46.20 -21.42
CA GLY L 72 51.86 -46.76 -20.11
C GLY L 72 51.03 -46.10 -19.03
N SER L 73 51.32 -46.53 -17.79
CA SER L 73 50.66 -46.07 -16.58
C SER L 73 51.12 -46.93 -15.42
N ASP L 74 50.82 -46.51 -14.20
CA ASP L 74 51.11 -47.30 -13.00
C ASP L 74 52.59 -47.64 -12.89
N THR L 75 53.43 -46.66 -13.25
CA THR L 75 54.89 -46.72 -13.14
C THR L 75 55.52 -47.36 -14.38
N ALA L 76 54.79 -48.19 -15.13
CA ALA L 76 55.37 -48.88 -16.27
C ALA L 76 55.04 -48.13 -17.55
N PHE L 77 56.07 -47.65 -18.25
CA PHE L 77 55.90 -46.86 -19.46
C PHE L 77 56.78 -47.39 -20.57
N THR L 78 56.32 -47.21 -21.81
CA THR L 78 57.09 -47.60 -22.99
C THR L 78 57.11 -46.45 -24.00
N LEU L 79 58.30 -46.18 -24.53
CA LEU L 79 58.53 -45.26 -25.64
C LEU L 79 58.72 -46.13 -26.87
N LYS L 80 58.00 -45.84 -27.94
CA LYS L 80 58.09 -46.63 -29.15
C LYS L 80 58.53 -45.75 -30.32
N ILE L 81 59.32 -46.36 -31.21
CA ILE L 81 59.76 -45.73 -32.45
C ILE L 81 59.33 -46.65 -33.58
N SER L 82 58.53 -46.10 -34.51
CA SER L 82 58.05 -46.88 -35.64
C SER L 82 59.21 -47.37 -36.49
N ARG L 83 60.11 -46.45 -36.86
CA ARG L 83 61.31 -46.78 -37.62
C ARG L 83 62.45 -45.92 -37.12
N VAL L 84 63.59 -46.53 -36.83
CA VAL L 84 64.77 -45.80 -36.38
C VAL L 84 65.52 -45.28 -37.60
N GLU L 85 65.82 -43.98 -37.60
CA GLU L 85 66.57 -43.31 -38.64
C GLU L 85 67.86 -42.74 -38.04
N ALA L 86 68.67 -42.11 -38.91
CA ALA L 86 69.92 -41.52 -38.47
C ALA L 86 69.71 -40.44 -37.42
N GLU L 87 68.58 -39.74 -37.46
CA GLU L 87 68.31 -38.66 -36.53
C GLU L 87 67.82 -39.14 -35.16
N ASP L 88 67.68 -40.45 -34.97
CA ASP L 88 67.22 -41.01 -33.70
C ASP L 88 68.37 -41.50 -32.82
N VAL L 89 69.61 -41.28 -33.26
CA VAL L 89 70.79 -41.70 -32.50
C VAL L 89 70.99 -40.77 -31.31
N GLY L 90 71.26 -41.35 -30.14
CA GLY L 90 71.47 -40.60 -28.93
C GLY L 90 70.97 -41.34 -27.71
N ILE L 91 70.90 -40.62 -26.59
CA ILE L 91 70.49 -41.19 -25.31
C ILE L 91 69.08 -40.73 -24.96
N TYR L 92 68.22 -41.68 -24.60
CA TYR L 92 66.84 -41.43 -24.23
C TYR L 92 66.68 -41.43 -22.72
N TYR L 93 65.89 -40.46 -22.22
CA TYR L 93 65.62 -40.30 -20.79
C TYR L 93 64.13 -40.15 -20.52
N CYS L 94 63.71 -40.54 -19.31
CA CYS L 94 62.32 -40.39 -18.84
C CYS L 94 62.28 -39.67 -17.50
N MET L 95 61.64 -38.50 -17.49
CA MET L 95 61.57 -37.64 -16.30
C MET L 95 60.56 -38.13 -15.27
N GLN L 96 60.82 -37.76 -14.02
CA GLN L 96 59.92 -37.96 -12.87
C GLN L 96 59.39 -36.61 -12.44
N GLY L 97 58.39 -36.09 -13.15
CA GLY L 97 57.96 -34.73 -12.93
C GLY L 97 56.96 -34.55 -11.82
N ILE L 98 56.35 -35.63 -11.33
CA ILE L 98 55.27 -35.54 -10.35
C ILE L 98 55.75 -34.91 -9.05
N GLU L 99 57.01 -35.11 -8.68
CA GLU L 99 57.55 -34.61 -7.43
C GLU L 99 58.93 -34.01 -7.65
N TYR L 100 59.29 -33.10 -6.73
CA TYR L 100 60.63 -32.52 -6.70
C TYR L 100 61.49 -33.32 -5.71
N PRO L 101 62.79 -33.56 -5.96
CA PRO L 101 63.58 -33.23 -7.15
C PRO L 101 63.22 -34.11 -8.34
N PHE L 102 63.41 -33.61 -9.55
CA PHE L 102 63.15 -34.40 -10.74
C PHE L 102 64.29 -35.38 -10.98
N THR L 103 63.95 -36.58 -11.44
CA THR L 103 64.92 -37.59 -11.79
C THR L 103 64.67 -38.05 -13.23
N PHE L 104 65.74 -38.52 -13.88
CA PHE L 104 65.71 -38.90 -15.28
C PHE L 104 65.96 -40.37 -15.55
N GLY L 105 66.54 -41.10 -14.61
CA GLY L 105 66.90 -42.48 -14.81
C GLY L 105 68.22 -42.60 -15.55
N PRO L 106 68.88 -43.77 -15.48
CA PRO L 106 70.14 -43.94 -16.24
C PRO L 106 70.04 -43.65 -17.73
N GLY L 107 68.90 -43.98 -18.36
CA GLY L 107 68.70 -43.74 -19.77
C GLY L 107 69.14 -44.92 -20.61
N THR L 108 68.75 -44.89 -21.89
CA THR L 108 69.10 -45.94 -22.84
C THR L 108 69.77 -45.31 -24.05
N LYS L 109 70.56 -46.10 -24.77
CA LYS L 109 71.27 -45.62 -25.95
C LYS L 109 70.68 -46.21 -27.22
N VAL L 110 70.61 -45.38 -28.26
CA VAL L 110 70.27 -45.80 -29.61
C VAL L 110 71.44 -45.38 -30.51
N ASN M 3 -5.60 51.53 -6.37
CA ASN M 3 -5.53 51.23 -4.94
C ASN M 3 -6.26 49.92 -4.64
N LEU M 4 -5.81 48.84 -5.27
CA LEU M 4 -6.39 47.52 -5.12
C LEU M 4 -5.45 46.64 -4.29
N TRP M 5 -6.02 45.65 -3.62
CA TRP M 5 -5.30 44.76 -2.74
C TRP M 5 -5.49 43.31 -3.17
N VAL M 6 -4.52 42.47 -2.85
CA VAL M 6 -4.58 41.05 -3.19
C VAL M 6 -5.59 40.36 -2.30
N THR M 7 -6.56 39.68 -2.89
CA THR M 7 -7.54 38.87 -2.16
C THR M 7 -7.35 37.43 -2.60
N VAL M 8 -7.27 36.53 -1.62
CA VAL M 8 -7.03 35.11 -1.83
C VAL M 8 -8.38 34.38 -1.85
N TYR M 9 -8.62 33.61 -2.91
CA TYR M 9 -9.84 32.84 -3.08
C TYR M 9 -9.47 31.36 -3.14
N TYR M 10 -10.17 30.55 -2.35
CA TYR M 10 -9.96 29.11 -2.32
C TYR M 10 -11.25 28.44 -2.79
N GLY M 11 -11.14 27.59 -3.79
CA GLY M 11 -12.26 26.91 -4.39
C GLY M 11 -12.65 27.48 -5.74
N VAL M 12 -11.74 28.15 -6.43
CA VAL M 12 -12.04 28.74 -7.74
C VAL M 12 -12.12 27.65 -8.79
N PRO M 13 -13.02 27.73 -9.79
CA PRO M 13 -13.12 26.68 -10.82
C PRO M 13 -12.01 26.77 -11.86
N VAL M 14 -10.79 26.48 -11.43
CA VAL M 14 -9.59 26.55 -12.27
C VAL M 14 -8.94 25.18 -12.25
N TRP M 15 -8.49 24.74 -13.43
CA TRP M 15 -7.92 23.40 -13.57
C TRP M 15 -6.81 23.40 -14.61
N LYS M 16 -5.80 22.56 -14.35
CA LYS M 16 -4.67 22.36 -15.25
C LYS M 16 -4.61 20.91 -15.67
N ASP M 17 -4.14 20.66 -16.90
CA ASP M 17 -4.05 19.29 -17.39
C ASP M 17 -3.13 18.47 -16.49
N ALA M 18 -3.55 17.26 -16.12
CA ALA M 18 -2.76 16.43 -15.22
C ALA M 18 -2.97 14.97 -15.54
N GLU M 19 -1.99 14.17 -15.12
CA GLU M 19 -2.00 12.71 -15.26
C GLU M 19 -2.04 12.07 -13.88
N THR M 20 -3.14 11.39 -13.55
CA THR M 20 -3.29 10.76 -12.25
C THR M 20 -3.86 9.36 -12.44
N THR M 21 -4.05 8.66 -11.31
CA THR M 21 -4.62 7.33 -11.30
C THR M 21 -6.12 7.43 -11.05
N LEU M 22 -6.91 6.87 -11.96
CA LEU M 22 -8.37 6.88 -11.87
C LEU M 22 -8.86 5.61 -11.20
N PHE M 23 -10.00 5.73 -10.54
CA PHE M 23 -10.63 4.59 -9.88
C PHE M 23 -11.48 3.79 -10.86
N CYS M 24 -11.51 2.48 -10.64
CA CYS M 24 -12.36 1.56 -11.38
C CYS M 24 -13.70 1.38 -10.70
N ALA M 25 -14.78 1.49 -11.47
CA ALA M 25 -16.13 1.26 -10.98
C ALA M 25 -16.87 0.37 -11.97
N SER M 26 -17.83 -0.39 -11.46
CA SER M 26 -18.66 -1.24 -12.32
C SER M 26 -20.02 -1.43 -11.66
N ASP M 27 -21.00 -1.81 -12.47
CA ASP M 27 -22.34 -2.07 -11.97
C ASP M 27 -22.35 -3.30 -11.08
N HIS M 36 -18.45 -16.23 -12.73
CA HIS M 36 -17.23 -15.43 -12.71
C HIS M 36 -16.98 -14.79 -14.07
N ASN M 37 -16.21 -13.71 -14.07
CA ASN M 37 -15.91 -12.95 -15.28
C ASN M 37 -14.47 -12.44 -15.19
N VAL M 38 -13.77 -12.50 -16.32
CA VAL M 38 -12.37 -12.08 -16.37
C VAL M 38 -12.23 -10.60 -16.06
N TRP M 39 -13.24 -9.80 -16.39
CA TRP M 39 -13.15 -8.36 -16.17
C TRP M 39 -13.76 -7.94 -14.85
N ALA M 40 -14.78 -8.66 -14.36
CA ALA M 40 -15.39 -8.28 -13.09
C ALA M 40 -14.33 -8.37 -12.01
N THR M 41 -14.20 -7.30 -11.22
CA THR M 41 -13.16 -7.23 -10.21
C THR M 41 -13.77 -6.74 -8.90
N HIS M 42 -13.39 -7.40 -7.80
CA HIS M 42 -13.91 -7.06 -6.48
C HIS M 42 -13.38 -5.74 -5.94
N ALA M 43 -12.31 -5.22 -6.54
CA ALA M 43 -11.70 -3.96 -6.16
C ALA M 43 -12.30 -2.74 -6.85
N CYS M 44 -13.27 -2.93 -7.75
CA CYS M 44 -13.91 -1.81 -8.43
C CYS M 44 -15.13 -1.41 -7.62
N VAL M 45 -15.24 -0.11 -7.32
CA VAL M 45 -16.30 0.43 -6.48
C VAL M 45 -17.63 0.40 -7.21
N PRO M 46 -18.76 0.08 -6.55
CA PRO M 46 -20.05 0.16 -7.24
C PRO M 46 -20.28 1.55 -7.82
N THR M 47 -20.90 1.59 -9.00
CA THR M 47 -21.18 2.86 -9.66
C THR M 47 -22.32 3.61 -8.99
N ASP M 48 -22.40 4.89 -9.35
CA ASP M 48 -23.45 5.78 -8.88
C ASP M 48 -24.75 5.44 -9.61
N PRO M 49 -25.83 5.05 -8.92
CA PRO M 49 -27.08 4.72 -9.62
C PRO M 49 -27.63 5.84 -10.50
N ASN M 50 -27.25 7.09 -10.26
CA ASN M 50 -27.75 8.23 -11.05
C ASN M 50 -26.66 9.29 -11.12
N PRO M 51 -25.63 9.07 -11.94
CA PRO M 51 -24.46 9.95 -11.91
C PRO M 51 -24.82 11.35 -12.41
N GLN M 52 -24.13 12.34 -11.85
CA GLN M 52 -24.35 13.73 -12.21
C GLN M 52 -23.39 14.16 -13.32
N GLU M 53 -23.95 14.85 -14.31
CA GLU M 53 -23.20 15.46 -15.40
C GLU M 53 -23.55 16.94 -15.39
N ILE M 54 -22.53 17.80 -15.33
CA ILE M 54 -22.74 19.24 -15.24
C ILE M 54 -22.21 19.91 -16.50
N HIS M 55 -23.11 20.48 -17.30
CA HIS M 55 -22.69 21.17 -18.51
C HIS M 55 -21.90 22.40 -18.11
N LEU M 56 -20.75 22.64 -18.74
CA LEU M 56 -19.94 23.81 -18.46
C LEU M 56 -20.19 24.84 -19.56
N GLU M 57 -21.12 25.76 -19.31
CA GLU M 57 -21.50 26.71 -20.33
C GLU M 57 -20.37 27.71 -20.56
N ASN M 58 -20.14 28.06 -21.83
CA ASN M 58 -19.12 29.02 -22.24
C ASN M 58 -17.71 28.58 -21.86
N VAL M 59 -17.45 27.28 -21.75
CA VAL M 59 -16.11 26.77 -21.48
C VAL M 59 -15.60 26.04 -22.71
N THR M 60 -14.46 26.49 -23.24
CA THR M 60 -13.80 25.85 -24.36
C THR M 60 -12.52 25.20 -23.83
N GLU M 61 -12.33 23.92 -24.11
CA GLU M 61 -11.17 23.18 -23.60
C GLU M 61 -10.52 22.48 -24.79
N GLU M 62 -9.19 22.55 -24.87
CA GLU M 62 -8.49 21.90 -25.97
C GLU M 62 -8.20 20.46 -25.59
N PHE M 63 -8.64 19.53 -26.43
CA PHE M 63 -8.50 18.10 -26.22
C PHE M 63 -7.47 17.54 -27.20
N ASN M 64 -6.85 16.42 -26.82
CA ASN M 64 -5.95 15.70 -27.71
C ASN M 64 -6.02 14.23 -27.31
N MET M 65 -6.76 13.43 -28.07
CA MET M 65 -6.97 12.03 -27.69
C MET M 65 -5.69 11.21 -27.77
N TRP M 66 -4.66 11.68 -28.47
CA TRP M 66 -3.43 10.91 -28.64
C TRP M 66 -2.40 11.23 -27.56
N LYS M 67 -2.72 12.16 -26.66
CA LYS M 67 -1.88 12.55 -25.53
C LYS M 67 -2.66 12.36 -24.24
N ASN M 68 -3.74 11.58 -24.32
CA ASN M 68 -4.68 11.32 -23.24
C ASN M 68 -4.15 10.17 -22.40
N ASN M 69 -3.74 10.45 -21.17
CA ASN M 69 -3.11 9.43 -20.35
C ASN M 69 -4.12 8.43 -19.79
N MET M 70 -5.42 8.62 -20.08
CA MET M 70 -6.41 7.66 -19.64
C MET M 70 -6.28 6.36 -20.44
N VAL M 71 -5.72 6.47 -21.65
CA VAL M 71 -5.56 5.32 -22.52
C VAL M 71 -4.48 4.41 -21.96
N GLU M 72 -3.39 5.00 -21.47
CA GLU M 72 -2.29 4.20 -20.94
C GLU M 72 -2.72 3.52 -19.65
N GLN M 73 -3.50 4.22 -18.82
CA GLN M 73 -3.99 3.57 -17.61
C GLN M 73 -4.94 2.45 -17.96
N MET M 74 -5.86 2.67 -18.91
CA MET M 74 -6.77 1.60 -19.26
C MET M 74 -6.00 0.39 -19.78
N HIS M 75 -4.97 0.63 -20.61
CA HIS M 75 -4.18 -0.45 -21.16
C HIS M 75 -3.52 -1.25 -20.03
N GLU M 76 -2.90 -0.52 -19.08
CA GLU M 76 -2.25 -1.19 -17.95
C GLU M 76 -3.25 -1.93 -17.08
N ASP M 77 -4.43 -1.36 -16.87
CA ASP M 77 -5.41 -2.01 -15.99
C ASP M 77 -5.97 -3.25 -16.67
N ILE M 78 -6.21 -3.20 -17.98
CA ILE M 78 -6.72 -4.34 -18.69
C ILE M 78 -5.71 -5.48 -18.68
N ILE M 79 -4.43 -5.16 -18.92
CA ILE M 79 -3.42 -6.21 -18.88
C ILE M 79 -3.30 -6.77 -17.46
N SER M 80 -3.27 -5.90 -16.45
CA SER M 80 -3.15 -6.37 -15.08
C SER M 80 -4.31 -7.29 -14.69
N LEU M 81 -5.54 -6.91 -15.05
CA LEU M 81 -6.68 -7.75 -14.71
C LEU M 81 -6.60 -9.08 -15.43
N TRP M 82 -6.18 -9.06 -16.70
CA TRP M 82 -6.06 -10.29 -17.47
C TRP M 82 -5.07 -11.24 -16.80
N ASP M 83 -3.90 -10.71 -16.42
CA ASP M 83 -2.89 -11.55 -15.81
C ASP M 83 -3.32 -12.03 -14.43
N GLN M 84 -4.02 -11.18 -13.67
CA GLN M 84 -4.47 -11.62 -12.34
C GLN M 84 -5.46 -12.75 -12.49
N SER M 85 -6.33 -12.67 -13.50
CA SER M 85 -7.30 -13.73 -13.74
C SER M 85 -6.60 -15.04 -14.09
N LEU M 86 -5.55 -14.95 -14.92
CA LEU M 86 -4.86 -16.19 -15.33
C LEU M 86 -3.95 -16.78 -14.26
N LYS M 87 -3.41 -15.98 -13.33
CA LYS M 87 -2.52 -16.53 -12.30
C LYS M 87 -3.10 -17.72 -11.54
N PRO M 88 -4.29 -17.65 -10.92
CA PRO M 88 -4.82 -18.82 -10.20
C PRO M 88 -5.51 -19.83 -11.11
N CYS M 89 -4.76 -20.35 -12.09
CA CYS M 89 -5.30 -21.30 -13.06
C CYS M 89 -4.21 -22.32 -13.36
N VAL M 90 -4.60 -23.41 -14.03
CA VAL M 90 -3.68 -24.49 -14.32
C VAL M 90 -2.62 -24.05 -15.32
N LYS M 91 -1.35 -24.27 -14.96
CA LYS M 91 -0.23 -23.97 -15.83
C LYS M 91 0.12 -25.25 -16.57
N LEU M 92 -0.03 -25.26 -17.89
CA LEU M 92 0.13 -26.50 -18.66
C LEU M 92 1.58 -26.73 -19.09
N THR M 93 2.48 -26.73 -18.11
CA THR M 93 3.86 -27.07 -18.38
C THR M 93 3.97 -28.49 -18.94
N PRO M 94 3.30 -29.51 -18.37
CA PRO M 94 3.42 -30.87 -18.91
C PRO M 94 2.97 -31.04 -20.36
N LEU M 95 2.28 -30.06 -20.95
CA LEU M 95 1.80 -30.22 -22.32
C LEU M 95 2.87 -30.01 -23.39
N CYS M 96 4.01 -29.40 -23.08
CA CYS M 96 5.08 -29.24 -24.08
C CYS M 96 5.85 -30.55 -24.18
N VAL M 97 5.24 -31.48 -24.92
CA VAL M 97 5.72 -32.82 -25.18
C VAL M 97 5.68 -32.99 -26.69
N THR M 98 6.31 -34.07 -27.17
CA THR M 98 6.24 -34.33 -28.60
C THR M 98 4.87 -34.93 -28.88
N LEU M 99 4.18 -34.37 -29.86
CA LEU M 99 2.87 -34.82 -30.28
C LEU M 99 3.04 -35.66 -31.53
N GLN M 100 2.25 -36.71 -31.68
CA GLN M 100 2.22 -37.50 -32.90
C GLN M 100 0.84 -37.30 -33.51
N CYS M 101 0.76 -36.53 -34.58
CA CYS M 101 -0.50 -36.06 -35.11
C CYS M 101 -0.78 -36.67 -36.48
N THR M 102 -2.07 -36.86 -36.72
CA THR M 102 -2.61 -37.24 -38.01
C THR M 102 -3.75 -36.27 -38.29
N ASN M 103 -4.21 -36.21 -39.54
CA ASN M 103 -5.34 -35.35 -39.83
C ASN M 103 -6.60 -35.92 -39.16
N TYR M 104 -7.47 -35.01 -38.72
CA TYR M 104 -8.73 -35.42 -38.08
C TYR M 104 -9.49 -36.39 -38.97
N ALA M 105 -9.58 -36.09 -40.27
CA ALA M 105 -10.19 -36.97 -41.25
C ALA M 105 -11.59 -37.43 -40.90
N PRO M 106 -12.58 -36.54 -40.94
CA PRO M 106 -13.95 -36.96 -40.62
C PRO M 106 -14.49 -37.86 -41.72
N LYS M 107 -15.64 -38.48 -41.43
CA LYS M 107 -16.24 -39.41 -42.37
C LYS M 107 -16.53 -38.78 -43.73
N LEU M 108 -16.94 -37.51 -43.74
CA LEU M 108 -17.31 -36.83 -44.98
C LEU M 108 -16.19 -35.93 -45.49
N ARG M 109 -16.04 -35.91 -46.81
CA ARG M 109 -15.04 -35.09 -47.48
C ARG M 109 -15.41 -33.62 -47.35
N SER M 110 -14.46 -32.74 -47.00
CA SER M 110 -14.86 -31.33 -46.69
C SER M 110 -13.85 -30.21 -47.01
N MET M 111 -12.87 -30.38 -47.90
CA MET M 111 -11.97 -29.28 -48.27
C MET M 111 -11.35 -28.55 -47.07
N MET M 112 -11.46 -29.12 -45.86
CA MET M 112 -10.86 -28.57 -44.66
C MET M 112 -9.97 -29.59 -43.99
N ARG M 113 -9.49 -30.52 -44.79
CA ARG M 113 -8.68 -31.60 -44.26
C ARG M 113 -7.41 -30.95 -43.74
N GLY M 114 -6.98 -31.35 -42.55
CA GLY M 114 -5.74 -30.81 -42.06
C GLY M 114 -5.90 -29.58 -41.19
N GLU M 115 -7.10 -28.99 -41.14
CA GLU M 115 -7.30 -27.82 -40.29
C GLU M 115 -7.37 -28.24 -38.82
N ILE M 116 -7.87 -29.45 -38.56
CA ILE M 116 -7.95 -30.02 -37.22
C ILE M 116 -7.11 -31.29 -37.27
N LYS M 117 -6.18 -31.43 -36.33
CA LYS M 117 -5.31 -32.59 -36.23
C LYS M 117 -5.61 -33.38 -34.96
N ASN M 118 -5.50 -34.69 -35.07
CA ASN M 118 -5.72 -35.65 -33.99
C ASN M 118 -4.34 -36.07 -33.49
N CYS M 119 -3.95 -35.52 -32.34
CA CYS M 119 -2.60 -35.63 -31.81
C CYS M 119 -2.56 -36.52 -30.57
N SER M 120 -1.68 -37.52 -30.61
CA SER M 120 -1.43 -38.44 -29.52
C SER M 120 -0.24 -37.96 -28.72
N PHE M 121 -0.33 -37.97 -27.39
CA PHE M 121 0.81 -37.60 -26.57
C PHE M 121 0.72 -38.25 -25.19
N ASN M 122 1.87 -38.31 -24.51
CA ASN M 122 1.97 -38.84 -23.15
C ASN M 122 1.92 -37.71 -22.13
N MET M 123 0.76 -37.53 -21.51
CA MET M 123 0.52 -36.45 -20.57
C MET M 123 0.75 -36.98 -19.15
N THR M 124 1.07 -36.07 -18.23
CA THR M 124 1.25 -36.47 -16.84
C THR M 124 -0.11 -36.74 -16.21
N THR M 125 -0.10 -37.33 -15.01
CA THR M 125 -1.31 -37.63 -14.26
C THR M 125 -1.08 -37.29 -12.80
N GLU M 126 -2.02 -37.71 -11.94
CA GLU M 126 -1.95 -37.35 -10.52
C GLU M 126 -0.66 -37.85 -9.87
N LEU M 127 -0.18 -39.02 -10.27
CA LEU M 127 1.02 -39.61 -9.70
C LEU M 127 2.18 -39.43 -10.67
N ARG M 128 3.36 -39.16 -10.12
CA ARG M 128 4.53 -38.88 -10.93
C ARG M 128 5.17 -40.12 -11.56
N ASP M 129 4.75 -41.33 -11.16
CA ASP M 129 5.31 -42.55 -11.71
C ASP M 129 4.54 -43.10 -12.90
N LYS M 130 3.45 -42.46 -13.30
CA LYS M 130 2.60 -42.95 -14.38
C LYS M 130 2.37 -41.83 -15.39
N LYS M 131 2.14 -42.22 -16.63
CA LYS M 131 1.79 -41.30 -17.70
C LYS M 131 0.54 -41.84 -18.40
N GLN M 132 -0.24 -40.91 -18.95
CA GLN M 132 -1.51 -41.19 -19.59
C GLN M 132 -1.43 -40.87 -21.07
N LYS M 133 -1.82 -41.83 -21.92
CA LYS M 133 -1.84 -41.55 -23.35
C LYS M 133 -3.12 -40.80 -23.63
N VAL M 134 -2.99 -39.66 -24.29
CA VAL M 134 -4.10 -38.75 -24.57
C VAL M 134 -4.18 -38.53 -26.06
N TYR M 135 -5.39 -38.56 -26.59
CA TYR M 135 -5.67 -38.20 -27.98
C TYR M 135 -6.50 -36.93 -27.89
N SER M 136 -5.96 -35.84 -28.42
CA SER M 136 -6.62 -34.54 -28.37
C SER M 136 -6.69 -33.96 -29.77
N LEU M 137 -7.71 -33.14 -30.02
CA LEU M 137 -7.77 -32.42 -31.29
C LEU M 137 -7.19 -31.03 -31.09
N PHE M 138 -6.38 -30.61 -32.06
CA PHE M 138 -5.79 -29.28 -32.06
C PHE M 138 -6.06 -28.63 -33.41
N TYR M 139 -6.13 -27.30 -33.43
CA TYR M 139 -6.27 -26.62 -34.69
C TYR M 139 -4.88 -26.57 -35.34
N ARG M 140 -4.87 -26.55 -36.68
CA ARG M 140 -3.61 -26.48 -37.41
C ARG M 140 -2.76 -25.29 -36.97
N LEU M 141 -3.40 -24.16 -36.68
CA LEU M 141 -2.68 -22.95 -36.32
C LEU M 141 -2.02 -23.01 -34.95
N ASP M 142 -2.36 -24.01 -34.12
CA ASP M 142 -1.78 -24.13 -32.79
C ASP M 142 -0.59 -25.06 -32.70
N VAL M 143 -0.23 -25.76 -33.79
CA VAL M 143 0.88 -26.71 -33.77
C VAL M 143 1.80 -26.45 -34.96
N VAL M 144 3.07 -26.83 -34.80
CA VAL M 144 4.04 -26.79 -35.88
C VAL M 144 4.75 -28.12 -35.96
N GLN M 145 5.18 -28.49 -37.17
CA GLN M 145 5.85 -29.75 -37.39
C GLN M 145 7.30 -29.69 -36.92
N ILE M 146 7.75 -30.77 -36.29
CA ILE M 146 9.12 -30.85 -35.77
C ILE M 146 10.07 -31.36 -36.84
N ASN M 147 9.70 -32.44 -37.52
CA ASN M 147 10.55 -33.12 -38.52
C ASN M 147 11.74 -33.76 -37.81
N ASN M 158 1.42 -40.72 -39.00
CA ASN M 158 1.80 -39.90 -37.84
C ASN M 158 3.05 -39.07 -38.14
N LYS M 159 2.94 -37.77 -37.86
CA LYS M 159 4.04 -36.83 -37.99
C LYS M 159 4.24 -36.17 -36.63
N GLU M 160 5.47 -35.78 -36.32
CA GLU M 160 5.73 -35.16 -35.03
C GLU M 160 5.52 -33.65 -35.05
N TYR M 161 4.73 -33.17 -34.09
CA TYR M 161 4.36 -31.77 -33.91
C TYR M 161 4.64 -31.32 -32.49
N ARG M 162 4.77 -30.01 -32.33
CA ARG M 162 4.86 -29.37 -31.02
C ARG M 162 3.88 -28.22 -31.02
N LEU M 163 3.54 -27.72 -29.82
CA LEU M 163 2.67 -26.56 -29.78
C LEU M 163 3.46 -25.36 -30.26
N ILE M 164 2.76 -24.42 -30.89
CA ILE M 164 3.40 -23.22 -31.42
C ILE M 164 4.22 -22.47 -30.37
N ASN M 165 3.83 -22.55 -29.10
CA ASN M 165 4.48 -21.73 -28.08
C ASN M 165 5.62 -22.42 -27.32
N CYS M 166 5.89 -23.71 -27.56
CA CYS M 166 6.90 -24.38 -26.72
C CYS M 166 8.29 -23.86 -27.03
N ASN M 167 8.45 -23.16 -28.14
CA ASN M 167 9.67 -22.53 -28.59
C ASN M 167 9.85 -21.16 -27.96
N THR M 168 8.76 -20.51 -27.55
CA THR M 168 8.75 -19.15 -27.05
C THR M 168 8.24 -18.99 -25.61
N SER M 169 7.20 -19.71 -25.19
CA SER M 169 6.60 -19.45 -23.89
C SER M 169 5.88 -20.67 -23.33
N ALA M 170 5.64 -20.65 -22.02
CA ALA M 170 4.84 -21.66 -21.35
C ALA M 170 3.35 -21.30 -21.41
N ILE M 171 2.52 -22.34 -21.46
CA ILE M 171 1.05 -22.17 -21.47
C ILE M 171 0.47 -22.09 -20.08
N THR M 172 -0.33 -21.05 -19.85
CA THR M 172 -1.15 -20.96 -18.65
C THR M 172 -2.56 -21.22 -19.18
N GLN M 173 -3.27 -22.17 -18.58
CA GLN M 173 -4.63 -22.46 -19.03
C GLN M 173 -5.59 -21.44 -18.42
N ALA M 174 -6.46 -20.87 -19.24
CA ALA M 174 -7.45 -19.98 -18.66
C ALA M 174 -8.42 -20.83 -17.85
N CYS M 175 -8.89 -20.30 -16.75
CA CYS M 175 -9.87 -21.05 -15.96
C CYS M 175 -11.18 -21.18 -16.72
N PRO M 176 -11.73 -22.40 -16.89
CA PRO M 176 -12.97 -22.54 -17.68
C PRO M 176 -14.18 -21.88 -17.05
N LYS M 177 -14.10 -21.55 -15.75
CA LYS M 177 -15.19 -20.95 -15.01
C LYS M 177 -15.26 -19.44 -15.14
N VAL M 178 -14.28 -18.81 -15.77
CA VAL M 178 -14.20 -17.35 -15.84
C VAL M 178 -14.53 -16.95 -17.28
N SER M 179 -15.62 -16.21 -17.43
CA SER M 179 -16.08 -15.73 -18.72
C SER M 179 -15.19 -14.61 -19.26
N PHE M 180 -15.07 -14.55 -20.59
CA PHE M 180 -14.32 -13.50 -21.26
C PHE M 180 -15.22 -12.38 -21.77
N GLU M 181 -16.53 -12.44 -21.52
CA GLU M 181 -17.46 -11.46 -22.07
C GLU M 181 -17.17 -10.04 -21.57
N PRO M 182 -16.92 -9.07 -22.46
CA PRO M 182 -16.69 -7.69 -21.99
C PRO M 182 -17.87 -7.15 -21.19
N ILE M 183 -17.56 -6.41 -20.12
CA ILE M 183 -18.58 -5.77 -19.29
C ILE M 183 -18.24 -4.29 -19.25
N PRO M 184 -19.18 -3.38 -19.04
CA PRO M 184 -18.81 -1.97 -18.93
C PRO M 184 -17.95 -1.70 -17.70
N ILE M 185 -16.91 -0.89 -17.90
CA ILE M 185 -16.05 -0.42 -16.82
C ILE M 185 -16.06 1.11 -16.86
N HIS M 186 -16.29 1.72 -15.70
CA HIS M 186 -16.36 3.17 -15.56
C HIS M 186 -15.10 3.67 -14.86
N TYR M 187 -14.46 4.68 -15.42
CA TYR M 187 -13.29 5.30 -14.79
C TYR M 187 -13.72 6.60 -14.11
N CYS M 188 -13.43 6.69 -12.83
CA CYS M 188 -13.90 7.78 -11.98
C CYS M 188 -12.69 8.57 -11.49
N ALA M 189 -12.84 9.89 -11.44
CA ALA M 189 -11.74 10.72 -10.97
C ALA M 189 -11.53 10.57 -9.47
N PRO M 190 -10.29 10.62 -8.99
CA PRO M 190 -10.07 10.72 -7.55
C PRO M 190 -10.41 12.13 -7.10
N ALA M 191 -10.70 12.29 -5.81
CA ALA M 191 -10.99 13.64 -5.32
C ALA M 191 -9.80 14.54 -5.60
N GLY M 192 -10.10 15.77 -6.02
CA GLY M 192 -9.12 16.76 -6.37
C GLY M 192 -8.93 16.88 -7.88
N PHE M 193 -9.48 15.93 -8.64
CA PHE M 193 -9.41 15.86 -10.09
C PHE M 193 -10.83 15.79 -10.66
N ALA M 194 -10.96 16.09 -11.95
CA ALA M 194 -12.23 16.01 -12.64
C ALA M 194 -12.01 15.49 -14.06
N ILE M 195 -13.05 14.84 -14.59
CA ILE M 195 -13.06 14.37 -15.98
C ILE M 195 -13.97 15.27 -16.79
N LEU M 196 -13.43 15.81 -17.88
CA LEU M 196 -14.15 16.68 -18.79
C LEU M 196 -14.54 15.87 -20.02
N LYS M 197 -15.84 15.82 -20.31
CA LYS M 197 -16.40 15.11 -21.45
C LYS M 197 -16.70 16.12 -22.56
N CYS M 198 -16.17 15.87 -23.76
CA CYS M 198 -16.28 16.82 -24.85
C CYS M 198 -17.73 17.11 -25.29
N LYS M 199 -18.43 16.11 -25.82
CA LYS M 199 -19.81 16.23 -26.31
C LYS M 199 -19.96 17.17 -27.50
N ASP M 200 -18.88 17.53 -28.19
CA ASP M 200 -18.98 18.39 -29.37
C ASP M 200 -19.16 17.48 -30.58
N LYS M 201 -20.36 17.51 -31.17
CA LYS M 201 -20.66 16.63 -32.29
C LYS M 201 -19.68 16.85 -33.43
N LYS M 202 -19.22 15.75 -34.02
CA LYS M 202 -18.23 15.75 -35.10
C LYS M 202 -16.84 16.14 -34.61
N PHE M 203 -16.60 16.05 -33.31
CA PHE M 203 -15.26 16.26 -32.78
C PHE M 203 -14.33 15.19 -33.32
N ASN M 204 -13.19 15.61 -33.85
CA ASN M 204 -12.26 14.72 -34.53
C ASN M 204 -11.09 14.29 -33.66
N GLY M 205 -11.23 14.35 -32.34
CA GLY M 205 -10.21 13.87 -31.45
C GLY M 205 -9.14 14.87 -31.06
N THR M 206 -9.17 16.09 -31.58
CA THR M 206 -8.14 17.06 -31.24
C THR M 206 -8.71 18.47 -31.45
N GLY M 207 -8.16 19.42 -30.68
CA GLY M 207 -8.51 20.81 -30.83
C GLY M 207 -9.57 21.25 -29.84
N PRO M 208 -9.98 22.51 -29.95
CA PRO M 208 -10.93 23.06 -28.98
C PRO M 208 -12.30 22.38 -29.04
N CYS M 209 -12.84 22.08 -27.87
CA CYS M 209 -14.15 21.48 -27.69
C CYS M 209 -14.99 22.52 -26.96
N GLN M 210 -16.14 22.87 -27.55
CA GLN M 210 -17.03 23.93 -27.04
C GLN M 210 -18.23 23.43 -26.24
N ASN M 211 -18.44 22.11 -26.10
CA ASN M 211 -19.60 21.55 -25.42
C ASN M 211 -19.17 20.80 -24.15
N VAL M 212 -18.03 21.20 -23.60
CA VAL M 212 -17.41 20.49 -22.48
C VAL M 212 -18.32 20.45 -21.26
N SER M 213 -18.44 19.26 -20.65
CA SER M 213 -19.20 19.04 -19.43
C SER M 213 -18.30 18.31 -18.45
N THR M 214 -18.59 18.44 -17.16
CA THR M 214 -17.85 17.75 -16.11
C THR M 214 -18.64 16.53 -15.65
N VAL M 215 -17.96 15.38 -15.57
CA VAL M 215 -18.58 14.13 -15.13
C VAL M 215 -17.73 13.56 -13.99
N GLN M 216 -18.40 12.85 -13.08
CA GLN M 216 -17.65 12.14 -12.04
C GLN M 216 -16.94 10.93 -12.61
N CYS M 217 -17.59 10.24 -13.56
CA CYS M 217 -17.08 9.01 -14.14
C CYS M 217 -17.34 9.03 -15.63
N THR M 218 -16.58 8.21 -16.35
CA THR M 218 -16.80 8.03 -17.78
C THR M 218 -18.02 7.15 -18.01
N HIS M 219 -18.45 7.06 -19.26
CA HIS M 219 -19.54 6.15 -19.58
C HIS M 219 -19.01 4.72 -19.44
N GLY M 220 -19.90 3.75 -19.57
CA GLY M 220 -19.39 2.40 -19.42
C GLY M 220 -18.70 2.00 -20.70
N ILE M 221 -17.42 1.67 -20.59
CA ILE M 221 -16.59 1.28 -21.72
C ILE M 221 -16.37 -0.23 -21.63
N LYS M 222 -16.75 -0.93 -22.69
CA LYS M 222 -16.59 -2.37 -22.68
C LYS M 222 -15.16 -2.71 -23.13
N PRO M 223 -14.41 -3.53 -22.37
CA PRO M 223 -13.05 -3.84 -22.82
C PRO M 223 -13.06 -4.87 -23.95
N VAL M 224 -13.57 -4.46 -25.10
CA VAL M 224 -13.65 -5.35 -26.24
C VAL M 224 -12.28 -5.37 -26.89
N VAL M 225 -11.75 -6.58 -27.09
CA VAL M 225 -10.42 -6.76 -27.65
C VAL M 225 -10.60 -7.27 -29.07
N SER M 226 -10.22 -6.45 -30.05
CA SER M 226 -10.35 -6.83 -31.45
C SER M 226 -9.34 -6.05 -32.26
N THR M 227 -9.12 -6.50 -33.50
CA THR M 227 -8.28 -5.80 -34.46
C THR M 227 -9.08 -5.49 -35.71
N GLN M 228 -8.60 -4.51 -36.46
CA GLN M 228 -9.15 -4.10 -37.76
C GLN M 228 -10.54 -3.48 -37.68
N LEU M 229 -11.49 -4.19 -37.07
CA LEU M 229 -12.85 -3.72 -36.85
C LEU M 229 -13.11 -3.54 -35.36
N LEU M 230 -13.73 -2.41 -35.00
CA LEU M 230 -14.06 -2.12 -33.62
C LEU M 230 -15.49 -2.56 -33.36
N LEU M 231 -15.68 -3.48 -32.42
CA LEU M 231 -16.98 -4.03 -32.11
C LEU M 231 -17.55 -3.44 -30.82
N ASN M 232 -18.88 -3.36 -30.76
CA ASN M 232 -19.64 -3.02 -29.56
C ASN M 232 -19.16 -1.72 -28.90
N GLY M 233 -18.81 -0.74 -29.72
CA GLY M 233 -18.37 0.56 -29.23
C GLY M 233 -19.43 1.63 -29.36
N SER M 234 -19.00 2.87 -29.22
CA SER M 234 -19.88 4.02 -29.35
C SER M 234 -19.99 4.40 -30.81
N LEU M 235 -21.07 5.08 -31.16
CA LEU M 235 -21.30 5.53 -32.53
C LEU M 235 -21.33 7.05 -32.62
N ALA M 236 -20.97 7.55 -33.79
CA ALA M 236 -20.97 8.98 -34.06
C ALA M 236 -22.39 9.53 -33.99
N GLU M 237 -22.51 10.78 -33.52
CA GLU M 237 -23.84 11.36 -33.36
C GLU M 237 -24.48 11.70 -34.70
N GLU M 238 -23.73 12.32 -35.63
CA GLU M 238 -24.32 12.80 -36.89
C GLU M 238 -23.68 12.23 -38.14
N GLU M 239 -22.36 12.07 -38.18
CA GLU M 239 -21.64 11.68 -39.39
C GLU M 239 -20.48 10.77 -39.00
N VAL M 240 -19.97 10.03 -39.99
CA VAL M 240 -18.77 9.24 -39.73
C VAL M 240 -17.62 10.20 -39.45
N ILE M 241 -16.86 9.93 -38.39
CA ILE M 241 -15.76 10.79 -37.96
C ILE M 241 -14.45 10.05 -38.15
N ILE M 242 -13.52 10.67 -38.86
CA ILE M 242 -12.20 10.09 -39.13
C ILE M 242 -11.19 10.84 -38.28
N ARG M 243 -10.51 10.12 -37.39
CA ARG M 243 -9.57 10.70 -36.43
C ARG M 243 -8.17 10.11 -36.63
N SER M 244 -7.17 10.98 -36.72
CA SER M 244 -5.80 10.50 -36.82
C SER M 244 -4.86 11.52 -36.20
N GLU M 245 -3.76 11.02 -35.62
CA GLU M 245 -2.78 11.91 -35.00
C GLU M 245 -2.18 12.85 -36.03
N ASN M 246 -1.88 12.33 -37.22
CA ASN M 246 -1.32 13.10 -38.32
C ASN M 246 -1.81 12.42 -39.59
N ILE M 247 -2.84 12.99 -40.21
CA ILE M 247 -3.51 12.33 -41.33
C ILE M 247 -2.57 12.10 -42.50
N THR M 248 -1.56 12.96 -42.66
CA THR M 248 -0.61 12.83 -43.76
C THR M 248 0.53 11.86 -43.46
N ASN M 249 0.69 11.43 -42.21
CA ASN M 249 1.79 10.55 -41.82
C ASN M 249 1.35 9.09 -41.97
N ASN M 250 1.96 8.38 -42.92
CA ASN M 250 1.55 7.01 -43.22
C ASN M 250 1.77 6.06 -42.04
N ALA M 251 2.62 6.43 -41.08
CA ALA M 251 2.92 5.57 -39.94
C ALA M 251 1.88 5.64 -38.83
N LYS M 252 0.90 6.53 -38.93
CA LYS M 252 -0.14 6.69 -37.92
C LYS M 252 -1.39 5.94 -38.37
N ASN M 253 -2.15 5.45 -37.39
CA ASN M 253 -3.39 4.77 -37.69
C ASN M 253 -4.53 5.79 -37.78
N ILE M 254 -5.53 5.43 -38.58
CA ILE M 254 -6.74 6.22 -38.76
C ILE M 254 -7.89 5.47 -38.10
N LEU M 255 -8.56 6.12 -37.15
CA LEU M 255 -9.69 5.53 -36.45
C LEU M 255 -10.97 6.13 -37.02
N VAL M 256 -11.82 5.27 -37.58
CA VAL M 256 -13.06 5.72 -38.22
C VAL M 256 -14.21 5.32 -37.32
N GLN M 257 -14.95 6.30 -36.81
CA GLN M 257 -16.09 6.06 -35.94
C GLN M 257 -17.35 6.21 -36.79
N LEU M 258 -18.16 5.15 -36.85
CA LEU M 258 -19.34 5.13 -37.69
C LEU M 258 -20.52 5.76 -36.95
N ASN M 259 -21.46 6.33 -37.71
CA ASN M 259 -22.69 6.84 -37.12
C ASN M 259 -23.77 5.77 -37.05
N THR M 260 -23.68 4.74 -37.88
CA THR M 260 -24.60 3.61 -37.88
C THR M 260 -23.75 2.37 -37.73
N SER M 261 -24.27 1.36 -37.02
CA SER M 261 -23.52 0.14 -36.85
C SER M 261 -23.76 -0.78 -38.05
N VAL M 262 -22.84 -1.72 -38.22
CA VAL M 262 -23.00 -2.80 -39.19
C VAL M 262 -23.11 -4.08 -38.38
N GLN M 263 -24.21 -4.82 -38.53
CA GLN M 263 -24.37 -6.00 -37.71
C GLN M 263 -23.53 -7.12 -38.31
N ILE M 264 -22.77 -7.79 -37.45
CA ILE M 264 -21.94 -8.93 -37.85
C ILE M 264 -22.36 -10.13 -37.01
N ASN M 265 -22.72 -11.22 -37.69
CA ASN M 265 -23.15 -12.46 -37.05
C ASN M 265 -22.04 -13.50 -37.21
N CYS M 266 -21.35 -13.85 -36.13
CA CYS M 266 -20.20 -14.74 -36.18
C CYS M 266 -20.55 -16.03 -35.45
N THR M 267 -20.14 -17.16 -36.03
CA THR M 267 -20.40 -18.44 -35.40
C THR M 267 -19.25 -19.42 -35.57
N ARG M 268 -19.32 -20.44 -34.70
CA ARG M 268 -18.46 -21.61 -34.64
C ARG M 268 -19.46 -22.75 -34.77
N PRO M 269 -19.84 -23.09 -36.01
CA PRO M 269 -20.96 -24.02 -36.26
C PRO M 269 -20.69 -25.46 -35.86
N SER M 270 -19.43 -25.86 -35.72
CA SER M 270 -19.12 -27.24 -35.36
C SER M 270 -19.51 -27.51 -33.91
N ASN M 271 -20.17 -28.65 -33.69
CA ASN M 271 -20.62 -29.07 -32.37
C ASN M 271 -19.47 -29.79 -31.69
N ASN M 272 -18.51 -29.01 -31.21
CA ASN M 272 -17.31 -29.55 -30.58
C ASN M 272 -17.63 -30.13 -29.21
N THR M 273 -17.14 -31.34 -28.95
CA THR M 273 -17.32 -32.03 -27.68
C THR M 273 -16.01 -31.85 -26.91
N VAL M 274 -16.14 -31.37 -25.68
CA VAL M 274 -15.02 -31.07 -24.77
C VAL M 274 -14.84 -32.19 -23.76
N LYS M 275 -13.60 -32.67 -23.64
CA LYS M 275 -13.20 -33.71 -22.72
C LYS M 275 -12.23 -33.11 -21.72
N SER M 276 -12.09 -33.77 -20.56
CA SER M 276 -11.20 -33.27 -19.51
C SER M 276 -10.49 -34.43 -18.83
N ILE M 277 -9.18 -34.25 -18.63
CA ILE M 277 -8.33 -35.22 -17.94
C ILE M 277 -7.54 -34.54 -16.84
N ARG M 278 -7.26 -35.29 -15.77
CA ARG M 278 -6.45 -34.80 -14.68
C ARG M 278 -4.97 -34.95 -15.03
N ILE M 279 -4.21 -33.86 -14.85
CA ILE M 279 -2.78 -33.84 -15.17
C ILE M 279 -1.89 -33.71 -13.95
N GLY M 280 -2.47 -33.46 -12.77
CA GLY M 280 -1.71 -33.38 -11.55
C GLY M 280 -2.66 -33.18 -10.37
N PRO M 281 -2.15 -33.18 -9.15
CA PRO M 281 -3.04 -32.97 -8.00
C PRO M 281 -3.74 -31.63 -8.07
N GLY M 282 -5.07 -31.67 -8.14
CA GLY M 282 -5.86 -30.46 -8.18
C GLY M 282 -5.88 -29.75 -9.53
N GLN M 283 -5.25 -30.34 -10.55
CA GLN M 283 -5.12 -29.73 -11.86
C GLN M 283 -5.77 -30.62 -12.91
N ALA M 284 -6.53 -30.01 -13.81
CA ALA M 284 -7.18 -30.73 -14.90
C ALA M 284 -6.95 -29.98 -16.19
N PHE M 285 -6.72 -30.73 -17.26
CA PHE M 285 -6.52 -30.20 -18.60
C PHE M 285 -7.78 -30.39 -19.42
N TYR M 286 -8.28 -29.29 -19.97
CA TYR M 286 -9.47 -29.28 -20.79
C TYR M 286 -9.03 -29.21 -22.24
N TYR M 287 -9.58 -30.06 -23.09
CA TYR M 287 -9.15 -30.13 -24.47
C TYR M 287 -10.31 -30.46 -25.39
N PHE M 288 -10.08 -30.17 -26.66
CA PHE M 288 -11.04 -30.39 -27.72
C PHE M 288 -11.06 -31.88 -27.99
N GLY M 289 -12.17 -32.53 -27.64
CA GLY M 289 -12.27 -33.97 -27.71
C GLY M 289 -12.70 -34.52 -29.04
N ASP M 290 -13.85 -34.06 -29.54
CA ASP M 290 -14.36 -34.59 -30.81
C ASP M 290 -15.26 -33.55 -31.45
N VAL M 291 -15.76 -33.87 -32.65
CA VAL M 291 -16.74 -33.06 -33.36
C VAL M 291 -17.96 -33.93 -33.63
N LEU M 292 -19.13 -33.48 -33.19
CA LEU M 292 -20.37 -34.21 -33.48
C LEU M 292 -20.96 -33.63 -34.75
N GLY M 293 -21.59 -34.49 -35.55
CA GLY M 293 -22.14 -33.99 -36.79
C GLY M 293 -21.01 -33.74 -37.76
N HIS M 294 -21.22 -32.81 -38.68
CA HIS M 294 -20.23 -32.54 -39.72
C HIS M 294 -19.32 -31.40 -39.25
N VAL M 295 -18.11 -31.38 -39.79
CA VAL M 295 -17.21 -30.26 -39.55
C VAL M 295 -17.67 -29.09 -40.41
N ARG M 296 -17.83 -27.93 -39.79
CA ARG M 296 -18.23 -26.71 -40.49
C ARG M 296 -17.32 -25.58 -40.07
N MET M 297 -16.96 -24.74 -41.02
CA MET M 297 -16.02 -23.65 -40.80
C MET M 297 -16.65 -22.51 -40.03
N ALA M 298 -15.87 -21.91 -39.12
CA ALA M 298 -16.32 -20.71 -38.42
C ALA M 298 -16.42 -19.59 -39.44
N HIS M 299 -17.40 -18.71 -39.26
CA HIS M 299 -17.54 -17.65 -40.25
C HIS M 299 -18.33 -16.49 -39.66
N CYS M 300 -18.24 -15.33 -40.34
CA CYS M 300 -19.04 -14.16 -39.97
C CYS M 300 -19.84 -13.65 -41.16
N ASN M 301 -21.11 -13.30 -40.90
CA ASN M 301 -22.02 -12.77 -41.91
C ASN M 301 -22.17 -11.27 -41.71
N ILE M 302 -21.84 -10.50 -42.75
CA ILE M 302 -22.00 -9.05 -42.79
C ILE M 302 -22.93 -8.72 -43.95
N SER M 303 -23.98 -7.92 -43.70
CA SER M 303 -24.88 -7.59 -44.79
C SER M 303 -24.11 -6.84 -45.87
N LYS M 304 -24.32 -7.23 -47.13
CA LYS M 304 -23.52 -6.64 -48.21
C LYS M 304 -23.92 -5.21 -48.49
N ALA M 305 -25.22 -4.92 -48.54
CA ALA M 305 -25.67 -3.56 -48.83
C ALA M 305 -25.27 -2.60 -47.71
N THR M 306 -25.36 -3.06 -46.46
CA THR M 306 -25.04 -2.18 -45.34
C THR M 306 -23.56 -1.83 -45.37
N TRP M 307 -22.71 -2.83 -45.61
CA TRP M 307 -21.27 -2.57 -45.70
C TRP M 307 -20.95 -1.64 -46.86
N ASN M 308 -21.60 -1.85 -48.01
CA ASN M 308 -21.35 -0.99 -49.16
C ASN M 308 -21.72 0.46 -48.85
N GLU M 309 -22.81 0.67 -48.12
CA GLU M 309 -23.17 2.03 -47.71
C GLU M 309 -22.17 2.57 -46.71
N THR M 310 -21.71 1.72 -45.80
CA THR M 310 -20.74 2.13 -44.79
C THR M 310 -19.45 2.59 -45.45
N LEU M 311 -18.98 1.82 -46.44
CA LEU M 311 -17.76 2.24 -47.12
C LEU M 311 -17.99 3.51 -47.92
N GLY M 312 -19.17 3.67 -48.53
CA GLY M 312 -19.42 4.90 -49.27
C GLY M 312 -19.31 6.11 -48.36
N LYS M 313 -19.82 5.98 -47.13
CA LYS M 313 -19.73 7.06 -46.16
C LYS M 313 -18.29 7.32 -45.73
N VAL M 314 -17.53 6.24 -45.54
CA VAL M 314 -16.13 6.39 -45.15
C VAL M 314 -15.35 7.07 -46.27
N VAL M 315 -15.60 6.68 -47.51
CA VAL M 315 -14.91 7.29 -48.64
C VAL M 315 -15.23 8.77 -48.73
N LYS M 316 -16.50 9.14 -48.57
CA LYS M 316 -16.84 10.57 -48.60
C LYS M 316 -16.05 11.35 -47.55
N GLN M 317 -15.98 10.80 -46.33
CA GLN M 317 -15.26 11.50 -45.28
C GLN M 317 -13.76 11.52 -45.55
N LEU M 318 -13.22 10.45 -46.13
CA LEU M 318 -11.80 10.46 -46.47
C LEU M 318 -11.51 11.46 -47.58
N ARG M 319 -12.43 11.58 -48.56
CA ARG M 319 -12.23 12.54 -49.63
C ARG M 319 -12.18 13.95 -49.10
N LYS M 320 -12.88 14.22 -47.98
CA LYS M 320 -12.78 15.56 -47.41
C LYS M 320 -11.34 15.93 -47.07
N HIS M 321 -10.51 14.95 -46.69
CA HIS M 321 -9.12 15.19 -46.35
C HIS M 321 -8.14 14.95 -47.48
N PHE M 322 -8.43 14.02 -48.40
CA PHE M 322 -7.50 13.60 -49.45
C PHE M 322 -7.82 14.16 -50.83
N GLY M 323 -8.96 14.83 -51.01
CA GLY M 323 -9.32 15.45 -52.30
C GLY M 323 -10.57 14.88 -52.93
N ASN M 324 -11.41 15.81 -53.41
CA ASN M 324 -12.70 15.46 -53.99
C ASN M 324 -12.59 14.62 -55.25
N ASN M 325 -11.50 14.78 -56.02
CA ASN M 325 -11.30 14.07 -57.27
C ASN M 325 -10.30 12.92 -57.19
N THR M 326 -9.93 12.45 -56.01
CA THR M 326 -8.96 11.37 -55.90
C THR M 326 -9.69 10.03 -55.82
N ILE M 327 -8.92 8.96 -55.94
CA ILE M 327 -9.44 7.59 -55.95
C ILE M 327 -9.04 6.95 -54.63
N ILE M 328 -10.02 6.39 -53.92
CA ILE M 328 -9.77 5.71 -52.65
C ILE M 328 -9.98 4.21 -52.86
N ARG M 329 -8.91 3.44 -52.67
CA ARG M 329 -8.93 2.00 -52.86
C ARG M 329 -8.77 1.31 -51.52
N PHE M 330 -9.63 0.34 -51.22
CA PHE M 330 -9.50 -0.46 -50.02
C PHE M 330 -8.89 -1.79 -50.44
N ALA M 331 -7.98 -2.29 -49.62
CA ALA M 331 -7.30 -3.55 -49.89
C ALA M 331 -7.04 -4.30 -48.59
N GLN M 332 -6.81 -5.60 -48.74
CA GLN M 332 -6.51 -6.47 -47.61
C GLN M 332 -5.16 -6.12 -47.00
N SER M 333 -5.00 -6.48 -45.71
CA SER M 333 -3.74 -6.23 -45.03
C SER M 333 -2.60 -6.95 -45.75
N SER M 334 -1.47 -6.26 -45.87
CA SER M 334 -0.35 -6.78 -46.65
C SER M 334 0.48 -7.86 -45.96
N GLY M 335 0.46 -7.96 -44.64
CA GLY M 335 1.29 -8.97 -44.02
C GLY M 335 1.45 -8.76 -42.53
N GLY M 336 2.11 -9.73 -41.91
CA GLY M 336 2.37 -9.78 -40.49
C GLY M 336 1.67 -10.96 -39.84
N ASP M 337 1.65 -10.94 -38.51
CA ASP M 337 1.06 -12.03 -37.76
C ASP M 337 -0.44 -12.09 -38.02
N LEU M 338 -1.02 -13.27 -37.80
CA LEU M 338 -2.45 -13.45 -38.03
C LEU M 338 -3.27 -12.47 -37.21
N GLU M 339 -2.75 -12.08 -36.04
CA GLU M 339 -3.42 -11.09 -35.18
C GLU M 339 -3.69 -9.78 -35.92
N VAL M 340 -2.83 -9.40 -36.87
CA VAL M 340 -2.97 -8.13 -37.58
C VAL M 340 -3.33 -8.27 -39.05
N THR M 341 -3.24 -9.48 -39.62
CA THR M 341 -3.68 -9.67 -41.01
C THR M 341 -5.15 -10.03 -41.08
N THR M 342 -5.72 -10.53 -39.99
CA THR M 342 -7.13 -10.88 -39.86
C THR M 342 -7.79 -10.04 -38.77
N HIS M 343 -9.10 -10.15 -38.73
CA HIS M 343 -9.94 -9.52 -37.71
C HIS M 343 -9.98 -10.49 -36.53
N SER M 344 -9.23 -10.15 -35.50
CA SER M 344 -9.15 -10.98 -34.30
C SER M 344 -10.25 -10.53 -33.37
N PHE M 345 -10.94 -11.48 -32.75
CA PHE M 345 -11.92 -11.12 -31.73
C PHE M 345 -12.20 -12.36 -30.90
N ASN M 346 -12.90 -12.15 -29.79
CA ASN M 346 -13.32 -13.23 -28.90
C ASN M 346 -14.80 -13.12 -28.60
N CYS M 347 -15.56 -14.18 -28.93
CA CYS M 347 -16.96 -14.20 -28.56
C CYS M 347 -17.32 -15.65 -28.30
N GLY M 348 -18.19 -15.85 -27.31
CA GLY M 348 -18.62 -17.19 -27.00
C GLY M 348 -17.57 -17.97 -26.24
N GLY M 349 -16.45 -17.33 -25.90
CA GLY M 349 -15.32 -17.93 -25.27
C GLY M 349 -14.27 -18.41 -26.25
N GLU M 350 -14.52 -18.25 -27.56
CA GLU M 350 -13.58 -18.68 -28.59
C GLU M 350 -12.93 -17.49 -29.26
N PHE M 351 -11.67 -17.68 -29.68
CA PHE M 351 -10.88 -16.66 -30.37
C PHE M 351 -10.89 -16.88 -31.88
N PHE M 352 -11.53 -15.95 -32.59
CA PHE M 352 -11.76 -16.00 -34.03
C PHE M 352 -10.78 -15.09 -34.74
N TYR M 353 -10.33 -15.53 -35.92
CA TYR M 353 -9.46 -14.78 -36.82
C TYR M 353 -10.07 -14.77 -38.21
N CYS M 354 -10.82 -13.73 -38.57
CA CYS M 354 -11.59 -13.67 -39.80
C CYS M 354 -10.83 -12.91 -40.89
N ASN M 355 -10.81 -13.45 -42.11
CA ASN M 355 -9.97 -12.90 -43.17
C ASN M 355 -10.23 -11.42 -43.45
N THR M 356 -11.48 -11.03 -43.69
CA THR M 356 -11.90 -9.67 -44.04
C THR M 356 -11.46 -9.23 -45.43
N SER M 357 -10.80 -10.08 -46.22
CA SER M 357 -10.37 -9.66 -47.55
C SER M 357 -11.56 -9.38 -48.47
N GLY M 358 -12.75 -9.86 -48.11
CA GLY M 358 -13.96 -9.59 -48.87
C GLY M 358 -14.61 -8.26 -48.56
N LEU M 359 -14.15 -7.57 -47.51
CA LEU M 359 -14.69 -6.29 -47.10
C LEU M 359 -13.85 -5.11 -47.58
N PHE M 360 -12.56 -5.32 -47.78
CA PHE M 360 -11.64 -4.27 -48.19
C PHE M 360 -10.97 -4.71 -49.48
N ASN M 361 -11.71 -4.58 -50.57
CA ASN M 361 -11.24 -4.96 -51.90
C ASN M 361 -12.08 -4.19 -52.91
N SER M 362 -11.86 -2.88 -53.01
CA SER M 362 -12.69 -2.09 -53.91
C SER M 362 -11.98 -0.80 -54.26
N THR M 363 -12.32 -0.22 -55.41
CA THR M 363 -11.77 1.06 -55.84
C THR M 363 -12.92 2.03 -56.03
N TRP M 364 -12.86 3.16 -55.33
CA TRP M 364 -13.88 4.20 -55.33
C TRP M 364 -13.34 5.40 -56.11
N ILE M 365 -13.96 5.69 -57.26
CA ILE M 365 -13.51 6.73 -58.17
C ILE M 365 -14.57 7.82 -58.18
N SER M 366 -14.14 9.05 -57.91
CA SER M 366 -14.97 10.28 -57.86
C SER M 366 -16.47 10.12 -57.73
N ASP M 380 -26.62 -11.03 -51.39
CA ASP M 380 -27.39 -10.38 -50.34
C ASP M 380 -26.55 -10.18 -49.08
N SER M 381 -25.67 -11.14 -48.80
CA SER M 381 -24.81 -11.11 -47.63
C SER M 381 -23.41 -11.53 -48.03
N LEU M 382 -22.43 -11.04 -47.27
CA LEU M 382 -21.02 -11.37 -47.43
C LEU M 382 -20.61 -12.24 -46.26
N ILE M 383 -19.95 -13.36 -46.55
CA ILE M 383 -19.51 -14.30 -45.53
C ILE M 383 -17.99 -14.28 -45.50
N LEU M 384 -17.44 -14.08 -44.30
CA LEU M 384 -16.02 -14.03 -44.04
C LEU M 384 -15.56 -15.36 -43.48
N PRO M 385 -14.59 -16.05 -44.07
CA PRO M 385 -14.09 -17.27 -43.43
C PRO M 385 -13.29 -16.88 -42.19
N CYS M 386 -13.39 -17.73 -41.16
CA CYS M 386 -12.67 -17.48 -39.93
C CYS M 386 -11.97 -18.76 -39.46
N TRP M 387 -10.83 -18.57 -38.83
CA TRP M 387 -10.07 -19.64 -38.21
C TRP M 387 -10.14 -19.41 -36.71
N ILE M 388 -10.06 -20.48 -35.93
CA ILE M 388 -10.11 -20.38 -34.48
C ILE M 388 -8.80 -20.90 -33.90
N LYS M 389 -8.27 -20.16 -32.91
CA LYS M 389 -7.04 -20.56 -32.25
C LYS M 389 -7.29 -20.74 -30.77
N GLN M 390 -6.57 -21.70 -30.17
CA GLN M 390 -6.61 -21.90 -28.74
C GLN M 390 -5.43 -21.30 -27.99
N ILE M 391 -4.27 -21.14 -28.63
CA ILE M 391 -3.10 -20.56 -27.98
C ILE M 391 -2.98 -19.12 -28.46
N ILE M 392 -3.23 -18.18 -27.54
CA ILE M 392 -3.35 -16.76 -27.89
C ILE M 392 -2.22 -15.99 -27.20
N ASN M 393 -1.52 -15.17 -27.97
CA ASN M 393 -0.46 -14.29 -27.45
C ASN M 393 -1.04 -12.87 -27.55
N MET M 394 -1.57 -12.36 -26.43
CA MET M 394 -2.29 -11.09 -26.46
C MET M 394 -1.38 -9.93 -26.06
N TRP M 395 -1.89 -8.70 -26.27
CA TRP M 395 -1.21 -7.47 -25.88
C TRP M 395 0.20 -7.39 -26.49
N GLN M 396 0.35 -7.92 -27.70
CA GLN M 396 1.63 -7.97 -28.43
C GLN M 396 2.83 -8.33 -27.56
N ARG M 397 2.63 -9.15 -26.53
CA ARG M 397 3.70 -9.60 -25.67
C ARG M 397 4.28 -10.90 -26.20
N ILE M 398 5.57 -11.11 -25.94
CA ILE M 398 6.27 -12.33 -26.28
C ILE M 398 6.76 -12.94 -24.97
N GLY M 399 6.43 -14.20 -24.74
CA GLY M 399 6.84 -14.92 -23.54
C GLY M 399 5.71 -15.30 -22.60
N GLN M 400 4.49 -14.79 -22.81
CA GLN M 400 3.34 -15.12 -21.97
C GLN M 400 2.13 -15.56 -22.80
N ALA M 401 2.03 -16.87 -23.05
CA ALA M 401 0.98 -17.43 -23.90
C ALA M 401 -0.10 -18.01 -23.01
N MET M 402 -1.33 -17.97 -23.51
CA MET M 402 -2.50 -18.52 -22.81
C MET M 402 -3.22 -19.52 -23.71
N TYR M 403 -3.72 -20.59 -23.11
CA TYR M 403 -4.51 -21.60 -23.80
C TYR M 403 -5.97 -21.43 -23.46
N ALA M 404 -6.80 -21.18 -24.48
CA ALA M 404 -8.22 -20.98 -24.27
C ALA M 404 -8.93 -22.33 -24.28
N PRO M 405 -9.59 -22.75 -23.20
CA PRO M 405 -10.28 -24.02 -23.23
C PRO M 405 -11.36 -24.02 -24.29
N PRO M 406 -11.62 -25.16 -24.93
CA PRO M 406 -12.72 -25.20 -25.90
C PRO M 406 -14.07 -25.13 -25.21
N ILE M 407 -15.01 -24.50 -25.90
CA ILE M 407 -16.36 -24.31 -25.39
C ILE M 407 -17.25 -25.41 -25.96
N GLN M 408 -17.97 -26.09 -25.07
CA GLN M 408 -18.83 -27.20 -25.46
C GLN M 408 -19.99 -26.69 -26.32
N GLY M 409 -20.21 -27.37 -27.45
CA GLY M 409 -21.33 -27.07 -28.31
C GLY M 409 -21.03 -26.03 -29.38
N VAL M 410 -22.10 -25.65 -30.06
CA VAL M 410 -22.06 -24.70 -31.17
C VAL M 410 -22.24 -23.31 -30.58
N ILE M 411 -21.39 -22.36 -30.99
CA ILE M 411 -21.50 -21.00 -30.45
C ILE M 411 -21.79 -19.99 -31.56
N ARG M 412 -22.57 -18.98 -31.22
CA ARG M 412 -22.91 -17.90 -32.12
C ARG M 412 -22.99 -16.60 -31.33
N CYS M 413 -22.50 -15.52 -31.93
CA CYS M 413 -22.56 -14.20 -31.33
C CYS M 413 -22.98 -13.20 -32.41
N VAL M 414 -23.74 -12.20 -32.00
CA VAL M 414 -24.15 -11.10 -32.87
C VAL M 414 -23.60 -9.82 -32.25
N SER M 415 -22.82 -9.06 -33.02
CA SER M 415 -22.21 -7.85 -32.49
C SER M 415 -22.34 -6.72 -33.50
N ASN M 416 -22.11 -5.51 -33.02
CA ASN M 416 -22.19 -4.29 -33.80
C ASN M 416 -20.79 -3.84 -34.18
N ILE M 417 -20.56 -3.62 -35.48
CA ILE M 417 -19.33 -3.00 -35.94
C ILE M 417 -19.59 -1.50 -35.87
N THR M 418 -18.87 -0.82 -34.97
CA THR M 418 -19.07 0.58 -34.69
C THR M 418 -17.92 1.46 -35.16
N GLY M 419 -16.78 0.87 -35.53
CA GLY M 419 -15.69 1.64 -36.05
C GLY M 419 -14.67 0.75 -36.73
N LEU M 420 -13.82 1.39 -37.53
CA LEU M 420 -12.78 0.74 -38.29
C LEU M 420 -11.41 1.30 -37.90
N ILE M 421 -10.38 0.49 -38.07
CA ILE M 421 -8.99 0.94 -38.02
C ILE M 421 -8.47 0.81 -39.44
N LEU M 422 -7.88 1.88 -39.96
CA LEU M 422 -7.29 1.89 -41.28
C LEU M 422 -5.87 2.44 -41.24
N THR M 423 -5.04 1.97 -42.16
CA THR M 423 -3.73 2.54 -42.39
C THR M 423 -3.66 2.94 -43.85
N ARG M 424 -2.71 3.80 -44.20
CA ARG M 424 -2.54 4.28 -45.57
C ARG M 424 -1.14 4.00 -46.06
N ASP M 425 -1.03 3.69 -47.35
CA ASP M 425 0.27 3.46 -47.99
C ASP M 425 0.87 4.77 -48.47
N SER M 431 0.52 10.83 -56.54
CA SER M 431 -0.33 9.67 -56.78
C SER M 431 -1.81 10.04 -56.66
N THR M 432 -2.56 9.79 -57.72
CA THR M 432 -3.99 10.07 -57.70
C THR M 432 -4.74 9.12 -56.77
N THR M 433 -4.31 7.85 -56.71
CA THR M 433 -5.00 6.82 -55.93
C THR M 433 -4.30 6.59 -54.61
N GLU M 434 -5.08 6.63 -53.53
CA GLU M 434 -4.63 6.31 -52.18
C GLU M 434 -5.17 4.93 -51.84
N THR M 435 -4.37 4.12 -51.13
CA THR M 435 -4.77 2.78 -50.73
C THR M 435 -4.80 2.66 -49.21
N PHE M 436 -5.93 2.15 -48.71
CA PHE M 436 -6.20 1.93 -47.29
C PHE M 436 -6.31 0.45 -46.97
N ARG M 437 -5.74 0.03 -45.85
CA ARG M 437 -5.73 -1.36 -45.41
C ARG M 437 -6.17 -1.45 -43.96
N PRO M 438 -6.77 -2.57 -43.53
CA PRO M 438 -7.21 -2.71 -42.13
C PRO M 438 -6.22 -2.40 -41.02
N GLY M 439 -4.94 -2.73 -41.17
CA GLY M 439 -3.97 -2.42 -40.12
C GLY M 439 -4.40 -2.98 -38.77
N GLY M 440 -4.30 -2.15 -37.73
CA GLY M 440 -4.71 -2.55 -36.40
C GLY M 440 -3.64 -3.32 -35.65
N GLY M 441 -4.06 -3.90 -34.51
CA GLY M 441 -3.20 -4.69 -33.66
C GLY M 441 -2.75 -4.04 -32.37
N ASP M 442 -2.76 -2.70 -32.27
CA ASP M 442 -2.35 -2.02 -31.05
C ASP M 442 -3.62 -1.68 -30.27
N MET M 443 -3.81 -2.36 -29.14
CA MET M 443 -5.05 -2.25 -28.39
C MET M 443 -5.28 -0.85 -27.84
N ARG M 444 -4.23 -0.03 -27.70
CA ARG M 444 -4.41 1.32 -27.19
C ARG M 444 -5.38 2.10 -28.07
N ASP M 445 -5.37 1.82 -29.38
CA ASP M 445 -6.24 2.56 -30.27
C ASP M 445 -7.69 2.17 -30.06
N ASN M 446 -7.93 0.96 -29.54
CA ASN M 446 -9.32 0.58 -29.34
C ASN M 446 -9.86 1.39 -28.19
N TRP M 447 -9.03 1.58 -27.16
CA TRP M 447 -9.47 2.39 -26.04
C TRP M 447 -9.66 3.82 -26.52
N ARG M 448 -8.74 4.30 -27.37
CA ARG M 448 -8.87 5.67 -27.85
C ARG M 448 -10.23 5.91 -28.49
N SER M 449 -10.78 4.89 -29.17
CA SER M 449 -12.06 5.07 -29.85
C SER M 449 -13.20 5.35 -28.90
N GLU M 450 -13.02 5.08 -27.61
CA GLU M 450 -13.99 5.36 -26.58
C GLU M 450 -13.55 6.50 -25.68
N LEU M 451 -12.25 6.64 -25.44
CA LEU M 451 -11.73 7.66 -24.53
C LEU M 451 -11.45 9.01 -25.18
N TYR M 452 -11.62 9.13 -26.50
CA TYR M 452 -11.36 10.40 -27.16
C TYR M 452 -12.18 11.56 -26.59
N LYS M 453 -13.32 11.29 -25.95
CA LYS M 453 -14.16 12.36 -25.42
C LYS M 453 -13.76 12.83 -24.04
N TYR M 454 -12.82 12.17 -23.36
CA TYR M 454 -12.52 12.48 -21.97
C TYR M 454 -11.11 13.01 -21.78
N LYS M 455 -11.00 13.98 -20.86
CA LYS M 455 -9.75 14.58 -20.44
C LYS M 455 -9.75 14.61 -18.91
N VAL M 456 -8.59 14.37 -18.30
CA VAL M 456 -8.46 14.43 -16.84
C VAL M 456 -7.73 15.72 -16.49
N VAL M 457 -8.32 16.52 -15.61
CA VAL M 457 -7.72 17.78 -15.18
C VAL M 457 -7.64 17.81 -13.66
N LYS M 458 -6.60 18.45 -13.17
CA LYS M 458 -6.37 18.66 -11.75
C LYS M 458 -6.97 20.01 -11.38
N ILE M 459 -7.67 20.04 -10.26
CA ILE M 459 -8.32 21.26 -9.80
C ILE M 459 -7.32 22.07 -8.98
N GLU M 460 -7.22 23.37 -9.27
CA GLU M 460 -6.28 24.28 -8.63
C GLU M 460 -7.13 25.29 -7.88
N PRO M 461 -7.56 24.95 -6.65
CA PRO M 461 -8.57 25.77 -5.97
C PRO M 461 -8.09 27.14 -5.50
N LEU M 462 -6.78 27.39 -5.44
CA LEU M 462 -6.30 28.68 -5.02
C LEU M 462 -6.15 29.63 -6.19
N GLY M 463 -6.43 30.89 -5.90
CA GLY M 463 -6.17 31.96 -6.85
C GLY M 463 -6.19 33.27 -6.10
N VAL M 464 -5.65 34.30 -6.75
CA VAL M 464 -5.58 35.62 -6.18
C VAL M 464 -6.14 36.60 -7.19
N ALA M 465 -6.74 37.68 -6.69
CA ALA M 465 -7.24 38.68 -7.61
C ALA M 465 -7.33 40.02 -6.89
N PRO M 466 -7.26 41.14 -7.63
CA PRO M 466 -7.30 42.44 -6.95
C PRO M 466 -8.73 42.85 -6.60
N THR M 467 -8.95 43.16 -5.33
CA THR M 467 -10.24 43.62 -4.85
C THR M 467 -9.98 44.88 -4.04
N ARG M 468 -11.02 45.67 -3.83
CA ARG M 468 -10.89 46.83 -2.94
C ARG M 468 -11.19 46.37 -1.53
N CYS M 469 -10.31 45.54 -0.98
CA CYS M 469 -10.57 44.93 0.32
C CYS M 469 -9.25 44.76 1.05
N LYS M 470 -9.07 45.52 2.12
CA LYS M 470 -7.84 45.51 2.89
C LYS M 470 -8.09 44.84 4.24
N ARG M 471 -7.15 44.01 4.65
CA ARG M 471 -7.23 43.38 5.96
C ARG M 471 -7.08 44.43 7.04
N ARG M 472 -7.86 44.30 8.12
CA ARG M 472 -7.83 45.23 9.27
C ARG M 472 -6.45 45.73 9.67
N GLU N 1 -34.24 55.69 -19.77
CA GLU N 1 -33.43 56.34 -18.71
C GLU N 1 -33.63 55.63 -17.37
N VAL N 2 -32.95 56.11 -16.34
CA VAL N 2 -33.06 55.59 -14.98
C VAL N 2 -34.04 56.46 -14.20
N GLN N 3 -35.04 55.83 -13.58
CA GLN N 3 -36.04 56.53 -12.80
C GLN N 3 -36.26 55.87 -11.45
N LEU N 4 -36.40 56.70 -10.42
CA LEU N 4 -36.72 56.30 -9.06
C LEU N 4 -37.98 57.04 -8.65
N VAL N 5 -39.03 56.32 -8.25
CA VAL N 5 -40.32 56.92 -7.92
C VAL N 5 -40.72 56.54 -6.50
N GLU N 6 -40.81 57.55 -5.63
CA GLU N 6 -41.23 57.39 -4.24
C GLU N 6 -42.73 57.29 -4.04
N THR N 7 -43.13 56.39 -3.14
CA THR N 7 -44.49 56.26 -2.64
C THR N 7 -44.37 56.38 -1.13
N GLY N 8 -45.29 57.09 -0.50
CA GLY N 8 -45.21 57.21 0.94
C GLY N 8 -46.39 57.95 1.53
N GLY N 9 -46.29 58.18 2.83
CA GLY N 9 -47.34 58.82 3.60
C GLY N 9 -47.21 60.33 3.60
N GLY N 10 -48.01 60.96 4.46
CA GLY N 10 -48.05 62.39 4.59
C GLY N 10 -47.87 62.84 6.02
N LEU N 11 -48.90 63.45 6.61
CA LEU N 11 -48.81 63.95 7.97
C LEU N 11 -49.09 62.82 8.96
N VAL N 12 -48.12 62.59 9.86
CA VAL N 12 -48.23 61.58 10.91
C VAL N 12 -47.95 62.29 12.23
N GLN N 13 -48.77 61.99 13.24
CA GLN N 13 -48.61 62.60 14.55
C GLN N 13 -47.23 62.30 15.14
N PRO N 14 -46.71 63.16 16.01
CA PRO N 14 -45.41 62.88 16.65
C PRO N 14 -45.40 61.54 17.36
N GLY N 15 -44.30 60.81 17.19
CA GLY N 15 -44.12 59.54 17.84
C GLY N 15 -44.71 58.33 17.12
N GLY N 16 -45.29 58.51 15.94
CA GLY N 16 -45.90 57.42 15.21
C GLY N 16 -44.91 56.71 14.30
N SER N 17 -45.43 56.12 13.22
CA SER N 17 -44.61 55.38 12.28
C SER N 17 -45.05 55.65 10.86
N LEU N 18 -44.09 55.55 9.93
CA LEU N 18 -44.34 55.79 8.52
C LEU N 18 -43.36 54.96 7.71
N LYS N 19 -43.83 54.38 6.59
CA LYS N 19 -42.97 53.62 5.70
C LYS N 19 -43.05 54.19 4.28
N LEU N 20 -41.87 54.34 3.69
CA LEU N 20 -41.66 54.76 2.31
C LEU N 20 -41.29 53.55 1.47
N SER N 21 -41.71 53.57 0.20
CA SER N 21 -41.38 52.51 -0.74
C SER N 21 -41.02 53.19 -2.05
N CYS N 22 -39.82 52.87 -2.54
CA CYS N 22 -39.24 53.50 -3.72
C CYS N 22 -39.06 52.46 -4.82
N ARG N 23 -39.71 52.69 -5.95
CA ARG N 23 -39.60 51.80 -7.10
C ARG N 23 -38.51 52.35 -7.99
N ALA N 24 -37.78 51.46 -8.67
CA ALA N 24 -36.71 51.87 -9.55
C ALA N 24 -36.71 51.08 -10.85
N SER N 25 -36.28 51.74 -11.92
CA SER N 25 -36.16 51.08 -13.21
C SER N 25 -35.09 51.79 -14.05
N GLY N 26 -34.71 51.12 -15.14
CA GLY N 26 -33.72 51.62 -16.07
C GLY N 26 -32.32 51.09 -15.86
N TYR N 27 -32.10 50.28 -14.82
CA TYR N 27 -30.81 49.72 -14.50
C TYR N 27 -31.06 48.44 -13.71
N THR N 28 -30.03 47.64 -13.53
CA THR N 28 -30.18 46.44 -12.71
C THR N 28 -30.16 46.89 -11.25
N PHE N 29 -31.28 46.69 -10.56
CA PHE N 29 -31.42 47.15 -9.19
C PHE N 29 -30.39 46.49 -8.26
N SER N 30 -30.25 45.17 -8.38
CA SER N 30 -29.34 44.39 -7.53
C SER N 30 -27.87 44.71 -7.75
N SER N 31 -27.50 45.50 -8.76
CA SER N 31 -26.09 45.82 -8.99
C SER N 31 -25.61 47.08 -8.27
N PHE N 32 -26.50 47.87 -7.67
CA PHE N 32 -26.13 49.13 -7.03
C PHE N 32 -26.56 49.16 -5.58
N ALA N 33 -25.75 49.82 -4.75
CA ALA N 33 -26.13 50.13 -3.38
C ALA N 33 -27.12 51.28 -3.42
N MET N 34 -27.98 51.35 -2.39
CA MET N 34 -28.98 52.42 -2.32
C MET N 34 -28.88 53.18 -1.02
N SER N 35 -29.22 54.45 -1.07
CA SER N 35 -29.21 55.34 0.09
C SER N 35 -30.49 56.14 0.16
N TRP N 36 -30.80 56.63 1.36
CA TRP N 36 -31.83 57.64 1.56
C TRP N 36 -31.13 58.88 2.08
N VAL N 37 -31.46 60.03 1.48
CA VAL N 37 -30.92 61.34 1.80
C VAL N 37 -32.06 62.28 2.13
N ARG N 38 -31.94 63.03 3.23
CA ARG N 38 -33.02 63.86 3.74
C ARG N 38 -32.69 65.34 3.59
N GLN N 39 -33.70 66.13 3.20
CA GLN N 39 -33.60 67.58 3.06
C GLN N 39 -34.75 68.29 3.75
N ALA N 40 -34.46 69.02 4.83
CA ALA N 40 -35.53 69.74 5.51
C ALA N 40 -36.01 70.86 4.57
N PRO N 41 -37.27 71.31 4.70
CA PRO N 41 -37.77 72.35 3.77
C PRO N 41 -36.91 73.60 3.63
N GLY N 42 -36.23 74.05 4.68
CA GLY N 42 -35.39 75.24 4.61
C GLY N 42 -33.90 74.99 4.70
N LYS N 43 -33.43 73.75 4.61
CA LYS N 43 -32.04 73.37 4.79
C LYS N 43 -31.51 72.72 3.53
N GLY N 44 -30.26 72.27 3.61
CA GLY N 44 -29.61 71.55 2.54
C GLY N 44 -29.90 70.08 2.78
N LEU N 45 -29.03 69.21 2.27
CA LEU N 45 -29.31 67.79 2.34
C LEU N 45 -28.32 67.13 3.29
N GLU N 46 -28.77 66.03 3.91
CA GLU N 46 -27.92 65.19 4.73
C GLU N 46 -28.21 63.74 4.42
N TRP N 47 -27.18 62.91 4.55
CA TRP N 47 -27.37 61.48 4.37
C TRP N 47 -28.08 60.91 5.59
N VAL N 48 -29.02 59.99 5.37
CA VAL N 48 -29.74 59.32 6.44
C VAL N 48 -29.35 57.84 6.55
N SER N 49 -29.39 57.11 5.44
CA SER N 49 -29.12 55.68 5.55
C SER N 49 -28.55 55.12 4.25
N LEU N 50 -27.88 53.99 4.40
CA LEU N 50 -27.24 53.29 3.28
C LEU N 50 -27.48 51.79 3.40
N ILE N 51 -27.83 51.15 2.30
CA ILE N 51 -28.00 49.71 2.21
C ILE N 51 -27.14 49.21 1.06
N ASN N 52 -26.59 48.01 1.23
CA ASN N 52 -25.72 47.39 0.25
C ASN N 52 -26.53 46.94 -0.97
N ASP N 53 -25.82 46.39 -1.95
CA ASP N 53 -26.50 45.91 -3.16
C ASP N 53 -27.30 44.66 -2.88
N ARG N 54 -26.81 43.79 -1.99
CA ARG N 54 -27.50 42.57 -1.63
C ARG N 54 -28.52 42.76 -0.52
N GLY N 55 -28.42 43.84 0.26
CA GLY N 55 -29.32 44.10 1.36
C GLY N 55 -28.86 43.60 2.71
N GLY N 56 -27.77 42.82 2.75
CA GLY N 56 -27.29 42.27 4.00
C GLY N 56 -26.78 43.30 4.99
N LEU N 57 -26.19 44.38 4.51
CA LEU N 57 -25.60 45.41 5.35
C LEU N 57 -26.39 46.70 5.28
N THR N 58 -26.63 47.30 6.45
CA THR N 58 -27.30 48.57 6.57
C THR N 58 -26.48 49.48 7.48
N PHE N 59 -26.49 50.77 7.17
CA PHE N 59 -25.78 51.76 7.96
C PHE N 59 -26.71 52.95 8.16
N TYR N 60 -26.61 53.59 9.34
CA TYR N 60 -27.46 54.70 9.70
C TYR N 60 -26.67 55.81 10.38
N VAL N 61 -27.22 57.02 10.33
CA VAL N 61 -26.67 58.14 11.10
C VAL N 61 -27.03 57.91 12.56
N ASP N 62 -26.08 58.21 13.46
CA ASP N 62 -26.25 57.92 14.89
C ASP N 62 -27.60 58.42 15.41
N SER N 63 -28.04 59.59 14.96
CA SER N 63 -29.29 60.17 15.44
C SER N 63 -30.52 59.37 15.03
N VAL N 64 -30.41 58.46 14.03
CA VAL N 64 -31.53 57.66 13.56
C VAL N 64 -31.34 56.16 13.74
N LYS N 65 -30.26 55.73 14.42
CA LYS N 65 -30.01 54.28 14.50
C LYS N 65 -31.14 53.53 15.18
N GLY N 66 -31.80 54.13 16.16
CA GLY N 66 -32.88 53.45 16.85
C GLY N 66 -34.26 53.70 16.29
N ARG N 67 -34.40 54.44 15.19
CA ARG N 67 -35.70 54.79 14.63
C ARG N 67 -35.93 54.30 13.21
N PHE N 68 -34.91 54.23 12.36
CA PHE N 68 -35.07 53.90 10.95
C PHE N 68 -34.50 52.53 10.62
N THR N 69 -35.23 51.81 9.77
CA THR N 69 -34.82 50.52 9.22
C THR N 69 -34.88 50.63 7.71
N ILE N 70 -33.80 50.26 7.02
CA ILE N 70 -33.72 50.31 5.57
C ILE N 70 -33.67 48.87 5.06
N SER N 71 -34.44 48.58 4.02
CA SER N 71 -34.47 47.24 3.46
C SER N 71 -34.73 47.34 1.96
N ARG N 72 -34.40 46.26 1.26
CA ARG N 72 -34.48 46.23 -0.20
C ARG N 72 -34.88 44.83 -0.63
N ASP N 73 -35.76 44.76 -1.62
CA ASP N 73 -36.22 43.52 -2.22
C ASP N 73 -35.76 43.58 -3.67
N ASN N 74 -34.74 42.77 -4.00
CA ASN N 74 -34.13 42.81 -5.32
C ASN N 74 -34.95 42.08 -6.38
N SER N 75 -35.98 41.33 -5.98
CA SER N 75 -36.82 40.65 -6.96
C SER N 75 -37.94 41.56 -7.41
N LYS N 76 -38.34 42.48 -6.54
CA LYS N 76 -39.40 43.44 -6.80
C LYS N 76 -38.85 44.79 -7.23
N ASN N 77 -37.53 44.92 -7.33
CA ASN N 77 -36.88 46.20 -7.66
C ASN N 77 -37.40 47.30 -6.75
N THR N 78 -37.49 47.00 -5.44
CA THR N 78 -38.06 47.94 -4.49
C THR N 78 -37.13 48.18 -3.32
N LEU N 79 -36.95 49.45 -2.98
CA LEU N 79 -36.18 49.90 -1.83
C LEU N 79 -37.17 50.55 -0.86
N SER N 80 -37.27 50.05 0.37
CA SER N 80 -38.15 50.69 1.32
C SER N 80 -37.42 51.08 2.60
N LEU N 81 -38.00 52.07 3.27
CA LEU N 81 -37.53 52.61 4.53
C LEU N 81 -38.70 52.66 5.49
N GLN N 82 -38.47 52.29 6.75
CA GLN N 82 -39.52 52.34 7.75
C GLN N 82 -38.96 53.13 8.91
N MET N 83 -39.71 54.10 9.40
CA MET N 83 -39.28 54.92 10.53
C MET N 83 -40.35 54.94 11.61
N HIS N 84 -39.87 54.89 12.85
CA HIS N 84 -40.68 54.88 14.06
C HIS N 84 -40.29 56.03 14.98
N SER N 85 -41.23 56.46 15.81
CA SER N 85 -41.02 57.55 16.76
C SER N 85 -40.70 58.90 16.10
N LEU N 86 -41.27 59.14 14.91
CA LEU N 86 -41.13 60.39 14.16
C LEU N 86 -41.05 61.66 15.01
N ARG N 87 -39.88 62.25 15.09
CA ARG N 87 -39.66 63.42 15.93
C ARG N 87 -39.91 64.67 15.09
N ASP N 88 -40.01 65.83 15.74
CA ASP N 88 -40.29 67.04 14.98
C ASP N 88 -39.13 67.43 14.08
N GLY N 89 -37.91 67.06 14.46
CA GLY N 89 -36.72 67.31 13.67
C GLY N 89 -36.58 66.43 12.44
N ASP N 90 -37.46 65.45 12.26
CA ASP N 90 -37.41 64.54 11.12
C ASP N 90 -38.30 64.93 9.96
N THR N 91 -38.99 66.07 10.02
CA THR N 91 -39.85 66.46 8.92
C THR N 91 -38.96 66.94 7.77
N ALA N 92 -39.15 66.37 6.59
CA ALA N 92 -38.28 66.67 5.46
C ALA N 92 -38.75 65.93 4.21
N VAL N 93 -38.12 66.28 3.08
CA VAL N 93 -38.23 65.50 1.86
C VAL N 93 -37.16 64.41 1.90
N TYR N 94 -37.56 63.16 1.67
CA TYR N 94 -36.69 61.99 1.67
C TYR N 94 -36.48 61.51 0.24
N TYR N 95 -35.24 61.60 -0.24
CA TYR N 95 -34.89 61.24 -1.60
C TYR N 95 -34.22 59.87 -1.65
N CYS N 96 -34.63 59.06 -2.62
CA CYS N 96 -33.94 57.81 -2.92
C CYS N 96 -32.69 58.18 -3.69
N ALA N 97 -31.60 57.47 -3.43
CA ALA N 97 -30.42 57.68 -4.25
C ALA N 97 -29.77 56.35 -4.56
N THR N 98 -29.28 56.24 -5.78
CA THR N 98 -28.56 55.06 -6.23
C THR N 98 -27.10 55.43 -6.20
N GLY N 99 -26.30 54.63 -5.50
CA GLY N 99 -24.89 54.83 -5.28
C GLY N 99 -24.61 55.01 -3.80
N GLY N 100 -23.36 55.37 -3.50
CA GLY N 100 -22.88 55.47 -2.15
C GLY N 100 -22.06 54.30 -1.65
N MET N 101 -22.03 53.18 -2.35
CA MET N 101 -21.24 52.05 -1.89
C MET N 101 -21.13 51.06 -3.05
N SER N 102 -20.13 50.18 -2.94
CA SER N 102 -19.99 49.08 -3.87
C SER N 102 -19.42 47.89 -3.10
N SER N 103 -19.67 46.68 -3.63
CA SER N 103 -19.33 45.44 -2.93
C SER N 103 -17.95 44.88 -3.29
N ALA N 104 -16.91 45.67 -3.04
CA ALA N 104 -15.51 45.22 -3.12
C ALA N 104 -14.99 44.81 -4.50
N LEU N 105 -15.79 44.13 -5.32
CA LEU N 105 -15.36 43.65 -6.62
C LEU N 105 -15.70 44.62 -7.74
N GLN N 106 -16.28 45.76 -7.38
CA GLN N 106 -16.72 46.84 -8.26
C GLN N 106 -15.87 48.07 -7.96
N SER N 107 -15.83 49.00 -8.91
CA SER N 107 -15.11 50.24 -8.68
C SER N 107 -15.76 51.00 -7.52
N SER N 108 -14.96 51.84 -6.86
CA SER N 108 -15.47 52.61 -5.74
C SER N 108 -16.55 53.59 -6.19
N LYS N 109 -17.55 53.78 -5.33
CA LYS N 109 -18.56 54.79 -5.53
C LYS N 109 -18.33 55.87 -4.50
N TYR N 110 -18.94 55.80 -3.32
CA TYR N 110 -18.84 56.82 -2.27
C TYR N 110 -19.46 58.13 -2.77
N TYR N 111 -20.40 58.03 -3.69
CA TYR N 111 -21.17 59.14 -4.22
C TYR N 111 -22.49 58.55 -4.70
N PHE N 112 -23.45 59.43 -4.96
CA PHE N 112 -24.78 59.02 -5.41
C PHE N 112 -24.90 59.25 -6.91
N ASP N 113 -25.25 58.19 -7.66
CA ASP N 113 -25.38 58.28 -9.11
C ASP N 113 -26.73 58.78 -9.59
N PHE N 114 -27.81 58.33 -8.97
CA PHE N 114 -29.16 58.67 -9.44
C PHE N 114 -30.01 59.14 -8.28
N TRP N 115 -30.96 60.03 -8.56
CA TRP N 115 -31.87 60.55 -7.56
C TRP N 115 -33.32 60.41 -8.00
N GLY N 116 -34.19 60.24 -7.01
CA GLY N 116 -35.62 60.22 -7.20
C GLY N 116 -36.14 61.64 -7.07
N GLN N 117 -37.46 61.77 -6.90
CA GLN N 117 -38.07 63.09 -6.81
C GLN N 117 -38.32 63.51 -5.36
N GLY N 118 -38.49 62.55 -4.47
CA GLY N 118 -38.62 62.78 -3.04
C GLY N 118 -40.01 62.71 -2.44
N ALA N 119 -40.15 61.97 -1.34
CA ALA N 119 -41.41 61.88 -0.62
C ALA N 119 -41.36 62.94 0.47
N LEU N 120 -42.48 63.59 0.76
CA LEU N 120 -42.50 64.58 1.84
C LEU N 120 -43.10 63.97 3.10
N VAL N 121 -42.29 63.88 4.16
CA VAL N 121 -42.70 63.34 5.45
C VAL N 121 -42.81 64.52 6.39
N THR N 122 -44.00 64.76 6.95
CA THR N 122 -44.23 65.88 7.84
C THR N 122 -44.88 65.39 9.13
N VAL N 123 -44.91 66.28 10.12
CA VAL N 123 -45.40 65.96 11.46
C VAL N 123 -46.10 67.22 11.99
N ALA O 1 -20.85 69.06 9.72
CA ALA O 1 -21.18 69.56 8.40
C ALA O 1 -20.01 70.34 7.81
N LEU O 2 -20.00 70.47 6.49
CA LEU O 2 -18.98 71.23 5.78
C LEU O 2 -19.47 72.66 5.61
N THR O 3 -18.53 73.62 5.63
CA THR O 3 -18.85 75.03 5.55
C THR O 3 -18.38 75.63 4.23
N GLN O 4 -19.31 76.26 3.52
CA GLN O 4 -19.10 76.97 2.27
C GLN O 4 -19.84 78.31 2.38
N PRO O 5 -19.44 79.33 1.64
CA PRO O 5 -20.18 80.60 1.68
C PRO O 5 -21.65 80.40 1.30
N PRO O 6 -22.58 81.11 1.96
CA PRO O 6 -24.00 80.92 1.64
C PRO O 6 -24.41 81.45 0.28
N SER O 7 -23.62 82.31 -0.36
CA SER O 7 -24.02 82.87 -1.64
C SER O 7 -22.82 83.14 -2.54
N VAL O 8 -22.98 82.77 -3.81
CA VAL O 8 -21.98 82.93 -4.85
C VAL O 8 -22.69 83.57 -6.04
N SER O 9 -22.00 84.46 -6.75
CA SER O 9 -22.59 85.13 -7.89
C SER O 9 -21.51 85.58 -8.86
N GLY O 10 -21.96 86.01 -10.03
CA GLY O 10 -21.05 86.55 -11.04
C GLY O 10 -21.82 86.85 -12.32
N SER O 11 -21.15 87.56 -13.21
CA SER O 11 -21.76 87.91 -14.48
C SER O 11 -21.84 86.70 -15.39
N PRO O 12 -22.89 86.56 -16.22
CA PRO O 12 -22.92 85.48 -17.20
C PRO O 12 -21.70 85.51 -18.11
N GLY O 13 -21.16 84.32 -18.38
CA GLY O 13 -19.98 84.18 -19.22
C GLY O 13 -18.67 84.15 -18.46
N GLN O 14 -18.67 84.53 -17.19
CA GLN O 14 -17.49 84.56 -16.34
C GLN O 14 -17.45 83.29 -15.50
N SER O 15 -16.26 82.98 -14.98
CA SER O 15 -16.15 81.84 -14.09
C SER O 15 -16.45 82.24 -12.65
N VAL O 16 -16.90 81.25 -11.86
CA VAL O 16 -17.06 81.40 -10.42
C VAL O 16 -16.41 80.23 -9.72
N THR O 17 -16.06 80.44 -8.45
CA THR O 17 -15.48 79.38 -7.60
C THR O 17 -16.39 79.18 -6.40
N ILE O 18 -16.75 77.92 -6.16
CA ILE O 18 -17.53 77.47 -5.01
C ILE O 18 -16.63 76.53 -4.23
N SER O 19 -16.49 76.73 -2.92
CA SER O 19 -15.64 75.82 -2.17
C SER O 19 -16.18 75.59 -0.77
N CYS O 20 -15.84 74.43 -0.23
CA CYS O 20 -16.21 74.05 1.13
C CYS O 20 -14.99 73.49 1.84
N THR O 21 -14.86 73.83 3.11
CA THR O 21 -13.74 73.39 3.95
C THR O 21 -14.25 72.46 5.04
N GLY O 22 -13.58 71.32 5.19
CA GLY O 22 -13.88 70.34 6.20
C GLY O 22 -12.67 70.12 7.09
N THR O 23 -12.59 68.96 7.75
CA THR O 23 -11.46 68.62 8.60
C THR O 23 -10.63 67.51 7.96
N SER O 24 -9.56 67.11 8.66
CA SER O 24 -8.65 66.10 8.14
C SER O 24 -9.31 64.73 7.99
N SER O 25 -10.34 64.45 8.79
CA SER O 25 -11.04 63.17 8.73
C SER O 25 -12.15 63.12 7.68
N ASP O 26 -12.46 64.24 7.02
CA ASP O 26 -13.56 64.30 6.08
C ASP O 26 -13.08 64.48 4.64
N ILE O 27 -12.38 65.56 4.35
CA ILE O 27 -11.93 65.89 3.01
C ILE O 27 -10.45 65.57 2.81
N GLY O 28 -9.64 65.85 3.81
CA GLY O 28 -8.21 65.64 3.72
C GLY O 28 -7.74 64.23 3.44
N SER O 29 -8.12 63.29 4.31
CA SER O 29 -7.70 61.90 4.19
C SER O 29 -8.41 61.11 3.08
N TYR O 30 -9.62 61.49 2.66
CA TYR O 30 -10.35 60.76 1.64
C TYR O 30 -10.55 61.59 0.39
N ASN O 31 -10.13 61.04 -0.75
CA ASN O 31 -10.30 61.72 -2.05
C ASN O 31 -11.66 61.37 -2.65
N TYR O 32 -12.74 61.63 -1.90
CA TYR O 32 -14.10 61.36 -2.37
C TYR O 32 -15.03 62.52 -2.03
N VAL O 33 -14.85 63.67 -2.68
CA VAL O 33 -15.70 64.84 -2.42
C VAL O 33 -16.48 65.15 -3.69
N SER O 34 -17.73 64.73 -3.72
CA SER O 34 -18.61 64.91 -4.86
C SER O 34 -19.31 66.26 -4.76
N TRP O 35 -19.87 66.73 -5.88
CA TRP O 35 -20.67 67.96 -5.91
C TRP O 35 -22.00 67.70 -6.60
N TYR O 36 -23.06 68.32 -6.05
CA TYR O 36 -24.42 68.23 -6.57
C TYR O 36 -25.02 69.60 -6.85
N GLN O 37 -25.84 69.65 -7.91
CA GLN O 37 -26.55 70.85 -8.33
C GLN O 37 -28.04 70.61 -8.19
N GLN O 38 -28.71 71.40 -7.35
CA GLN O 38 -30.13 71.25 -7.06
C GLN O 38 -30.90 72.49 -7.50
N HIS O 39 -31.81 72.32 -8.45
CA HIS O 39 -32.66 73.42 -8.87
C HIS O 39 -33.83 73.50 -7.90
N PRO O 40 -34.34 74.69 -7.57
CA PRO O 40 -35.50 74.76 -6.66
C PRO O 40 -36.65 73.91 -7.19
N GLY O 41 -37.22 73.11 -6.29
CA GLY O 41 -38.34 72.25 -6.63
C GLY O 41 -37.93 70.94 -7.27
N LYS O 42 -36.64 70.73 -7.53
CA LYS O 42 -36.13 69.54 -8.19
C LYS O 42 -35.14 68.81 -7.27
N ALA O 43 -35.00 67.52 -7.53
CA ALA O 43 -34.01 66.72 -6.83
C ALA O 43 -32.59 67.09 -7.28
N PRO O 44 -31.58 66.96 -6.40
CA PRO O 44 -30.20 67.23 -6.83
C PRO O 44 -29.76 66.27 -7.92
N LYS O 45 -28.93 66.79 -8.83
CA LYS O 45 -28.29 65.99 -9.86
C LYS O 45 -26.80 65.87 -9.53
N LEU O 46 -26.19 64.77 -9.94
CA LEU O 46 -24.76 64.61 -9.74
C LEU O 46 -24.02 65.44 -10.77
N MET O 47 -23.11 66.28 -10.30
CA MET O 47 -22.27 67.11 -11.15
C MET O 47 -20.83 66.68 -11.17
N ILE O 48 -20.28 66.33 -10.00
CA ILE O 48 -18.89 65.89 -9.89
C ILE O 48 -18.86 64.69 -8.95
N TYR O 49 -18.07 63.67 -9.29
CA TYR O 49 -17.88 62.52 -8.42
C TYR O 49 -16.37 62.37 -8.31
N ASP O 50 -15.91 61.80 -7.19
CA ASP O 50 -14.48 61.72 -6.89
C ASP O 50 -14.01 63.17 -6.74
N VAL O 51 -12.71 63.41 -6.56
CA VAL O 51 -12.30 64.81 -6.42
C VAL O 51 -12.43 65.55 -7.75
N THR O 52 -11.95 64.94 -8.84
CA THR O 52 -11.86 65.63 -10.13
C THR O 52 -12.72 65.06 -11.26
N GLN O 53 -13.47 63.98 -11.04
CA GLN O 53 -14.15 63.35 -12.17
C GLN O 53 -15.57 63.84 -12.34
N ARG O 54 -16.01 63.88 -13.60
CA ARG O 54 -17.34 64.32 -14.01
C ARG O 54 -18.18 63.15 -14.52
N PRO O 55 -19.49 63.09 -14.23
CA PRO O 55 -20.32 62.02 -14.81
C PRO O 55 -20.68 62.33 -16.25
N SER O 56 -21.09 61.28 -16.96
CA SER O 56 -21.58 61.46 -18.32
C SER O 56 -22.83 62.32 -18.31
N GLY O 57 -22.95 63.20 -19.31
CA GLY O 57 -24.11 64.07 -19.45
C GLY O 57 -23.90 65.47 -18.91
N VAL O 58 -22.84 65.69 -18.14
CA VAL O 58 -22.51 66.99 -17.57
C VAL O 58 -21.42 67.62 -18.44
N SER O 59 -21.61 68.90 -18.76
CA SER O 59 -20.67 69.63 -19.60
C SER O 59 -19.36 69.87 -18.86
N ASP O 60 -18.33 70.21 -19.63
CA ASP O 60 -16.98 70.38 -19.10
C ASP O 60 -16.73 71.74 -18.47
N ARG O 61 -17.79 72.54 -18.30
CA ARG O 61 -17.67 73.82 -17.60
C ARG O 61 -17.56 73.63 -16.09
N PHE O 62 -17.93 72.46 -15.58
CA PHE O 62 -17.89 72.13 -14.15
C PHE O 62 -16.64 71.31 -13.89
N SER O 63 -15.72 71.83 -13.08
CA SER O 63 -14.46 71.16 -12.82
C SER O 63 -14.11 71.22 -11.35
N GLY O 64 -13.82 70.05 -10.74
CA GLY O 64 -13.49 69.97 -9.34
C GLY O 64 -12.00 70.02 -9.06
N SER O 65 -11.67 70.34 -7.82
CA SER O 65 -10.29 70.30 -7.35
C SER O 65 -10.29 70.21 -5.83
N LYS O 66 -9.13 69.85 -5.27
CA LYS O 66 -8.97 69.79 -3.83
C LYS O 66 -7.57 70.22 -3.44
N SER O 67 -7.47 70.95 -2.33
CA SER O 67 -6.18 71.33 -1.78
C SER O 67 -6.31 71.34 -0.26
N GLY O 68 -5.40 70.63 0.41
CA GLY O 68 -5.47 70.55 1.86
C GLY O 68 -6.78 69.91 2.24
N ASN O 69 -7.53 70.60 3.10
CA ASN O 69 -8.83 70.12 3.56
C ASN O 69 -9.98 70.90 2.93
N THR O 70 -9.71 71.63 1.84
CA THR O 70 -10.72 72.42 1.16
C THR O 70 -10.94 71.89 -0.25
N ALA O 71 -12.20 71.65 -0.58
CA ALA O 71 -12.61 71.18 -1.90
C ALA O 71 -13.22 72.35 -2.65
N SER O 72 -12.98 72.43 -3.96
CA SER O 72 -13.53 73.50 -4.78
C SER O 72 -14.15 72.95 -6.06
N LEU O 73 -15.12 73.71 -6.55
CA LEU O 73 -15.77 73.52 -7.84
C LEU O 73 -15.68 74.82 -8.60
N THR O 74 -15.09 74.77 -9.80
CA THR O 74 -14.98 75.94 -10.66
C THR O 74 -16.02 75.76 -11.74
N ILE O 75 -16.85 76.78 -11.94
CA ILE O 75 -17.87 76.79 -12.98
C ILE O 75 -17.52 77.90 -13.95
N SER O 76 -17.02 77.52 -15.13
CA SER O 76 -16.65 78.50 -16.14
C SER O 76 -17.85 78.76 -17.04
N GLY O 77 -17.82 79.87 -17.76
CA GLY O 77 -18.85 80.10 -18.76
C GLY O 77 -20.25 80.18 -18.16
N LEU O 78 -20.37 80.82 -17.00
CA LEU O 78 -21.63 80.85 -16.25
C LEU O 78 -22.83 81.20 -17.12
N GLN O 79 -23.86 80.37 -17.02
CA GLN O 79 -25.12 80.51 -17.75
C GLN O 79 -26.24 80.86 -16.79
N ALA O 80 -27.32 81.43 -17.34
CA ALA O 80 -28.51 81.67 -16.54
C ALA O 80 -29.10 80.37 -16.00
N ASP O 81 -28.91 79.26 -16.70
CA ASP O 81 -29.43 77.96 -16.30
C ASP O 81 -28.64 77.32 -15.17
N ASP O 82 -27.54 77.93 -14.73
CA ASP O 82 -26.71 77.42 -13.65
C ASP O 82 -27.10 77.98 -12.28
N GLU O 83 -28.11 78.83 -12.19
CA GLU O 83 -28.48 79.43 -10.91
C GLU O 83 -29.27 78.40 -10.12
N ALA O 84 -28.52 77.62 -9.34
CA ALA O 84 -29.03 76.48 -8.58
C ALA O 84 -28.25 76.41 -7.28
N ASP O 85 -28.80 75.66 -6.32
CA ASP O 85 -28.12 75.46 -5.04
C ASP O 85 -27.11 74.33 -5.17
N TYR O 86 -25.85 74.62 -4.86
CA TYR O 86 -24.77 73.64 -4.97
C TYR O 86 -24.37 73.12 -3.59
N TYR O 87 -24.12 71.81 -3.53
CA TYR O 87 -23.69 71.15 -2.30
C TYR O 87 -22.46 70.29 -2.57
N CYS O 88 -21.59 70.19 -1.56
CA CYS O 88 -20.48 69.25 -1.60
C CYS O 88 -20.83 68.11 -0.64
N SER O 89 -20.33 66.91 -0.94
CA SER O 89 -20.54 65.75 -0.09
C SER O 89 -19.25 64.97 0.02
N ALA O 90 -18.74 64.83 1.24
CA ALA O 90 -17.47 64.14 1.49
C ALA O 90 -17.70 62.83 2.22
N TYR O 91 -16.97 61.80 1.80
CA TYR O 91 -16.94 60.55 2.54
C TYR O 91 -16.10 60.75 3.79
N ALA O 92 -16.61 60.35 4.96
CA ALA O 92 -15.92 60.61 6.22
C ALA O 92 -15.66 59.35 7.04
N GLY O 93 -15.46 58.20 6.40
CA GLY O 93 -15.14 56.97 7.10
C GLY O 93 -16.33 56.05 7.31
N ARG O 94 -16.08 55.03 8.14
CA ARG O 94 -17.07 53.98 8.37
C ARG O 94 -18.12 54.37 9.41
N GLN O 95 -17.77 55.22 10.38
CA GLN O 95 -18.74 55.57 11.41
C GLN O 95 -19.67 56.68 10.92
N THR O 96 -19.12 57.62 10.18
CA THR O 96 -19.83 58.76 9.60
C THR O 96 -19.63 58.61 8.09
N PHE O 97 -20.62 58.06 7.39
CA PHE O 97 -20.40 57.75 5.98
C PHE O 97 -20.30 59.00 5.12
N TYR O 98 -21.30 59.89 5.16
CA TYR O 98 -21.26 61.08 4.32
C TYR O 98 -21.57 62.32 5.14
N ILE O 99 -20.84 63.39 4.85
CA ILE O 99 -21.08 64.70 5.44
C ILE O 99 -21.36 65.65 4.28
N PHE O 100 -22.52 66.31 4.33
CA PHE O 100 -22.88 67.30 3.33
C PHE O 100 -22.62 68.69 3.91
N GLY O 101 -22.29 69.63 3.04
CA GLY O 101 -22.19 71.02 3.42
C GLY O 101 -23.51 71.72 3.33
N GLY O 102 -23.50 72.99 3.74
CA GLY O 102 -24.68 73.81 3.58
C GLY O 102 -24.75 74.18 2.12
N GLY O 103 -25.87 74.77 1.68
CA GLY O 103 -25.95 75.14 0.28
C GLY O 103 -25.48 76.55 0.01
N THR O 104 -25.08 76.77 -1.24
CA THR O 104 -24.74 78.08 -1.78
C THR O 104 -25.68 78.35 -2.95
N ARG O 105 -26.28 79.53 -3.00
CA ARG O 105 -27.21 79.88 -4.06
C ARG O 105 -26.46 80.66 -5.14
N LEU O 106 -26.46 80.12 -6.36
CA LEU O 106 -25.81 80.76 -7.50
C LEU O 106 -26.85 81.39 -8.41
N GLY P 10 -23.52 23.55 -9.38
CA GLY P 10 -22.83 22.28 -9.47
C GLY P 10 -21.32 22.43 -9.58
N PHE P 11 -20.60 21.34 -9.33
CA PHE P 11 -19.14 21.36 -9.35
C PHE P 11 -18.60 21.85 -10.69
N LEU P 12 -17.79 22.90 -10.62
CA LEU P 12 -17.19 23.59 -11.77
C LEU P 12 -18.22 24.22 -12.70
N GLY P 13 -19.49 24.33 -12.30
CA GLY P 13 -20.47 24.89 -13.20
C GLY P 13 -20.24 26.36 -13.50
N ALA P 14 -19.50 27.04 -12.62
CA ALA P 14 -19.17 28.45 -12.76
C ALA P 14 -17.88 28.67 -13.55
N ALA P 15 -17.25 27.60 -14.04
CA ALA P 15 -15.96 27.73 -14.73
C ALA P 15 -16.04 28.66 -15.92
N GLY P 16 -17.17 28.70 -16.63
CA GLY P 16 -17.31 29.59 -17.75
C GLY P 16 -17.96 30.91 -17.40
N SER P 17 -18.30 31.11 -16.14
CA SER P 17 -18.96 32.31 -15.67
C SER P 17 -17.92 33.35 -15.32
N THR P 18 -18.38 34.56 -15.02
CA THR P 18 -17.44 35.62 -14.71
C THR P 18 -16.85 35.35 -13.33
N MET P 19 -15.73 36.01 -13.04
CA MET P 19 -15.09 35.81 -11.73
C MET P 19 -16.04 36.20 -10.60
N GLY P 20 -16.81 37.27 -10.79
CA GLY P 20 -17.75 37.67 -9.75
C GLY P 20 -18.79 36.60 -9.50
N ALA P 21 -19.44 36.12 -10.56
CA ALA P 21 -20.47 35.10 -10.41
C ALA P 21 -19.89 33.81 -9.84
N ALA P 22 -18.67 33.47 -10.25
CA ALA P 22 -18.03 32.24 -9.78
C ALA P 22 -17.57 32.32 -8.34
N SER P 23 -17.33 33.54 -7.83
CA SER P 23 -16.89 33.69 -6.45
C SER P 23 -17.98 33.31 -5.44
N MET P 24 -19.22 33.16 -5.87
CA MET P 24 -20.33 32.79 -4.99
C MET P 24 -20.53 31.29 -4.85
N THR P 25 -19.74 30.47 -5.54
CA THR P 25 -19.88 29.01 -5.53
C THR P 25 -18.64 28.32 -4.97
N LEU P 26 -17.81 29.03 -4.20
CA LEU P 26 -16.54 28.50 -3.74
C LEU P 26 -16.72 27.24 -2.89
N THR P 27 -17.82 27.12 -2.15
CA THR P 27 -17.98 25.95 -1.30
C THR P 27 -18.27 24.69 -2.09
N VAL P 28 -18.75 24.81 -3.31
CA VAL P 28 -19.08 23.62 -4.08
C VAL P 28 -17.78 22.92 -4.47
N GLN P 29 -16.81 23.70 -4.94
CA GLN P 29 -15.54 23.11 -5.31
C GLN P 29 -14.76 22.74 -4.06
N ALA P 30 -14.83 23.57 -3.01
CA ALA P 30 -14.08 23.24 -1.80
C ALA P 30 -14.52 21.88 -1.26
N ARG P 31 -15.83 21.62 -1.28
CA ARG P 31 -16.34 20.33 -0.81
C ARG P 31 -15.92 19.19 -1.73
N ASN P 32 -15.94 19.44 -3.04
CA ASN P 32 -15.57 18.40 -4.01
C ASN P 32 -14.09 18.10 -4.07
N LEU P 33 -13.22 19.01 -3.60
CA LEU P 33 -11.79 18.72 -3.65
C LEU P 33 -11.39 17.55 -2.79
N LEU P 34 -12.06 17.35 -1.65
CA LEU P 34 -11.69 16.30 -0.71
C LEU P 34 -12.55 15.05 -0.83
N SER P 35 -13.87 15.24 -1.06
CA SER P 35 -14.91 14.21 -1.20
C SER P 35 -14.50 12.73 -1.18
N GLY P 61 -4.37 -1.11 -5.95
CA GLY P 61 -3.93 -1.10 -4.57
C GLY P 61 -2.93 -0.02 -4.27
N ILE P 62 -1.67 -0.25 -4.65
CA ILE P 62 -0.62 0.72 -4.38
C ILE P 62 -0.87 2.00 -5.17
N LYS P 63 -1.26 1.88 -6.43
CA LYS P 63 -1.46 3.07 -7.26
C LYS P 63 -2.59 3.95 -6.71
N GLN P 64 -3.67 3.33 -6.24
CA GLN P 64 -4.77 4.12 -5.71
C GLN P 64 -4.42 4.70 -4.34
N LEU P 65 -3.66 3.98 -3.52
CA LEU P 65 -3.24 4.57 -2.26
C LEU P 65 -2.31 5.73 -2.50
N GLN P 66 -1.43 5.63 -3.50
CA GLN P 66 -0.54 6.74 -3.80
C GLN P 66 -1.36 7.94 -4.26
N ALA P 67 -2.39 7.70 -5.07
CA ALA P 67 -3.22 8.80 -5.54
C ALA P 67 -3.98 9.45 -4.39
N ARG P 68 -4.45 8.66 -3.43
CA ARG P 68 -5.21 9.22 -2.32
C ARG P 68 -4.29 9.97 -1.35
N VAL P 69 -3.10 9.42 -1.09
CA VAL P 69 -2.17 10.09 -0.20
C VAL P 69 -1.70 11.39 -0.83
N LEU P 70 -1.41 11.37 -2.14
CA LEU P 70 -0.98 12.58 -2.82
C LEU P 70 -2.09 13.62 -2.83
N ALA P 71 -3.33 13.20 -3.06
CA ALA P 71 -4.45 14.15 -3.03
C ALA P 71 -4.57 14.79 -1.66
N VAL P 72 -4.37 14.01 -0.60
CA VAL P 72 -4.42 14.56 0.75
C VAL P 72 -3.26 15.52 0.97
N GLU P 73 -2.07 15.14 0.53
CA GLU P 73 -0.91 16.03 0.70
C GLU P 73 -1.12 17.34 -0.04
N HIS P 74 -1.70 17.30 -1.24
CA HIS P 74 -1.96 18.53 -1.98
C HIS P 74 -2.97 19.40 -1.23
N TYR P 75 -4.07 18.78 -0.77
CA TYR P 75 -5.07 19.52 -0.02
C TYR P 75 -4.44 20.20 1.18
N LEU P 76 -3.63 19.45 1.93
CA LEU P 76 -3.00 20.00 3.11
C LEU P 76 -2.01 21.08 2.76
N ARG P 77 -1.29 20.95 1.63
CA ARG P 77 -0.38 22.02 1.24
C ARG P 77 -1.15 23.31 0.97
N ASP P 78 -2.32 23.20 0.34
CA ASP P 78 -3.10 24.40 0.09
C ASP P 78 -3.65 24.98 1.38
N GLN P 79 -4.04 24.12 2.33
CA GLN P 79 -4.55 24.64 3.60
C GLN P 79 -3.41 25.24 4.43
N GLN P 80 -2.22 24.64 4.36
CA GLN P 80 -1.08 25.17 5.07
C GLN P 80 -0.70 26.53 4.50
N LEU P 81 -0.76 26.64 3.18
CA LEU P 81 -0.39 27.88 2.53
C LEU P 81 -1.37 28.98 2.92
N LEU P 82 -2.67 28.65 2.99
CA LEU P 82 -3.63 29.64 3.46
C LEU P 82 -3.34 30.02 4.91
N GLY P 83 -2.99 29.03 5.74
CA GLY P 83 -2.67 29.31 7.13
C GLY P 83 -1.48 30.24 7.29
N ILE P 84 -0.45 30.04 6.46
CA ILE P 84 0.74 30.89 6.48
C ILE P 84 0.35 32.33 6.18
N TRP P 85 -0.63 32.52 5.31
CA TRP P 85 -1.12 33.85 4.95
C TRP P 85 -2.13 34.40 5.94
N GLY P 86 -2.51 33.63 6.96
CA GLY P 86 -3.54 34.03 7.90
C GLY P 86 -4.94 33.84 7.40
N CYS P 87 -5.15 32.92 6.46
CA CYS P 87 -6.43 32.67 5.81
C CYS P 87 -6.93 31.25 6.10
N SER P 88 -6.52 30.67 7.24
CA SER P 88 -6.78 29.26 7.49
C SER P 88 -8.26 28.89 7.52
N GLY P 89 -9.14 29.79 7.95
CA GLY P 89 -10.56 29.50 8.02
C GLY P 89 -11.46 30.19 7.03
N LYS P 90 -10.93 30.79 5.97
CA LYS P 90 -11.71 31.60 5.05
C LYS P 90 -11.60 31.06 3.63
N LEU P 91 -12.67 31.24 2.86
CA LEU P 91 -12.64 30.97 1.43
C LEU P 91 -12.37 32.24 0.64
N ILE P 92 -12.80 33.39 1.17
CA ILE P 92 -12.53 34.70 0.60
C ILE P 92 -11.76 35.42 1.69
N CYS P 93 -10.47 35.65 1.47
CA CYS P 93 -9.59 36.21 2.49
C CYS P 93 -8.91 37.47 1.96
N CYS P 94 -9.20 38.60 2.60
CA CYS P 94 -8.62 39.87 2.22
C CYS P 94 -7.28 40.01 2.93
N THR P 95 -6.31 40.64 2.25
CA THR P 95 -4.96 40.77 2.79
C THR P 95 -4.50 42.22 2.77
N ASN P 96 -3.28 42.43 3.24
CA ASN P 96 -2.60 43.72 3.29
C ASN P 96 -1.55 43.89 2.19
N VAL P 97 -1.55 43.05 1.17
CA VAL P 97 -0.57 43.16 0.09
C VAL P 97 -1.21 43.98 -1.04
N PRO P 98 -0.63 45.13 -1.43
CA PRO P 98 -1.22 45.92 -2.51
C PRO P 98 -1.01 45.27 -3.85
N TRP P 99 -1.89 45.59 -4.80
CA TRP P 99 -1.71 45.11 -6.16
C TRP P 99 -0.70 46.04 -6.83
N ASN P 100 0.33 45.45 -7.43
CA ASN P 100 1.42 46.22 -8.03
C ASN P 100 0.98 46.95 -9.30
N SER P 101 0.02 46.38 -10.04
CA SER P 101 -0.48 46.86 -11.33
C SER P 101 0.42 46.40 -12.47
N SER P 102 1.64 45.96 -12.16
CA SER P 102 2.50 45.39 -13.19
C SER P 102 2.07 43.97 -13.48
N TRP P 103 1.48 43.32 -12.47
CA TRP P 103 0.98 41.96 -12.61
C TRP P 103 -0.19 41.94 -13.58
N SER P 104 -1.05 42.94 -13.46
CA SER P 104 -2.18 43.13 -14.35
C SER P 104 -2.69 44.55 -14.14
N ASN P 105 -2.84 45.30 -15.23
CA ASN P 105 -3.30 46.69 -15.17
C ASN P 105 -4.76 46.82 -15.61
N ARG P 106 -5.52 45.74 -15.51
CA ARG P 106 -6.92 45.73 -15.88
C ARG P 106 -7.78 46.39 -14.83
N ASN P 107 -8.94 46.88 -15.26
CA ASN P 107 -9.91 47.49 -14.37
C ASN P 107 -10.66 46.40 -13.62
N LEU P 108 -11.29 46.78 -12.50
CA LEU P 108 -12.06 45.79 -11.76
C LEU P 108 -13.21 45.24 -12.58
N SER P 109 -13.82 46.06 -13.45
CA SER P 109 -14.92 45.52 -14.24
C SER P 109 -14.40 44.54 -15.28
N GLU P 110 -13.20 44.79 -15.80
CA GLU P 110 -12.59 43.88 -16.78
C GLU P 110 -12.26 42.54 -16.16
N ILE P 111 -11.87 42.51 -14.90
CA ILE P 111 -11.51 41.28 -14.22
C ILE P 111 -12.73 40.56 -13.65
N TRP P 112 -13.61 41.27 -12.96
CA TRP P 112 -14.70 40.60 -12.27
C TRP P 112 -15.96 40.43 -13.11
N ASP P 113 -16.23 41.32 -14.07
CA ASP P 113 -17.42 41.21 -14.89
C ASP P 113 -17.17 40.66 -16.29
N ASN P 114 -16.02 40.95 -16.91
CA ASN P 114 -15.73 40.54 -18.28
C ASN P 114 -14.66 39.44 -18.38
N MET P 115 -14.35 38.73 -17.29
CA MET P 115 -13.33 37.70 -17.32
C MET P 115 -13.70 36.52 -16.44
N THR P 116 -13.24 35.33 -16.84
CA THR P 116 -13.43 34.10 -16.10
C THR P 116 -12.19 33.80 -15.25
N TRP P 117 -12.32 32.85 -14.33
CA TRP P 117 -11.17 32.49 -13.50
C TRP P 117 -10.08 31.76 -14.29
N LEU P 118 -10.45 31.02 -15.35
CA LEU P 118 -9.42 30.35 -16.14
C LEU P 118 -8.57 31.36 -16.90
N GLN P 119 -9.21 32.41 -17.43
CA GLN P 119 -8.47 33.42 -18.17
C GLN P 119 -7.60 34.23 -17.22
N TRP P 120 -8.13 34.55 -16.03
CA TRP P 120 -7.35 35.29 -15.05
C TRP P 120 -6.14 34.48 -14.62
N ASP P 121 -6.36 33.19 -14.31
CA ASP P 121 -5.26 32.35 -13.87
C ASP P 121 -4.18 32.28 -14.94
N LYS P 122 -4.58 32.19 -16.21
CA LYS P 122 -3.58 32.18 -17.28
C LYS P 122 -2.81 33.49 -17.36
N GLU P 123 -3.51 34.63 -17.24
CA GLU P 123 -2.83 35.92 -17.38
C GLU P 123 -1.78 36.18 -16.31
N ILE P 124 -2.01 35.73 -15.06
CA ILE P 124 -1.06 35.96 -13.97
C ILE P 124 -0.33 34.68 -13.56
N SER P 125 -0.26 33.68 -14.44
CA SER P 125 0.43 32.45 -14.04
C SER P 125 1.91 32.66 -13.78
N ASN P 126 2.50 33.73 -14.31
CA ASN P 126 3.92 34.04 -14.12
C ASN P 126 4.19 34.88 -12.89
N TYR P 127 3.16 35.30 -12.15
CA TYR P 127 3.31 36.17 -10.98
C TYR P 127 2.83 35.56 -9.68
N THR P 128 2.37 34.30 -9.67
CA THR P 128 1.81 33.78 -8.43
C THR P 128 2.86 33.53 -7.36
N GLN P 129 4.11 33.29 -7.74
CA GLN P 129 5.14 33.06 -6.72
C GLN P 129 5.54 34.37 -6.04
N ILE P 130 5.47 35.47 -6.78
CA ILE P 130 5.79 36.78 -6.20
C ILE P 130 4.71 37.14 -5.20
N ILE P 131 3.46 36.95 -5.60
CA ILE P 131 2.33 37.27 -4.75
C ILE P 131 2.36 36.39 -3.51
N TYR P 132 2.63 35.09 -3.67
CA TYR P 132 2.66 34.21 -2.52
C TYR P 132 3.77 34.62 -1.55
N GLY P 133 4.93 35.00 -2.07
CA GLY P 133 6.00 35.45 -1.21
C GLY P 133 5.64 36.70 -0.44
N LEU P 134 4.98 37.65 -1.12
CA LEU P 134 4.58 38.87 -0.45
C LEU P 134 3.53 38.59 0.62
N LEU P 135 2.61 37.66 0.34
CA LEU P 135 1.58 37.32 1.31
C LEU P 135 2.19 36.69 2.56
N GLU P 136 3.19 35.82 2.36
CA GLU P 136 3.85 35.21 3.51
C GLU P 136 4.60 36.25 4.33
N GLU P 137 5.32 37.16 3.66
CA GLU P 137 6.06 38.18 4.41
C GLU P 137 5.10 39.10 5.16
N SER P 138 4.00 39.47 4.51
CA SER P 138 3.03 40.36 5.15
C SER P 138 2.41 39.71 6.37
N GLN P 139 2.05 38.43 6.28
CA GLN P 139 1.49 37.77 7.46
C GLN P 139 2.54 37.65 8.56
N ASN P 140 3.81 37.40 8.21
CA ASN P 140 4.82 37.31 9.26
C ASN P 140 4.93 38.64 10.00
N GLN P 141 4.85 39.74 9.25
CA GLN P 141 4.91 41.06 9.88
C GLN P 141 3.67 41.29 10.75
N GLN P 142 2.51 40.85 10.26
CA GLN P 142 1.28 40.99 11.02
C GLN P 142 1.34 40.20 12.33
N GLU P 143 1.88 38.98 12.28
CA GLU P 143 1.98 38.18 13.49
C GLU P 143 2.90 38.82 14.50
N LYS P 144 4.03 39.39 14.03
CA LYS P 144 4.92 40.06 14.98
C LYS P 144 4.24 41.31 15.55
N ASN P 145 3.50 42.04 14.73
CA ASN P 145 2.82 43.23 15.23
C ASN P 145 1.74 42.87 16.24
N GLU P 146 1.01 41.78 15.99
CA GLU P 146 -0.02 41.36 16.93
C GLU P 146 0.61 40.95 18.25
N GLN P 147 1.74 40.23 18.18
CA GLN P 147 2.42 39.81 19.39
C GLN P 147 2.86 41.03 20.20
N ASP P 148 3.38 42.05 19.50
CA ASP P 148 3.84 43.24 20.22
C ASP P 148 2.69 44.06 20.78
N LEU P 149 1.56 44.11 20.07
CA LEU P 149 0.40 44.83 20.60
C LEU P 149 -0.17 44.13 21.82
N LEU P 150 -0.17 42.80 21.82
CA LEU P 150 -0.66 42.05 22.96
C LEU P 150 0.25 42.18 24.17
N ALA P 151 1.51 42.53 23.94
CA ALA P 151 2.49 42.72 25.00
C ALA P 151 2.36 44.06 25.72
N LEU P 152 1.47 44.94 25.29
CA LEU P 152 1.28 46.22 25.99
C LEU P 152 0.34 45.98 27.16
N ASP P 153 0.82 46.23 28.36
CA ASP P 153 0.05 45.97 29.58
C ASP P 153 -1.21 46.80 29.63
N GLN Q 1 -33.13 -37.32 -52.14
CA GLN Q 1 -31.67 -37.60 -52.20
C GLN Q 1 -30.96 -36.55 -53.07
N VAL Q 2 -29.65 -36.68 -53.19
CA VAL Q 2 -28.84 -35.73 -53.95
C VAL Q 2 -28.94 -36.08 -55.43
N GLN Q 3 -29.33 -35.10 -56.25
CA GLN Q 3 -29.47 -35.31 -57.69
C GLN Q 3 -28.93 -34.14 -58.49
N LEU Q 4 -28.46 -34.48 -59.69
CA LEU Q 4 -28.17 -33.53 -60.76
C LEU Q 4 -29.01 -33.98 -61.94
N VAL Q 5 -29.85 -33.09 -62.45
CA VAL Q 5 -30.82 -33.43 -63.48
C VAL Q 5 -30.48 -32.70 -64.78
N GLN Q 6 -30.32 -33.50 -65.84
CA GLN Q 6 -30.02 -33.06 -67.18
C GLN Q 6 -31.01 -33.80 -68.07
N SER Q 7 -31.37 -33.23 -69.21
CA SER Q 7 -32.27 -33.96 -70.11
C SER Q 7 -32.12 -33.44 -71.53
N GLY Q 8 -32.66 -34.23 -72.47
CA GLY Q 8 -32.73 -33.85 -73.85
C GLY Q 8 -31.44 -34.12 -74.63
N ALA Q 9 -31.43 -33.55 -75.83
CA ALA Q 9 -30.32 -33.69 -76.76
C ALA Q 9 -30.40 -32.50 -77.70
N GLU Q 10 -29.27 -32.19 -78.33
CA GLU Q 10 -29.20 -31.07 -79.27
C GLU Q 10 -28.34 -31.44 -80.46
N VAL Q 11 -28.65 -30.83 -81.60
CA VAL Q 11 -27.88 -31.00 -82.83
C VAL Q 11 -27.56 -29.59 -83.35
N LYS Q 12 -26.27 -29.33 -83.56
CA LYS Q 12 -25.77 -28.04 -84.02
C LYS Q 12 -24.93 -28.18 -85.28
N LYS Q 13 -24.87 -27.09 -86.04
CA LYS Q 13 -24.00 -26.94 -87.20
C LYS Q 13 -22.66 -26.39 -86.74
N PRO Q 14 -21.54 -26.68 -87.43
CA PRO Q 14 -20.26 -26.11 -87.02
C PRO Q 14 -20.29 -24.59 -86.90
N GLY Q 15 -19.69 -24.08 -85.83
CA GLY Q 15 -19.65 -22.66 -85.54
C GLY Q 15 -20.75 -22.16 -84.63
N SER Q 16 -21.75 -22.98 -84.34
CA SER Q 16 -22.90 -22.63 -83.52
C SER Q 16 -22.52 -22.60 -82.03
N SER Q 17 -23.42 -22.03 -81.24
CA SER Q 17 -23.28 -21.93 -79.79
C SER Q 17 -24.37 -22.76 -79.13
N VAL Q 18 -24.01 -23.57 -78.13
CA VAL Q 18 -24.97 -24.43 -77.43
C VAL Q 18 -24.86 -24.24 -75.92
N LYS Q 19 -26.01 -24.14 -75.25
CA LYS Q 19 -26.14 -24.04 -73.80
C LYS Q 19 -26.60 -25.38 -73.23
N VAL Q 20 -25.84 -25.94 -72.30
CA VAL Q 20 -26.15 -27.21 -71.64
C VAL Q 20 -26.43 -26.92 -70.16
N SER Q 21 -27.64 -27.26 -69.71
CA SER Q 21 -28.03 -27.00 -68.33
C SER Q 21 -27.69 -28.17 -67.40
N CYS Q 22 -27.68 -27.87 -66.10
CA CYS Q 22 -27.47 -28.86 -65.04
C CYS Q 22 -28.23 -28.38 -63.80
N LYS Q 23 -29.39 -28.97 -63.50
CA LYS Q 23 -30.17 -28.52 -62.35
C LYS Q 23 -29.76 -29.32 -61.12
N ALA Q 24 -29.49 -28.62 -60.03
CA ALA Q 24 -29.07 -29.24 -58.77
C ALA Q 24 -30.25 -29.41 -57.82
N SER Q 25 -30.28 -30.52 -57.09
CA SER Q 25 -31.30 -30.73 -56.08
C SER Q 25 -30.78 -31.64 -54.98
N GLY Q 26 -31.31 -31.44 -53.77
CA GLY Q 26 -31.04 -32.30 -52.64
C GLY Q 26 -29.84 -31.94 -51.80
N TYR Q 27 -29.16 -30.84 -52.10
CA TYR Q 27 -27.99 -30.42 -51.35
C TYR Q 27 -27.89 -28.91 -51.46
N THR Q 28 -27.08 -28.30 -50.61
CA THR Q 28 -26.90 -26.86 -50.71
C THR Q 28 -26.19 -26.56 -52.02
N PHE Q 29 -26.84 -25.79 -52.88
CA PHE Q 29 -26.29 -25.51 -54.21
C PHE Q 29 -24.90 -24.88 -54.14
N THR Q 30 -24.70 -23.94 -53.21
CA THR Q 30 -23.49 -23.14 -53.15
C THR Q 30 -22.30 -23.73 -52.40
N ASP Q 31 -22.37 -24.98 -51.91
CA ASP Q 31 -21.30 -25.51 -51.06
C ASP Q 31 -20.48 -26.62 -51.73
N HIS Q 32 -20.62 -26.82 -53.04
CA HIS Q 32 -19.82 -27.78 -53.79
C HIS Q 32 -19.52 -27.21 -55.16
N TYR Q 33 -18.33 -27.48 -55.68
CA TYR Q 33 -18.00 -27.00 -57.01
C TYR Q 33 -18.76 -27.89 -58.00
N ILE Q 34 -19.17 -27.30 -59.12
CA ILE Q 34 -19.79 -28.06 -60.20
C ILE Q 34 -18.79 -28.16 -61.34
N HIS Q 35 -18.49 -29.39 -61.74
CA HIS Q 35 -17.49 -29.70 -62.75
C HIS Q 35 -18.19 -30.15 -64.02
N TRP Q 36 -17.62 -29.82 -65.17
CA TRP Q 36 -18.09 -30.32 -66.46
C TRP Q 36 -17.02 -31.23 -67.02
N VAL Q 37 -17.48 -32.38 -67.52
CA VAL Q 37 -16.66 -33.44 -68.12
C VAL Q 37 -17.25 -33.83 -69.48
N ARG Q 38 -16.41 -33.91 -70.50
CA ARG Q 38 -16.82 -34.30 -71.85
C ARG Q 38 -16.48 -35.76 -72.08
N GLN Q 39 -17.38 -36.50 -72.74
CA GLN Q 39 -17.11 -37.88 -73.16
C GLN Q 39 -17.45 -38.10 -74.63
N ALA Q 40 -16.43 -38.12 -75.48
CA ALA Q 40 -16.66 -38.31 -76.91
C ALA Q 40 -17.13 -39.75 -77.15
N PRO Q 41 -17.89 -40.01 -78.22
CA PRO Q 41 -18.37 -41.37 -78.46
C PRO Q 41 -17.26 -42.41 -78.53
N ARG Q 42 -17.47 -43.52 -77.82
CA ARG Q 42 -16.53 -44.65 -77.75
C ARG Q 42 -15.15 -44.26 -77.24
N GLN Q 43 -15.03 -43.15 -76.51
CA GLN Q 43 -13.77 -42.66 -75.96
C GLN Q 43 -13.91 -42.51 -74.45
N GLY Q 44 -12.80 -42.12 -73.81
CA GLY Q 44 -12.76 -41.95 -72.38
C GLY Q 44 -13.31 -40.60 -71.95
N LEU Q 45 -13.20 -40.35 -70.64
CA LEU Q 45 -13.72 -39.13 -70.06
C LEU Q 45 -12.63 -38.06 -70.08
N GLU Q 46 -13.04 -36.83 -70.39
CA GLU Q 46 -12.14 -35.68 -70.40
C GLU Q 46 -12.76 -34.56 -69.56
N TRP Q 47 -11.98 -34.08 -68.59
CA TRP Q 47 -12.41 -32.98 -67.74
C TRP Q 47 -12.42 -31.67 -68.53
N MET Q 48 -13.51 -30.89 -68.41
CA MET Q 48 -13.62 -29.61 -69.08
C MET Q 48 -13.37 -28.42 -68.16
N GLY Q 49 -13.91 -28.43 -66.95
CA GLY Q 49 -13.74 -27.24 -66.12
C GLY Q 49 -14.64 -27.28 -64.91
N TRP Q 50 -14.45 -26.27 -64.04
CA TRP Q 50 -15.21 -26.19 -62.79
C TRP Q 50 -15.62 -24.76 -62.47
N ILE Q 51 -16.87 -24.62 -62.03
CA ILE Q 51 -17.48 -23.37 -61.58
C ILE Q 51 -17.80 -23.46 -60.09
N ASN Q 52 -17.47 -22.38 -59.36
CA ASN Q 52 -17.81 -22.23 -57.95
C ASN Q 52 -19.24 -21.68 -57.91
N PRO Q 53 -20.25 -22.43 -57.49
CA PRO Q 53 -21.63 -21.91 -57.54
C PRO Q 53 -21.91 -20.76 -56.59
N TYR Q 54 -21.02 -20.46 -55.64
CA TYR Q 54 -21.24 -19.38 -54.69
C TYR Q 54 -20.70 -18.04 -55.20
N ASN Q 55 -19.44 -18.01 -55.62
CA ASN Q 55 -18.79 -16.79 -56.09
C ASN Q 55 -18.91 -16.60 -57.59
N GLY Q 56 -18.95 -17.69 -58.34
CA GLY Q 56 -18.93 -17.63 -59.78
C GLY Q 56 -17.53 -17.71 -60.38
N ASN Q 57 -16.53 -18.04 -59.57
CA ASN Q 57 -15.18 -18.17 -60.08
C ASN Q 57 -15.14 -19.47 -60.88
N THR Q 58 -14.37 -19.46 -61.97
CA THR Q 58 -14.22 -20.65 -62.80
C THR Q 58 -12.77 -20.94 -63.13
N ASN Q 59 -12.56 -22.18 -63.57
CA ASN Q 59 -11.25 -22.68 -64.01
C ASN Q 59 -11.49 -23.64 -65.16
N TYR Q 60 -10.76 -23.48 -66.26
CA TYR Q 60 -10.94 -24.30 -67.44
C TYR Q 60 -9.64 -24.99 -67.84
N ALA Q 61 -9.78 -26.18 -68.41
CA ALA Q 61 -8.62 -26.86 -68.97
C ALA Q 61 -8.10 -26.01 -70.10
N GLN Q 62 -6.77 -26.04 -70.32
CA GLN Q 62 -6.15 -25.11 -71.25
C GLN Q 62 -6.76 -25.19 -72.64
N LYS Q 63 -7.13 -26.39 -73.11
CA LYS Q 63 -7.69 -26.48 -74.46
C LYS Q 63 -9.06 -25.84 -74.57
N PHE Q 64 -9.75 -25.58 -73.45
CA PHE Q 64 -11.08 -25.00 -73.44
C PHE Q 64 -11.12 -23.53 -73.06
N GLN Q 65 -9.98 -22.89 -72.83
CA GLN Q 65 -10.00 -21.48 -72.46
C GLN Q 65 -10.34 -20.64 -73.68
N GLY Q 66 -11.35 -19.78 -73.54
CA GLY Q 66 -11.81 -18.96 -74.64
C GLY Q 66 -12.97 -19.54 -75.41
N ARG Q 67 -13.28 -20.83 -75.21
CA ARG Q 67 -14.37 -21.52 -75.89
C ARG Q 67 -15.53 -21.92 -74.99
N VAL Q 68 -15.27 -22.14 -73.71
CA VAL Q 68 -16.30 -22.61 -72.77
C VAL Q 68 -16.51 -21.53 -71.72
N THR Q 69 -17.77 -21.15 -71.52
CA THR Q 69 -18.16 -20.18 -70.50
C THR Q 69 -19.15 -20.85 -69.57
N LEU Q 70 -18.89 -20.78 -68.26
CA LEU Q 70 -19.80 -21.34 -67.27
C LEU Q 70 -20.51 -20.20 -66.53
N THR Q 71 -21.80 -20.41 -66.24
CA THR Q 71 -22.58 -19.47 -65.45
C THR Q 71 -23.41 -20.25 -64.44
N ARG Q 72 -24.11 -19.50 -63.58
CA ARG Q 72 -24.90 -20.06 -62.50
C ARG Q 72 -26.15 -19.23 -62.27
N ASP Q 73 -27.16 -19.88 -61.68
CA ASP Q 73 -28.37 -19.21 -61.21
C ASP Q 73 -28.66 -19.80 -59.83
N THR Q 74 -28.42 -18.99 -58.78
CA THR Q 74 -28.55 -19.46 -57.40
C THR Q 74 -29.99 -19.47 -56.91
N SER Q 75 -30.92 -18.85 -57.63
CA SER Q 75 -32.32 -18.84 -57.24
C SER Q 75 -33.01 -20.07 -57.82
N THR Q 76 -32.52 -20.51 -58.98
CA THR Q 76 -32.98 -21.67 -59.71
C THR Q 76 -32.06 -22.86 -59.44
N THR Q 77 -30.92 -22.62 -58.78
CA THR Q 77 -29.91 -23.62 -58.45
C THR Q 77 -29.55 -24.48 -59.65
N THR Q 78 -29.18 -23.78 -60.74
CA THR Q 78 -28.83 -24.44 -61.99
C THR Q 78 -27.53 -23.85 -62.52
N VAL Q 79 -26.66 -24.71 -63.03
CA VAL Q 79 -25.41 -24.33 -63.68
C VAL Q 79 -25.58 -24.52 -65.19
N TYR Q 80 -25.08 -23.57 -65.96
CA TYR Q 80 -25.16 -23.65 -67.42
C TYR Q 80 -23.77 -23.53 -68.01
N MET Q 81 -23.51 -24.30 -69.06
CA MET Q 81 -22.26 -24.23 -69.80
C MET Q 81 -22.59 -23.81 -71.23
N GLU Q 82 -21.85 -22.83 -71.74
CA GLU Q 82 -22.02 -22.35 -73.11
C GLU Q 82 -20.76 -22.69 -73.89
N LEU Q 83 -20.96 -23.42 -74.99
CA LEU Q 83 -19.88 -23.84 -75.88
C LEU Q 83 -20.03 -23.05 -77.17
N ILE Q 84 -18.92 -22.51 -77.67
CA ILE Q 84 -18.92 -21.76 -78.93
C ILE Q 84 -17.92 -22.39 -79.89
N SER Q 85 -18.06 -22.03 -81.17
CA SER Q 85 -17.22 -22.54 -82.24
C SER Q 85 -17.20 -24.07 -82.28
N LEU Q 86 -18.39 -24.66 -82.25
CA LEU Q 86 -18.49 -26.11 -82.26
C LEU Q 86 -17.87 -26.69 -83.52
N ARG Q 87 -17.14 -27.79 -83.36
CA ARG Q 87 -16.49 -28.49 -84.46
C ARG Q 87 -16.92 -29.95 -84.43
N SER Q 88 -16.65 -30.66 -85.54
CA SER Q 88 -17.05 -32.07 -85.63
C SER Q 88 -16.43 -32.90 -84.51
N GLU Q 89 -15.21 -32.56 -84.09
CA GLU Q 89 -14.52 -33.30 -83.04
C GLU Q 89 -15.15 -33.07 -81.66
N ASP Q 90 -16.09 -32.13 -81.53
CA ASP Q 90 -16.74 -31.83 -80.27
C ASP Q 90 -18.00 -32.64 -80.02
N THR Q 91 -18.36 -33.58 -80.91
CA THR Q 91 -19.52 -34.41 -80.63
C THR Q 91 -19.22 -35.22 -79.39
N ALA Q 92 -20.10 -35.13 -78.39
CA ALA Q 92 -19.83 -35.83 -77.15
C ALA Q 92 -21.05 -35.73 -76.24
N VAL Q 93 -21.07 -36.60 -75.23
CA VAL Q 93 -22.02 -36.43 -74.14
C VAL Q 93 -21.33 -35.53 -73.11
N TYR Q 94 -22.00 -34.45 -72.75
CA TYR Q 94 -21.51 -33.48 -71.78
C TYR Q 94 -22.16 -33.73 -70.44
N TYR Q 95 -21.36 -34.09 -69.44
CA TYR Q 95 -21.85 -34.42 -68.12
C TYR Q 95 -21.47 -33.31 -67.16
N CYS Q 96 -22.37 -33.03 -66.22
CA CYS Q 96 -22.07 -32.19 -65.07
C CYS Q 96 -21.87 -33.12 -63.89
N ALA Q 97 -21.03 -32.73 -62.95
CA ALA Q 97 -20.85 -33.52 -61.75
C ALA Q 97 -20.62 -32.65 -60.52
N ARG Q 98 -21.12 -33.16 -59.40
CA ARG Q 98 -20.98 -32.51 -58.10
C ARG Q 98 -19.75 -33.06 -57.44
N GLY Q 99 -18.92 -32.13 -56.95
CA GLY Q 99 -17.71 -32.48 -56.25
C GLY Q 99 -17.99 -33.24 -54.97
N GLY Q 100 -17.08 -34.16 -54.63
CA GLY Q 100 -17.27 -34.94 -53.42
C GLY Q 100 -16.98 -34.17 -52.16
N GLU Q 101 -16.10 -33.18 -52.24
CA GLU Q 101 -15.74 -32.42 -51.06
C GLU Q 101 -16.70 -31.24 -50.97
N TYR Q 102 -17.19 -30.93 -49.78
CA TYR Q 102 -17.96 -29.70 -49.61
C TYR Q 102 -16.99 -28.59 -49.27
N CYS Q 103 -17.32 -27.37 -49.66
CA CYS Q 103 -16.39 -26.27 -49.39
C CYS Q 103 -16.44 -25.90 -47.93
N THR Q 104 -17.63 -25.64 -47.44
CA THR Q 104 -17.97 -25.27 -46.07
C THR Q 104 -19.46 -25.56 -45.99
N GLY Q 105 -19.95 -25.89 -44.81
CA GLY Q 105 -21.37 -26.20 -44.72
C GLY Q 105 -22.31 -25.06 -45.09
N PHE Q 106 -21.80 -23.83 -45.20
CA PHE Q 106 -22.57 -22.64 -45.52
C PHE Q 106 -22.27 -22.03 -46.89
N GLY Q 107 -21.46 -22.69 -47.72
CA GLY Q 107 -21.12 -22.20 -49.06
C GLY Q 107 -19.65 -22.09 -49.38
N CYS Q 108 -19.34 -22.00 -50.68
CA CYS Q 108 -17.96 -21.93 -51.18
C CYS Q 108 -17.38 -20.52 -51.15
N PHE Q 109 -17.17 -20.03 -49.93
CA PHE Q 109 -16.54 -18.72 -49.73
C PHE Q 109 -15.07 -18.87 -49.35
N ALA Q 110 -14.59 -20.10 -49.16
CA ALA Q 110 -13.22 -20.38 -48.77
C ALA Q 110 -12.91 -21.82 -49.17
N GLY Q 111 -11.62 -22.10 -49.29
CA GLY Q 111 -11.12 -23.45 -49.52
C GLY Q 111 -10.07 -23.56 -50.61
N LYS Q 112 -9.23 -24.59 -50.48
CA LYS Q 112 -8.14 -24.79 -51.44
C LYS Q 112 -8.65 -25.21 -52.81
N GLY Q 113 -9.52 -26.22 -52.85
CA GLY Q 113 -10.03 -26.71 -54.12
C GLY Q 113 -10.59 -28.10 -53.98
N ASP Q 114 -11.22 -28.56 -55.05
CA ASP Q 114 -11.86 -29.87 -55.07
C ASP Q 114 -10.85 -30.94 -55.47
N ASN Q 115 -11.15 -32.19 -55.09
CA ASN Q 115 -10.34 -33.34 -55.49
C ASN Q 115 -11.11 -34.55 -56.01
N SER Q 116 -12.44 -34.50 -56.15
CA SER Q 116 -13.17 -35.66 -56.63
C SER Q 116 -14.52 -35.24 -57.17
N LEU Q 117 -15.15 -36.15 -57.91
CA LEU Q 117 -16.49 -35.98 -58.48
C LEU Q 117 -17.42 -37.05 -57.92
N ASP Q 118 -18.36 -36.64 -57.07
CA ASP Q 118 -19.23 -37.57 -56.37
C ASP Q 118 -20.52 -37.92 -57.10
N VAL Q 119 -21.23 -36.94 -57.63
CA VAL Q 119 -22.54 -37.21 -58.25
C VAL Q 119 -22.50 -36.80 -59.71
N TRP Q 120 -22.90 -37.70 -60.59
CA TRP Q 120 -22.95 -37.43 -62.02
C TRP Q 120 -24.39 -37.34 -62.49
N GLY Q 121 -24.65 -36.44 -63.44
CA GLY Q 121 -25.94 -36.37 -64.08
C GLY Q 121 -25.99 -37.37 -65.22
N ARG Q 122 -27.15 -37.44 -65.88
CA ARG Q 122 -27.24 -38.37 -67.00
C ARG Q 122 -26.49 -37.88 -68.22
N GLY Q 123 -26.25 -36.57 -68.34
CA GLY Q 123 -25.52 -36.01 -69.46
C GLY Q 123 -26.44 -35.61 -70.60
N VAL Q 124 -25.93 -34.70 -71.43
CA VAL Q 124 -26.64 -34.23 -72.62
C VAL Q 124 -25.77 -34.53 -73.82
N LEU Q 125 -26.33 -35.24 -74.81
CA LEU Q 125 -25.58 -35.52 -76.03
C LEU Q 125 -25.66 -34.32 -76.96
N VAL Q 126 -24.50 -33.82 -77.37
CA VAL Q 126 -24.40 -32.72 -78.31
C VAL Q 126 -23.65 -33.23 -79.54
N SER Q 127 -24.29 -33.13 -80.70
CA SER Q 127 -23.74 -33.57 -81.97
C SER Q 127 -23.48 -32.37 -82.87
N VAL Q 128 -22.42 -32.48 -83.68
CA VAL Q 128 -22.05 -31.46 -84.64
C VAL Q 128 -22.01 -32.13 -86.01
N SER Q 129 -22.77 -31.57 -86.95
CA SER Q 129 -22.86 -32.15 -88.29
C SER Q 129 -23.57 -31.18 -89.24
N ILE R 2 0.02 -31.60 -67.84
CA ILE R 2 -1.08 -32.48 -67.47
C ILE R 2 -0.48 -33.85 -67.17
N VAL R 3 -1.06 -34.53 -66.19
CA VAL R 3 -0.62 -35.86 -65.77
C VAL R 3 -1.38 -36.91 -66.57
N MET R 4 -0.63 -37.82 -67.20
CA MET R 4 -1.22 -38.87 -68.02
C MET R 4 -1.48 -40.09 -67.15
N ILE R 5 -2.65 -40.70 -67.34
CA ILE R 5 -3.07 -41.86 -66.57
C ILE R 5 -3.25 -43.06 -67.49
N GLN R 6 -2.61 -44.16 -67.14
CA GLN R 6 -2.72 -45.44 -67.84
C GLN R 6 -3.62 -46.36 -67.01
N THR R 7 -4.30 -47.28 -67.69
CA THR R 7 -5.17 -48.26 -67.02
C THR R 7 -4.93 -49.64 -67.60
N PRO R 8 -3.84 -50.30 -67.18
CA PRO R 8 -3.55 -51.66 -67.68
C PRO R 8 -4.56 -52.71 -67.24
N LEU R 9 -4.50 -53.85 -67.95
CA LEU R 9 -5.32 -55.04 -67.66
C LEU R 9 -6.80 -54.88 -68.00
N SER R 10 -7.10 -54.48 -69.23
CA SER R 10 -8.48 -54.47 -69.72
C SER R 10 -8.72 -55.86 -70.30
N LEU R 11 -9.34 -56.74 -69.53
CA LEU R 11 -9.48 -58.16 -69.86
C LEU R 11 -10.92 -58.64 -69.69
N PRO R 12 -11.38 -59.60 -70.51
CA PRO R 12 -12.69 -60.20 -70.26
C PRO R 12 -12.64 -61.10 -69.03
N VAL R 13 -13.76 -61.15 -68.30
CA VAL R 13 -13.91 -62.02 -67.15
C VAL R 13 -15.27 -62.72 -67.23
N THR R 14 -15.40 -63.83 -66.48
CA THR R 14 -16.64 -64.57 -66.35
C THR R 14 -17.30 -64.26 -65.01
N PRO R 15 -18.60 -64.56 -64.86
CA PRO R 15 -19.23 -64.40 -63.55
C PRO R 15 -18.57 -65.27 -62.48
N GLY R 16 -18.41 -64.71 -61.29
CA GLY R 16 -17.84 -65.44 -60.17
C GLY R 16 -16.33 -65.43 -60.11
N GLU R 17 -15.65 -64.83 -61.08
CA GLU R 17 -14.20 -64.80 -61.08
C GLU R 17 -13.69 -63.53 -60.38
N PRO R 18 -12.62 -63.57 -59.59
CA PRO R 18 -12.06 -62.33 -59.04
C PRO R 18 -11.39 -61.54 -60.16
N ALA R 19 -11.24 -60.24 -59.94
CA ALA R 19 -10.59 -59.41 -60.96
C ALA R 19 -9.71 -58.33 -60.33
N SER R 20 -8.74 -57.89 -61.12
CA SER R 20 -7.80 -56.85 -60.75
C SER R 20 -7.60 -55.89 -61.91
N ILE R 21 -7.80 -54.60 -61.64
CA ILE R 21 -7.66 -53.52 -62.62
C ILE R 21 -6.55 -52.59 -62.13
N SER R 22 -5.58 -52.31 -62.99
CA SER R 22 -4.43 -51.51 -62.59
C SER R 22 -4.60 -50.06 -63.03
N CYS R 23 -3.91 -49.16 -62.34
CA CYS R 23 -3.82 -47.75 -62.71
C CYS R 23 -2.40 -47.28 -62.40
N ARG R 24 -1.81 -46.53 -63.34
CA ARG R 24 -0.46 -46.00 -63.19
C ARG R 24 -0.46 -44.54 -63.59
N SER R 25 0.16 -43.70 -62.76
CA SER R 25 0.30 -42.27 -62.99
C SER R 25 1.74 -41.88 -63.28
N SER R 26 1.90 -40.87 -64.14
CA SER R 26 3.21 -40.30 -64.43
C SER R 26 3.74 -39.45 -63.27
N GLN R 27 2.89 -39.09 -62.30
CA GLN R 27 3.25 -38.22 -61.19
C GLN R 27 2.54 -38.72 -59.94
N SER R 28 3.23 -38.68 -58.81
CA SER R 28 2.64 -39.13 -57.55
C SER R 28 1.40 -38.32 -57.19
N LEU R 29 0.40 -39.02 -56.65
CA LEU R 29 -0.88 -38.46 -56.26
C LEU R 29 -0.98 -38.13 -54.77
N PHE R 30 0.11 -38.30 -54.02
CA PHE R 30 0.10 -38.12 -52.56
C PHE R 30 0.32 -36.66 -52.19
N ASP R 31 -0.62 -36.09 -51.44
CA ASP R 31 -0.57 -34.72 -50.96
C ASP R 31 -0.03 -34.77 -49.52
N ILE R 32 1.16 -34.23 -49.33
CA ILE R 32 1.83 -34.32 -48.03
C ILE R 32 1.03 -33.63 -46.94
N GLU R 33 0.43 -32.47 -47.25
CA GLU R 33 -0.29 -31.76 -46.20
C GLU R 33 -1.61 -32.45 -45.86
N ASP R 34 -2.28 -33.02 -46.86
CA ASP R 34 -3.57 -33.67 -46.62
C ASP R 34 -3.40 -35.09 -46.11
N GLU R 35 -2.25 -35.71 -46.36
CA GLU R 35 -1.95 -37.08 -45.93
C GLU R 35 -2.93 -38.08 -46.54
N THR R 36 -3.22 -37.91 -47.83
CA THR R 36 -4.11 -38.84 -48.52
C THR R 36 -3.79 -38.77 -50.00
N THR R 37 -4.13 -39.86 -50.71
CA THR R 37 -3.90 -39.95 -52.15
C THR R 37 -5.24 -39.77 -52.87
N TYR R 38 -5.31 -38.79 -53.75
CA TYR R 38 -6.56 -38.40 -54.42
C TYR R 38 -6.81 -39.18 -55.71
N LEU R 39 -7.12 -40.47 -55.56
CA LEU R 39 -7.48 -41.32 -56.69
C LEU R 39 -8.87 -41.88 -56.45
N GLU R 40 -9.82 -41.42 -57.27
CA GLU R 40 -11.20 -41.89 -57.19
C GLU R 40 -11.47 -42.89 -58.31
N TRP R 41 -11.99 -44.07 -57.95
CA TRP R 41 -12.36 -45.09 -58.90
C TRP R 41 -13.83 -44.98 -59.23
N PHE R 42 -14.15 -45.15 -60.53
CA PHE R 42 -15.52 -45.10 -61.06
C PHE R 42 -15.84 -46.34 -61.88
N LEU R 43 -17.15 -46.64 -61.94
CA LEU R 43 -17.73 -47.65 -62.82
C LEU R 43 -18.83 -47.00 -63.66
N GLN R 44 -18.69 -47.08 -64.98
CA GLN R 44 -19.67 -46.57 -65.93
C GLN R 44 -20.41 -47.76 -66.54
N LYS R 45 -21.66 -47.95 -66.12
CA LYS R 45 -22.43 -49.06 -66.65
C LYS R 45 -22.93 -48.67 -68.05
N PRO R 46 -23.12 -49.62 -68.95
CA PRO R 46 -23.65 -49.25 -70.29
C PRO R 46 -24.96 -48.49 -70.16
N GLY R 47 -25.06 -47.38 -70.88
CA GLY R 47 -26.26 -46.57 -70.87
C GLY R 47 -26.40 -45.63 -69.68
N GLN R 48 -25.43 -45.62 -68.77
CA GLN R 48 -25.49 -44.79 -67.57
C GLN R 48 -24.23 -43.95 -67.44
N SER R 49 -24.37 -42.87 -66.66
CA SER R 49 -23.23 -42.02 -66.35
C SER R 49 -22.28 -42.74 -65.37
N PRO R 50 -20.99 -42.40 -65.40
CA PRO R 50 -20.07 -42.99 -64.42
C PRO R 50 -20.51 -42.71 -63.00
N GLN R 51 -20.40 -43.72 -62.13
CA GLN R 51 -20.72 -43.60 -60.72
C GLN R 51 -19.45 -43.80 -59.89
N PRO R 52 -19.32 -43.16 -58.72
CA PRO R 52 -18.14 -43.40 -57.90
C PRO R 52 -18.14 -44.79 -57.30
N LEU R 53 -16.93 -45.35 -57.17
CA LEU R 53 -16.71 -46.62 -56.50
C LEU R 53 -15.89 -46.45 -55.24
N ILE R 54 -14.73 -45.81 -55.37
CA ILE R 54 -13.78 -45.62 -54.27
C ILE R 54 -13.39 -44.15 -54.30
N TYR R 55 -13.45 -43.47 -53.15
CA TYR R 55 -13.11 -42.06 -53.20
C TYR R 55 -11.62 -41.79 -53.05
N GLU R 56 -10.90 -42.53 -52.18
CA GLU R 56 -9.46 -42.28 -51.97
C GLU R 56 -8.67 -43.60 -51.91
N VAL R 57 -8.35 -44.14 -53.10
CA VAL R 57 -7.57 -45.37 -53.24
C VAL R 57 -8.20 -46.59 -52.57
N SER R 58 -8.37 -46.54 -51.25
CA SER R 58 -8.95 -47.62 -50.47
C SER R 58 -10.27 -47.29 -49.78
N ASN R 59 -10.66 -46.02 -49.69
CA ASN R 59 -11.86 -45.64 -48.94
C ASN R 59 -13.09 -45.85 -49.82
N ARG R 60 -13.82 -46.93 -49.56
CA ARG R 60 -14.95 -47.33 -50.37
C ARG R 60 -16.10 -46.34 -50.26
N ALA R 61 -16.75 -46.06 -51.38
CA ALA R 61 -17.89 -45.15 -51.39
C ALA R 61 -19.14 -45.83 -50.84
N SER R 62 -20.00 -45.01 -50.24
CA SER R 62 -21.25 -45.52 -49.68
C SER R 62 -22.13 -46.09 -50.79
N GLY R 63 -22.78 -47.21 -50.49
CA GLY R 63 -23.69 -47.83 -51.42
C GLY R 63 -23.03 -48.78 -52.38
N VAL R 64 -21.70 -48.88 -52.36
CA VAL R 64 -20.92 -49.72 -53.26
C VAL R 64 -20.78 -51.10 -52.61
N PRO R 65 -21.03 -52.20 -53.31
CA PRO R 65 -20.88 -53.53 -52.71
C PRO R 65 -19.50 -53.73 -52.10
N ASP R 66 -19.44 -54.51 -51.01
CA ASP R 66 -18.19 -54.75 -50.30
C ASP R 66 -17.21 -55.59 -51.11
N ARG R 67 -17.64 -56.13 -52.25
CA ARG R 67 -16.75 -56.89 -53.12
C ARG R 67 -15.67 -56.00 -53.73
N PHE R 68 -15.92 -54.70 -53.84
CA PHE R 68 -14.96 -53.76 -54.40
C PHE R 68 -14.01 -53.27 -53.31
N SER R 69 -12.73 -53.25 -53.63
CA SER R 69 -11.71 -52.74 -52.71
C SER R 69 -10.52 -52.31 -53.56
N GLY R 70 -9.43 -51.92 -52.91
CA GLY R 70 -8.27 -51.50 -53.66
C GLY R 70 -7.18 -51.02 -52.73
N SER R 71 -6.01 -50.81 -53.32
CA SER R 71 -4.85 -50.34 -52.58
C SER R 71 -3.85 -49.77 -53.56
N GLY R 72 -2.70 -49.35 -53.03
CA GLY R 72 -1.61 -48.80 -53.81
C GLY R 72 -1.05 -47.54 -53.22
N SER R 73 -0.11 -46.95 -53.94
CA SER R 73 0.61 -45.73 -53.59
C SER R 73 1.74 -45.51 -54.58
N ASP R 74 2.34 -44.32 -54.56
CA ASP R 74 3.50 -44.02 -55.39
C ASP R 74 3.21 -44.23 -56.87
N THR R 75 2.00 -43.85 -57.28
CA THR R 75 1.53 -43.86 -58.66
C THR R 75 0.94 -45.22 -59.04
N ALA R 76 1.32 -46.31 -58.37
CA ALA R 76 0.83 -47.64 -58.75
C ALA R 76 -0.34 -48.03 -57.85
N PHE R 77 -1.51 -48.24 -58.47
CA PHE R 77 -2.73 -48.55 -57.75
C PHE R 77 -3.42 -49.76 -58.37
N THR R 78 -4.14 -50.51 -57.52
CA THR R 78 -4.92 -51.65 -57.97
C THR R 78 -6.33 -51.58 -57.39
N LEU R 79 -7.31 -51.82 -58.25
CA LEU R 79 -8.71 -51.99 -57.91
C LEU R 79 -8.98 -53.49 -57.94
N LYS R 80 -9.55 -54.03 -56.88
CA LYS R 80 -9.83 -55.45 -56.80
C LYS R 80 -11.32 -55.70 -56.63
N ILE R 81 -11.77 -56.79 -57.25
CA ILE R 81 -13.15 -57.27 -57.12
C ILE R 81 -13.07 -58.70 -56.63
N SER R 82 -13.70 -58.96 -55.48
CA SER R 82 -13.69 -60.30 -54.90
C SER R 82 -14.36 -61.29 -55.84
N ARG R 83 -15.56 -60.96 -56.32
CA ARG R 83 -16.29 -61.78 -57.28
C ARG R 83 -17.01 -60.86 -58.25
N VAL R 84 -16.86 -61.12 -59.54
CA VAL R 84 -17.54 -60.33 -60.57
C VAL R 84 -18.95 -60.88 -60.76
N GLU R 85 -19.94 -59.99 -60.68
CA GLU R 85 -21.34 -60.30 -60.90
C GLU R 85 -21.87 -59.53 -62.12
N ALA R 86 -23.14 -59.75 -62.43
CA ALA R 86 -23.77 -59.07 -63.56
C ALA R 86 -23.74 -57.55 -63.40
N GLU R 87 -23.79 -57.06 -62.16
CA GLU R 87 -23.82 -55.63 -61.90
C GLU R 87 -22.46 -54.96 -61.99
N ASP R 88 -21.39 -55.72 -62.27
CA ASP R 88 -20.04 -55.18 -62.36
C ASP R 88 -19.62 -54.93 -63.81
N VAL R 89 -20.53 -55.13 -64.77
CA VAL R 89 -20.24 -54.92 -66.17
C VAL R 89 -20.20 -53.43 -66.48
N GLY R 90 -19.19 -53.00 -67.22
CA GLY R 90 -19.02 -51.61 -67.58
C GLY R 90 -17.55 -51.23 -67.68
N ILE R 91 -17.31 -49.92 -67.77
CA ILE R 91 -15.96 -49.38 -67.92
C ILE R 91 -15.49 -48.75 -66.61
N TYR R 92 -14.29 -49.13 -66.18
CA TYR R 92 -13.69 -48.63 -64.95
C TYR R 92 -12.68 -47.54 -65.25
N TYR R 93 -12.70 -46.48 -64.42
CA TYR R 93 -11.81 -45.33 -64.56
C TYR R 93 -11.15 -44.97 -63.24
N CYS R 94 -9.96 -44.35 -63.31
CA CYS R 94 -9.24 -43.86 -62.14
C CYS R 94 -8.86 -42.40 -62.31
N MET R 95 -9.38 -41.56 -61.42
CA MET R 95 -9.19 -40.11 -61.48
C MET R 95 -7.81 -39.66 -61.00
N GLN R 96 -7.38 -38.51 -61.51
CA GLN R 96 -6.17 -37.80 -61.07
C GLN R 96 -6.60 -36.52 -60.38
N GLY R 97 -7.01 -36.64 -59.11
CA GLY R 97 -7.61 -35.52 -58.43
C GLY R 97 -6.64 -34.56 -57.78
N ILE R 98 -5.37 -34.94 -57.65
CA ILE R 98 -4.39 -34.13 -56.93
C ILE R 98 -4.18 -32.77 -57.59
N GLU R 99 -4.32 -32.69 -58.91
CA GLU R 99 -4.08 -31.46 -59.66
C GLU R 99 -5.17 -31.25 -60.70
N TYR R 100 -5.36 -29.97 -61.07
CA TYR R 100 -6.24 -29.60 -62.16
C TYR R 100 -5.43 -29.48 -63.45
N PRO R 101 -5.93 -29.87 -64.63
CA PRO R 101 -7.22 -30.53 -64.92
C PRO R 101 -7.22 -31.98 -64.46
N PHE R 102 -8.39 -32.52 -64.14
CA PHE R 102 -8.51 -33.92 -63.75
C PHE R 102 -8.46 -34.81 -64.98
N THR R 103 -7.80 -35.95 -64.84
CA THR R 103 -7.72 -36.94 -65.90
C THR R 103 -8.21 -38.29 -65.37
N PHE R 104 -8.73 -39.12 -66.27
CA PHE R 104 -9.34 -40.39 -65.92
C PHE R 104 -8.62 -41.61 -66.45
N GLY R 105 -7.76 -41.46 -67.47
CA GLY R 105 -7.11 -42.58 -68.09
C GLY R 105 -8.02 -43.24 -69.12
N PRO R 106 -7.44 -44.03 -70.05
CA PRO R 106 -8.29 -44.74 -71.02
C PRO R 106 -9.38 -45.60 -70.40
N GLY R 107 -9.10 -46.24 -69.26
CA GLY R 107 -10.07 -47.09 -68.60
C GLY R 107 -9.98 -48.53 -69.06
N THR R 108 -10.65 -49.41 -68.31
CA THR R 108 -10.67 -50.84 -68.61
C THR R 108 -12.12 -51.30 -68.70
N LYS R 109 -12.36 -52.40 -69.42
CA LYS R 109 -13.70 -52.93 -69.60
C LYS R 109 -13.87 -54.24 -68.84
N VAL R 110 -15.04 -54.41 -68.24
CA VAL R 110 -15.47 -55.66 -67.64
C VAL R 110 -16.77 -56.06 -68.33
C1 NAG S . -5.43 -41.33 30.91
C2 NAG S . -3.95 -40.99 30.97
C3 NAG S . -3.13 -42.27 30.90
C4 NAG S . -3.55 -43.20 32.04
C5 NAG S . -5.05 -43.48 31.92
C6 NAG S . -5.59 -44.34 33.04
C7 NAG S . -3.48 -38.76 30.02
C8 NAG S . -3.07 -38.01 28.80
N2 NAG S . -3.56 -40.09 29.90
O3 NAG S . -1.75 -41.97 31.01
O4 NAG S . -2.84 -44.42 31.95
O5 NAG S . -5.78 -42.23 31.96
O6 NAG S . -6.99 -44.50 32.93
O7 NAG S . -3.76 -38.20 31.08
C1 NAG S . -1.95 -44.56 33.07
C2 NAG S . -1.58 -46.03 33.21
C3 NAG S . -0.64 -46.21 34.38
C4 NAG S . 0.59 -45.34 34.17
C5 NAG S . 0.17 -43.89 34.02
C6 NAG S . 1.34 -42.96 33.72
C7 NAG S . -3.21 -47.72 32.45
C8 NAG S . -4.46 -48.47 32.80
N2 NAG S . -2.77 -46.84 33.37
O3 NAG S . -0.27 -47.57 34.50
O4 NAG S . 1.47 -45.47 35.28
O5 NAG S . -0.75 -43.77 32.92
O6 NAG S . 1.15 -41.69 34.33
O7 NAG S . -2.62 -47.90 31.40
C1 NAG T . 9.24 -51.36 6.17
C2 NAG T . 10.04 -51.44 7.47
C3 NAG T . 11.49 -51.73 7.16
C4 NAG T . 11.59 -53.02 6.34
C5 NAG T . 10.77 -52.86 5.07
C6 NAG T . 10.74 -54.11 4.22
C7 NAG T . 9.54 -50.14 9.51
C8 NAG T . 9.51 -48.78 10.12
N2 NAG T . 9.93 -50.20 8.22
O3 NAG T . 12.22 -51.88 8.37
O4 NAG T . 12.95 -53.27 6.00
O5 NAG T . 9.42 -52.57 5.42
O6 NAG T . 9.81 -55.06 4.72
O7 NAG T . 9.25 -51.15 10.15
C1 NAG T . 13.34 -54.58 6.45
C2 NAG T . 14.60 -54.98 5.68
C3 NAG T . 15.03 -56.37 6.13
C4 NAG T . 15.27 -56.36 7.63
C5 NAG T . 14.00 -55.92 8.35
C6 NAG T . 14.17 -55.79 9.84
C7 NAG T . 14.48 -53.85 3.50
C8 NAG T . 14.22 -54.01 2.04
N2 NAG T . 14.37 -54.96 4.25
O3 NAG T . 16.22 -56.74 5.46
O4 NAG T . 15.65 -57.65 8.08
O5 NAG T . 13.60 -54.63 7.86
O6 NAG T . 14.47 -57.04 10.44
O7 NAG T . 14.79 -52.78 4.00
C1 NAG U . -4.35 -24.99 25.92
C2 NAG U . -3.69 -25.69 24.74
C3 NAG U . -2.68 -26.71 25.27
C4 NAG U . -1.65 -26.01 26.14
C5 NAG U . -2.38 -25.29 27.28
C6 NAG U . -1.46 -24.48 28.15
C7 NAG U . -4.68 -26.27 22.56
C8 NAG U . -5.78 -27.00 21.86
N2 NAG U . -4.68 -26.34 23.90
O3 NAG U . -2.04 -27.35 24.18
O4 NAG U . -0.75 -26.97 26.67
O5 NAG U . -3.35 -24.38 26.73
O6 NAG U . -1.00 -23.31 27.49
O7 NAG U . -3.82 -25.65 21.94
C1 NAG U . 0.62 -26.56 26.45
C2 NAG U . 1.49 -27.27 27.49
C3 NAG U . 2.93 -26.84 27.30
C4 NAG U . 3.37 -27.19 25.90
C5 NAG U . 2.46 -26.50 24.89
C6 NAG U . 2.78 -26.87 23.46
C7 NAG U . 0.41 -27.88 29.62
C8 NAG U . 0.02 -27.41 30.98
N2 NAG U . 1.04 -26.98 28.85
O3 NAG U . 3.75 -27.50 28.27
O4 NAG U . 4.72 -26.78 25.69
O5 NAG U . 1.09 -26.90 25.13
O6 NAG U . 2.52 -28.25 23.22
O7 NAG U . 0.17 -29.02 29.22
C1 BMA U . 5.54 -27.94 25.43
C2 BMA U . 6.74 -27.53 24.56
C3 BMA U . 7.60 -28.75 24.31
C4 BMA U . 8.04 -29.34 25.66
C5 BMA U . 6.82 -29.70 26.50
C6 BMA U . 7.18 -30.18 27.90
O2 BMA U . 7.54 -26.55 25.20
O3 BMA U . 8.75 -28.45 23.54
O4 BMA U . 8.83 -30.50 25.45
O5 BMA U . 5.99 -28.53 26.66
O6 BMA U . 8.02 -31.33 27.77
C1 NAG V . 49.28 -6.17 -15.01
C2 NAG V . 48.52 -5.94 -16.31
C3 NAG V . 49.01 -6.90 -17.37
C4 NAG V . 50.51 -6.72 -17.56
C5 NAG V . 51.21 -6.95 -16.22
C6 NAG V . 52.71 -6.71 -16.29
C7 NAG V . 46.24 -5.10 -15.86
C8 NAG V . 44.81 -5.47 -15.69
N2 NAG V . 47.08 -6.10 -16.11
O3 NAG V . 48.33 -6.67 -18.60
O4 NAG V . 50.99 -7.65 -18.51
O5 NAG V . 50.69 -6.02 -15.25
O6 NAG V . 53.30 -6.84 -15.01
O7 NAG V . 46.63 -3.93 -15.79
C1 NAG V . 51.45 -6.97 -19.70
C2 NAG V . 52.37 -7.91 -20.46
C3 NAG V . 52.86 -7.22 -21.72
C4 NAG V . 51.66 -6.82 -22.57
C5 NAG V . 50.75 -5.91 -21.75
C6 NAG V . 49.49 -5.52 -22.49
C7 NAG V . 53.68 -9.56 -19.18
C8 NAG V . 54.89 -9.78 -18.33
N2 NAG V . 53.49 -8.31 -19.63
O3 NAG V . 53.70 -8.10 -22.45
O4 NAG V . 52.09 -6.14 -23.74
O5 NAG V . 50.35 -6.58 -20.55
O6 NAG V . 49.09 -4.19 -22.17
O7 NAG V . 52.91 -10.47 -19.46
C1 NAG W . 34.75 -31.48 -23.72
C2 NAG W . 35.32 -30.63 -24.86
C3 NAG W . 34.74 -31.11 -26.18
C4 NAG W . 35.05 -32.59 -26.37
C5 NAG W . 34.47 -33.37 -25.19
C6 NAG W . 34.79 -34.84 -25.25
C7 NAG W . 35.91 -28.24 -24.68
C8 NAG W . 35.37 -26.86 -24.47
N2 NAG W . 34.99 -29.22 -24.66
O3 NAG W . 35.31 -30.36 -27.25
O4 NAG W . 34.47 -33.06 -27.58
O5 NAG W . 35.03 -32.86 -23.98
O6 NAG W . 36.11 -35.11 -24.77
O7 NAG W . 37.10 -28.46 -24.86
C1 NAG W . 35.47 -33.67 -28.40
C2 NAG W . 34.77 -34.54 -29.44
C3 NAG W . 35.81 -35.19 -30.34
C4 NAG W . 36.66 -34.11 -31.00
C5 NAG W . 37.31 -33.24 -29.93
C6 NAG W . 38.09 -32.08 -30.50
C7 NAG W . 32.70 -35.32 -28.39
C8 NAG W . 31.99 -36.47 -27.75
N2 NAG W . 33.95 -35.55 -28.80
O3 NAG W . 35.17 -35.98 -31.32
O4 NAG W . 37.66 -34.70 -31.81
O5 NAG W . 36.30 -32.68 -29.08
O6 NAG W . 39.19 -32.53 -31.29
O7 NAG W . 32.16 -34.23 -28.53
C1 NAG X . 34.76 1.52 -10.26
C2 NAG X . 34.23 0.16 -10.69
C3 NAG X . 34.84 -0.20 -12.04
C4 NAG X . 34.51 0.87 -13.06
C5 NAG X . 35.03 2.22 -12.56
C6 NAG X . 34.66 3.38 -13.45
C7 NAG X . 33.64 -1.77 -9.29
C8 NAG X . 34.14 -2.74 -8.26
N2 NAG X . 34.53 -0.85 -9.70
O3 NAG X . 34.33 -1.45 -12.47
O4 NAG X . 35.13 0.56 -14.30
O5 NAG X . 34.46 2.50 -11.27
O6 NAG X . 33.28 3.69 -13.36
O7 NAG X . 32.50 -1.81 -9.73
C1 NAG X . 34.18 0.63 -15.39
C2 NAG X . 34.97 0.86 -16.67
C3 NAG X . 33.99 0.97 -17.83
C4 NAG X . 33.18 -0.31 -17.92
C5 NAG X . 32.44 -0.52 -16.59
C6 NAG X . 31.67 -1.82 -16.55
C7 NAG X . 37.13 2.00 -16.48
C8 NAG X . 37.83 3.32 -16.41
N2 NAG X . 35.80 2.05 -16.59
O3 NAG X . 34.71 1.17 -19.04
O4 NAG X . 32.23 -0.22 -18.98
O5 NAG X . 33.39 -0.57 -15.52
O6 NAG X . 32.54 -2.94 -16.61
O7 NAG X . 37.76 0.94 -16.44
C1 BMA X . 32.53 -1.24 -19.96
C2 BMA X . 31.23 -1.63 -20.69
C3 BMA X . 31.56 -2.69 -21.73
C4 BMA X . 32.63 -2.14 -22.70
C5 BMA X . 33.89 -1.74 -21.91
C6 BMA X . 34.93 -1.08 -22.78
O2 BMA X . 30.66 -0.52 -21.37
O3 BMA X . 30.42 -3.08 -22.47
O4 BMA X . 32.96 -3.13 -23.65
O5 BMA X . 33.51 -0.78 -20.89
O6 BMA X . 35.30 -2.00 -23.81
C1 NAG Y . -24.70 -16.92 -42.38
C2 NAG Y . -25.36 -17.66 -41.23
C3 NAG Y . -25.57 -19.11 -41.62
C4 NAG Y . -26.40 -19.17 -42.89
C5 NAG Y . -25.69 -18.40 -43.99
C6 NAG Y . -26.48 -18.34 -45.28
C7 NAG Y . -24.75 -16.67 -39.05
C8 NAG Y . -23.83 -16.76 -37.88
N2 NAG Y . -24.56 -17.58 -40.02
O3 NAG Y . -26.23 -19.81 -40.57
O4 NAG Y . -26.57 -20.52 -43.30
O5 NAG Y . -25.50 -17.04 -43.56
O6 NAG Y . -25.83 -17.53 -46.25
O7 NAG Y . -25.63 -15.83 -39.13
C1 NAG Y . -27.94 -20.93 -43.18
C2 NAG Y . -28.16 -22.16 -44.05
C3 NAG Y . -29.61 -22.61 -43.94
C4 NAG Y . -29.93 -22.89 -42.48
C5 NAG Y . -29.68 -21.65 -41.65
C6 NAG Y . -29.89 -21.86 -40.17
C7 NAG Y . -26.76 -22.43 -46.06
C8 NAG Y . -26.56 -22.02 -47.48
N2 NAG Y . -27.81 -21.88 -45.43
O3 NAG Y . -29.80 -23.77 -44.72
O4 NAG Y . -31.30 -23.28 -42.36
O5 NAG Y . -28.31 -21.23 -41.81
O6 NAG Y . -30.43 -20.69 -39.55
O7 NAG Y . -26.02 -23.23 -45.50
C1 NAG Z . -7.41 -40.18 -33.04
C2 NAG Z . -8.90 -40.43 -33.00
C3 NAG Z . -9.19 -41.70 -32.20
C4 NAG Z . -8.43 -42.87 -32.82
C5 NAG Z . -6.94 -42.54 -32.84
C6 NAG Z . -6.11 -43.61 -33.50
C7 NAG Z . -10.64 -38.67 -32.98
C8 NAG Z . -11.22 -37.54 -32.19
N2 NAG Z . -9.60 -39.31 -32.39
O3 NAG Z . -10.58 -41.97 -32.21
O4 NAG Z . -8.65 -44.04 -32.05
O5 NAG Z . -6.74 -41.33 -33.58
O6 NAG Z . -6.16 -43.50 -34.92
O7 NAG Z . -11.07 -39.00 -34.07
C1 NAG Z . -9.15 -45.10 -32.88
C2 NAG Z . -8.94 -46.42 -32.16
C3 NAG Z . -9.47 -47.56 -33.02
C4 NAG Z . -10.94 -47.32 -33.31
C5 NAG Z . -11.11 -45.97 -34.00
C6 NAG Z . -12.56 -45.61 -34.24
C7 NAG Z . -6.94 -46.13 -30.76
C8 NAG Z . -5.48 -46.44 -30.61
N2 NAG Z . -7.52 -46.63 -31.85
O3 NAG Z . -9.29 -48.79 -32.33
O4 NAG Z . -11.46 -48.35 -34.14
O5 NAG Z . -10.56 -44.93 -33.18
O6 NAG Z . -13.18 -46.52 -35.14
O7 NAG Z . -7.54 -45.46 -29.94
C1 NAG AA . -21.16 -7.63 -28.46
C2 NAG AA . -20.31 -8.86 -28.19
C3 NAG AA . -21.15 -10.10 -28.46
C4 NAG AA . -22.38 -10.09 -27.56
C5 NAG AA . -23.17 -8.80 -27.84
C6 NAG AA . -24.36 -8.63 -26.94
C7 NAG AA . -17.90 -9.16 -28.58
C8 NAG AA . -16.79 -9.11 -29.59
N2 NAG AA . -19.12 -8.86 -29.03
O3 NAG AA . -20.38 -11.27 -28.18
O4 NAG AA . -23.19 -11.22 -27.85
O5 NAG AA . -22.32 -7.67 -27.62
O6 NAG AA . -23.98 -8.30 -25.62
O7 NAG AA . -17.70 -9.47 -27.41
C1 NAG AA . -23.55 -11.92 -26.63
C2 NAG AA . -24.82 -12.72 -26.90
C3 NAG AA . -25.23 -13.44 -25.64
C4 NAG AA . -24.10 -14.35 -25.20
C5 NAG AA . -22.84 -13.52 -24.97
C6 NAG AA . -21.64 -14.36 -24.62
C7 NAG AA . -26.32 -11.86 -28.66
C8 NAG AA . -27.44 -10.92 -28.97
N2 NAG AA . -25.89 -11.86 -27.39
O3 NAG AA . -26.41 -14.20 -25.88
O4 NAG AA . -24.45 -15.02 -23.99
O5 NAG AA . -22.50 -12.81 -26.18
O6 NAG AA . -21.27 -15.21 -25.69
O7 NAG AA . -25.82 -12.59 -29.52
C1 BMA AA . -24.49 -16.44 -24.24
C2 BMA AA . -24.17 -17.19 -22.93
C3 BMA AA . -24.26 -18.68 -23.20
C4 BMA AA . -25.65 -19.04 -23.74
C5 BMA AA . -25.92 -18.24 -25.03
C6 BMA AA . -27.32 -18.45 -25.57
O2 BMA AA . -25.14 -16.89 -21.92
O3 BMA AA . -24.01 -19.45 -22.03
O4 BMA AA . -25.71 -20.42 -24.03
O5 BMA AA . -25.78 -16.83 -24.74
O6 BMA AA . -27.49 -19.85 -25.82
C1 NAG BA . 11.67 -42.04 23.39
C2 NAG BA . 11.94 -41.89 24.88
C3 NAG BA . 13.20 -41.07 25.07
C4 NAG BA . 14.37 -41.74 24.37
C5 NAG BA . 14.03 -41.90 22.88
C6 NAG BA . 15.09 -42.63 22.10
C7 NAG BA . 9.81 -41.93 26.12
C8 NAG BA . 8.74 -41.11 26.76
N2 NAG BA . 10.82 -41.26 25.55
O3 NAG BA . 13.48 -40.95 26.46
O4 NAG BA . 15.55 -40.97 24.50
O5 NAG BA . 12.81 -42.65 22.74
O6 NAG BA . 16.36 -41.99 22.24
O7 NAG BA . 9.77 -43.17 26.11
C1 NAG CA . -26.06 8.03 35.47
C2 NAG CA . -25.21 9.28 35.59
C3 NAG CA . -25.11 9.73 37.04
C4 NAG CA . -26.49 9.87 37.65
C5 NAG CA . -27.27 8.57 37.46
C6 NAG CA . -28.70 8.66 37.96
C7 NAG CA . -23.25 9.92 34.24
C8 NAG CA . -21.89 9.52 33.76
N2 NAG CA . -23.88 9.05 35.03
O3 NAG CA . -24.42 10.97 37.11
O4 NAG CA . -26.40 10.16 39.04
O5 NAG CA . -27.34 8.26 36.06
O6 NAG CA . -28.74 8.72 39.39
O7 NAG CA . -23.76 11.00 33.92
C1 NAG DA . 10.92 -47.77 -7.52
C2 NAG DA . 9.73 -48.70 -7.38
C3 NAG DA . 10.14 -50.10 -7.82
C4 NAG DA . 10.65 -50.06 -9.24
C5 NAG DA . 11.83 -49.10 -9.32
C6 NAG DA . 12.38 -48.93 -10.72
C7 NAG DA . 7.98 -48.42 -5.68
C8 NAG DA . 7.66 -48.55 -4.21
N2 NAG DA . 9.23 -48.74 -6.02
O3 NAG DA . 9.02 -50.98 -7.73
O4 NAG DA . 11.07 -51.36 -9.65
O5 NAG DA . 11.42 -47.80 -8.87
O6 NAG DA . 13.59 -48.18 -10.71
O7 NAG DA . 7.14 -48.08 -6.49
C1 NAG EA . -11.31 -37.70 -5.66
C2 NAG EA . -12.04 -38.29 -4.45
C3 NAG EA . -13.53 -38.32 -4.73
C4 NAG EA . -14.01 -36.91 -5.04
C5 NAG EA . -13.22 -36.37 -6.24
C6 NAG EA . -13.56 -34.94 -6.59
C7 NAG EA . -11.55 -40.13 -2.90
C8 NAG EA . -11.01 -41.52 -2.77
N2 NAG EA . -11.54 -39.62 -4.14
O3 NAG EA . -14.21 -38.83 -3.59
O4 NAG EA . -15.39 -36.93 -5.36
O5 NAG EA . -11.81 -36.39 -5.94
O6 NAG EA . -12.54 -34.35 -7.37
O7 NAG EA . -11.98 -39.50 -1.95
C1 NAG FA . -31.26 -13.52 23.68
C2 NAG FA . -32.35 -14.43 23.15
C3 NAG FA . -33.35 -13.60 22.36
C4 NAG FA . -33.93 -12.52 23.27
C5 NAG FA . -32.78 -11.66 23.81
C6 NAG FA . -33.25 -10.61 24.79
C7 NAG FA . -31.50 -16.71 22.77
C8 NAG FA . -30.93 -17.67 21.77
N2 NAG FA . -31.79 -15.49 22.32
O3 NAG FA . -34.39 -14.44 21.87
O4 NAG FA . -34.83 -11.71 22.54
O5 NAG FA . -31.85 -12.50 24.51
O6 NAG FA . -34.03 -9.60 24.13
O7 NAG FA . -31.67 -17.02 23.95
C1 NAG GA . -36.39 -18.45 13.28
C2 NAG GA . -36.86 -17.47 12.20
C3 NAG GA . -38.37 -17.58 12.02
C4 NAG GA . -38.73 -19.02 11.68
C5 NAG GA . -38.24 -19.93 12.80
C6 NAG GA . -38.50 -21.40 12.52
C7 NAG GA . -35.35 -15.53 12.11
C8 NAG GA . -35.14 -14.11 12.56
N2 NAG GA . -36.49 -16.10 12.53
O3 NAG GA . -38.79 -16.71 10.99
O4 NAG GA . -40.14 -19.15 11.54
O5 NAG GA . -36.82 -19.78 12.94
O6 NAG GA . -38.12 -22.20 13.63
O7 NAG GA . -34.53 -16.12 11.42
C1 NAG HA . -4.53 -34.24 33.88
C2 NAG HA . -5.50 -34.90 34.84
C3 NAG HA . -5.31 -34.32 36.24
C4 NAG HA . -3.87 -34.54 36.68
C5 NAG HA . -2.95 -33.86 35.68
C6 NAG HA . -1.48 -34.07 35.99
C7 NAG HA . -7.66 -35.69 33.95
C8 NAG HA . -9.04 -35.29 33.55
N2 NAG HA . -6.88 -34.71 34.41
O3 NAG HA . -6.20 -34.98 37.15
O4 NAG HA . -3.66 -33.99 37.98
O5 NAG HA . -3.18 -34.40 34.37
O6 NAG HA . -1.21 -33.87 37.37
O7 NAG HA . -7.27 -36.85 33.85
C1 NAG IA . -24.93 -37.74 36.69
C2 NAG IA . -26.11 -36.93 36.16
C3 NAG IA . -27.40 -37.53 36.67
C4 NAG IA . -27.49 -38.98 36.22
C5 NAG IA . -26.27 -39.75 36.73
C6 NAG IA . -26.24 -41.18 36.25
C7 NAG IA . -25.92 -35.10 37.78
C8 NAG IA . -25.80 -33.61 37.96
N2 NAG IA . -26.00 -35.54 36.52
O3 NAG IA . -28.51 -36.80 36.16
O4 NAG IA . -28.67 -39.58 36.74
O5 NAG IA . -25.07 -39.12 36.26
O6 NAG IA . -27.37 -41.92 36.70
O7 NAG IA . -25.92 -35.87 38.74
C1 NAG JA . -17.13 -43.69 17.75
C2 NAG JA . -17.11 -43.84 16.23
C3 NAG JA . -18.41 -44.45 15.77
C4 NAG JA . -18.61 -45.80 16.45
C5 NAG JA . -18.60 -45.61 17.96
C6 NAG JA . -18.70 -46.90 18.73
C7 NAG JA . -16.08 -42.38 14.53
C8 NAG JA . -16.00 -40.99 14.00
N2 NAG JA . -16.89 -42.55 15.58
O3 NAG JA . -18.38 -44.64 14.35
O4 NAG JA . -19.84 -46.38 16.05
O5 NAG JA . -17.35 -44.99 18.35
O6 NAG JA . -19.85 -47.65 18.32
O7 NAG JA . -15.45 -43.30 14.04
C1 NAG KA . -8.05 -23.68 33.17
C2 NAG KA . -6.92 -22.71 32.85
C3 NAG KA . -6.13 -22.44 34.13
C4 NAG KA . -7.06 -21.87 35.19
C5 NAG KA . -8.20 -22.86 35.43
C6 NAG KA . -9.22 -22.35 36.42
C7 NAG KA . -6.08 -22.81 30.54
C8 NAG KA . -5.11 -23.46 29.61
N2 NAG KA . -6.05 -23.24 31.82
O3 NAG KA . -5.09 -21.52 33.84
O4 NAG KA . -6.36 -21.64 36.39
O5 NAG KA . -8.89 -23.12 34.20
O6 NAG KA . -8.61 -21.87 37.60
O7 NAG KA . -6.86 -21.94 30.17
C1 NAG LA . -22.19 -22.70 37.14
C2 NAG LA . -22.16 -22.34 38.62
C3 NAG LA . -23.16 -23.20 39.38
C4 NAG LA . -24.55 -23.00 38.79
C5 NAG LA . -24.52 -23.38 37.32
C6 NAG LA . -25.83 -23.13 36.62
C7 NAG LA . -19.93 -21.53 39.25
C8 NAG LA . -18.61 -21.88 39.87
N2 NAG LA . -20.83 -22.52 39.18
O3 NAG LA . -23.16 -22.85 40.76
O4 NAG LA . -25.49 -23.82 39.46
O5 NAG LA . -23.54 -22.56 36.65
O6 NAG LA . -25.78 -23.51 35.25
O7 NAG LA . -20.16 -20.40 38.84
C1 NAG MA . -24.02 -3.18 35.27
C2 NAG MA . -24.78 -4.43 35.72
C3 NAG MA . -25.21 -4.26 37.16
C4 NAG MA . -23.98 -4.02 38.03
C5 NAG MA . -23.24 -2.79 37.53
C6 NAG MA . -21.96 -2.51 38.28
C7 NAG MA . -26.38 -5.90 34.57
C8 NAG MA . -27.57 -5.97 33.67
N2 NAG MA . -25.92 -4.67 34.86
O3 NAG MA . -25.88 -5.45 37.59
O4 NAG MA . -24.37 -3.83 39.38
O5 NAG MA . -22.88 -2.96 36.15
O6 NAG MA . -22.18 -2.47 39.69
O7 NAG MA . -25.83 -6.91 35.02
C1 NAG NA . -39.11 -23.86 34.83
C2 NAG NA . -40.26 -22.85 34.75
C3 NAG NA . -39.75 -21.48 35.16
C4 NAG NA . -39.19 -21.56 36.58
C5 NAG NA . -38.07 -22.60 36.62
C6 NAG NA . -37.49 -22.82 37.99
C7 NAG NA . -41.95 -23.41 33.05
C8 NAG NA . -42.37 -23.25 31.62
N2 NAG NA . -40.81 -22.80 33.40
O3 NAG NA . -40.82 -20.55 35.12
O4 NAG NA . -38.68 -20.29 36.97
O5 NAG NA . -38.57 -23.87 36.17
O6 NAG NA . -37.17 -21.58 38.61
O7 NAG NA . -42.61 -24.08 33.85
C1 NAG OA . -39.15 24.61 9.11
C2 NAG OA . -39.16 25.73 8.07
C3 NAG OA . -40.41 25.60 7.22
C4 NAG OA . -40.43 24.23 6.56
C5 NAG OA . -40.38 23.15 7.63
C6 NAG OA . -40.31 21.75 7.07
C7 NAG OA . -38.02 27.78 8.80
C8 NAG OA . -38.17 29.10 9.49
N2 NAG OA . -39.12 27.04 8.71
O3 NAG OA . -40.42 26.62 6.23
O4 NAG OA . -41.62 24.08 5.79
O5 NAG OA . -39.21 23.33 8.44
O6 NAG OA . -39.14 21.56 6.30
O7 NAG OA . -36.94 27.42 8.33
C1 NAG PA . 38.31 -12.71 -28.65
C2 NAG PA . 39.04 -11.54 -29.31
C3 NAG PA . 38.11 -10.88 -30.31
C4 NAG PA . 37.66 -11.90 -31.35
C5 NAG PA . 36.97 -13.06 -30.63
C6 NAG PA . 36.55 -14.17 -31.57
C7 NAG PA . 40.69 -10.60 -27.74
C8 NAG PA . 40.96 -9.53 -26.73
N2 NAG PA . 39.48 -10.58 -28.31
O3 NAG PA . 38.79 -9.81 -30.96
O4 NAG PA . 36.77 -11.30 -32.27
O5 NAG PA . 37.87 -13.64 -29.67
O6 NAG PA . 35.72 -13.67 -32.61
O7 NAG PA . 41.52 -11.46 -28.02
C1 NAG QA . 27.10 32.08 15.44
C2 NAG QA . 25.99 33.00 14.95
C3 NAG QA . 26.56 34.36 14.54
C4 NAG QA . 27.40 34.94 15.67
C5 NAG QA . 28.46 33.93 16.10
C6 NAG QA . 29.28 34.40 17.29
C7 NAG QA . 23.94 32.40 13.73
C8 NAG QA . 23.38 31.72 12.52
N2 NAG QA . 25.27 32.39 13.83
O3 NAG QA . 25.50 35.24 14.22
O4 NAG QA . 28.04 36.14 15.25
O5 NAG QA . 27.82 32.71 16.51
O6 NAG QA . 30.14 35.47 16.92
O7 NAG QA . 23.22 32.94 14.57
C1 NAG RA . 23.10 -38.90 -20.25
C2 NAG RA . 24.28 -39.42 -19.43
C3 NAG RA . 24.79 -40.72 -20.05
C4 NAG RA . 23.67 -41.73 -20.08
C5 NAG RA . 22.51 -41.16 -20.90
C6 NAG RA . 21.30 -42.07 -20.93
C7 NAG RA . 25.86 -37.92 -18.27
C8 NAG RA . 26.98 -36.95 -18.45
N2 NAG RA . 25.36 -38.44 -19.40
O3 NAG RA . 25.88 -41.22 -19.28
O4 NAG RA . 24.12 -42.94 -20.69
O5 NAG RA . 22.09 -39.93 -20.30
O6 NAG RA . 20.32 -41.60 -21.85
O7 NAG RA . 25.44 -38.25 -17.16
C1 NAG SA . 26.27 -29.77 2.24
C2 NAG SA . 27.70 -29.28 2.39
C3 NAG SA . 28.14 -29.45 3.84
C4 NAG SA . 27.18 -28.68 4.74
C5 NAG SA . 25.77 -29.20 4.51
C6 NAG SA . 24.73 -28.44 5.30
C7 NAG SA . 29.72 -29.46 1.00
C8 NAG SA . 30.52 -30.34 0.10
N2 NAG SA . 28.60 -30.00 1.50
O3 NAG SA . 29.46 -28.96 3.99
O4 NAG SA . 27.54 -28.88 6.10
O5 NAG SA . 25.42 -29.05 3.13
O6 NAG SA . 23.43 -28.64 4.75
O7 NAG SA . 30.07 -28.32 1.28
C1 NAG TA . 36.26 8.86 18.11
C2 NAG TA . 36.96 7.88 19.04
C3 NAG TA . 36.30 7.92 20.40
C4 NAG TA . 36.37 9.34 20.95
C5 NAG TA . 35.68 10.29 19.96
C6 NAG TA . 35.77 11.74 20.37
C7 NAG TA . 37.93 6.00 17.77
C8 NAG TA . 37.71 4.59 17.29
N2 NAG TA . 36.93 6.52 18.49
O3 NAG TA . 36.98 7.02 21.29
O4 NAG TA . 35.73 9.41 22.21
O5 NAG TA . 36.32 10.18 18.67
O6 NAG TA . 34.99 11.99 21.54
O7 NAG TA . 38.94 6.63 17.50
C1 NAG UA . 35.08 -1.86 24.64
C2 NAG UA . 33.93 -1.95 25.65
C3 NAG UA . 34.49 -2.10 27.06
C4 NAG UA . 35.38 -3.33 27.12
C5 NAG UA . 36.50 -3.17 26.09
C6 NAG UA . 37.41 -4.38 26.03
C7 NAG UA . 31.98 -0.72 24.80
C8 NAG UA . 31.22 0.58 24.84
N2 NAG UA . 33.07 -0.78 25.57
O3 NAG UA . 33.41 -2.23 27.98
O4 NAG UA . 35.93 -3.46 28.42
O5 NAG UA . 35.92 -3.02 24.79
O6 NAG UA . 38.50 -4.15 25.15
O7 NAG UA . 31.62 -1.65 24.09
C1 NAG VA . 46.03 0.85 -14.88
C2 NAG VA . 47.46 1.12 -14.45
C3 NAG VA . 47.87 2.52 -14.88
C4 NAG VA . 47.72 2.64 -16.39
C5 NAG VA . 46.28 2.35 -16.77
C6 NAG VA . 46.03 2.37 -18.26
C7 NAG VA . 48.28 0.01 -12.40
C8 NAG VA . 48.31 0.05 -10.90
N2 NAG VA . 47.60 1.00 -13.00
O3 NAG VA . 49.23 2.75 -14.51
O4 NAG VA . 48.07 3.94 -16.83
O5 NAG VA . 45.91 1.04 -16.30
O6 NAG VA . 46.66 3.50 -18.87
O7 NAG VA . 48.84 -0.88 -13.04
C1 NAG WA . 58.20 1.21 2.11
C2 NAG WA . 57.78 1.43 3.56
C3 NAG WA . 59.02 1.44 4.43
C4 NAG WA . 59.74 0.11 4.26
C5 NAG WA . 60.10 -0.11 2.80
C6 NAG WA . 60.74 -1.44 2.53
C7 NAG WA . 57.49 3.87 3.36
C8 NAG WA . 56.55 5.01 3.60
N2 NAG WA . 57.03 2.66 3.71
O3 NAG WA . 58.63 1.62 5.79
O4 NAG WA . 60.93 0.11 5.05
O5 NAG WA . 58.90 -0.05 2.00
O6 NAG WA . 61.96 -1.58 3.25
O7 NAG WA . 58.61 4.02 2.89
C1 NAG XA . 47.25 -16.84 -0.96
C2 NAG XA . 46.39 -18.05 -0.57
C3 NAG XA . 47.03 -18.76 0.61
C4 NAG XA . 48.44 -19.19 0.23
C5 NAG XA . 49.25 -17.96 -0.18
C6 NAG XA . 50.64 -18.31 -0.64
C7 NAG XA . 43.95 -18.29 -0.62
C8 NAG XA . 42.64 -17.72 -0.18
N2 NAG XA . 45.04 -17.62 -0.24
O3 NAG XA . 46.25 -19.90 0.95
O4 NAG XA . 49.07 -19.83 1.33
O5 NAG XA . 48.59 -17.30 -1.27
O6 NAG XA . 51.34 -19.08 0.33
O7 NAG XA . 44.00 -19.31 -1.30
C1 NAG YA . 39.87 7.78 -8.68
C2 NAG YA . 38.58 8.19 -9.37
C3 NAG YA . 38.88 9.26 -10.40
C4 NAG YA . 39.53 10.45 -9.71
C5 NAG YA . 40.81 9.99 -9.00
C6 NAG YA . 41.47 11.09 -8.22
C7 NAG YA . 36.87 6.42 -9.48
C8 NAG YA . 36.33 5.27 -10.26
N2 NAG YA . 37.93 7.04 -9.99
O3 NAG YA . 37.67 9.66 -11.03
O4 NAG YA . 39.85 11.46 -10.67
O5 NAG YA . 40.48 8.95 -8.07
O6 NAG YA . 41.65 12.26 -9.02
O7 NAG YA . 36.35 6.79 -8.42
C1 NAG ZA . 47.28 11.85 3.37
C2 NAG ZA . 47.96 13.17 3.00
C3 NAG ZA . 49.41 13.15 3.46
C4 NAG ZA . 49.45 12.92 4.98
C5 NAG ZA . 48.76 11.60 5.28
C6 NAG ZA . 48.68 11.31 6.77
C7 NAG ZA . 46.92 14.10 0.97
C8 NAG ZA . 47.03 14.25 -0.51
N2 NAG ZA . 47.90 13.39 1.56
O3 NAG ZA . 50.03 14.39 3.14
O4 NAG ZA . 50.80 12.87 5.42
O5 NAG ZA . 47.41 11.64 4.79
O6 NAG ZA . 48.04 10.06 7.02
O7 NAG ZA . 45.99 14.59 1.61
C1 NAG AB . 33.71 24.10 10.71
C2 NAG AB . 35.12 23.58 10.94
C3 NAG AB . 36.09 24.75 10.95
C4 NAG AB . 35.99 25.50 9.63
C5 NAG AB . 34.55 25.96 9.42
C6 NAG AB . 34.34 26.65 8.09
C7 NAG AB . 36.03 21.80 12.36
C8 NAG AB . 35.98 21.14 13.71
N2 NAG AB . 35.20 22.83 12.19
O3 NAG AB . 37.41 24.26 11.14
O4 NAG AB . 36.86 26.62 9.63
O5 NAG AB . 33.66 24.83 9.45
O6 NAG AB . 35.27 27.69 7.89
O7 NAG AB . 36.77 21.39 11.48
C1 NAG BB . 53.29 10.02 19.30
C2 NAG BB . 53.01 10.69 20.64
C3 NAG BB . 52.15 11.92 20.41
C4 NAG BB . 52.86 12.86 19.45
C5 NAG BB . 53.14 12.13 18.14
C6 NAG BB . 53.93 12.95 17.14
C7 NAG BB . 52.99 9.15 22.55
C8 NAG BB . 52.15 8.25 23.40
N2 NAG BB . 52.35 9.78 21.57
O3 NAG BB . 51.92 12.58 21.64
O4 NAG BB . 52.06 14.01 19.19
O5 NAG BB . 53.92 10.95 18.41
O6 NAG BB . 53.35 14.24 16.98
O7 NAG BB . 54.20 9.28 22.74
C1 NAG CB . 4.61 25.07 39.65
C2 NAG CB . 3.21 25.10 40.26
C3 NAG CB . 3.25 24.43 41.63
C4 NAG CB . 3.76 23.01 41.49
C5 NAG CB . 5.15 23.03 40.84
C6 NAG CB . 5.71 21.66 40.59
C7 NAG CB . 1.82 26.99 39.53
C8 NAG CB . 1.43 28.41 39.81
N2 NAG CB . 2.70 26.46 40.37
O3 NAG CB . 1.95 24.43 42.20
O4 NAG CB . 3.85 22.40 42.77
O5 NAG CB . 5.06 23.70 39.57
O6 NAG CB . 4.89 20.92 39.69
O7 NAG CB . 1.35 26.37 38.58
C1 NAG DB . -24.51 -30.86 -29.95
C2 NAG DB . -26.00 -30.55 -30.12
C3 NAG DB . -26.71 -30.78 -28.79
C4 NAG DB . -26.49 -32.22 -28.34
C5 NAG DB . -24.99 -32.48 -28.22
C6 NAG DB . -24.66 -33.91 -27.84
C7 NAG DB . -26.29 -28.83 -31.84
C8 NAG DB . -26.49 -27.38 -32.11
N2 NAG DB . -26.19 -29.18 -30.56
O3 NAG DB . -28.09 -30.53 -28.94
O4 NAG DB . -27.11 -32.44 -27.08
O5 NAG DB . -24.35 -32.22 -29.48
O6 NAG DB . -25.31 -34.28 -26.64
O7 NAG DB . -26.23 -29.66 -32.75
C1 NAG EB . -22.59 32.34 -21.12
C2 NAG EB . -23.08 32.66 -19.71
C3 NAG EB . -24.48 33.29 -19.76
C4 NAG EB . -24.49 34.47 -20.72
C5 NAG EB . -23.96 34.05 -22.08
C6 NAG EB . -23.85 35.20 -23.06
C7 NAG EB . -22.63 31.44 -17.62
C8 NAG EB . -22.72 30.12 -16.92
N2 NAG EB . -23.08 31.46 -18.88
O3 NAG EB . -24.85 33.70 -18.46
O4 NAG EB . -25.81 34.98 -20.86
O5 NAG EB . -22.63 33.52 -21.93
O6 NAG EB . -25.15 35.64 -23.46
O7 NAG EB . -22.19 32.44 -17.07
C1 NAG FB . 4.37 -42.39 -25.32
C2 NAG FB . 4.75 -42.20 -26.79
C3 NAG FB . 5.04 -43.56 -27.41
C4 NAG FB . 6.15 -44.25 -26.63
C5 NAG FB . 5.70 -44.40 -25.18
C6 NAG FB . 6.78 -45.01 -24.30
C7 NAG FB . 3.85 -40.39 -28.19
C8 NAG FB . 2.65 -39.88 -28.91
N2 NAG FB . 3.70 -41.54 -27.52
O3 NAG FB . 5.43 -43.39 -28.77
O4 NAG FB . 6.40 -45.54 -27.18
O5 NAG FB . 5.42 -43.10 -24.63
O6 NAG FB . 6.27 -45.30 -23.00
O7 NAG FB . 4.93 -39.80 -28.22
C1 NAG GB . 11.06 -19.99 -32.56
C2 NAG GB . 10.26 -19.59 -33.79
C3 NAG GB . 11.11 -18.68 -34.66
C4 NAG GB . 11.52 -17.47 -33.85
C5 NAG GB . 12.29 -17.93 -32.62
C6 NAG GB . 12.70 -16.80 -31.70
C7 NAG GB . 8.72 -20.79 -35.28
C8 NAG GB . 8.42 -22.08 -35.97
N2 NAG GB . 9.83 -20.76 -34.53
O3 NAG GB . 10.35 -18.28 -35.80
O4 NAG GB . 12.37 -16.63 -34.64
O5 NAG GB . 11.46 -18.81 -31.85
O6 NAG GB . 12.99 -17.28 -30.40
O7 NAG GB . 7.97 -19.81 -35.38
C1 NAG HB . -8.91 17.83 -36.37
C2 NAG HB . -7.96 17.80 -37.57
C3 NAG HB . -6.87 18.83 -37.35
C4 NAG HB . -7.52 20.20 -37.20
C5 NAG HB . -8.50 20.18 -36.03
C6 NAG HB . -9.25 21.48 -35.86
C7 NAG HB . -7.86 15.54 -38.55
C8 NAG HB . -7.14 14.24 -38.59
N2 NAG HB . -7.37 16.47 -37.73
O3 NAG HB . -5.98 18.82 -38.46
O4 NAG HB . -6.52 21.19 -36.97
O5 NAG HB . -9.48 19.15 -36.26
O6 NAG HB . -8.38 22.52 -35.42
O7 NAG HB . -8.87 15.75 -39.24
C1 NAG IB . 2.85 15.16 -40.04
C2 NAG IB . 3.99 15.87 -39.31
C3 NAG IB . 4.75 16.75 -40.28
C4 NAG IB . 5.27 15.91 -41.43
C5 NAG IB . 4.08 15.25 -42.12
C6 NAG IB . 4.48 14.33 -43.25
C7 NAG IB . 3.40 16.18 -36.94
C8 NAG IB . 2.86 17.13 -35.91
N2 NAG IB . 3.49 16.65 -38.19
O3 NAG IB . 5.84 17.37 -39.61
O4 NAG IB . 5.95 16.74 -42.38
O5 NAG IB . 3.38 14.43 -41.16
O6 NAG IB . 3.35 13.81 -43.93
O7 NAG IB . 3.74 15.03 -36.65
C1 NAG JB . -28.05 -11.84 -37.60
C2 NAG JB . -28.53 -11.39 -38.99
C3 NAG JB . -29.91 -10.75 -38.86
C4 NAG JB . -30.87 -11.75 -38.24
C5 NAG JB . -30.34 -12.17 -36.87
C6 NAG JB . -31.19 -13.21 -36.20
C7 NAG JB . -26.82 -10.72 -40.63
C8 NAG JB . -25.92 -9.61 -41.09
N2 NAG JB . -27.59 -10.44 -39.57
O3 NAG JB . -30.37 -10.38 -40.15
O4 NAG JB . -32.16 -11.17 -38.09
O5 NAG JB . -29.02 -12.72 -37.02
O6 NAG JB . -32.57 -12.90 -36.30
O7 NAG JB . -26.85 -11.81 -41.19
C1 NAG KB . -22.45 0.19 -53.74
C2 NAG KB . -21.53 1.40 -53.74
C3 NAG KB . -21.47 1.99 -55.13
C4 NAG KB . -20.97 0.93 -56.10
C5 NAG KB . -21.88 -0.29 -56.04
C6 NAG KB . -21.40 -1.43 -56.90
C7 NAG KB . -23.17 2.97 -52.78
C8 NAG KB . -23.43 3.97 -51.69
N2 NAG KB . -21.96 2.39 -52.76
O3 NAG KB . -20.59 3.11 -55.14
O4 NAG KB . -20.95 1.44 -57.43
O5 NAG KB . -21.94 -0.78 -54.69
O6 NAG KB . -21.35 -1.06 -58.27
O7 NAG KB . -24.01 2.69 -53.62
C1 NAG LB . -7.92 -14.11 -47.50
C2 NAG LB . -6.52 -14.64 -47.13
C3 NAG LB . -5.56 -14.30 -48.25
C4 NAG LB . -6.06 -14.93 -49.55
C5 NAG LB . -7.46 -14.40 -49.85
C6 NAG LB . -8.07 -15.03 -51.08
C7 NAG LB . -5.42 -14.75 -44.93
C8 NAG LB . -5.01 -13.99 -43.72
N2 NAG LB . -6.06 -14.05 -45.88
O3 NAG LB . -4.27 -14.82 -47.94
O4 NAG LB . -5.18 -14.59 -50.62
O5 NAG LB . -8.33 -14.71 -48.75
O6 NAG LB . -7.22 -14.88 -52.21
O7 NAG LB . -5.19 -15.95 -45.06
C1 NAG MB . -26.39 -2.33 -31.99
C2 NAG MB . -26.60 -2.51 -30.50
C3 NAG MB . -28.08 -2.52 -30.18
C4 NAG MB . -28.70 -1.22 -30.67
C5 NAG MB . -28.45 -1.08 -32.17
C6 NAG MB . -28.97 0.22 -32.74
C7 NAG MB . -24.80 -3.75 -29.35
C8 NAG MB . -24.31 -5.09 -28.93
N2 NAG MB . -25.96 -3.73 -30.01
O3 NAG MB . -28.27 -2.66 -28.78
O4 NAG MB . -30.11 -1.23 -30.42
O5 NAG MB . -27.04 -1.11 -32.42
O6 NAG MB . -30.32 0.45 -32.35
O7 NAG MB . -24.18 -2.72 -29.09
C1 NAG NB . -24.51 8.88 -41.33
C2 NAG NB . -25.90 9.50 -41.49
C3 NAG NB . -26.16 9.77 -42.97
C4 NAG NB . -25.08 10.70 -43.51
C5 NAG NB . -23.72 10.03 -43.32
C6 NAG NB . -22.57 10.90 -43.76
C7 NAG NB . -27.38 8.73 -39.69
C8 NAG NB . -28.45 7.75 -39.31
N2 NAG NB . -26.93 8.62 -40.95
O3 NAG NB . -27.44 10.37 -43.12
O4 NAG NB . -25.30 10.94 -44.90
O5 NAG NB . -23.53 9.76 -41.92
O6 NAG NB . -21.32 10.24 -43.58
O7 NAG NB . -26.95 9.56 -38.90
C1 NAG OB . -22.79 23.15 -27.86
C2 NAG OB . -22.86 22.91 -29.35
C3 NAG OB . -24.02 23.69 -29.95
C4 NAG OB . -25.31 23.26 -29.26
C5 NAG OB . -25.18 23.49 -27.75
C6 NAG OB . -26.39 23.02 -26.99
C7 NAG OB . -21.12 22.66 -31.08
C8 NAG OB . -19.82 23.18 -31.61
N2 NAG OB . -21.61 23.29 -29.99
O3 NAG OB . -24.09 23.44 -31.34
O4 NAG OB . -26.40 24.01 -29.77
O5 NAG OB . -24.05 22.77 -27.25
O6 NAG OB . -27.59 23.56 -27.51
O7 NAG OB . -21.70 21.72 -31.60
C1 NAG PB . -15.66 18.86 -52.07
C2 NAG PB . -15.17 20.31 -52.04
C3 NAG PB . -15.81 21.02 -50.86
C4 NAG PB . -17.32 20.96 -50.98
C5 NAG PB . -17.76 19.49 -51.04
C6 NAG PB . -19.24 19.32 -51.25
C7 NAG PB . -12.94 20.61 -53.00
C8 NAG PB . -11.45 20.63 -52.71
N2 NAG PB . -13.72 20.36 -51.95
O3 NAG PB . -15.38 22.38 -50.84
O4 NAG PB . -17.94 21.59 -49.86
O5 NAG PB . -17.11 18.84 -52.14
O6 NAG PB . -19.99 20.11 -50.33
O7 NAG PB . -13.38 20.80 -54.12
C1 NAG QB . 6.16 45.75 -9.52
C2 NAG QB . 7.08 46.27 -8.41
C3 NAG QB . 8.37 46.79 -9.02
C4 NAG QB . 9.04 45.68 -9.82
C5 NAG QB . 8.06 45.18 -10.90
C6 NAG QB . 8.61 44.02 -11.69
C7 NAG QB . 5.89 47.10 -6.42
C8 NAG QB . 5.26 48.30 -5.78
N2 NAG QB . 6.42 47.31 -7.63
O3 NAG QB . 9.24 47.25 -8.00
O4 NAG QB . 10.21 46.17 -10.45
O5 NAG QB . 6.85 44.73 -10.27
O6 NAG QB . 8.85 42.89 -10.86
O7 NAG QB . 5.91 46.01 -5.87
#